data_3PCC
#
_entry.id   3PCC
#
_cell.length_a   197.410
_cell.length_b   127.970
_cell.length_c   134.880
_cell.angle_alpha   90.00
_cell.angle_beta   97.80
_cell.angle_gamma   90.00
#
_symmetry.space_group_name_H-M   'I 1 2 1'
#
loop_
_entity.id
_entity.type
_entity.pdbx_description
1 polymer 'PROTOCATECHUATE 3,4-DIOXYGENASE'
2 polymer 'PROTOCATECHUATE 3,4-DIOXYGENASE'
3 non-polymer 'FE (III) ION'
4 non-polymer BETA-MERCAPTOETHANOL
5 non-polymer 'P-HYDROXYBENZOIC ACID'
6 water water
#
loop_
_entity_poly.entity_id
_entity_poly.type
_entity_poly.pdbx_seq_one_letter_code
_entity_poly.pdbx_strand_id
1 'polypeptide(L)'
;PIELLPETPSQTAGPYVHIGLALEAAGNPTRDQEIWNRLAKPDAPGEHILLLGQVYDGNGHLVRDSFLEVWQADANGEYQ
DAYNLENAFNSFGRTATTFDAGEWTLHTVKPGVVNNAAGVPMAPHINISLFARGINIHLHTRLYFDDEAQANAKCPVLNL
IEQPQRRETLIAKRCEVDGKTAYRFDIRIQGEGETVFFDF
;
A,B,C,D,E,F
2 'polypeptide(L)'
;PAQDNSRFVIRDRNWHPKALTPDYKTSIARSPRQALVSIPQSISETTGPNFSHLGFGAHDHDLLLNFNNGGLPIGERIIV
AGRVVDQYGKPVPNTLVEMWQANAGGRYRHKNDRYLAPLDPNFGGVGRCLTDSDGYYSFRTIKPGPYPWRNGPNDWRPAH
IHFGISGPSIATKLITQLYFEGDPLIPMCPIVKSIANPEAVQQLIAKLDMNNANPMDCLAYRFDIVLRGQRKTHFENC
;
M,N,O,P,Q,R
#
loop_
_chem_comp.id
_chem_comp.type
_chem_comp.name
_chem_comp.formula
BME non-polymer BETA-MERCAPTOETHANOL 'C2 H6 O S'
FE non-polymer 'FE (III) ION' 'Fe 3'
PHB non-polymer 'P-HYDROXYBENZOIC ACID' 'C7 H6 O3'
#
# COMPACT_ATOMS: atom_id res chain seq x y z
N PRO A 1 12.00 27.53 -9.52
CA PRO A 1 11.21 28.13 -10.60
C PRO A 1 9.76 27.70 -10.39
N ILE A 2 8.90 28.19 -11.23
CA ILE A 2 7.45 27.88 -11.18
C ILE A 2 7.21 26.49 -11.84
N GLU A 3 6.44 25.68 -11.19
CA GLU A 3 6.10 24.33 -11.74
C GLU A 3 4.56 24.23 -11.74
N LEU A 4 4.00 23.90 -12.89
CA LEU A 4 2.51 23.78 -13.02
C LEU A 4 2.12 22.34 -12.62
N LEU A 5 0.87 21.99 -12.80
CA LEU A 5 0.46 20.56 -12.55
C LEU A 5 1.11 19.79 -13.74
N PRO A 6 1.64 18.62 -13.45
CA PRO A 6 2.23 17.79 -14.50
C PRO A 6 1.12 17.19 -15.38
N GLU A 7 1.44 17.11 -16.68
CA GLU A 7 0.54 16.56 -17.69
C GLU A 7 0.41 15.03 -17.44
N THR A 8 -0.81 14.53 -17.63
CA THR A 8 -1.05 13.05 -17.53
C THR A 8 -0.11 12.37 -18.53
N PRO A 9 0.70 11.41 -18.07
CA PRO A 9 1.64 10.68 -18.90
C PRO A 9 0.93 9.82 -19.97
N SER A 10 1.57 9.74 -21.12
CA SER A 10 1.05 8.93 -22.24
C SER A 10 1.32 7.45 -22.02
N GLN A 11 0.51 6.62 -22.72
CA GLN A 11 0.67 5.16 -22.73
C GLN A 11 0.40 4.74 -24.19
N THR A 12 0.95 3.64 -24.59
CA THR A 12 0.75 3.10 -25.97
C THR A 12 -0.75 2.86 -26.20
N ALA A 13 -1.19 2.98 -27.43
CA ALA A 13 -2.61 2.71 -27.78
C ALA A 13 -2.93 1.20 -27.65
N GLY A 14 -1.95 0.36 -27.83
CA GLY A 14 -2.15 -1.13 -27.71
C GLY A 14 -2.62 -1.67 -29.05
N PRO A 15 -2.59 -3.00 -29.16
CA PRO A 15 -3.04 -3.69 -30.37
C PRO A 15 -4.53 -3.58 -30.64
N TYR A 16 -5.33 -3.25 -29.64
CA TYR A 16 -6.78 -3.21 -29.83
C TYR A 16 -7.41 -1.87 -29.97
N VAL A 17 -6.58 -0.89 -30.32
CA VAL A 17 -7.07 0.47 -30.52
C VAL A 17 -8.29 0.60 -31.39
N HIS A 18 -8.43 -0.25 -32.38
CA HIS A 18 -9.52 -0.22 -33.35
C HIS A 18 -10.89 -0.34 -32.71
N ILE A 19 -10.93 -1.08 -31.60
CA ILE A 19 -12.22 -1.24 -30.95
C ILE A 19 -12.80 0.07 -30.50
N GLY A 20 -11.93 0.99 -30.06
CA GLY A 20 -12.40 2.27 -29.58
C GLY A 20 -12.37 3.38 -30.61
N LEU A 21 -11.46 3.32 -31.56
CA LEU A 21 -11.30 4.41 -32.53
C LEU A 21 -11.44 4.12 -33.99
N ALA A 22 -11.66 2.91 -34.39
CA ALA A 22 -11.81 2.48 -35.80
C ALA A 22 -12.65 1.18 -35.78
N LEU A 23 -13.87 1.40 -35.32
CA LEU A 23 -14.87 0.35 -35.16
C LEU A 23 -14.98 -0.60 -36.33
N GLU A 24 -15.32 -0.09 -37.47
CA GLU A 24 -15.45 -0.92 -38.70
C GLU A 24 -14.23 -1.87 -38.77
N ALA A 25 -13.07 -1.25 -38.81
CA ALA A 25 -11.77 -1.91 -38.87
C ALA A 25 -11.63 -3.03 -37.89
N ALA A 26 -12.11 -2.84 -36.68
CA ALA A 26 -12.00 -3.94 -35.67
C ALA A 26 -13.00 -5.04 -36.08
N GLY A 27 -13.75 -4.70 -37.12
CA GLY A 27 -14.82 -5.62 -37.58
C GLY A 27 -15.94 -5.63 -36.53
N ASN A 28 -16.33 -4.46 -36.06
CA ASN A 28 -17.42 -4.35 -35.06
C ASN A 28 -18.46 -3.38 -35.64
N PRO A 29 -19.68 -3.56 -35.16
CA PRO A 29 -20.80 -2.70 -35.58
C PRO A 29 -20.44 -1.26 -35.15
N THR A 30 -20.83 -0.33 -35.99
CA THR A 30 -20.54 1.09 -35.75
C THR A 30 -21.78 1.82 -35.24
N ARG A 31 -21.51 3.03 -34.78
CA ARG A 31 -22.52 3.94 -34.26
C ARG A 31 -23.06 4.78 -35.41
N ASP A 32 -24.07 5.56 -35.16
CA ASP A 32 -24.70 6.39 -36.19
C ASP A 32 -23.67 7.34 -36.84
N GLN A 33 -22.85 7.92 -35.96
CA GLN A 33 -21.84 8.91 -36.43
C GLN A 33 -20.44 8.49 -36.00
N GLU A 34 -19.58 8.29 -36.99
CA GLU A 34 -18.18 7.90 -36.75
C GLU A 34 -17.22 8.89 -37.42
N ILE A 35 -16.09 9.09 -36.80
CA ILE A 35 -15.01 9.99 -37.33
C ILE A 35 -14.15 9.09 -38.21
N TRP A 36 -14.23 9.23 -39.52
CA TRP A 36 -13.47 8.35 -40.43
C TRP A 36 -12.54 9.01 -41.41
N ASN A 37 -12.20 8.35 -42.50
CA ASN A 37 -11.25 8.72 -43.53
C ASN A 37 -11.68 9.48 -44.75
N ARG A 38 -12.81 10.12 -44.69
CA ARG A 38 -13.42 10.89 -45.77
C ARG A 38 -13.60 12.33 -45.28
N LEU A 39 -12.58 13.16 -45.43
CA LEU A 39 -12.64 14.55 -45.00
C LEU A 39 -13.55 15.41 -45.88
N ALA A 40 -13.54 15.08 -47.17
CA ALA A 40 -14.32 15.85 -48.14
C ALA A 40 -15.41 15.06 -48.86
N LYS A 41 -16.55 15.69 -49.01
CA LYS A 41 -17.68 15.11 -49.78
C LYS A 41 -17.34 15.50 -51.25
N PRO A 42 -17.82 14.68 -52.16
CA PRO A 42 -17.55 14.87 -53.58
C PRO A 42 -17.76 16.31 -54.01
N ASP A 43 -18.67 17.00 -53.33
CA ASP A 43 -18.95 18.40 -53.71
C ASP A 43 -18.14 19.43 -53.00
N ALA A 44 -17.11 19.04 -52.26
CA ALA A 44 -16.29 20.08 -51.54
C ALA A 44 -15.38 20.76 -52.58
N PRO A 45 -15.24 22.06 -52.47
CA PRO A 45 -14.39 22.86 -53.38
C PRO A 45 -12.93 22.47 -53.18
N GLY A 46 -12.15 22.54 -54.23
CA GLY A 46 -10.71 22.18 -54.18
C GLY A 46 -10.45 20.97 -55.06
N GLU A 47 -9.19 20.60 -55.11
CA GLU A 47 -8.73 19.45 -55.88
C GLU A 47 -8.82 18.19 -55.01
N HIS A 48 -9.76 17.35 -55.39
CA HIS A 48 -9.99 16.06 -54.71
C HIS A 48 -8.84 15.10 -55.02
N ILE A 49 -8.21 14.61 -53.97
CA ILE A 49 -7.10 13.70 -53.98
C ILE A 49 -7.32 12.53 -52.98
N LEU A 50 -6.55 11.51 -53.30
CA LEU A 50 -6.52 10.28 -52.50
C LEU A 50 -5.08 10.14 -51.96
N LEU A 51 -5.00 9.87 -50.67
CA LEU A 51 -3.69 9.64 -50.02
C LEU A 51 -3.68 8.17 -49.59
N LEU A 52 -2.51 7.58 -49.68
CA LEU A 52 -2.32 6.17 -49.24
C LEU A 52 -0.87 5.95 -48.85
N GLY A 53 -0.63 4.96 -48.00
CA GLY A 53 0.73 4.64 -47.55
C GLY A 53 0.73 3.43 -46.62
N GLN A 54 1.97 3.01 -46.32
CA GLN A 54 2.29 1.87 -45.45
C GLN A 54 3.26 2.35 -44.38
N VAL A 55 3.24 1.67 -43.24
CA VAL A 55 4.11 2.04 -42.09
C VAL A 55 5.09 0.90 -41.87
N TYR A 56 6.37 1.15 -41.76
CA TYR A 56 7.41 0.18 -41.55
C TYR A 56 8.13 0.35 -40.21
N ASP A 57 8.49 -0.78 -39.62
CA ASP A 57 9.23 -0.81 -38.34
C ASP A 57 10.72 -0.77 -38.71
N GLY A 58 11.59 -0.80 -37.76
CA GLY A 58 13.03 -0.77 -37.89
C GLY A 58 13.59 -1.98 -38.62
N ASN A 59 12.84 -3.07 -38.72
CA ASN A 59 13.29 -4.27 -39.42
C ASN A 59 12.89 -4.29 -40.89
N GLY A 60 12.15 -3.30 -41.30
CA GLY A 60 11.63 -3.12 -42.64
C GLY A 60 10.33 -3.90 -42.78
N HIS A 61 9.71 -4.21 -41.66
CA HIS A 61 8.43 -4.99 -41.69
C HIS A 61 7.22 -4.09 -41.50
N LEU A 62 6.12 -4.41 -42.21
CA LEU A 62 4.88 -3.64 -42.12
C LEU A 62 4.32 -3.63 -40.68
N VAL A 63 3.82 -2.50 -40.29
CA VAL A 63 3.17 -2.29 -38.98
C VAL A 63 1.68 -2.30 -39.38
N ARG A 64 1.07 -3.46 -39.12
CA ARG A 64 -0.34 -3.68 -39.49
C ARG A 64 -1.36 -3.23 -38.48
N ASP A 65 -1.00 -2.68 -37.36
CA ASP A 65 -1.98 -2.25 -36.33
C ASP A 65 -1.88 -0.78 -36.04
N SER A 66 -1.49 -0.01 -37.07
CA SER A 66 -1.34 1.44 -36.88
C SER A 66 -2.65 2.19 -36.96
N PHE A 67 -2.72 3.29 -36.24
CA PHE A 67 -3.86 4.21 -36.19
C PHE A 67 -3.29 5.64 -36.48
N LEU A 68 -3.97 6.34 -37.37
CA LEU A 68 -3.50 7.70 -37.73
C LEU A 68 -4.66 8.69 -37.71
N GLU A 69 -4.28 9.90 -37.30
CA GLU A 69 -5.13 11.07 -37.20
C GLU A 69 -4.45 12.19 -38.01
N VAL A 70 -5.27 12.87 -38.79
CA VAL A 70 -4.88 13.93 -39.66
C VAL A 70 -5.62 15.23 -39.40
N TRP A 71 -4.83 16.29 -39.64
CA TRP A 71 -5.36 17.66 -39.51
C TRP A 71 -4.73 18.50 -40.66
N GLN A 72 -5.61 19.13 -41.39
CA GLN A 72 -5.27 19.97 -42.53
C GLN A 72 -6.24 21.13 -42.74
N ALA A 73 -5.73 22.11 -43.49
CA ALA A 73 -6.53 23.29 -43.89
C ALA A 73 -7.38 22.90 -45.13
N ASP A 74 -8.42 23.68 -45.36
CA ASP A 74 -9.30 23.51 -46.55
C ASP A 74 -8.50 24.11 -47.72
N ALA A 75 -9.06 24.08 -48.90
CA ALA A 75 -8.41 24.62 -50.11
C ALA A 75 -8.10 26.11 -50.03
N ASN A 76 -8.79 26.88 -49.21
CA ASN A 76 -8.51 28.30 -49.06
C ASN A 76 -7.38 28.53 -48.06
N GLY A 77 -6.92 27.49 -47.42
CA GLY A 77 -5.86 27.58 -46.40
C GLY A 77 -6.46 27.91 -45.03
N GLU A 78 -7.71 27.53 -44.83
CA GLU A 78 -8.42 27.70 -43.58
C GLU A 78 -8.66 26.37 -42.81
N TYR A 79 -8.45 26.44 -41.52
CA TYR A 79 -8.64 25.29 -40.61
C TYR A 79 -10.10 25.33 -40.11
N GLN A 80 -10.81 24.28 -40.44
CA GLN A 80 -12.26 24.16 -40.13
C GLN A 80 -12.41 23.24 -38.91
N ASP A 81 -12.50 23.86 -37.76
CA ASP A 81 -12.59 23.13 -36.50
C ASP A 81 -13.93 22.63 -36.08
N ALA A 82 -15.02 23.12 -36.67
CA ALA A 82 -16.35 22.65 -36.29
C ALA A 82 -16.73 21.40 -37.08
N TYR A 83 -16.37 20.26 -36.50
CA TYR A 83 -16.58 18.94 -37.02
C TYR A 83 -18.07 18.59 -37.10
N ASN A 84 -18.48 18.22 -38.28
CA ASN A 84 -19.86 17.87 -38.63
C ASN A 84 -19.87 17.02 -39.91
N LEU A 85 -20.52 15.86 -39.76
CA LEU A 85 -20.68 14.91 -40.87
C LEU A 85 -21.50 15.50 -42.01
N GLU A 86 -22.19 16.58 -41.79
CA GLU A 86 -23.00 17.32 -42.73
C GLU A 86 -22.19 18.27 -43.60
N ASN A 87 -21.06 18.69 -43.08
CA ASN A 87 -20.11 19.61 -43.75
C ASN A 87 -19.65 18.93 -45.06
N ALA A 88 -19.29 19.75 -46.05
CA ALA A 88 -18.75 19.25 -47.32
C ALA A 88 -17.26 18.87 -47.11
N PHE A 89 -16.68 19.54 -46.12
CA PHE A 89 -15.27 19.37 -45.74
C PHE A 89 -15.06 19.47 -44.21
N ASN A 90 -14.27 18.56 -43.69
CA ASN A 90 -13.87 18.53 -42.27
C ASN A 90 -12.31 18.49 -42.31
N SER A 91 -11.69 19.31 -41.48
CA SER A 91 -10.22 19.39 -41.44
C SER A 91 -9.55 18.24 -40.70
N PHE A 92 -10.40 17.49 -40.01
CA PHE A 92 -9.93 16.35 -39.20
C PHE A 92 -10.42 15.00 -39.70
N GLY A 93 -9.54 14.01 -39.58
CA GLY A 93 -9.86 12.63 -39.98
C GLY A 93 -9.00 11.59 -39.24
N ARG A 94 -9.43 10.34 -39.45
CA ARG A 94 -8.84 9.12 -38.96
C ARG A 94 -8.78 8.03 -40.04
N THR A 95 -7.76 7.20 -39.93
CA THR A 95 -7.51 6.08 -40.81
C THR A 95 -6.67 5.05 -40.05
N ALA A 96 -6.50 3.91 -40.67
CA ALA A 96 -5.74 2.82 -40.03
C ALA A 96 -5.26 1.87 -41.10
N THR A 97 -4.24 1.09 -40.84
CA THR A 97 -3.71 0.12 -41.79
C THR A 97 -4.37 -1.24 -41.66
N THR A 98 -4.54 -1.80 -42.86
CA THR A 98 -5.13 -3.14 -43.03
C THR A 98 -4.33 -4.20 -42.27
N PHE A 99 -5.04 -5.03 -41.52
CA PHE A 99 -4.42 -6.14 -40.77
C PHE A 99 -3.81 -7.07 -41.83
N ASP A 100 -4.28 -6.97 -43.04
CA ASP A 100 -3.79 -7.75 -44.18
C ASP A 100 -2.65 -7.09 -44.97
N ALA A 101 -3.06 -6.22 -45.86
CA ALA A 101 -2.18 -5.48 -46.77
C ALA A 101 -1.32 -4.44 -46.07
N GLY A 102 -1.80 -3.88 -44.99
CA GLY A 102 -1.09 -2.90 -44.19
C GLY A 102 -1.05 -1.51 -44.78
N GLU A 103 -2.06 -1.12 -45.51
CA GLU A 103 -2.08 0.24 -46.12
C GLU A 103 -3.27 1.06 -45.68
N TRP A 104 -3.09 2.35 -45.48
CA TRP A 104 -4.21 3.23 -45.08
C TRP A 104 -4.55 4.09 -46.32
N THR A 105 -5.73 4.65 -46.27
CA THR A 105 -6.24 5.52 -47.33
C THR A 105 -7.02 6.65 -46.65
N LEU A 106 -7.10 7.74 -47.40
CA LEU A 106 -7.80 8.97 -46.94
C LEU A 106 -8.27 9.68 -48.23
N HIS A 107 -9.46 10.20 -48.17
CA HIS A 107 -10.12 10.92 -49.26
C HIS A 107 -10.26 12.38 -48.80
N THR A 108 -9.56 13.29 -49.47
CA THR A 108 -9.61 14.73 -49.07
C THR A 108 -9.34 15.62 -50.27
N VAL A 109 -9.04 16.89 -49.92
CA VAL A 109 -8.65 17.93 -50.90
C VAL A 109 -7.26 18.44 -50.51
N LYS A 110 -6.55 18.89 -51.53
CA LYS A 110 -5.17 19.46 -51.28
C LYS A 110 -5.36 20.75 -50.49
N PRO A 111 -4.66 20.83 -49.36
CA PRO A 111 -4.72 22.01 -48.48
C PRO A 111 -4.04 23.22 -49.15
N GLY A 112 -4.54 24.38 -48.81
CA GLY A 112 -4.07 25.69 -49.29
C GLY A 112 -2.94 26.14 -48.35
N VAL A 113 -2.22 27.16 -48.71
CA VAL A 113 -1.10 27.67 -47.91
C VAL A 113 -1.53 28.34 -46.63
N VAL A 114 -0.82 28.11 -45.55
CA VAL A 114 -1.04 28.74 -44.25
C VAL A 114 0.30 29.43 -43.87
N ASN A 115 0.21 30.54 -43.19
CA ASN A 115 1.41 31.28 -42.72
C ASN A 115 1.74 30.81 -41.27
N ASN A 116 3.04 30.84 -40.98
CA ASN A 116 3.61 30.52 -39.69
C ASN A 116 3.36 31.73 -38.76
N ALA A 117 3.77 31.65 -37.52
CA ALA A 117 3.54 32.73 -36.54
C ALA A 117 4.19 34.06 -36.98
N ALA A 118 5.28 33.98 -37.73
CA ALA A 118 5.99 35.18 -38.18
C ALA A 118 5.51 35.70 -39.52
N GLY A 119 4.39 35.23 -40.03
CA GLY A 119 3.83 35.66 -41.29
C GLY A 119 4.47 35.13 -42.53
N VAL A 120 5.28 34.09 -42.43
CA VAL A 120 5.92 33.46 -43.61
C VAL A 120 5.08 32.20 -43.98
N PRO A 121 4.74 32.10 -45.25
CA PRO A 121 3.95 30.96 -45.75
C PRO A 121 4.74 29.64 -45.66
N MET A 122 3.96 28.62 -45.30
CA MET A 122 4.50 27.23 -45.22
C MET A 122 3.97 26.53 -46.49
N ALA A 123 4.65 25.56 -47.01
CA ALA A 123 4.12 24.84 -48.22
C ALA A 123 2.91 24.01 -47.75
N PRO A 124 2.03 23.66 -48.68
CA PRO A 124 0.84 22.85 -48.39
C PRO A 124 1.29 21.58 -47.64
N HIS A 125 0.59 21.29 -46.54
CA HIS A 125 0.96 20.09 -45.74
C HIS A 125 -0.24 19.59 -44.97
N ILE A 126 -0.10 18.36 -44.50
CA ILE A 126 -1.09 17.65 -43.68
C ILE A 126 -0.34 17.19 -42.41
N ASN A 127 -0.88 17.56 -41.28
CA ASN A 127 -0.30 17.18 -39.98
C ASN A 127 -0.84 15.75 -39.67
N ILE A 128 0.09 14.90 -39.32
CA ILE A 128 -0.21 13.52 -38.98
C ILE A 128 0.34 13.12 -37.61
N SER A 129 -0.48 12.36 -36.89
CA SER A 129 -0.07 11.80 -35.59
C SER A 129 -0.27 10.25 -35.73
N LEU A 130 0.75 9.54 -35.39
CA LEU A 130 0.82 8.08 -35.48
C LEU A 130 0.78 7.39 -34.13
N PHE A 131 -0.11 6.40 -34.03
CA PHE A 131 -0.28 5.61 -32.80
C PHE A 131 -0.25 4.11 -33.12
N ALA A 132 0.22 3.31 -32.19
CA ALA A 132 0.28 1.86 -32.36
C ALA A 132 0.90 1.20 -31.12
N ARG A 133 0.71 -0.12 -31.08
CA ARG A 133 1.33 -0.88 -29.97
C ARG A 133 2.85 -0.72 -30.26
N GLY A 134 3.55 -0.64 -29.17
CA GLY A 134 5.03 -0.45 -29.17
C GLY A 134 5.39 1.03 -29.18
N ILE A 135 4.47 1.90 -29.47
CA ILE A 135 4.70 3.36 -29.53
C ILE A 135 4.10 3.97 -28.25
N ASN A 136 4.99 4.32 -27.35
CA ASN A 136 4.63 4.81 -26.00
C ASN A 136 3.99 6.18 -25.99
N ILE A 137 4.53 7.03 -26.90
CA ILE A 137 3.96 8.38 -27.05
C ILE A 137 3.87 8.58 -28.57
N HIS A 138 2.78 9.09 -29.08
CA HIS A 138 2.56 9.20 -30.50
C HIS A 138 3.58 10.04 -31.25
N LEU A 139 3.80 9.74 -32.50
CA LEU A 139 4.79 10.42 -33.36
C LEU A 139 4.06 11.42 -34.24
N HIS A 140 4.63 12.63 -34.28
CA HIS A 140 4.02 13.71 -35.09
C HIS A 140 4.88 13.82 -36.38
N THR A 141 4.23 14.04 -37.48
CA THR A 141 4.96 14.27 -38.76
C THR A 141 4.12 15.17 -39.66
N ARG A 142 4.61 15.43 -40.85
CA ARG A 142 3.89 16.23 -41.83
C ARG A 142 4.08 15.56 -43.20
N LEU A 143 3.07 15.73 -44.02
CA LEU A 143 3.13 15.20 -45.41
C LEU A 143 3.08 16.43 -46.34
N TYR A 144 4.08 16.54 -47.17
CA TYR A 144 4.16 17.64 -48.17
C TYR A 144 4.02 16.90 -49.53
N PHE A 145 3.80 17.68 -50.58
CA PHE A 145 3.60 17.15 -51.92
C PHE A 145 4.77 17.44 -52.84
N ASP A 146 5.09 16.45 -53.65
CA ASP A 146 6.16 16.47 -54.61
C ASP A 146 5.91 17.47 -55.75
N ASP A 147 4.66 17.81 -55.98
CA ASP A 147 4.30 18.77 -57.02
C ASP A 147 4.22 20.21 -56.51
N GLU A 148 4.86 20.48 -55.39
CA GLU A 148 4.89 21.81 -54.77
C GLU A 148 6.36 22.17 -54.46
N ALA A 149 7.20 21.73 -55.41
CA ALA A 149 8.64 21.90 -55.33
C ALA A 149 9.03 23.33 -55.04
N GLN A 150 8.46 24.25 -55.78
CA GLN A 150 8.75 25.70 -55.58
C GLN A 150 8.44 26.12 -54.16
N ALA A 151 7.25 25.74 -53.70
CA ALA A 151 6.80 26.07 -52.33
C ALA A 151 7.62 25.34 -51.27
N ASN A 152 7.90 24.08 -51.53
CA ASN A 152 8.66 23.25 -50.57
C ASN A 152 10.01 23.87 -50.25
N ALA A 153 10.66 24.38 -51.28
CA ALA A 153 11.98 24.99 -51.17
C ALA A 153 12.03 26.11 -50.16
N LYS A 154 10.92 26.80 -49.98
CA LYS A 154 10.82 27.94 -49.09
C LYS A 154 10.12 27.73 -47.77
N CYS A 155 9.71 26.52 -47.48
CA CYS A 155 9.00 26.27 -46.20
C CYS A 155 9.92 26.47 -45.01
N PRO A 156 9.49 27.34 -44.11
CA PRO A 156 10.25 27.65 -42.89
C PRO A 156 10.35 26.41 -42.00
N VAL A 157 9.34 25.55 -42.10
CA VAL A 157 9.36 24.32 -41.27
C VAL A 157 10.36 23.34 -41.86
N LEU A 158 10.17 23.05 -43.11
CA LEU A 158 11.07 22.12 -43.87
C LEU A 158 12.52 22.57 -43.77
N ASN A 159 12.71 23.90 -43.81
CA ASN A 159 14.04 24.50 -43.67
C ASN A 159 14.63 24.33 -42.28
N LEU A 160 13.88 24.00 -41.24
CA LEU A 160 14.38 23.79 -39.89
C LEU A 160 15.16 22.46 -39.82
N ILE A 161 14.88 21.60 -40.77
CA ILE A 161 15.58 20.29 -40.81
C ILE A 161 16.97 20.51 -41.40
N GLU A 162 17.95 20.37 -40.54
CA GLU A 162 19.34 20.51 -40.81
C GLU A 162 19.85 19.87 -42.09
N GLN A 163 19.66 18.59 -42.23
CA GLN A 163 20.10 17.82 -43.39
C GLN A 163 19.08 17.69 -44.47
N PRO A 164 19.37 18.27 -45.61
CA PRO A 164 18.46 18.25 -46.77
C PRO A 164 18.02 16.87 -47.16
N GLN A 165 18.84 15.85 -46.94
CA GLN A 165 18.47 14.45 -47.30
C GLN A 165 17.26 13.99 -46.48
N ARG A 166 17.19 14.47 -45.25
CA ARG A 166 16.11 14.17 -44.32
C ARG A 166 14.80 14.82 -44.75
N ARG A 167 14.88 15.95 -45.42
CA ARG A 167 13.70 16.68 -45.87
C ARG A 167 12.84 15.85 -46.83
N GLU A 168 13.54 15.09 -47.65
CA GLU A 168 12.94 14.24 -48.67
C GLU A 168 11.98 13.19 -48.15
N THR A 169 12.17 12.80 -46.90
CA THR A 169 11.38 11.77 -46.23
C THR A 169 9.95 12.25 -46.03
N LEU A 170 9.75 13.56 -46.09
CA LEU A 170 8.45 14.17 -45.87
C LEU A 170 7.66 14.47 -47.12
N ILE A 171 8.22 14.17 -48.28
CA ILE A 171 7.51 14.47 -49.54
C ILE A 171 6.75 13.33 -50.16
N ALA A 172 5.45 13.45 -50.28
CA ALA A 172 4.59 12.38 -50.85
C ALA A 172 4.81 12.36 -52.38
N LYS A 173 4.75 11.15 -52.92
CA LYS A 173 4.98 10.96 -54.39
C LYS A 173 3.63 10.82 -55.09
N ARG A 174 3.41 11.75 -56.01
CA ARG A 174 2.18 11.82 -56.80
C ARG A 174 2.08 10.63 -57.77
N CYS A 175 0.87 10.14 -57.89
CA CYS A 175 0.56 9.02 -58.79
C CYS A 175 -0.93 9.15 -59.13
N GLU A 176 -1.46 8.09 -59.69
CA GLU A 176 -2.88 8.03 -60.06
C GLU A 176 -3.38 6.67 -59.57
N VAL A 177 -4.62 6.67 -59.18
CA VAL A 177 -5.28 5.43 -58.69
C VAL A 177 -6.68 5.47 -59.36
N ASP A 178 -6.88 4.48 -60.23
CA ASP A 178 -8.19 4.44 -60.94
C ASP A 178 -8.40 5.83 -61.57
N GLY A 179 -7.33 6.28 -62.23
CA GLY A 179 -7.29 7.54 -62.92
C GLY A 179 -7.59 8.76 -62.07
N LYS A 180 -7.38 8.63 -60.76
CA LYS A 180 -7.60 9.77 -59.85
C LYS A 180 -6.20 10.14 -59.30
N THR A 181 -6.11 11.42 -58.97
CA THR A 181 -4.89 11.99 -58.41
C THR A 181 -4.70 11.49 -56.96
N ALA A 182 -3.55 10.83 -56.80
CA ALA A 182 -3.18 10.25 -55.50
C ALA A 182 -1.73 10.55 -55.15
N TYR A 183 -1.43 10.45 -53.88
CA TYR A 183 -0.12 10.64 -53.30
C TYR A 183 0.13 9.48 -52.31
N ARG A 184 1.34 8.95 -52.48
CA ARG A 184 1.83 7.87 -51.64
C ARG A 184 2.82 8.42 -50.62
N PHE A 185 2.52 8.10 -49.37
CA PHE A 185 3.31 8.52 -48.23
C PHE A 185 3.57 7.36 -47.25
N ASP A 186 4.76 6.80 -47.39
CA ASP A 186 5.16 5.71 -46.49
C ASP A 186 5.89 6.34 -45.30
N ILE A 187 5.76 5.74 -44.16
CA ILE A 187 6.43 6.19 -42.95
C ILE A 187 7.39 5.09 -42.53
N ARG A 188 8.63 5.43 -42.30
CA ARG A 188 9.67 4.49 -41.82
C ARG A 188 9.99 4.99 -40.42
N ILE A 189 9.59 4.24 -39.42
CA ILE A 189 9.77 4.66 -38.03
C ILE A 189 11.22 4.65 -37.56
N GLN A 190 11.95 3.72 -38.11
CA GLN A 190 13.34 3.51 -37.67
C GLN A 190 14.23 3.00 -38.79
N GLY A 191 15.48 3.50 -38.72
CA GLY A 191 16.52 3.09 -39.62
C GLY A 191 16.64 3.83 -40.90
N GLU A 192 17.01 3.05 -41.91
CA GLU A 192 17.26 3.54 -43.28
C GLU A 192 16.05 4.35 -43.76
N GLY A 193 16.28 5.57 -44.17
CA GLY A 193 15.20 6.43 -44.63
C GLY A 193 14.19 6.80 -43.55
N GLU A 194 14.61 6.71 -42.31
CA GLU A 194 13.72 7.05 -41.14
C GLU A 194 13.06 8.40 -41.37
N THR A 195 11.74 8.43 -41.24
CA THR A 195 10.93 9.62 -41.41
C THR A 195 11.19 10.63 -40.30
N VAL A 196 11.32 11.90 -40.63
CA VAL A 196 11.47 12.93 -39.58
C VAL A 196 10.14 13.00 -38.77
N PHE A 197 10.29 13.15 -37.46
CA PHE A 197 9.16 13.32 -36.52
C PHE A 197 9.47 14.64 -35.77
N PHE A 198 8.46 15.34 -35.38
CA PHE A 198 8.56 16.63 -34.72
C PHE A 198 8.14 16.65 -33.25
N ASP A 199 8.65 17.69 -32.59
CA ASP A 199 8.34 18.03 -31.19
C ASP A 199 7.92 19.50 -31.23
N PHE A 200 6.81 19.78 -30.59
CA PHE A 200 6.21 21.12 -30.50
C PHE A 200 5.27 21.21 -29.29
N PRO B 1 -13.41 30.00 -38.96
CA PRO B 1 -12.43 28.88 -38.88
C PRO B 1 -11.49 29.13 -37.69
N ALA B 2 -10.67 28.15 -37.41
CA ALA B 2 -9.67 28.18 -36.32
C ALA B 2 -8.72 29.37 -36.42
N GLN B 3 -8.36 29.91 -35.27
CA GLN B 3 -7.49 31.06 -35.05
C GLN B 3 -6.25 30.74 -34.21
N ASP B 4 -5.11 31.33 -34.61
CA ASP B 4 -3.83 31.13 -33.88
C ASP B 4 -3.69 32.19 -32.77
N ASN B 5 -4.33 31.96 -31.66
CA ASN B 5 -4.27 32.88 -30.52
C ASN B 5 -3.58 32.27 -29.31
N SER B 6 -3.38 30.97 -29.23
CA SER B 6 -2.81 30.28 -28.08
C SER B 6 -1.45 29.64 -28.24
N ARG B 7 -0.83 29.37 -27.11
CA ARG B 7 0.50 28.70 -27.06
C ARG B 7 0.32 27.60 -26.00
N PHE B 8 1.00 26.49 -26.18
CA PHE B 8 0.81 25.37 -25.20
C PHE B 8 2.16 25.11 -24.54
N VAL B 9 2.13 24.95 -23.24
CA VAL B 9 3.36 24.67 -22.46
C VAL B 9 4.09 23.52 -23.13
N ILE B 10 5.40 23.59 -23.23
CA ILE B 10 6.20 22.53 -23.85
C ILE B 10 6.06 21.22 -23.04
N ARG B 11 6.00 20.11 -23.77
CA ARG B 11 5.86 18.81 -23.08
C ARG B 11 7.16 18.41 -22.40
N ASP B 12 7.04 17.74 -21.28
CA ASP B 12 8.24 17.24 -20.56
C ASP B 12 8.39 15.77 -20.97
N ARG B 13 9.29 15.51 -21.86
CA ARG B 13 9.66 14.26 -22.45
C ARG B 13 10.44 13.31 -21.55
N ASN B 14 10.66 13.75 -20.32
CA ASN B 14 11.33 12.88 -19.30
C ASN B 14 10.17 12.45 -18.34
N TRP B 15 9.07 13.15 -18.45
CA TRP B 15 7.92 12.84 -17.55
C TRP B 15 7.15 11.65 -18.21
N HIS B 16 6.88 11.86 -19.51
CA HIS B 16 6.22 10.83 -20.35
C HIS B 16 7.25 9.70 -20.55
N PRO B 17 6.76 8.53 -20.94
CA PRO B 17 7.66 7.40 -21.21
C PRO B 17 8.51 7.77 -22.45
N LYS B 18 9.74 7.24 -22.46
CA LYS B 18 10.59 7.49 -23.66
C LYS B 18 10.12 6.48 -24.74
N ALA B 19 10.59 6.72 -25.95
CA ALA B 19 10.25 5.84 -27.07
C ALA B 19 10.90 4.46 -26.87
N LEU B 20 12.19 4.42 -26.56
CA LEU B 20 12.91 3.16 -26.43
C LEU B 20 12.91 2.63 -25.02
N THR B 21 12.10 1.60 -24.78
CA THR B 21 12.06 1.03 -23.37
C THR B 21 12.05 -0.50 -23.59
N PRO B 22 13.27 -1.04 -23.69
CA PRO B 22 13.56 -2.38 -23.96
C PRO B 22 12.69 -3.47 -23.34
N ASP B 23 12.31 -3.34 -22.08
CA ASP B 23 11.49 -4.38 -21.41
C ASP B 23 10.12 -4.55 -22.07
N TYR B 24 9.68 -3.51 -22.73
CA TYR B 24 8.46 -3.49 -23.54
C TYR B 24 8.98 -3.83 -24.95
N LYS B 25 9.06 -5.14 -25.20
CA LYS B 25 9.64 -5.70 -26.43
C LYS B 25 9.35 -5.06 -27.75
N THR B 26 8.07 -4.78 -27.99
CA THR B 26 7.63 -4.17 -29.24
C THR B 26 8.23 -2.79 -29.47
N SER B 27 8.59 -2.06 -28.42
CA SER B 27 9.13 -0.71 -28.52
C SER B 27 10.50 -0.70 -29.20
N ILE B 28 11.20 -1.82 -29.21
CA ILE B 28 12.54 -1.85 -29.83
C ILE B 28 12.58 -1.49 -31.30
N ALA B 29 11.76 -2.21 -32.06
CA ALA B 29 11.68 -1.98 -33.51
C ALA B 29 10.74 -0.84 -33.88
N ARG B 30 10.00 -0.30 -32.94
CA ARG B 30 9.05 0.77 -33.21
C ARG B 30 9.37 2.12 -32.58
N SER B 31 10.66 2.38 -32.36
CA SER B 31 11.07 3.67 -31.73
C SER B 31 12.09 4.29 -32.68
N PRO B 32 11.98 5.59 -32.92
CA PRO B 32 12.95 6.25 -33.86
C PRO B 32 14.37 6.21 -33.28
N ARG B 33 15.37 6.25 -34.09
CA ARG B 33 16.78 6.29 -33.66
C ARG B 33 17.29 7.75 -33.82
N GLN B 34 16.68 8.55 -34.64
CA GLN B 34 17.08 9.98 -34.77
C GLN B 34 16.32 10.82 -33.74
N ALA B 35 16.91 11.91 -33.30
CA ALA B 35 16.20 12.82 -32.33
C ALA B 35 15.02 13.49 -33.07
N LEU B 36 14.02 13.92 -32.33
CA LEU B 36 12.86 14.62 -32.88
C LEU B 36 13.37 16.06 -33.24
N VAL B 37 12.80 16.64 -34.22
CA VAL B 37 13.09 18.02 -34.65
C VAL B 37 12.06 18.94 -33.99
N SER B 38 12.57 19.87 -33.16
CA SER B 38 11.66 20.81 -32.50
C SER B 38 11.26 21.88 -33.51
N ILE B 39 10.00 22.23 -33.52
CA ILE B 39 9.46 23.29 -34.38
C ILE B 39 8.59 24.23 -33.53
N PRO B 40 8.67 25.53 -33.88
CA PRO B 40 7.88 26.52 -33.15
C PRO B 40 6.39 26.24 -33.44
N GLN B 41 5.53 26.64 -32.52
CA GLN B 41 4.07 26.44 -32.68
C GLN B 41 3.53 27.46 -33.72
N SER B 42 2.70 27.00 -34.60
CA SER B 42 2.00 27.74 -35.63
C SER B 42 0.52 27.32 -35.56
N ILE B 43 -0.27 27.94 -36.38
CA ILE B 43 -1.72 27.65 -36.42
C ILE B 43 -1.99 26.17 -36.65
N SER B 44 -1.09 25.55 -37.39
CA SER B 44 -1.17 24.13 -37.71
C SER B 44 -1.21 23.26 -36.45
N GLU B 45 -0.39 23.64 -35.48
CA GLU B 45 -0.27 22.93 -34.22
C GLU B 45 -1.13 23.38 -33.06
N THR B 46 -1.59 24.60 -33.04
CA THR B 46 -2.33 25.16 -31.94
C THR B 46 -3.83 25.14 -32.13
N THR B 47 -4.30 24.52 -33.19
CA THR B 47 -5.74 24.40 -33.46
C THR B 47 -6.06 22.90 -33.47
N GLY B 48 -7.30 22.53 -33.55
CA GLY B 48 -7.74 21.12 -33.58
C GLY B 48 -9.28 21.13 -33.62
N PRO B 49 -9.83 19.93 -33.87
CA PRO B 49 -11.29 19.79 -33.95
C PRO B 49 -12.01 20.02 -32.62
N ASN B 50 -13.23 20.51 -32.80
CA ASN B 50 -14.19 20.72 -31.70
C ASN B 50 -15.36 19.75 -32.07
N PHE B 51 -15.69 18.86 -31.19
CA PHE B 51 -16.73 17.85 -31.47
C PHE B 51 -18.09 18.13 -30.85
N SER B 52 -18.36 19.40 -30.56
CA SER B 52 -19.64 19.80 -29.99
C SER B 52 -20.83 19.34 -30.81
N HIS B 53 -20.70 19.31 -32.13
CA HIS B 53 -21.79 18.92 -32.99
C HIS B 53 -21.81 17.48 -33.44
N LEU B 54 -20.99 16.61 -32.85
CA LEU B 54 -21.06 15.17 -33.25
C LEU B 54 -22.38 14.65 -32.66
N GLY B 55 -23.07 13.82 -33.39
CA GLY B 55 -24.37 13.28 -32.91
C GLY B 55 -24.08 12.06 -32.06
N PHE B 56 -23.99 12.23 -30.76
CA PHE B 56 -23.70 11.09 -29.85
C PHE B 56 -25.04 10.38 -29.54
N GLY B 57 -25.03 9.08 -29.50
CA GLY B 57 -26.25 8.31 -29.14
C GLY B 57 -26.46 8.43 -27.63
N ALA B 58 -27.66 8.13 -27.18
CA ALA B 58 -28.10 8.16 -25.79
C ALA B 58 -27.30 7.28 -24.84
N HIS B 59 -26.79 6.17 -25.31
CA HIS B 59 -26.02 5.29 -24.40
C HIS B 59 -24.56 5.27 -24.77
N ASP B 60 -24.08 6.25 -25.52
CA ASP B 60 -22.65 6.28 -25.95
C ASP B 60 -21.68 6.00 -24.82
N HIS B 61 -21.96 6.59 -23.66
CA HIS B 61 -21.15 6.47 -22.47
C HIS B 61 -21.57 5.39 -21.49
N ASP B 62 -22.57 4.58 -21.84
CA ASP B 62 -23.03 3.52 -20.88
C ASP B 62 -22.78 2.15 -21.45
N LEU B 63 -21.66 1.55 -21.06
CA LEU B 63 -21.23 0.25 -21.51
C LEU B 63 -22.14 -0.90 -21.06
N LEU B 64 -22.99 -0.59 -20.10
CA LEU B 64 -23.97 -1.56 -19.59
C LEU B 64 -25.12 -1.75 -20.58
N LEU B 65 -25.49 -0.73 -21.31
CA LEU B 65 -26.57 -0.79 -22.27
C LEU B 65 -26.26 -0.62 -23.73
N ASN B 66 -25.02 -0.24 -24.08
CA ASN B 66 -24.70 0.08 -25.45
C ASN B 66 -24.35 -0.99 -26.42
N PHE B 67 -24.28 -2.24 -26.08
CA PHE B 67 -23.93 -3.31 -27.02
C PHE B 67 -25.25 -4.03 -27.41
N GLY B 71 -29.62 -8.33 -22.28
CA GLY B 71 -29.16 -8.70 -20.91
C GLY B 71 -28.06 -7.73 -20.45
N LEU B 72 -27.71 -7.87 -19.21
CA LEU B 72 -26.69 -7.12 -18.49
C LEU B 72 -25.39 -7.92 -18.58
N PRO B 73 -24.29 -7.17 -18.69
CA PRO B 73 -22.96 -7.80 -18.71
C PRO B 73 -22.70 -8.41 -17.33
N ILE B 74 -21.77 -9.37 -17.28
CA ILE B 74 -21.35 -9.97 -16.02
C ILE B 74 -20.06 -9.26 -15.57
N GLY B 75 -20.01 -8.86 -14.33
CA GLY B 75 -18.79 -8.16 -13.82
C GLY B 75 -19.19 -7.13 -12.80
N GLU B 76 -18.16 -6.50 -12.22
CA GLU B 76 -18.42 -5.50 -11.16
C GLU B 76 -18.86 -4.19 -11.82
N ARG B 77 -20.06 -3.76 -11.59
CA ARG B 77 -20.62 -2.55 -12.13
C ARG B 77 -19.88 -1.35 -11.45
N ILE B 78 -19.39 -0.47 -12.33
CA ILE B 78 -18.70 0.73 -11.83
C ILE B 78 -18.94 1.97 -12.67
N ILE B 79 -18.88 3.10 -11.99
CA ILE B 79 -18.96 4.39 -12.73
C ILE B 79 -17.45 4.86 -12.70
N VAL B 80 -17.00 5.35 -13.80
CA VAL B 80 -15.66 5.96 -13.96
C VAL B 80 -15.99 7.44 -14.36
N ALA B 81 -15.63 8.34 -13.47
CA ALA B 81 -15.88 9.77 -13.67
C ALA B 81 -14.64 10.60 -13.29
N GLY B 82 -14.71 11.86 -13.70
CA GLY B 82 -13.56 12.78 -13.39
C GLY B 82 -13.71 14.06 -14.17
N ARG B 83 -12.60 14.79 -14.09
CA ARG B 83 -12.50 16.12 -14.73
C ARG B 83 -11.23 16.26 -15.57
N VAL B 84 -11.45 16.98 -16.69
CA VAL B 84 -10.35 17.25 -17.62
C VAL B 84 -9.96 18.74 -17.41
N VAL B 85 -8.74 18.93 -16.98
CA VAL B 85 -8.19 20.30 -16.77
C VAL B 85 -6.80 20.38 -17.47
N ASP B 86 -6.36 21.66 -17.57
CA ASP B 86 -5.01 21.94 -18.14
C ASP B 86 -4.06 22.13 -16.95
N GLN B 87 -2.77 22.32 -17.27
CA GLN B 87 -1.74 22.50 -16.30
C GLN B 87 -1.95 23.75 -15.44
N TYR B 88 -2.70 24.71 -15.92
CA TYR B 88 -2.91 25.92 -15.08
C TYR B 88 -4.14 25.67 -14.17
N GLY B 89 -4.71 24.47 -14.36
CA GLY B 89 -5.87 24.10 -13.56
C GLY B 89 -7.17 24.60 -14.16
N LYS B 90 -7.21 25.03 -15.38
CA LYS B 90 -8.49 25.50 -16.02
C LYS B 90 -9.20 24.25 -16.60
N PRO B 91 -10.52 24.19 -16.46
CA PRO B 91 -11.28 23.04 -16.96
C PRO B 91 -11.29 23.16 -18.49
N VAL B 92 -11.41 22.00 -19.12
CA VAL B 92 -11.46 21.85 -20.57
C VAL B 92 -12.89 21.36 -20.88
N PRO B 93 -13.74 22.32 -21.23
CA PRO B 93 -15.18 21.98 -21.52
C PRO B 93 -15.36 21.53 -22.94
N ASN B 94 -16.47 20.79 -23.15
CA ASN B 94 -16.86 20.27 -24.43
C ASN B 94 -15.74 19.60 -25.19
N THR B 95 -14.97 18.74 -24.53
CA THR B 95 -13.86 18.02 -25.18
C THR B 95 -14.14 16.54 -25.26
N LEU B 96 -13.68 15.86 -26.31
CA LEU B 96 -13.97 14.45 -26.52
C LEU B 96 -13.10 13.47 -25.74
N VAL B 97 -13.79 12.60 -25.04
CA VAL B 97 -13.27 11.51 -24.24
C VAL B 97 -13.77 10.17 -24.77
N GLU B 98 -12.85 9.37 -25.28
CA GLU B 98 -13.11 8.06 -25.83
C GLU B 98 -12.38 7.03 -24.97
N MET B 99 -13.02 5.85 -24.80
CA MET B 99 -12.50 4.76 -23.97
C MET B 99 -12.86 3.41 -24.57
N TRP B 100 -12.05 2.42 -24.36
CA TRP B 100 -12.19 1.02 -24.78
C TRP B 100 -11.50 0.13 -23.73
N GLN B 101 -11.97 -1.07 -23.56
CA GLN B 101 -11.45 -2.02 -22.56
C GLN B 101 -11.93 -3.47 -22.83
N ALA B 102 -11.31 -4.40 -22.11
CA ALA B 102 -11.71 -5.83 -22.17
C ALA B 102 -12.92 -6.02 -21.25
N ASN B 103 -13.39 -7.34 -21.27
CA ASN B 103 -14.56 -7.66 -20.41
C ASN B 103 -14.05 -8.07 -19.05
N ALA B 104 -14.97 -8.57 -18.20
CA ALA B 104 -14.61 -8.99 -16.83
C ALA B 104 -13.52 -10.03 -16.76
N GLY B 105 -13.39 -10.86 -17.82
CA GLY B 105 -12.39 -11.89 -17.87
C GLY B 105 -11.09 -11.55 -18.55
N GLY B 106 -11.00 -10.29 -19.04
CA GLY B 106 -9.78 -9.84 -19.72
C GLY B 106 -9.75 -10.14 -21.22
N ARG B 107 -10.92 -10.41 -21.77
CA ARG B 107 -11.10 -10.70 -23.19
C ARG B 107 -11.63 -9.47 -23.93
N TYR B 108 -11.05 -9.20 -25.10
CA TYR B 108 -11.43 -8.06 -25.93
C TYR B 108 -12.29 -8.52 -27.12
N ARG B 109 -13.20 -7.67 -27.49
CA ARG B 109 -14.10 -7.89 -28.64
C ARG B 109 -13.39 -7.33 -29.91
N HIS B 110 -12.41 -8.08 -30.35
CA HIS B 110 -11.54 -7.84 -31.49
C HIS B 110 -11.04 -9.19 -32.03
N LYS B 111 -11.05 -9.39 -33.32
CA LYS B 111 -10.63 -10.60 -34.01
C LYS B 111 -9.29 -11.19 -33.56
N ASN B 112 -8.34 -10.25 -33.42
CA ASN B 112 -6.98 -10.62 -33.02
C ASN B 112 -6.89 -11.13 -31.60
N ASP B 113 -7.92 -11.06 -30.78
CA ASP B 113 -7.86 -11.51 -29.39
C ASP B 113 -8.23 -12.99 -29.28
N ARG B 114 -7.22 -13.79 -29.04
CA ARG B 114 -7.34 -15.22 -28.92
C ARG B 114 -7.28 -15.76 -27.51
N TYR B 115 -7.25 -14.90 -26.50
CA TYR B 115 -7.20 -15.38 -25.10
C TYR B 115 -8.38 -16.33 -24.90
N LEU B 116 -8.14 -17.38 -24.14
CA LEU B 116 -9.15 -18.40 -23.85
C LEU B 116 -10.29 -17.92 -23.00
N ALA B 117 -10.33 -16.66 -22.59
CA ALA B 117 -11.49 -16.21 -21.75
C ALA B 117 -12.60 -15.88 -22.74
N PRO B 118 -13.83 -16.32 -22.42
CA PRO B 118 -14.96 -16.12 -23.30
C PRO B 118 -15.40 -14.68 -23.47
N LEU B 119 -16.00 -14.41 -24.60
CA LEU B 119 -16.63 -13.10 -24.86
C LEU B 119 -17.87 -13.05 -23.99
N ASP B 120 -18.39 -11.90 -23.72
CA ASP B 120 -19.61 -11.67 -22.94
C ASP B 120 -20.63 -11.15 -23.99
N PRO B 121 -21.70 -11.96 -24.13
CA PRO B 121 -22.77 -11.71 -25.06
C PRO B 121 -23.40 -10.34 -24.95
N ASN B 122 -23.35 -9.76 -23.76
CA ASN B 122 -23.91 -8.46 -23.50
C ASN B 122 -22.87 -7.34 -23.36
N PHE B 123 -21.62 -7.59 -23.65
CA PHE B 123 -20.60 -6.50 -23.49
C PHE B 123 -19.81 -6.24 -24.75
N GLY B 124 -19.79 -4.98 -25.14
CA GLY B 124 -19.02 -4.48 -26.32
C GLY B 124 -17.65 -3.93 -25.88
N GLY B 125 -17.62 -2.96 -25.01
CA GLY B 125 -16.42 -2.36 -24.48
C GLY B 125 -15.92 -1.04 -25.04
N VAL B 126 -16.79 -0.26 -25.61
CA VAL B 126 -16.48 1.05 -26.18
C VAL B 126 -17.40 2.13 -25.66
N GLY B 127 -16.84 3.28 -25.30
CA GLY B 127 -17.61 4.43 -24.84
C GLY B 127 -16.94 5.75 -25.26
N ARG B 128 -17.77 6.78 -25.31
CA ARG B 128 -17.36 8.16 -25.66
C ARG B 128 -18.33 9.10 -24.90
N CYS B 129 -17.77 10.22 -24.51
CA CYS B 129 -18.50 11.24 -23.74
C CYS B 129 -17.88 12.62 -24.03
N LEU B 130 -18.73 13.61 -24.18
CA LEU B 130 -18.24 14.99 -24.39
C LEU B 130 -18.21 15.61 -22.99
N THR B 131 -17.10 16.30 -22.63
CA THR B 131 -17.07 16.87 -21.27
C THR B 131 -18.11 17.98 -21.21
N ASP B 132 -18.54 18.29 -20.03
CA ASP B 132 -19.51 19.37 -19.77
C ASP B 132 -18.78 20.72 -19.62
N SER B 133 -19.63 21.69 -19.28
CA SER B 133 -19.22 23.08 -19.10
C SER B 133 -18.09 23.21 -18.09
N ASP B 134 -18.07 22.31 -17.15
CA ASP B 134 -17.11 22.28 -16.09
C ASP B 134 -15.95 21.32 -16.25
N GLY B 135 -15.84 20.70 -17.39
CA GLY B 135 -14.80 19.73 -17.68
C GLY B 135 -15.09 18.34 -17.13
N TYR B 136 -16.32 18.03 -16.72
CA TYR B 136 -16.62 16.68 -16.22
C TYR B 136 -17.11 15.67 -17.25
N TYR B 137 -16.73 14.42 -17.04
CA TYR B 137 -17.12 13.28 -17.88
C TYR B 137 -17.50 12.14 -16.91
N SER B 138 -18.23 11.18 -17.48
CA SER B 138 -18.60 9.99 -16.66
C SER B 138 -18.97 8.85 -17.63
N PHE B 139 -18.64 7.67 -17.17
CA PHE B 139 -18.90 6.43 -17.89
C PHE B 139 -19.47 5.42 -16.87
N ARG B 140 -20.23 4.49 -17.43
CA ARG B 140 -20.77 3.38 -16.60
C ARG B 140 -20.36 2.09 -17.34
N THR B 141 -19.69 1.21 -16.63
CA THR B 141 -19.20 -0.05 -17.28
C THR B 141 -18.98 -1.12 -16.20
N ILE B 142 -18.17 -2.11 -16.54
CA ILE B 142 -17.80 -3.15 -15.57
C ILE B 142 -16.27 -3.11 -15.47
N LYS B 143 -15.73 -3.44 -14.33
CA LYS B 143 -14.26 -3.45 -14.15
C LYS B 143 -13.65 -4.56 -15.01
N PRO B 144 -12.66 -4.16 -15.86
CA PRO B 144 -11.98 -5.06 -16.76
C PRO B 144 -11.07 -6.02 -15.98
N GLY B 145 -10.83 -7.18 -16.58
CA GLY B 145 -9.92 -8.17 -15.92
C GLY B 145 -8.50 -7.97 -16.53
N PRO B 146 -7.51 -8.43 -15.79
CA PRO B 146 -6.12 -8.42 -16.24
C PRO B 146 -6.03 -9.42 -17.41
N TYR B 147 -4.93 -9.44 -18.08
CA TYR B 147 -4.75 -10.39 -19.19
C TYR B 147 -3.31 -10.64 -19.55
N PRO B 148 -3.09 -11.88 -19.96
CA PRO B 148 -1.75 -12.36 -20.38
C PRO B 148 -1.40 -11.80 -21.74
N TRP B 149 -0.12 -11.61 -22.00
CA TRP B 149 0.32 -11.04 -23.31
C TRP B 149 1.73 -11.56 -23.56
N ARG B 150 2.06 -11.72 -24.82
CA ARG B 150 3.36 -12.28 -25.20
C ARG B 150 4.47 -11.22 -25.21
N ASN B 151 5.06 -10.96 -24.08
CA ASN B 151 6.17 -10.03 -23.81
C ASN B 151 7.22 -11.01 -23.21
N GLY B 152 7.35 -11.00 -21.94
CA GLY B 152 8.24 -12.00 -21.26
C GLY B 152 7.24 -13.27 -21.19
N PRO B 153 7.80 -14.33 -20.66
CA PRO B 153 7.08 -15.61 -20.54
C PRO B 153 5.95 -15.59 -19.53
N ASN B 154 5.89 -14.63 -18.61
CA ASN B 154 4.75 -14.64 -17.64
C ASN B 154 4.31 -13.23 -17.36
N ASP B 155 4.03 -12.45 -18.40
CA ASP B 155 3.59 -11.06 -18.25
C ASP B 155 2.07 -10.92 -18.28
N TRP B 156 1.56 -10.09 -17.40
CA TRP B 156 0.11 -9.84 -17.32
C TRP B 156 -0.14 -8.33 -17.22
N ARG B 157 -0.97 -7.78 -18.10
CA ARG B 157 -1.28 -6.34 -17.89
C ARG B 157 -2.22 -6.26 -16.65
N PRO B 158 -2.03 -5.22 -15.88
CA PRO B 158 -2.96 -4.95 -14.75
C PRO B 158 -4.32 -4.57 -15.43
N ALA B 159 -5.38 -4.74 -14.67
CA ALA B 159 -6.72 -4.32 -15.17
C ALA B 159 -6.53 -2.81 -15.53
N HIS B 160 -7.05 -2.45 -16.71
CA HIS B 160 -6.97 -1.08 -17.21
C HIS B 160 -8.04 -0.77 -18.26
N ILE B 161 -8.28 0.53 -18.37
CA ILE B 161 -9.18 1.09 -19.37
C ILE B 161 -8.34 2.01 -20.28
N HIS B 162 -8.45 1.83 -21.59
CA HIS B 162 -7.74 2.71 -22.54
C HIS B 162 -8.49 4.03 -22.71
N PHE B 163 -7.75 5.15 -22.75
CA PHE B 163 -8.42 6.47 -22.90
C PHE B 163 -7.77 7.31 -24.02
N GLY B 164 -8.57 8.11 -24.63
CA GLY B 164 -8.18 9.05 -25.71
C GLY B 164 -8.90 10.38 -25.38
N ILE B 165 -8.13 11.47 -25.31
CA ILE B 165 -8.70 12.79 -25.00
C ILE B 165 -8.25 13.79 -26.08
N SER B 166 -9.21 14.57 -26.61
CA SER B 166 -8.83 15.47 -27.73
C SER B 166 -8.23 16.79 -27.26
N GLY B 167 -8.88 17.51 -26.38
CA GLY B 167 -8.38 18.81 -25.88
C GLY B 167 -8.63 19.86 -26.98
N PRO B 168 -8.16 21.08 -26.70
CA PRO B 168 -8.30 22.22 -27.60
C PRO B 168 -7.52 22.18 -28.87
N SER B 169 -6.49 21.35 -28.97
CA SER B 169 -5.73 21.29 -30.21
C SER B 169 -5.01 19.97 -30.40
N ILE B 170 -4.47 19.74 -31.59
CA ILE B 170 -3.70 18.51 -31.86
C ILE B 170 -2.45 18.44 -30.98
N ALA B 171 -2.06 19.63 -30.45
CA ALA B 171 -0.91 19.72 -29.54
C ALA B 171 -1.22 19.12 -28.16
N THR B 172 -2.48 19.14 -27.77
CA THR B 172 -2.96 18.61 -26.53
C THR B 172 -3.44 17.14 -26.63
N LYS B 173 -3.70 16.66 -27.83
CA LYS B 173 -4.27 15.25 -27.92
C LYS B 173 -3.40 14.26 -27.21
N LEU B 174 -4.07 13.34 -26.47
CA LEU B 174 -3.36 12.33 -25.69
C LEU B 174 -4.09 10.96 -25.63
N ILE B 175 -3.27 9.94 -25.64
CA ILE B 175 -3.76 8.53 -25.44
C ILE B 175 -3.01 8.01 -24.21
N THR B 176 -3.76 7.45 -23.26
CA THR B 176 -3.15 6.91 -22.04
C THR B 176 -4.00 5.67 -21.54
N GLN B 177 -3.73 5.25 -20.32
CA GLN B 177 -4.40 4.12 -19.70
C GLN B 177 -4.65 4.43 -18.21
N LEU B 178 -5.79 4.00 -17.75
CA LEU B 178 -6.26 4.11 -16.38
C LEU B 178 -5.98 2.74 -15.73
N TYR B 179 -5.44 2.78 -14.55
CA TYR B 179 -5.15 1.63 -13.70
C TYR B 179 -5.98 1.79 -12.42
N PHE B 180 -6.23 0.71 -11.73
CA PHE B 180 -7.11 0.76 -10.52
C PHE B 180 -6.31 0.69 -9.26
N GLU B 181 -6.67 1.52 -8.31
CA GLU B 181 -6.02 1.61 -6.99
C GLU B 181 -5.80 0.27 -6.32
N GLY B 182 -4.60 0.01 -5.84
CA GLY B 182 -4.19 -1.16 -5.12
C GLY B 182 -3.84 -2.38 -5.92
N ASP B 183 -4.04 -2.42 -7.21
CA ASP B 183 -3.73 -3.62 -8.06
C ASP B 183 -2.24 -3.97 -8.01
N PRO B 184 -1.95 -5.16 -7.46
CA PRO B 184 -0.58 -5.62 -7.33
C PRO B 184 0.13 -5.88 -8.61
N LEU B 185 -0.54 -5.91 -9.77
CA LEU B 185 0.15 -6.14 -11.04
C LEU B 185 0.82 -4.83 -11.59
N ILE B 186 0.41 -3.71 -11.06
CA ILE B 186 0.91 -2.41 -11.51
C ILE B 186 2.41 -2.25 -11.56
N PRO B 187 3.08 -2.49 -10.44
CA PRO B 187 4.55 -2.34 -10.36
C PRO B 187 5.31 -3.42 -11.08
N MET B 188 4.64 -4.38 -11.69
CA MET B 188 5.36 -5.44 -12.40
C MET B 188 5.23 -5.29 -13.92
N CYS B 189 4.38 -4.40 -14.38
CA CYS B 189 4.14 -4.24 -15.80
C CYS B 189 5.20 -3.40 -16.54
N PRO B 190 5.80 -4.05 -17.56
CA PRO B 190 6.80 -3.39 -18.41
C PRO B 190 6.23 -2.16 -19.06
N ILE B 191 4.93 -2.13 -19.36
CA ILE B 191 4.32 -0.93 -19.99
C ILE B 191 4.22 0.21 -18.99
N VAL B 192 3.76 -0.17 -17.78
CA VAL B 192 3.70 0.91 -16.72
C VAL B 192 5.13 1.51 -16.56
N LYS B 193 6.08 0.64 -16.37
CA LYS B 193 7.47 0.89 -16.19
C LYS B 193 8.12 1.63 -17.34
N SER B 194 7.40 1.81 -18.43
CA SER B 194 7.98 2.59 -19.54
C SER B 194 8.12 4.03 -18.97
N ILE B 195 7.41 4.27 -17.89
CA ILE B 195 7.38 5.55 -17.19
C ILE B 195 8.50 5.54 -16.13
N ALA B 196 9.50 6.36 -16.26
CA ALA B 196 10.62 6.37 -15.31
C ALA B 196 10.32 6.97 -13.95
N ASN B 197 9.57 8.03 -13.82
CA ASN B 197 9.25 8.63 -12.51
C ASN B 197 7.96 7.99 -11.92
N PRO B 198 8.13 7.40 -10.77
CA PRO B 198 7.04 6.73 -10.05
C PRO B 198 5.89 7.69 -9.79
N GLU B 199 6.34 8.95 -9.64
CA GLU B 199 5.35 10.02 -9.38
C GLU B 199 4.46 10.15 -10.57
N ALA B 200 4.94 9.97 -11.79
CA ALA B 200 4.15 10.04 -13.02
C ALA B 200 3.20 8.80 -13.05
N VAL B 201 3.68 7.69 -12.55
CA VAL B 201 2.86 6.47 -12.46
C VAL B 201 1.61 6.70 -11.62
N GLN B 202 1.75 7.45 -10.52
CA GLN B 202 0.68 7.74 -9.61
C GLN B 202 -0.50 8.42 -10.29
N GLN B 203 -0.19 9.28 -11.24
CA GLN B 203 -1.16 10.01 -12.04
C GLN B 203 -2.11 9.11 -12.85
N LEU B 204 -1.75 7.88 -13.14
CA LEU B 204 -2.60 6.97 -13.92
C LEU B 204 -3.47 6.06 -13.05
N ILE B 205 -3.43 6.21 -11.75
CA ILE B 205 -4.21 5.33 -10.85
C ILE B 205 -5.52 5.98 -10.39
N ALA B 206 -6.59 5.35 -10.81
CA ALA B 206 -7.97 5.84 -10.47
C ALA B 206 -8.21 5.42 -9.02
N LYS B 207 -8.80 6.33 -8.27
CA LYS B 207 -9.08 6.10 -6.84
C LYS B 207 -10.56 5.69 -6.62
N LEU B 208 -10.67 4.79 -5.67
CA LEU B 208 -12.05 4.32 -5.27
C LEU B 208 -12.78 5.57 -4.80
N ASP B 209 -14.01 5.73 -5.28
CA ASP B 209 -14.78 6.94 -4.92
C ASP B 209 -16.14 6.56 -4.33
N MET B 210 -16.16 6.29 -3.03
CA MET B 210 -17.38 5.89 -2.34
C MET B 210 -18.45 6.96 -2.39
N ASN B 211 -18.01 8.23 -2.46
CA ASN B 211 -18.96 9.34 -2.48
C ASN B 211 -19.84 9.38 -3.74
N ASN B 212 -19.32 8.90 -4.85
CA ASN B 212 -20.03 8.90 -6.12
C ASN B 212 -20.77 7.58 -6.41
N ALA B 213 -20.58 6.61 -5.56
CA ALA B 213 -21.20 5.30 -5.76
C ALA B 213 -22.71 5.40 -5.53
N ASN B 214 -23.42 4.44 -6.12
CA ASN B 214 -24.88 4.24 -6.02
C ASN B 214 -25.03 2.97 -5.10
N PRO B 215 -25.43 3.25 -3.86
CA PRO B 215 -25.62 2.21 -2.86
C PRO B 215 -26.50 1.08 -3.39
N MET B 216 -26.14 -0.12 -3.08
CA MET B 216 -26.84 -1.32 -3.51
C MET B 216 -26.85 -1.39 -5.05
N ASP B 217 -25.90 -0.72 -5.69
CA ASP B 217 -25.94 -0.77 -7.18
C ASP B 217 -24.62 -0.93 -7.84
N CYS B 218 -23.78 0.14 -7.72
CA CYS B 218 -22.43 0.12 -8.33
C CYS B 218 -21.46 1.04 -7.55
N LEU B 219 -20.21 0.65 -7.67
CA LEU B 219 -19.08 1.41 -7.08
C LEU B 219 -18.70 2.49 -8.11
N ALA B 220 -17.73 3.31 -7.72
CA ALA B 220 -17.20 4.41 -8.51
C ALA B 220 -15.70 4.65 -8.24
N TYR B 221 -15.08 5.06 -9.35
CA TYR B 221 -13.66 5.41 -9.42
C TYR B 221 -13.56 6.83 -9.98
N ARG B 222 -12.51 7.51 -9.51
CA ARG B 222 -12.30 8.92 -9.96
C ARG B 222 -10.96 8.96 -10.69
N PHE B 223 -10.98 9.59 -11.83
CA PHE B 223 -9.75 9.73 -12.66
C PHE B 223 -9.72 11.09 -13.33
N ASP B 224 -8.90 12.01 -12.81
CA ASP B 224 -8.78 13.37 -13.41
C ASP B 224 -7.66 13.35 -14.43
N ILE B 225 -7.81 14.14 -15.49
CA ILE B 225 -6.84 14.19 -16.58
C ILE B 225 -6.33 15.66 -16.72
N VAL B 226 -5.04 15.73 -16.89
CA VAL B 226 -4.35 17.04 -17.04
C VAL B 226 -3.72 17.09 -18.44
N LEU B 227 -4.21 18.07 -19.22
CA LEU B 227 -3.71 18.32 -20.58
C LEU B 227 -2.75 19.59 -20.50
N ARG B 228 -1.95 19.69 -21.56
CA ARG B 228 -0.96 20.82 -21.61
C ARG B 228 -1.59 22.15 -21.31
N GLY B 229 -0.90 22.94 -20.52
CA GLY B 229 -1.35 24.32 -20.12
C GLY B 229 -1.48 25.19 -21.38
N GLN B 230 -2.56 25.95 -21.41
CA GLN B 230 -2.87 26.85 -22.54
C GLN B 230 -2.71 28.32 -22.13
N ARG B 231 -1.89 29.04 -22.92
CA ARG B 231 -1.72 30.48 -22.58
C ARG B 231 -1.89 31.33 -23.82
N LYS B 232 -2.07 32.63 -23.52
CA LYS B 232 -2.19 33.61 -24.63
C LYS B 232 -0.74 33.92 -25.08
N THR B 233 -0.60 34.26 -26.33
CA THR B 233 0.67 34.65 -26.92
C THR B 233 0.97 36.04 -26.32
N HIS B 234 2.26 36.31 -26.16
CA HIS B 234 2.65 37.63 -25.60
C HIS B 234 4.04 38.00 -26.11
N PHE B 235 4.11 39.28 -26.44
CA PHE B 235 5.34 39.91 -26.94
C PHE B 235 5.91 39.14 -28.12
N GLU B 236 5.06 38.54 -28.95
CA GLU B 236 5.61 37.76 -30.08
C GLU B 236 5.91 38.60 -31.31
N PRO C 1 2.96 -9.50 -2.99
CA PRO C 1 2.99 -10.77 -3.72
C PRO C 1 4.06 -11.68 -3.05
N ILE C 2 4.07 -12.94 -3.45
CA ILE C 2 4.99 -13.94 -2.93
C ILE C 2 6.33 -13.89 -3.69
N GLU C 3 7.41 -13.86 -2.94
CA GLU C 3 8.75 -13.89 -3.62
C GLU C 3 9.52 -15.07 -3.09
N LEU C 4 10.16 -15.85 -3.94
CA LEU C 4 10.98 -17.02 -3.56
C LEU C 4 12.43 -16.57 -3.36
N LEU C 5 13.37 -17.49 -3.09
CA LEU C 5 14.79 -16.99 -3.02
C LEU C 5 15.10 -16.62 -4.50
N PRO C 6 15.96 -15.63 -4.67
CA PRO C 6 16.34 -15.19 -6.02
C PRO C 6 17.39 -16.20 -6.55
N GLU C 7 17.36 -16.35 -7.83
CA GLU C 7 18.30 -17.28 -8.50
C GLU C 7 19.69 -16.60 -8.53
N THR C 8 20.70 -17.41 -8.37
CA THR C 8 22.10 -16.92 -8.45
C THR C 8 22.24 -16.27 -9.84
N PRO C 9 22.76 -15.04 -9.81
CA PRO C 9 22.96 -14.30 -11.08
C PRO C 9 24.03 -14.90 -11.97
N SER C 10 23.79 -14.84 -13.29
CA SER C 10 24.76 -15.32 -14.29
C SER C 10 25.96 -14.29 -14.40
N GLN C 11 27.05 -14.82 -14.96
CA GLN C 11 28.26 -14.00 -15.24
C GLN C 11 28.82 -14.63 -16.53
N THR C 12 29.59 -13.91 -17.28
CA THR C 12 30.16 -14.41 -18.53
C THR C 12 31.08 -15.58 -18.23
N ALA C 13 31.15 -16.52 -19.17
CA ALA C 13 32.06 -17.66 -19.09
C ALA C 13 33.52 -17.17 -19.19
N GLY C 14 33.73 -16.04 -19.86
CA GLY C 14 35.13 -15.53 -20.00
C GLY C 14 35.85 -16.30 -21.15
N PRO C 15 37.01 -15.77 -21.56
CA PRO C 15 37.81 -16.32 -22.63
C PRO C 15 38.51 -17.64 -22.38
N TYR C 16 38.66 -18.05 -21.13
CA TYR C 16 39.34 -19.28 -20.76
C TYR C 16 38.39 -20.41 -20.36
N VAL C 17 37.14 -20.33 -20.79
CA VAL C 17 36.14 -21.34 -20.47
C VAL C 17 36.59 -22.75 -20.82
N HIS C 18 37.37 -22.86 -21.87
CA HIS C 18 37.89 -24.13 -22.41
C HIS C 18 38.70 -24.91 -21.39
N ILE C 19 39.33 -24.17 -20.47
CA ILE C 19 40.11 -24.90 -19.46
C ILE C 19 39.19 -25.73 -18.56
N GLY C 20 37.96 -25.26 -18.37
CA GLY C 20 37.02 -25.98 -17.50
C GLY C 20 36.11 -26.95 -18.20
N LEU C 21 35.65 -26.59 -19.37
CA LEU C 21 34.69 -27.34 -20.16
C LEU C 21 35.11 -27.84 -21.52
N ALA C 22 36.35 -27.60 -21.91
CA ALA C 22 36.81 -28.04 -23.24
C ALA C 22 38.33 -28.19 -23.20
N LEU C 23 38.75 -29.12 -22.34
CA LEU C 23 40.13 -29.43 -22.07
C LEU C 23 41.05 -29.51 -23.28
N GLU C 24 40.73 -30.42 -24.18
CA GLU C 24 41.47 -30.63 -25.44
C GLU C 24 41.64 -29.25 -26.11
N ALA C 25 40.54 -28.56 -26.32
CA ALA C 25 40.56 -27.23 -26.97
C ALA C 25 41.46 -26.24 -26.26
N ALA C 26 41.44 -26.25 -24.93
CA ALA C 26 42.31 -25.31 -24.17
C ALA C 26 43.77 -25.76 -24.43
N GLY C 27 43.89 -26.93 -25.04
CA GLY C 27 45.17 -27.57 -25.33
C GLY C 27 45.81 -28.09 -24.03
N ASN C 28 44.96 -28.67 -23.18
CA ASN C 28 45.43 -29.23 -21.90
C ASN C 28 45.08 -30.73 -21.87
N PRO C 29 45.77 -31.44 -20.99
CA PRO C 29 45.52 -32.89 -20.82
C PRO C 29 44.07 -33.11 -20.38
N THR C 30 43.48 -34.14 -20.95
CA THR C 30 42.06 -34.48 -20.61
C THR C 30 42.05 -35.52 -19.52
N ARG C 31 40.87 -35.73 -18.97
CA ARG C 31 40.60 -36.73 -17.92
C ARG C 31 40.07 -38.00 -18.64
N ASP C 32 39.89 -39.06 -17.88
CA ASP C 32 39.39 -40.33 -18.40
C ASP C 32 38.11 -40.15 -19.24
N GLN C 33 37.16 -39.45 -18.62
CA GLN C 33 35.86 -39.18 -19.21
C GLN C 33 35.57 -37.70 -19.36
N GLU C 34 35.30 -37.32 -20.59
CA GLU C 34 34.98 -35.94 -20.95
C GLU C 34 33.64 -35.89 -21.72
N ILE C 35 32.93 -34.80 -21.57
CA ILE C 35 31.65 -34.58 -22.29
C ILE C 35 32.04 -33.81 -23.55
N TRP C 36 31.90 -34.42 -24.73
CA TRP C 36 32.36 -33.75 -25.97
C TRP C 36 31.43 -33.72 -27.11
N ASN C 37 31.88 -33.60 -28.36
CA ASN C 37 31.02 -33.43 -29.52
C ASN C 37 30.48 -34.62 -30.28
N ARG C 38 30.61 -35.81 -29.74
CA ARG C 38 30.14 -37.03 -30.41
C ARG C 38 28.94 -37.60 -29.67
N LEU C 39 27.75 -37.30 -30.12
CA LEU C 39 26.53 -37.77 -29.46
C LEU C 39 26.21 -39.24 -29.78
N ALA C 40 26.54 -39.60 -31.01
CA ALA C 40 26.21 -40.95 -31.47
C ALA C 40 27.43 -41.77 -31.87
N LYS C 41 27.37 -43.01 -31.43
CA LYS C 41 28.45 -44.00 -31.82
C LYS C 41 27.96 -44.48 -33.21
N PRO C 42 28.90 -44.85 -34.04
CA PRO C 42 28.62 -45.29 -35.41
C PRO C 42 27.47 -46.26 -35.54
N ASP C 43 27.23 -47.02 -34.50
CA ASP C 43 26.16 -48.03 -34.51
C ASP C 43 24.85 -47.58 -33.93
N ALA C 44 24.68 -46.26 -33.75
CA ALA C 44 23.43 -45.72 -33.22
C ALA C 44 22.41 -45.67 -34.36
N PRO C 45 21.18 -46.06 -34.03
CA PRO C 45 20.08 -46.03 -35.00
C PRO C 45 19.81 -44.56 -35.37
N GLY C 46 19.34 -44.36 -36.58
CA GLY C 46 18.97 -43.06 -37.10
C GLY C 46 19.89 -42.63 -38.23
N GLU C 47 19.55 -41.48 -38.79
CA GLU C 47 20.28 -40.87 -39.88
C GLU C 47 21.47 -40.07 -39.33
N HIS C 48 22.65 -40.61 -39.51
CA HIS C 48 23.89 -39.97 -39.03
C HIS C 48 24.22 -38.70 -39.81
N ILE C 49 24.47 -37.61 -39.09
CA ILE C 49 24.76 -36.33 -39.75
C ILE C 49 25.89 -35.58 -39.06
N LEU C 50 26.46 -34.65 -39.80
CA LEU C 50 27.51 -33.79 -39.25
C LEU C 50 26.88 -32.38 -39.17
N LEU C 51 27.11 -31.73 -38.06
CA LEU C 51 26.60 -30.35 -37.87
C LEU C 51 27.87 -29.47 -37.75
N LEU C 52 27.79 -28.34 -38.38
CA LEU C 52 28.91 -27.36 -38.36
C LEU C 52 28.39 -25.95 -38.56
N GLY C 53 29.12 -24.99 -37.98
CA GLY C 53 28.78 -23.59 -38.07
C GLY C 53 29.88 -22.66 -37.51
N GLN C 54 29.59 -21.39 -37.77
CA GLN C 54 30.44 -20.27 -37.36
C GLN C 54 29.56 -19.31 -36.56
N VAL C 55 30.19 -18.53 -35.71
CA VAL C 55 29.45 -17.54 -34.90
C VAL C 55 30.02 -16.15 -35.22
N TYR C 56 29.12 -15.24 -35.53
CA TYR C 56 29.43 -13.87 -35.85
C TYR C 56 28.91 -12.83 -34.84
N ASP C 57 29.76 -11.85 -34.60
CA ASP C 57 29.42 -10.70 -33.73
C ASP C 57 28.72 -9.64 -34.64
N GLY C 58 28.31 -8.55 -34.02
CA GLY C 58 27.65 -7.43 -34.63
C GLY C 58 28.47 -6.69 -35.72
N ASN C 59 29.77 -6.88 -35.77
CA ASN C 59 30.62 -6.26 -36.80
C ASN C 59 30.86 -7.22 -37.95
N GLY C 60 30.22 -8.37 -37.90
CA GLY C 60 30.34 -9.40 -38.90
C GLY C 60 31.66 -10.14 -38.73
N HIS C 61 32.26 -10.09 -37.57
CA HIS C 61 33.55 -10.79 -37.34
C HIS C 61 33.26 -12.11 -36.59
N LEU C 62 34.11 -13.09 -36.82
CA LEU C 62 34.03 -14.40 -36.19
C LEU C 62 34.28 -14.33 -34.65
N VAL C 63 33.48 -15.10 -33.97
CA VAL C 63 33.60 -15.24 -32.49
C VAL C 63 34.37 -16.57 -32.34
N ARG C 64 35.66 -16.42 -32.05
CA ARG C 64 36.55 -17.56 -31.96
C ARG C 64 36.65 -18.26 -30.64
N ASP C 65 36.11 -17.68 -29.61
CA ASP C 65 36.16 -18.28 -28.26
C ASP C 65 34.81 -18.75 -27.73
N SER C 66 33.88 -19.10 -28.62
CA SER C 66 32.56 -19.55 -28.15
C SER C 66 32.54 -21.01 -27.67
N PHE C 67 31.56 -21.28 -26.86
CA PHE C 67 31.30 -22.61 -26.24
C PHE C 67 29.77 -22.84 -26.40
N LEU C 68 29.43 -24.00 -26.94
CA LEU C 68 28.02 -24.37 -27.20
C LEU C 68 27.71 -25.71 -26.49
N GLU C 69 26.48 -25.81 -26.04
CA GLU C 69 25.95 -27.02 -25.40
C GLU C 69 24.70 -27.39 -26.17
N VAL C 70 24.51 -28.66 -26.47
CA VAL C 70 23.32 -29.09 -27.24
C VAL C 70 22.49 -30.13 -26.50
N TRP C 71 21.20 -30.11 -26.78
CA TRP C 71 20.22 -31.07 -26.20
C TRP C 71 19.21 -31.43 -27.30
N GLN C 72 19.11 -32.73 -27.56
CA GLN C 72 18.21 -33.26 -28.57
C GLN C 72 17.72 -34.69 -28.27
N ALA C 73 16.60 -34.98 -28.91
CA ALA C 73 15.97 -36.33 -28.79
C ALA C 73 16.71 -37.27 -29.75
N ASP C 74 16.58 -38.56 -29.49
CA ASP C 74 17.20 -39.58 -30.41
C ASP C 74 16.25 -39.61 -31.64
N ALA C 75 16.64 -40.51 -32.54
CA ALA C 75 15.90 -40.75 -33.78
C ALA C 75 14.44 -41.15 -33.52
N ASN C 76 14.14 -41.70 -32.36
CA ASN C 76 12.74 -42.09 -32.08
C ASN C 76 11.96 -40.99 -31.36
N GLY C 77 12.51 -39.80 -31.31
CA GLY C 77 11.87 -38.67 -30.65
C GLY C 77 11.93 -38.81 -29.12
N GLU C 78 12.92 -39.53 -28.58
CA GLU C 78 13.13 -39.67 -27.16
C GLU C 78 14.39 -39.03 -26.56
N TYR C 79 14.15 -38.34 -25.44
CA TYR C 79 15.24 -37.70 -24.69
C TYR C 79 15.91 -38.72 -23.76
N GLN C 80 17.17 -38.95 -24.01
CA GLN C 80 18.02 -39.86 -23.25
C GLN C 80 18.81 -39.08 -22.19
N ASP C 81 18.26 -38.98 -21.01
CA ASP C 81 18.85 -38.21 -19.92
C ASP C 81 19.96 -38.86 -19.16
N ALA C 82 20.08 -40.17 -19.15
CA ALA C 82 21.16 -40.83 -18.42
C ALA C 82 22.42 -40.82 -19.29
N TYR C 83 23.26 -39.80 -19.01
CA TYR C 83 24.52 -39.63 -19.70
C TYR C 83 25.54 -40.72 -19.35
N ASN C 84 26.06 -41.35 -20.39
CA ASN C 84 27.07 -42.43 -20.23
C ASN C 84 27.83 -42.62 -21.54
N LEU C 85 29.15 -42.67 -21.39
CA LEU C 85 30.09 -42.82 -22.52
C LEU C 85 29.89 -44.17 -23.22
N GLU C 86 29.32 -45.10 -22.48
CA GLU C 86 29.01 -46.44 -23.03
C GLU C 86 27.81 -46.40 -23.96
N ASN C 87 26.88 -45.48 -23.77
CA ASN C 87 25.69 -45.40 -24.61
C ASN C 87 26.09 -45.26 -26.09
N ALA C 88 25.18 -45.73 -26.93
CA ALA C 88 25.37 -45.65 -28.38
C ALA C 88 24.92 -44.25 -28.87
N PHE C 89 24.11 -43.62 -28.05
CA PHE C 89 23.56 -42.30 -28.28
C PHE C 89 23.31 -41.57 -26.93
N ASN C 90 23.76 -40.31 -26.94
CA ASN C 90 23.57 -39.41 -25.77
C ASN C 90 22.82 -38.18 -26.31
N SER C 91 21.83 -37.71 -25.59
CA SER C 91 21.06 -36.52 -26.02
C SER C 91 21.81 -35.17 -25.76
N PHE C 92 22.83 -35.21 -24.96
CA PHE C 92 23.65 -34.05 -24.57
C PHE C 92 25.05 -34.08 -25.12
N GLY C 93 25.55 -32.90 -25.47
CA GLY C 93 26.91 -32.75 -25.99
C GLY C 93 27.40 -31.30 -25.83
N ARG C 94 28.67 -31.21 -26.11
CA ARG C 94 29.45 -29.96 -26.07
C ARG C 94 30.40 -29.85 -27.25
N THR C 95 30.59 -28.57 -27.60
CA THR C 95 31.47 -28.16 -28.70
C THR C 95 32.00 -26.73 -28.48
N ALA C 96 32.90 -26.32 -29.33
CA ALA C 96 33.50 -24.98 -29.25
C ALA C 96 34.06 -24.58 -30.63
N THR C 97 34.29 -23.26 -30.77
CA THR C 97 34.88 -22.77 -32.01
C THR C 97 36.41 -22.73 -31.94
N THR C 98 36.96 -23.11 -33.11
CA THR C 98 38.41 -23.13 -33.37
C THR C 98 38.96 -21.69 -33.26
N PHE C 99 40.01 -21.55 -32.48
CA PHE C 99 40.64 -20.23 -32.25
C PHE C 99 41.18 -19.79 -33.61
N ASP C 100 41.31 -20.75 -34.49
CA ASP C 100 41.82 -20.49 -35.85
C ASP C 100 40.68 -20.15 -36.81
N ALA C 101 40.08 -21.16 -37.40
CA ALA C 101 38.99 -21.05 -38.37
C ALA C 101 37.67 -20.54 -37.77
N GLY C 102 37.50 -20.79 -36.48
CA GLY C 102 36.32 -20.39 -35.75
C GLY C 102 35.09 -21.21 -36.12
N GLU C 103 35.32 -22.48 -36.42
CA GLU C 103 34.20 -23.36 -36.79
C GLU C 103 34.03 -24.46 -35.75
N TRP C 104 32.79 -24.78 -35.43
CA TRP C 104 32.45 -25.85 -34.48
C TRP C 104 31.83 -27.03 -35.26
N THR C 105 31.98 -28.21 -34.73
CA THR C 105 31.37 -29.40 -35.32
C THR C 105 30.79 -30.28 -34.22
N LEU C 106 29.83 -31.08 -34.68
CA LEU C 106 29.12 -32.03 -33.82
C LEU C 106 28.73 -33.29 -34.63
N HIS C 107 28.86 -34.43 -34.04
CA HIS C 107 28.51 -35.71 -34.74
C HIS C 107 27.29 -36.28 -34.04
N THR C 108 26.17 -36.36 -34.75
CA THR C 108 24.91 -36.85 -34.15
C THR C 108 24.00 -37.55 -35.15
N VAL C 109 22.71 -37.61 -34.81
CA VAL C 109 21.67 -38.20 -35.67
C VAL C 109 20.53 -37.18 -35.77
N LYS C 110 19.82 -37.19 -36.86
CA LYS C 110 18.65 -36.28 -36.99
C LYS C 110 17.61 -36.75 -35.94
N PRO C 111 17.23 -35.78 -35.12
CA PRO C 111 16.27 -36.05 -34.04
C PRO C 111 14.88 -36.38 -34.57
N GLY C 112 14.16 -37.23 -33.81
CA GLY C 112 12.77 -37.57 -34.16
C GLY C 112 11.84 -36.51 -33.52
N VAL C 113 10.58 -36.55 -33.87
CA VAL C 113 9.56 -35.63 -33.38
C VAL C 113 9.13 -35.80 -31.94
N VAL C 114 8.90 -34.65 -31.29
CA VAL C 114 8.43 -34.57 -29.90
C VAL C 114 7.23 -33.59 -29.93
N ASN C 115 6.28 -33.87 -29.08
CA ASN C 115 5.07 -33.02 -28.97
C ASN C 115 5.32 -31.97 -27.84
N ASN C 116 4.61 -30.90 -28.00
CA ASN C 116 4.65 -29.79 -27.03
C ASN C 116 3.70 -30.21 -25.88
N ALA C 117 3.60 -29.30 -24.92
CA ALA C 117 2.74 -29.56 -23.76
C ALA C 117 1.29 -29.75 -24.17
N ALA C 118 0.80 -29.05 -25.17
CA ALA C 118 -0.58 -29.24 -25.64
C ALA C 118 -0.73 -30.46 -26.55
N GLY C 119 0.23 -31.33 -26.67
CA GLY C 119 0.14 -32.51 -27.53
C GLY C 119 0.36 -32.24 -29.00
N VAL C 120 0.79 -31.04 -29.38
CA VAL C 120 1.09 -30.74 -30.80
C VAL C 120 2.58 -31.09 -31.08
N PRO C 121 2.82 -31.80 -32.17
CA PRO C 121 4.20 -32.18 -32.56
C PRO C 121 4.98 -30.93 -32.99
N MET C 122 6.26 -30.96 -32.65
CA MET C 122 7.22 -29.86 -33.00
C MET C 122 8.13 -30.44 -34.09
N ALA C 123 8.57 -29.60 -35.00
CA ALA C 123 9.47 -30.08 -36.08
C ALA C 123 10.76 -30.58 -35.42
N PRO C 124 11.43 -31.51 -36.05
CA PRO C 124 12.72 -32.03 -35.50
C PRO C 124 13.60 -30.76 -35.26
N HIS C 125 14.12 -30.71 -34.05
CA HIS C 125 15.01 -29.55 -33.70
C HIS C 125 16.04 -29.98 -32.66
N ILE C 126 17.13 -29.19 -32.63
CA ILE C 126 18.22 -29.35 -31.67
C ILE C 126 18.21 -28.08 -30.78
N ASN C 127 18.27 -28.24 -29.48
CA ASN C 127 18.25 -27.06 -28.54
C ASN C 127 19.71 -26.63 -28.34
N ILE C 128 19.96 -25.35 -28.53
CA ILE C 128 21.35 -24.87 -28.38
C ILE C 128 21.45 -23.76 -27.34
N SER C 129 22.54 -23.77 -26.60
CA SER C 129 22.87 -22.73 -25.60
C SER C 129 24.28 -22.18 -25.95
N LEU C 130 24.39 -20.89 -26.07
CA LEU C 130 25.72 -20.29 -26.44
C LEU C 130 26.31 -19.41 -25.32
N PHE C 131 27.57 -19.65 -25.06
CA PHE C 131 28.34 -18.98 -24.02
C PHE C 131 29.63 -18.44 -24.66
N ALA C 132 30.08 -17.33 -24.09
CA ALA C 132 31.33 -16.71 -24.55
C ALA C 132 31.63 -15.42 -23.75
N ARG C 133 32.90 -15.08 -23.93
CA ARG C 133 33.37 -13.78 -23.30
C ARG C 133 32.50 -12.71 -24.03
N GLY C 134 32.00 -11.78 -23.25
CA GLY C 134 31.15 -10.71 -23.76
C GLY C 134 29.68 -11.05 -23.65
N ILE C 135 29.33 -12.27 -23.34
CA ILE C 135 27.92 -12.74 -23.19
C ILE C 135 27.70 -12.89 -21.68
N ASN C 136 26.89 -12.03 -21.12
CA ASN C 136 26.66 -11.99 -19.65
C ASN C 136 25.77 -13.19 -19.22
N ILE C 137 24.80 -13.46 -20.07
CA ILE C 137 23.89 -14.65 -19.78
C ILE C 137 23.77 -15.38 -21.14
N HIS C 138 23.91 -16.69 -21.09
CA HIS C 138 23.90 -17.57 -22.27
C HIS C 138 22.64 -17.36 -23.11
N LEU C 139 22.83 -17.50 -24.39
CA LEU C 139 21.78 -17.30 -25.39
C LEU C 139 21.20 -18.69 -25.81
N HIS C 140 19.87 -18.71 -25.72
CA HIS C 140 19.18 -19.98 -26.14
C HIS C 140 18.66 -19.84 -27.60
N THR C 141 18.78 -20.97 -28.33
CA THR C 141 18.28 -21.09 -29.68
C THR C 141 17.90 -22.52 -30.09
N ARG C 142 17.30 -22.63 -31.26
CA ARG C 142 16.96 -23.89 -31.87
C ARG C 142 17.47 -24.00 -33.31
N LEU C 143 17.90 -25.23 -33.63
CA LEU C 143 18.33 -25.50 -35.03
C LEU C 143 17.24 -26.44 -35.63
N TYR C 144 16.73 -26.03 -36.74
CA TYR C 144 15.75 -26.77 -37.54
C TYR C 144 16.47 -27.08 -38.90
N PHE C 145 15.90 -28.02 -39.60
CA PHE C 145 16.42 -28.55 -40.87
C PHE C 145 15.63 -28.09 -42.09
N ASP C 146 16.33 -27.63 -43.10
CA ASP C 146 15.66 -27.14 -44.31
C ASP C 146 14.95 -28.30 -45.03
N ASP C 147 15.32 -29.52 -44.80
CA ASP C 147 14.66 -30.63 -45.52
C ASP C 147 13.36 -31.07 -44.84
N GLU C 148 12.91 -30.32 -43.85
CA GLU C 148 11.67 -30.66 -43.15
C GLU C 148 10.67 -29.52 -43.29
N ALA C 149 10.60 -28.94 -44.47
CA ALA C 149 9.71 -27.82 -44.74
C ALA C 149 8.31 -28.08 -44.21
N GLN C 150 7.77 -29.22 -44.57
CA GLN C 150 6.43 -29.62 -44.18
C GLN C 150 6.22 -29.44 -42.68
N ALA C 151 7.03 -30.10 -41.91
CA ALA C 151 6.93 -30.04 -40.44
C ALA C 151 7.19 -28.68 -39.84
N ASN C 152 8.16 -27.98 -40.46
CA ASN C 152 8.54 -26.66 -39.98
C ASN C 152 7.34 -25.72 -40.15
N ALA C 153 6.68 -25.90 -41.27
CA ALA C 153 5.54 -25.00 -41.60
C ALA C 153 4.48 -25.06 -40.53
N LYS C 154 4.45 -26.18 -39.85
CA LYS C 154 3.48 -26.37 -38.77
C LYS C 154 4.01 -26.32 -37.37
N CYS C 155 5.28 -26.05 -37.09
CA CYS C 155 5.75 -26.04 -35.69
C CYS C 155 5.11 -25.00 -34.82
N PRO C 156 4.63 -25.40 -33.63
CA PRO C 156 4.00 -24.45 -32.70
C PRO C 156 5.03 -23.46 -32.17
N VAL C 157 6.30 -23.85 -32.15
CA VAL C 157 7.37 -22.95 -31.64
C VAL C 157 7.79 -21.96 -32.72
N LEU C 158 8.08 -22.50 -33.90
CA LEU C 158 8.50 -21.58 -35.02
C LEU C 158 7.41 -20.56 -35.31
N ASN C 159 6.13 -21.02 -35.14
CA ASN C 159 4.99 -20.15 -35.39
C ASN C 159 4.81 -19.09 -34.35
N LEU C 160 5.57 -19.10 -33.26
CA LEU C 160 5.43 -18.05 -32.24
C LEU C 160 6.26 -16.84 -32.70
N ILE C 161 7.07 -17.09 -33.72
CA ILE C 161 7.92 -15.99 -34.25
C ILE C 161 7.07 -15.15 -35.21
N GLU C 162 6.75 -13.96 -34.78
CA GLU C 162 5.96 -12.97 -35.44
C GLU C 162 6.22 -12.74 -36.91
N GLN C 163 7.44 -12.52 -37.31
CA GLN C 163 7.87 -12.25 -38.68
C GLN C 163 8.53 -13.46 -39.32
N PRO C 164 7.83 -13.98 -40.34
CA PRO C 164 8.27 -15.13 -41.11
C PRO C 164 9.73 -15.07 -41.52
N GLN C 165 10.20 -13.83 -41.78
CA GLN C 165 11.60 -13.69 -42.21
C GLN C 165 12.54 -14.09 -41.08
N ARG C 166 12.10 -13.82 -39.85
CA ARG C 166 12.93 -14.17 -38.69
C ARG C 166 13.05 -15.67 -38.50
N ARG C 167 11.99 -16.40 -38.85
CA ARG C 167 11.97 -17.88 -38.70
C ARG C 167 13.12 -18.56 -39.45
N GLU C 168 13.35 -18.02 -40.65
CA GLU C 168 14.38 -18.57 -41.54
C GLU C 168 15.77 -18.57 -40.95
N THR C 169 16.03 -17.74 -39.95
CA THR C 169 17.33 -17.69 -39.28
C THR C 169 17.58 -18.96 -38.48
N LEU C 170 16.51 -19.70 -38.19
CA LEU C 170 16.68 -20.96 -37.41
C LEU C 170 16.80 -22.18 -38.28
N ILE C 171 16.82 -22.07 -39.58
CA ILE C 171 16.87 -23.27 -40.47
C ILE C 171 18.23 -23.61 -40.99
N ALA C 172 18.80 -24.72 -40.58
CA ALA C 172 20.10 -25.18 -41.06
C ALA C 172 20.02 -25.64 -42.52
N LYS C 173 21.07 -25.42 -43.26
CA LYS C 173 21.20 -25.74 -44.67
C LYS C 173 21.93 -27.07 -44.87
N ARG C 174 21.19 -27.97 -45.51
CA ARG C 174 21.68 -29.31 -45.81
C ARG C 174 22.81 -29.16 -46.84
N CYS C 175 23.89 -29.81 -46.49
CA CYS C 175 25.09 -29.81 -47.34
C CYS C 175 25.80 -31.14 -47.17
N GLU C 176 27.00 -31.17 -47.77
CA GLU C 176 27.81 -32.40 -47.71
C GLU C 176 29.23 -32.04 -47.41
N VAL C 177 29.81 -32.80 -46.49
CA VAL C 177 31.21 -32.63 -46.04
C VAL C 177 31.82 -34.02 -46.29
N ASP C 178 32.79 -34.01 -47.21
CA ASP C 178 33.48 -35.24 -47.62
C ASP C 178 32.47 -36.32 -47.96
N GLY C 179 31.51 -35.92 -48.81
CA GLY C 179 30.44 -36.81 -49.26
C GLY C 179 29.67 -37.42 -48.13
N LYS C 180 29.54 -36.65 -47.04
CA LYS C 180 28.79 -37.08 -45.84
C LYS C 180 27.76 -35.97 -45.57
N THR C 181 26.56 -36.43 -45.26
CA THR C 181 25.43 -35.53 -44.99
C THR C 181 25.76 -34.59 -43.82
N ALA C 182 25.58 -33.32 -44.11
CA ALA C 182 25.84 -32.25 -43.16
C ALA C 182 24.85 -31.10 -43.31
N TYR C 183 24.79 -30.31 -42.24
CA TYR C 183 23.94 -29.15 -42.13
C TYR C 183 24.80 -28.03 -41.46
N ARG C 184 24.68 -26.91 -42.11
CA ARG C 184 25.37 -25.72 -41.66
C ARG C 184 24.37 -24.77 -40.97
N PHE C 185 24.74 -24.44 -39.76
CA PHE C 185 23.94 -23.52 -38.92
C PHE C 185 24.88 -22.41 -38.38
N ASP C 186 24.86 -21.28 -39.04
CA ASP C 186 25.66 -20.13 -38.59
C ASP C 186 24.81 -19.28 -37.62
N ILE C 187 25.45 -18.71 -36.62
CA ILE C 187 24.72 -17.84 -35.67
C ILE C 187 25.22 -16.37 -35.80
N ARG C 188 24.27 -15.47 -35.97
CA ARG C 188 24.62 -14.03 -36.09
C ARG C 188 24.04 -13.43 -34.79
N ILE C 189 24.92 -13.10 -33.88
CA ILE C 189 24.52 -12.59 -32.58
C ILE C 189 23.84 -11.24 -32.66
N GLN C 190 24.29 -10.44 -33.62
CA GLN C 190 23.73 -9.08 -33.75
C GLN C 190 23.73 -8.56 -35.15
N GLY C 191 22.73 -7.71 -35.44
CA GLY C 191 22.68 -7.07 -36.76
C GLY C 191 21.90 -7.73 -37.83
N GLU C 192 22.34 -7.59 -39.08
CA GLU C 192 21.64 -8.17 -40.26
C GLU C 192 21.58 -9.69 -40.15
N GLY C 193 20.37 -10.21 -40.40
CA GLY C 193 20.19 -11.69 -40.29
C GLY C 193 20.37 -12.15 -38.85
N GLU C 194 20.17 -11.27 -37.88
CA GLU C 194 20.34 -11.67 -36.47
C GLU C 194 19.48 -12.92 -36.18
N THR C 195 20.11 -13.87 -35.53
CA THR C 195 19.45 -15.12 -35.11
C THR C 195 18.43 -14.91 -33.99
N VAL C 196 17.30 -15.62 -34.11
CA VAL C 196 16.25 -15.57 -33.09
C VAL C 196 16.80 -16.29 -31.84
N PHE C 197 16.63 -15.70 -30.69
CA PHE C 197 17.04 -16.22 -29.37
C PHE C 197 15.75 -16.20 -28.50
N PHE C 198 15.61 -17.25 -27.70
CA PHE C 198 14.47 -17.52 -26.89
C PHE C 198 14.68 -17.31 -25.40
N ASP C 199 13.54 -17.10 -24.77
CA ASP C 199 13.39 -16.98 -23.32
C ASP C 199 12.35 -18.09 -22.95
N PHE C 200 12.63 -18.75 -21.85
CA PHE C 200 11.74 -19.81 -21.38
C PHE C 200 12.02 -20.16 -19.91
N PRO D 1 13.42 -42.77 -20.83
CA PRO D 1 13.64 -41.39 -21.34
C PRO D 1 13.00 -40.41 -20.36
N ALA D 2 13.45 -39.18 -20.49
CA ALA D 2 12.98 -38.07 -19.65
C ALA D 2 11.53 -37.76 -20.03
N GLN D 3 10.79 -37.23 -19.09
CA GLN D 3 9.39 -36.86 -19.22
C GLN D 3 9.11 -35.42 -18.73
N ASP D 4 8.11 -34.85 -19.38
CA ASP D 4 7.64 -33.52 -19.10
C ASP D 4 6.71 -33.57 -17.86
N ASN D 5 7.32 -33.49 -16.68
CA ASN D 5 6.48 -33.48 -15.45
C ASN D 5 6.70 -32.18 -14.65
N SER D 6 7.65 -31.36 -15.01
CA SER D 6 7.92 -30.12 -14.25
C SER D 6 7.82 -28.86 -15.08
N ARG D 7 7.75 -27.75 -14.35
CA ARG D 7 7.69 -26.39 -14.84
C ARG D 7 8.74 -25.62 -14.02
N PHE D 8 9.41 -24.66 -14.62
CA PHE D 8 10.45 -23.90 -13.87
C PHE D 8 10.05 -22.46 -13.73
N VAL D 9 10.24 -21.89 -12.53
CA VAL D 9 9.91 -20.46 -12.29
C VAL D 9 10.64 -19.60 -13.35
N ILE D 10 9.95 -18.68 -13.96
CA ILE D 10 10.44 -17.80 -15.01
C ILE D 10 11.64 -16.97 -14.52
N ARG D 11 12.67 -16.86 -15.33
CA ARG D 11 13.83 -16.01 -14.93
C ARG D 11 13.48 -14.54 -14.80
N ASP D 12 14.15 -13.93 -13.85
CA ASP D 12 14.00 -12.45 -13.62
C ASP D 12 15.20 -11.84 -14.36
N ARG D 13 14.88 -11.33 -15.54
CA ARG D 13 15.88 -10.77 -16.44
C ARG D 13 16.37 -9.38 -16.07
N ASN D 14 15.85 -8.91 -14.93
CA ASN D 14 16.25 -7.64 -14.33
C ASN D 14 17.20 -7.92 -13.15
N TRP D 15 17.19 -9.16 -12.67
CA TRP D 15 18.06 -9.60 -11.56
C TRP D 15 19.42 -10.00 -12.17
N HIS D 16 19.31 -10.85 -13.21
CA HIS D 16 20.52 -11.23 -13.98
C HIS D 16 21.04 -9.95 -14.70
N PRO D 17 22.29 -10.02 -15.13
CA PRO D 17 22.90 -8.87 -15.90
C PRO D 17 22.20 -8.79 -17.25
N LYS D 18 22.02 -7.63 -17.79
CA LYS D 18 21.44 -7.45 -19.13
C LYS D 18 22.52 -7.83 -20.16
N ALA D 19 22.11 -7.94 -21.42
CA ALA D 19 23.06 -8.29 -22.49
C ALA D 19 24.04 -7.12 -22.83
N LEU D 20 23.48 -5.95 -23.01
CA LEU D 20 24.29 -4.76 -23.38
C LEU D 20 24.74 -3.99 -22.14
N THR D 21 25.99 -4.10 -21.78
CA THR D 21 26.50 -3.33 -20.56
C THR D 21 27.85 -2.74 -21.02
N PRO D 22 27.76 -1.58 -21.64
CA PRO D 22 28.88 -0.90 -22.25
C PRO D 22 30.18 -0.83 -21.55
N ASP D 23 30.23 -0.67 -20.26
CA ASP D 23 31.54 -0.61 -19.53
C ASP D 23 32.36 -1.86 -19.75
N TYR D 24 31.65 -2.98 -20.01
CA TYR D 24 32.26 -4.28 -20.33
C TYR D 24 32.24 -4.25 -21.87
N LYS D 25 33.30 -3.77 -22.46
CA LYS D 25 33.49 -3.53 -23.87
C LYS D 25 33.03 -4.52 -24.87
N THR D 26 33.45 -5.75 -24.73
CA THR D 26 33.13 -6.90 -25.56
C THR D 26 31.63 -7.14 -25.69
N SER D 27 30.88 -6.75 -24.68
CA SER D 27 29.41 -6.95 -24.67
C SER D 27 28.73 -6.11 -25.74
N ILE D 28 29.37 -5.02 -26.15
CA ILE D 28 28.78 -4.14 -27.16
C ILE D 28 28.45 -4.87 -28.46
N ALA D 29 29.45 -5.56 -28.99
CA ALA D 29 29.29 -6.29 -30.23
C ALA D 29 28.74 -7.72 -30.07
N ARG D 30 28.64 -8.22 -28.86
CA ARG D 30 28.14 -9.60 -28.66
C ARG D 30 26.79 -9.71 -27.96
N SER D 31 25.90 -8.80 -28.14
CA SER D 31 24.58 -8.68 -27.57
C SER D 31 23.55 -8.46 -28.67
N PRO D 32 22.46 -9.24 -28.60
CA PRO D 32 21.40 -9.15 -29.62
C PRO D 32 20.82 -7.72 -29.61
N ARG D 33 20.18 -7.34 -30.69
CA ARG D 33 19.54 -5.99 -30.72
C ARG D 33 18.02 -6.26 -30.74
N GLN D 34 17.68 -7.47 -31.13
CA GLN D 34 16.24 -7.83 -31.16
C GLN D 34 15.91 -8.41 -29.78
N ALA D 35 14.67 -8.31 -29.40
CA ALA D 35 14.14 -8.86 -28.12
C ALA D 35 14.10 -10.40 -28.20
N LEU D 36 14.28 -11.06 -27.07
CA LEU D 36 14.22 -12.53 -26.98
C LEU D 36 12.74 -12.92 -27.25
N VAL D 37 12.56 -14.04 -27.92
CA VAL D 37 11.13 -14.49 -28.14
C VAL D 37 10.80 -15.53 -27.00
N SER D 38 9.77 -15.17 -26.22
CA SER D 38 9.33 -16.03 -25.11
C SER D 38 8.53 -17.24 -25.72
N ILE D 39 8.76 -18.40 -25.20
CA ILE D 39 8.09 -19.63 -25.64
C ILE D 39 7.65 -20.41 -24.38
N PRO D 40 6.55 -21.15 -24.52
CA PRO D 40 6.03 -21.99 -23.38
C PRO D 40 7.00 -23.13 -23.14
N GLN D 41 7.06 -23.63 -21.92
CA GLN D 41 7.95 -24.77 -21.59
C GLN D 41 7.39 -26.09 -22.15
N SER D 42 8.30 -26.87 -22.71
CA SER D 42 8.00 -28.20 -23.28
C SER D 42 9.05 -29.20 -22.78
N ILE D 43 8.87 -30.46 -23.19
CA ILE D 43 9.81 -31.52 -22.81
C ILE D 43 11.25 -31.14 -23.23
N SER D 44 11.35 -30.39 -24.31
CA SER D 44 12.65 -29.94 -24.82
C SER D 44 13.34 -29.10 -23.74
N GLU D 45 12.58 -28.21 -23.13
CA GLU D 45 13.16 -27.31 -22.12
C GLU D 45 13.18 -27.79 -20.71
N THR D 46 12.26 -28.67 -20.33
CA THR D 46 12.14 -29.14 -18.93
C THR D 46 12.96 -30.34 -18.56
N THR D 47 13.69 -30.88 -19.48
CA THR D 47 14.56 -32.02 -19.28
C THR D 47 16.02 -31.60 -19.52
N GLY D 48 16.95 -32.47 -19.15
CA GLY D 48 18.38 -32.26 -19.27
C GLY D 48 19.12 -33.52 -18.83
N PRO D 49 20.44 -33.48 -19.07
CA PRO D 49 21.30 -34.61 -18.73
C PRO D 49 21.46 -34.82 -17.25
N ASN D 50 21.54 -36.10 -16.92
CA ASN D 50 21.76 -36.55 -15.53
C ASN D 50 23.20 -37.11 -15.58
N PHE D 51 24.10 -36.67 -14.76
CA PHE D 51 25.50 -37.10 -14.79
C PHE D 51 25.92 -38.14 -13.77
N SER D 52 24.98 -38.77 -13.12
CA SER D 52 25.22 -39.82 -12.11
C SER D 52 26.14 -40.91 -12.61
N HIS D 53 26.09 -41.22 -13.90
CA HIS D 53 26.94 -42.29 -14.42
C HIS D 53 28.24 -41.88 -15.02
N LEU D 54 28.58 -40.61 -14.96
CA LEU D 54 29.90 -40.18 -15.53
C LEU D 54 30.96 -40.77 -14.60
N GLY D 55 32.05 -41.21 -15.15
CA GLY D 55 33.13 -41.80 -14.33
C GLY D 55 34.10 -40.74 -13.83
N PHE D 56 33.93 -40.27 -12.62
CA PHE D 56 34.81 -39.24 -12.03
C PHE D 56 36.08 -39.87 -11.44
N GLY D 57 37.21 -39.23 -11.67
CA GLY D 57 38.49 -39.72 -11.09
C GLY D 57 38.39 -39.32 -9.60
N ALA D 58 39.20 -39.96 -8.80
CA ALA D 58 39.32 -39.78 -7.37
C ALA D 58 39.74 -38.39 -6.89
N HIS D 59 40.45 -37.62 -7.70
CA HIS D 59 40.90 -36.30 -7.37
C HIS D 59 40.31 -35.22 -8.29
N ASP D 60 39.17 -35.51 -8.91
CA ASP D 60 38.49 -34.61 -9.83
C ASP D 60 38.17 -33.24 -9.19
N HIS D 61 37.87 -33.27 -7.92
CA HIS D 61 37.53 -32.13 -7.11
C HIS D 61 38.68 -31.59 -6.27
N ASP D 62 39.84 -32.19 -6.34
CA ASP D 62 41.01 -31.78 -5.57
C ASP D 62 42.11 -31.16 -6.46
N LEU D 63 42.01 -29.82 -6.52
CA LEU D 63 43.01 -29.06 -7.34
C LEU D 63 44.41 -29.11 -6.79
N LEU D 64 44.58 -29.51 -5.56
CA LEU D 64 45.92 -29.64 -4.94
C LEU D 64 46.67 -30.86 -5.46
N LEU D 65 45.94 -31.91 -5.87
CA LEU D 65 46.51 -33.14 -6.36
C LEU D 65 46.17 -33.54 -7.79
N ASN D 66 45.23 -32.86 -8.47
CA ASN D 66 44.84 -33.35 -9.79
C ASN D 66 45.65 -32.93 -10.99
N PHE D 67 46.72 -32.20 -10.86
CA PHE D 67 47.50 -31.76 -12.02
C PHE D 67 48.81 -32.61 -12.02
N GLY D 71 54.78 -32.21 -6.75
CA GLY D 71 54.54 -31.40 -5.58
C GLY D 71 53.23 -30.67 -5.44
N LEU D 72 53.23 -29.77 -4.48
CA LEU D 72 52.15 -28.90 -4.04
C LEU D 72 52.22 -27.56 -4.72
N PRO D 73 51.07 -27.07 -5.14
CA PRO D 73 51.01 -25.72 -5.77
C PRO D 73 51.34 -24.68 -4.66
N ILE D 74 51.81 -23.53 -5.09
CA ILE D 74 52.11 -22.43 -4.13
C ILE D 74 50.88 -21.54 -4.03
N GLY D 75 50.51 -21.10 -2.83
CA GLY D 75 49.28 -20.26 -2.71
C GLY D 75 48.46 -20.62 -1.49
N GLU D 76 47.39 -19.87 -1.29
CA GLU D 76 46.51 -20.01 -0.12
C GLU D 76 45.60 -21.27 -0.23
N ARG D 77 45.96 -22.22 0.64
CA ARG D 77 45.16 -23.49 0.68
C ARG D 77 43.76 -23.19 1.18
N ILE D 78 42.79 -23.52 0.34
CA ILE D 78 41.38 -23.34 0.74
C ILE D 78 40.45 -24.48 0.22
N ILE D 79 39.39 -24.60 0.96
CA ILE D 79 38.28 -25.49 0.62
C ILE D 79 37.13 -24.54 0.21
N VAL D 80 36.50 -24.81 -0.88
CA VAL D 80 35.32 -24.02 -1.30
C VAL D 80 34.15 -25.08 -1.22
N ALA D 81 33.18 -24.80 -0.42
CA ALA D 81 32.05 -25.75 -0.28
C ALA D 81 30.76 -24.99 -0.16
N GLY D 82 29.65 -25.73 -0.32
CA GLY D 82 28.30 -25.08 -0.19
C GLY D 82 27.21 -26.04 -0.65
N ARG D 83 26.03 -25.50 -0.82
CA ARG D 83 24.87 -26.32 -1.22
C ARG D 83 24.17 -25.79 -2.45
N VAL D 84 23.65 -26.72 -3.27
CA VAL D 84 22.85 -26.29 -4.43
C VAL D 84 21.36 -26.46 -4.08
N VAL D 85 20.60 -25.41 -4.14
CA VAL D 85 19.15 -25.48 -3.86
C VAL D 85 18.40 -24.77 -4.97
N ASP D 86 17.11 -24.94 -4.99
CA ASP D 86 16.19 -24.30 -5.94
C ASP D 86 15.57 -23.11 -5.19
N GLN D 87 14.81 -22.32 -5.89
CA GLN D 87 14.19 -21.13 -5.33
C GLN D 87 13.21 -21.46 -4.19
N TYR D 88 12.66 -22.70 -4.22
CA TYR D 88 11.73 -23.09 -3.15
C TYR D 88 12.56 -23.55 -1.98
N GLY D 89 13.87 -23.62 -2.07
CA GLY D 89 14.69 -24.07 -0.94
C GLY D 89 15.02 -25.54 -0.94
N LYS D 90 14.61 -26.24 -1.94
CA LYS D 90 14.83 -27.71 -2.14
C LYS D 90 16.19 -28.03 -2.69
N PRO D 91 16.89 -28.98 -2.06
CA PRO D 91 18.22 -29.40 -2.45
C PRO D 91 18.16 -30.04 -3.84
N VAL D 92 19.25 -29.91 -4.56
CA VAL D 92 19.41 -30.43 -5.93
C VAL D 92 20.49 -31.49 -5.87
N PRO D 93 20.06 -32.73 -5.63
CA PRO D 93 21.01 -33.85 -5.50
C PRO D 93 21.57 -34.29 -6.83
N ASN D 94 22.73 -34.90 -6.81
CA ASN D 94 23.45 -35.46 -7.92
C ASN D 94 23.49 -34.56 -9.16
N THR D 95 23.97 -33.32 -8.92
CA THR D 95 24.05 -32.39 -10.10
C THR D 95 25.50 -32.07 -10.36
N LEU D 96 25.85 -31.74 -11.59
CA LEU D 96 27.22 -31.49 -11.96
C LEU D 96 27.66 -30.02 -11.70
N VAL D 97 28.68 -29.92 -10.88
CA VAL D 97 29.35 -28.66 -10.54
C VAL D 97 30.77 -28.69 -11.09
N GLU D 98 31.03 -27.75 -12.01
CA GLU D 98 32.35 -27.65 -12.64
C GLU D 98 32.94 -26.25 -12.39
N MET D 99 34.23 -26.20 -12.13
CA MET D 99 34.95 -24.93 -11.86
C MET D 99 36.31 -24.87 -12.55
N TRP D 100 36.76 -23.65 -12.77
CA TRP D 100 38.05 -23.33 -13.40
C TRP D 100 38.50 -21.95 -12.88
N GLN D 101 39.83 -21.83 -12.77
CA GLN D 101 40.35 -20.50 -12.22
C GLN D 101 41.82 -20.36 -12.59
N ALA D 102 42.40 -19.23 -12.23
CA ALA D 102 43.83 -18.96 -12.44
C ALA D 102 44.60 -19.49 -11.21
N ASN D 103 45.93 -19.30 -11.28
CA ASN D 103 46.81 -19.70 -10.18
C ASN D 103 46.88 -18.53 -9.14
N ALA D 104 47.80 -18.73 -8.22
CA ALA D 104 47.97 -17.76 -7.10
C ALA D 104 48.37 -16.36 -7.57
N GLY D 105 48.99 -16.24 -8.74
CA GLY D 105 49.44 -14.97 -9.27
C GLY D 105 48.57 -14.41 -10.36
N GLY D 106 47.38 -15.04 -10.59
CA GLY D 106 46.47 -14.62 -11.63
C GLY D 106 46.76 -15.15 -13.02
N ARG D 107 47.58 -16.13 -13.18
CA ARG D 107 47.91 -16.70 -14.52
C ARG D 107 47.01 -17.96 -14.75
N TYR D 108 46.44 -18.05 -15.92
CA TYR D 108 45.59 -19.21 -16.33
C TYR D 108 46.41 -20.15 -17.21
N ARG D 109 46.18 -21.42 -17.07
CA ARG D 109 46.85 -22.49 -17.85
C ARG D 109 46.05 -22.68 -19.15
N HIS D 110 46.22 -21.70 -20.02
CA HIS D 110 45.56 -21.57 -21.34
C HIS D 110 46.48 -20.79 -22.26
N LYS D 111 46.66 -21.27 -23.48
CA LYS D 111 47.53 -20.73 -24.49
C LYS D 111 47.35 -19.24 -24.71
N ASN D 112 46.11 -18.81 -24.70
CA ASN D 112 45.83 -17.39 -24.94
C ASN D 112 46.16 -16.52 -23.74
N ASP D 113 46.75 -17.06 -22.69
CA ASP D 113 47.07 -16.25 -21.50
C ASP D 113 48.55 -15.87 -21.50
N ARG D 114 48.75 -14.60 -21.81
CA ARG D 114 50.07 -13.99 -21.89
C ARG D 114 50.47 -13.13 -20.71
N TYR D 115 49.73 -13.18 -19.62
CA TYR D 115 50.06 -12.38 -18.43
C TYR D 115 51.43 -12.83 -17.94
N LEU D 116 52.22 -11.83 -17.56
CA LEU D 116 53.59 -12.01 -17.11
C LEU D 116 53.75 -12.80 -15.84
N ALA D 117 52.69 -12.98 -15.06
CA ALA D 117 52.86 -13.83 -13.85
C ALA D 117 53.04 -15.26 -14.41
N PRO D 118 53.94 -16.00 -13.77
CA PRO D 118 54.28 -17.34 -14.19
C PRO D 118 53.25 -18.41 -13.79
N LEU D 119 53.37 -19.48 -14.57
CA LEU D 119 52.56 -20.70 -14.33
C LEU D 119 53.18 -21.41 -13.12
N ASP D 120 52.34 -22.18 -12.47
CA ASP D 120 52.74 -23.02 -11.31
C ASP D 120 52.79 -24.46 -11.88
N PRO D 121 53.98 -25.03 -11.87
CA PRO D 121 54.22 -26.37 -12.38
C PRO D 121 53.38 -27.44 -11.69
N ASN D 122 52.86 -27.18 -10.50
CA ASN D 122 52.02 -28.12 -9.80
C ASN D 122 50.54 -27.75 -9.80
N PHE D 123 50.06 -26.93 -10.69
CA PHE D 123 48.64 -26.50 -10.67
C PHE D 123 48.03 -26.43 -12.05
N GLY D 124 46.86 -27.06 -12.20
CA GLY D 124 46.10 -27.06 -13.45
C GLY D 124 44.94 -26.03 -13.46
N GLY D 125 44.14 -25.98 -12.45
CA GLY D 125 43.02 -25.08 -12.28
C GLY D 125 41.64 -25.53 -12.73
N VAL D 126 41.39 -26.85 -12.77
CA VAL D 126 40.12 -27.41 -13.16
C VAL D 126 39.63 -28.43 -12.10
N GLY D 127 38.34 -28.34 -11.83
CA GLY D 127 37.72 -29.29 -10.88
C GLY D 127 36.28 -29.53 -11.28
N ARG D 128 35.70 -30.62 -10.77
CA ARG D 128 34.32 -31.04 -11.01
C ARG D 128 33.89 -31.95 -9.86
N CYS D 129 32.64 -31.85 -9.49
CA CYS D 129 32.08 -32.62 -8.34
C CYS D 129 30.56 -32.77 -8.59
N LEU D 130 30.10 -33.99 -8.30
CA LEU D 130 28.61 -34.21 -8.41
C LEU D 130 28.05 -33.96 -7.00
N THR D 131 26.98 -33.25 -6.82
CA THR D 131 26.41 -32.97 -5.51
C THR D 131 25.89 -34.28 -4.85
N ASP D 132 25.91 -34.24 -3.53
CA ASP D 132 25.43 -35.43 -2.78
C ASP D 132 23.91 -35.36 -2.71
N SER D 133 23.38 -36.30 -1.89
CA SER D 133 21.94 -36.43 -1.69
C SER D 133 21.38 -35.18 -1.08
N ASP D 134 22.18 -34.44 -0.35
CA ASP D 134 21.74 -33.21 0.30
C ASP D 134 22.06 -31.92 -0.44
N GLY D 135 22.54 -32.05 -1.64
CA GLY D 135 22.90 -30.90 -2.45
C GLY D 135 24.28 -30.32 -2.18
N TYR D 136 25.11 -31.01 -1.44
CA TYR D 136 26.45 -30.55 -1.12
C TYR D 136 27.53 -30.92 -2.12
N TYR D 137 28.44 -29.91 -2.24
CA TYR D 137 29.61 -30.09 -3.14
C TYR D 137 30.82 -29.52 -2.34
N SER D 138 31.98 -29.94 -2.80
CA SER D 138 33.19 -29.40 -2.16
C SER D 138 34.38 -29.59 -3.10
N PHE D 139 35.26 -28.62 -3.02
CA PHE D 139 36.47 -28.52 -3.77
C PHE D 139 37.62 -28.08 -2.83
N ARG D 140 38.79 -28.56 -3.26
CA ARG D 140 40.00 -28.12 -2.46
C ARG D 140 40.96 -27.53 -3.52
N THR D 141 41.41 -26.29 -3.18
CA THR D 141 42.27 -25.55 -4.12
C THR D 141 43.12 -24.47 -3.41
N ILE D 142 43.65 -23.57 -4.28
CA ILE D 142 44.39 -22.41 -3.79
C ILE D 142 43.60 -21.18 -4.23
N LYS D 143 43.62 -20.12 -3.42
CA LYS D 143 42.93 -18.87 -3.76
C LYS D 143 43.64 -18.25 -5.00
N PRO D 144 42.82 -17.95 -6.01
CA PRO D 144 43.31 -17.34 -7.26
C PRO D 144 43.68 -15.86 -7.03
N GLY D 145 44.64 -15.39 -7.82
CA GLY D 145 44.99 -13.93 -7.68
C GLY D 145 44.19 -13.15 -8.71
N PRO D 146 44.11 -11.83 -8.47
CA PRO D 146 43.45 -10.90 -9.41
C PRO D 146 44.33 -10.85 -10.69
N TYR D 147 43.76 -10.35 -11.76
CA TYR D 147 44.49 -10.21 -13.00
C TYR D 147 43.99 -9.10 -13.89
N PRO D 148 45.00 -8.48 -14.51
CA PRO D 148 44.73 -7.32 -15.40
C PRO D 148 44.15 -7.87 -16.70
N TRP D 149 43.28 -7.07 -17.29
CA TRP D 149 42.68 -7.49 -18.58
C TRP D 149 42.50 -6.24 -19.41
N ARG D 150 42.47 -6.44 -20.71
CA ARG D 150 42.34 -5.25 -21.60
C ARG D 150 40.93 -4.79 -21.79
N ASN D 151 40.45 -3.99 -20.84
CA ASN D 151 39.06 -3.40 -20.97
C ASN D 151 39.36 -1.89 -21.04
N GLY D 152 39.28 -1.27 -19.88
CA GLY D 152 39.69 0.18 -19.77
C GLY D 152 41.24 -0.01 -19.64
N PRO D 153 41.97 1.10 -19.57
CA PRO D 153 43.42 1.08 -19.45
C PRO D 153 43.97 0.51 -18.18
N ASN D 154 43.22 0.46 -17.08
CA ASN D 154 43.78 -0.09 -15.81
C ASN D 154 42.72 -0.95 -15.12
N ASP D 155 42.16 -1.89 -15.86
CA ASP D 155 41.08 -2.77 -15.26
C ASP D 155 41.72 -4.06 -14.75
N TRP D 156 41.23 -4.53 -13.60
CA TRP D 156 41.71 -5.74 -12.95
C TRP D 156 40.50 -6.55 -12.42
N ARG D 157 40.47 -7.81 -12.78
CA ARG D 157 39.39 -8.70 -12.27
C ARG D 157 39.70 -8.99 -10.78
N PRO D 158 38.69 -8.90 -9.96
CA PRO D 158 38.85 -9.32 -8.54
C PRO D 158 39.16 -10.84 -8.60
N ALA D 159 39.78 -11.35 -7.54
CA ALA D 159 40.07 -12.82 -7.48
C ALA D 159 38.65 -13.49 -7.59
N HIS D 160 38.65 -14.53 -8.44
CA HIS D 160 37.37 -15.24 -8.72
C HIS D 160 37.59 -16.65 -9.23
N ILE D 161 36.49 -17.43 -9.08
CA ILE D 161 36.48 -18.82 -9.57
C ILE D 161 35.26 -18.98 -10.49
N HIS D 162 35.48 -19.50 -11.68
CA HIS D 162 34.32 -19.64 -12.62
C HIS D 162 33.55 -20.96 -12.23
N PHE D 163 32.23 -20.85 -12.25
CA PHE D 163 31.38 -22.02 -11.92
C PHE D 163 30.35 -22.29 -13.03
N GLY D 164 30.10 -23.58 -13.22
CA GLY D 164 29.08 -24.04 -14.17
C GLY D 164 28.23 -25.08 -13.39
N ILE D 165 26.92 -24.95 -13.46
CA ILE D 165 26.06 -25.94 -12.73
C ILE D 165 24.93 -26.43 -13.66
N SER D 166 24.75 -27.75 -13.71
CA SER D 166 23.71 -28.32 -14.61
C SER D 166 22.30 -28.14 -14.14
N GLY D 167 22.03 -28.71 -12.95
CA GLY D 167 20.65 -28.65 -12.40
C GLY D 167 19.84 -29.75 -13.18
N PRO D 168 18.54 -29.76 -12.84
CA PRO D 168 17.62 -30.75 -13.42
C PRO D 168 17.28 -30.62 -14.86
N SER D 169 17.46 -29.46 -15.49
CA SER D 169 17.10 -29.34 -16.93
C SER D 169 17.99 -28.32 -17.62
N ILE D 170 17.87 -28.21 -18.94
CA ILE D 170 18.65 -27.22 -19.67
C ILE D 170 18.18 -25.81 -19.24
N ALA D 171 16.95 -25.80 -18.74
CA ALA D 171 16.30 -24.60 -18.26
C ALA D 171 17.00 -24.01 -17.02
N THR D 172 17.56 -24.89 -16.22
CA THR D 172 18.24 -24.46 -14.99
C THR D 172 19.74 -24.20 -15.10
N LYS D 173 20.38 -24.69 -16.12
CA LYS D 173 21.83 -24.64 -16.37
C LYS D 173 22.34 -23.16 -16.22
N LEU D 174 23.43 -23.05 -15.51
CA LEU D 174 23.98 -21.70 -15.22
C LEU D 174 25.52 -21.71 -15.17
N ILE D 175 26.06 -20.58 -15.61
CA ILE D 175 27.46 -20.25 -15.58
C ILE D 175 27.53 -18.85 -14.83
N THR D 176 28.37 -18.87 -13.83
CA THR D 176 28.59 -17.74 -12.95
C THR D 176 30.05 -17.70 -12.46
N GLN D 177 30.27 -16.74 -11.56
CA GLN D 177 31.61 -16.55 -10.97
C GLN D 177 31.45 -16.28 -9.47
N LEU D 178 32.35 -16.83 -8.70
CA LEU D 178 32.39 -16.63 -7.25
C LEU D 178 33.48 -15.54 -6.97
N TYR D 179 33.16 -14.68 -6.00
CA TYR D 179 34.14 -13.62 -5.58
C TYR D 179 34.42 -13.86 -4.11
N PHE D 180 35.45 -13.28 -3.52
CA PHE D 180 35.82 -13.50 -2.12
C PHE D 180 35.49 -12.30 -1.23
N GLU D 181 34.91 -12.60 -0.10
CA GLU D 181 34.49 -11.68 0.92
C GLU D 181 35.56 -10.56 1.19
N GLY D 182 35.13 -9.34 1.02
CA GLY D 182 35.98 -8.18 1.31
C GLY D 182 36.93 -7.70 0.25
N ASP D 183 37.05 -8.34 -0.88
CA ASP D 183 37.99 -7.90 -1.94
C ASP D 183 37.60 -6.53 -2.42
N PRO D 184 38.55 -5.56 -2.24
CA PRO D 184 38.25 -4.18 -2.65
C PRO D 184 38.11 -4.01 -4.14
N LEU D 185 38.54 -4.94 -4.96
CA LEU D 185 38.38 -4.88 -6.40
C LEU D 185 36.94 -5.12 -6.87
N ILE D 186 36.11 -5.78 -6.06
CA ILE D 186 34.75 -6.09 -6.44
C ILE D 186 33.92 -4.94 -6.99
N PRO D 187 33.79 -3.88 -6.25
CA PRO D 187 32.99 -2.74 -6.64
C PRO D 187 33.53 -1.98 -7.83
N MET D 188 34.74 -2.25 -8.26
CA MET D 188 35.30 -1.50 -9.42
C MET D 188 35.18 -2.32 -10.70
N CYS D 189 34.80 -3.59 -10.61
CA CYS D 189 34.77 -4.44 -11.84
C CYS D 189 33.53 -4.23 -12.69
N PRO D 190 33.78 -3.91 -13.96
CA PRO D 190 32.74 -3.70 -14.96
C PRO D 190 31.96 -5.02 -15.22
N ILE D 191 32.63 -6.14 -15.01
CA ILE D 191 31.91 -7.44 -15.18
C ILE D 191 30.89 -7.60 -14.05
N VAL D 192 31.36 -7.45 -12.82
CA VAL D 192 30.48 -7.48 -11.65
C VAL D 192 29.33 -6.51 -11.86
N LYS D 193 29.70 -5.28 -12.24
CA LYS D 193 28.83 -4.17 -12.49
C LYS D 193 27.82 -4.37 -13.61
N SER D 194 27.96 -5.46 -14.39
CA SER D 194 26.95 -5.80 -15.42
C SER D 194 25.64 -6.11 -14.66
N ILE D 195 25.82 -6.44 -13.39
CA ILE D 195 24.69 -6.71 -12.50
C ILE D 195 24.21 -5.38 -11.88
N ALA D 196 23.03 -4.91 -12.22
CA ALA D 196 22.47 -3.67 -11.73
C ALA D 196 22.05 -3.61 -10.27
N ASN D 197 21.58 -4.67 -9.66
CA ASN D 197 21.13 -4.65 -8.25
C ASN D 197 22.25 -5.09 -7.32
N PRO D 198 22.66 -4.24 -6.43
CA PRO D 198 23.73 -4.52 -5.47
C PRO D 198 23.39 -5.76 -4.64
N GLU D 199 22.09 -5.98 -4.45
CA GLU D 199 21.64 -7.16 -3.67
C GLU D 199 21.98 -8.43 -4.42
N ALA D 200 21.92 -8.40 -5.72
CA ALA D 200 22.28 -9.59 -6.57
C ALA D 200 23.78 -9.84 -6.51
N VAL D 201 24.53 -8.71 -6.36
CA VAL D 201 25.97 -8.77 -6.28
C VAL D 201 26.41 -9.59 -5.07
N GLN D 202 25.78 -9.32 -3.94
CA GLN D 202 26.11 -10.00 -2.68
C GLN D 202 25.95 -11.53 -2.79
N GLN D 203 25.07 -11.97 -3.64
CA GLN D 203 24.83 -13.43 -3.80
C GLN D 203 26.02 -14.15 -4.40
N LEU D 204 26.97 -13.41 -5.01
CA LEU D 204 28.15 -13.93 -5.63
C LEU D 204 29.40 -13.94 -4.75
N ILE D 205 29.25 -13.43 -3.54
CA ILE D 205 30.40 -13.37 -2.66
C ILE D 205 30.48 -14.51 -1.67
N ALA D 206 31.45 -15.37 -1.86
CA ALA D 206 31.69 -16.50 -0.91
C ALA D 206 32.12 -15.95 0.44
N LYS D 207 31.61 -16.51 1.52
CA LYS D 207 31.98 -16.04 2.87
C LYS D 207 32.99 -16.94 3.57
N LEU D 208 33.91 -16.30 4.27
CA LEU D 208 34.94 -16.97 5.07
C LEU D 208 34.15 -17.90 6.08
N ASP D 209 34.63 -19.11 6.09
CA ASP D 209 33.93 -20.15 6.95
C ASP D 209 34.95 -20.85 7.83
N MET D 210 35.21 -20.25 8.96
CA MET D 210 36.17 -20.74 9.95
C MET D 210 35.69 -22.12 10.50
N ASN D 211 34.41 -22.35 10.45
CA ASN D 211 33.82 -23.62 10.94
C ASN D 211 34.21 -24.82 10.10
N ASN D 212 34.48 -24.64 8.84
CA ASN D 212 34.83 -25.67 7.91
C ASN D 212 36.32 -25.81 7.62
N ALA D 213 37.09 -24.91 8.25
CA ALA D 213 38.53 -24.93 8.06
C ALA D 213 39.15 -26.15 8.78
N ASN D 214 40.33 -26.52 8.30
CA ASN D 214 41.20 -27.55 8.84
C ASN D 214 42.38 -26.79 9.55
N PRO D 215 42.30 -26.80 10.85
CA PRO D 215 43.31 -26.10 11.70
C PRO D 215 44.67 -26.46 11.25
N MET D 216 45.59 -25.46 11.21
CA MET D 216 46.98 -25.61 10.81
C MET D 216 47.07 -26.18 9.41
N ASP D 217 46.00 -26.03 8.63
CA ASP D 217 46.12 -26.68 7.27
C ASP D 217 45.58 -25.81 6.19
N CYS D 218 44.26 -25.58 6.20
CA CYS D 218 43.64 -24.74 5.19
C CYS D 218 42.40 -24.03 5.70
N LEU D 219 42.13 -22.88 5.07
CA LEU D 219 40.92 -22.09 5.38
C LEU D 219 39.78 -22.63 4.50
N ALA D 220 38.62 -22.07 4.68
CA ALA D 220 37.43 -22.41 3.89
C ALA D 220 36.52 -21.22 3.64
N TYR D 221 35.84 -21.31 2.52
CA TYR D 221 34.85 -20.42 2.00
C TYR D 221 33.54 -21.16 1.72
N ARG D 222 32.45 -20.53 1.98
CA ARG D 222 31.09 -21.07 1.75
C ARG D 222 30.41 -20.33 0.60
N PHE D 223 29.92 -21.12 -0.36
CA PHE D 223 29.25 -20.50 -1.55
C PHE D 223 28.02 -21.34 -1.92
N ASP D 224 26.84 -20.87 -1.57
CA ASP D 224 25.61 -21.64 -1.91
C ASP D 224 25.08 -21.12 -3.23
N ILE D 225 24.48 -21.99 -3.96
CA ILE D 225 23.95 -21.66 -5.30
C ILE D 225 22.45 -21.88 -5.33
N VAL D 226 21.73 -21.00 -5.95
CA VAL D 226 20.28 -21.11 -6.09
C VAL D 226 19.89 -21.21 -7.56
N LEU D 227 19.22 -22.35 -7.88
CA LEU D 227 18.72 -22.58 -9.25
C LEU D 227 17.21 -22.29 -9.30
N ARG D 228 16.67 -22.11 -10.48
CA ARG D 228 15.28 -21.86 -10.74
C ARG D 228 14.40 -22.93 -10.01
N GLY D 229 13.38 -22.41 -9.37
CA GLY D 229 12.42 -23.24 -8.62
C GLY D 229 11.75 -24.22 -9.62
N GLN D 230 11.55 -25.41 -9.14
CA GLN D 230 10.91 -26.53 -9.85
C GLN D 230 9.55 -26.87 -9.19
N ARG D 231 8.48 -26.77 -9.95
CA ARG D 231 7.13 -27.13 -9.46
C ARG D 231 6.53 -28.12 -10.46
N LYS D 232 5.45 -28.74 -9.98
CA LYS D 232 4.71 -29.72 -10.81
C LYS D 232 3.68 -28.90 -11.62
N THR D 233 3.33 -29.40 -12.77
CA THR D 233 2.29 -28.72 -13.60
C THR D 233 0.98 -28.83 -12.80
N HIS D 234 0.02 -27.99 -13.13
CA HIS D 234 -1.30 -28.00 -12.49
C HIS D 234 -2.26 -27.30 -13.46
N PHE D 235 -3.45 -27.82 -13.57
CA PHE D 235 -4.52 -27.35 -14.42
C PHE D 235 -4.10 -26.98 -15.84
N GLU D 236 -3.12 -27.70 -16.39
CA GLU D 236 -2.62 -27.42 -17.73
C GLU D 236 -3.37 -27.89 -18.95
N PRO E 1 39.83 2.14 -0.74
CA PRO E 1 40.99 2.42 -1.57
C PRO E 1 41.33 3.93 -1.51
N ILE E 2 42.47 4.24 -2.10
CA ILE E 2 42.94 5.65 -2.15
C ILE E 2 42.21 6.40 -3.27
N GLU E 3 41.62 7.52 -2.93
CA GLU E 3 40.94 8.41 -3.89
C GLU E 3 41.70 9.77 -3.92
N LEU E 4 41.94 10.26 -5.11
CA LEU E 4 42.64 11.60 -5.26
C LEU E 4 41.55 12.62 -5.55
N LEU E 5 41.96 13.85 -5.88
CA LEU E 5 40.94 14.84 -6.27
C LEU E 5 40.44 14.34 -7.68
N PRO E 6 39.16 14.57 -7.88
CA PRO E 6 38.54 14.21 -9.16
C PRO E 6 38.95 15.22 -10.23
N GLU E 7 39.19 14.77 -11.42
CA GLU E 7 39.50 15.68 -12.53
C GLU E 7 38.23 16.47 -12.87
N THR E 8 38.41 17.69 -13.33
CA THR E 8 37.33 18.55 -13.81
C THR E 8 36.70 17.84 -15.03
N PRO E 9 35.40 17.69 -15.00
CA PRO E 9 34.67 16.99 -16.07
C PRO E 9 34.70 17.80 -17.39
N SER E 10 34.76 17.07 -18.49
CA SER E 10 34.72 17.64 -19.83
C SER E 10 33.33 18.10 -20.18
N GLN E 11 33.23 19.03 -21.13
CA GLN E 11 31.98 19.58 -21.67
C GLN E 11 32.20 19.76 -23.18
N THR E 12 31.19 19.68 -23.99
CA THR E 12 31.38 19.84 -25.46
C THR E 12 32.00 21.27 -25.68
N ALA E 13 32.67 21.37 -26.80
CA ALA E 13 33.31 22.63 -27.22
C ALA E 13 32.25 23.57 -27.75
N GLY E 14 31.14 23.00 -28.21
CA GLY E 14 30.04 23.91 -28.74
C GLY E 14 30.29 24.31 -30.20
N PRO E 15 29.26 24.90 -30.81
CA PRO E 15 29.31 25.32 -32.20
C PRO E 15 30.20 26.55 -32.46
N TYR E 16 30.46 27.31 -31.44
CA TYR E 16 31.28 28.52 -31.58
C TYR E 16 32.71 28.41 -31.14
N VAL E 17 33.22 27.21 -31.04
CA VAL E 17 34.59 26.95 -30.64
C VAL E 17 35.62 27.80 -31.43
N HIS E 18 35.28 28.14 -32.65
CA HIS E 18 36.26 28.89 -33.50
C HIS E 18 36.65 30.25 -32.95
N ILE E 19 35.69 30.85 -32.26
CA ILE E 19 35.91 32.17 -31.66
C ILE E 19 37.04 32.19 -30.67
N GLY E 20 37.24 31.10 -29.94
CA GLY E 20 38.33 31.04 -28.97
C GLY E 20 39.59 30.39 -29.49
N LEU E 21 39.46 29.44 -30.39
CA LEU E 21 40.58 28.68 -30.90
C LEU E 21 40.86 28.69 -32.38
N ALA E 22 40.02 29.29 -33.15
CA ALA E 22 40.22 29.32 -34.64
C ALA E 22 39.64 30.64 -35.16
N LEU E 23 40.24 31.71 -34.64
CA LEU E 23 39.84 33.10 -34.88
C LEU E 23 39.58 33.41 -36.35
N GLU E 24 40.56 33.10 -37.15
CA GLU E 24 40.43 33.32 -38.62
C GLU E 24 39.12 32.65 -39.03
N ALA E 25 39.07 31.32 -38.77
CA ALA E 25 37.89 30.49 -39.09
C ALA E 25 36.61 31.12 -38.66
N ALA E 26 36.54 31.67 -37.45
CA ALA E 26 35.29 32.33 -37.02
C ALA E 26 35.13 33.63 -37.83
N GLY E 27 36.15 33.97 -38.61
CA GLY E 27 36.10 35.21 -39.41
C GLY E 27 36.07 36.45 -38.49
N ASN E 28 36.95 36.41 -37.52
CA ASN E 28 37.17 37.47 -36.53
C ASN E 28 38.67 37.79 -36.65
N PRO E 29 39.01 39.01 -36.25
CA PRO E 29 40.40 39.49 -36.31
C PRO E 29 41.30 38.62 -35.44
N THR E 30 42.48 38.31 -35.93
CA THR E 30 43.43 37.47 -35.18
C THR E 30 44.35 38.34 -34.36
N ARG E 31 45.07 37.70 -33.46
CA ARG E 31 46.07 38.41 -32.59
C ARG E 31 47.41 38.28 -33.31
N ASP E 32 48.46 38.84 -32.71
CA ASP E 32 49.79 38.82 -33.30
C ASP E 32 50.28 37.39 -33.54
N GLN E 33 50.07 36.58 -32.52
CA GLN E 33 50.53 35.19 -32.51
C GLN E 33 49.34 34.22 -32.26
N GLU E 34 49.15 33.36 -33.24
CA GLU E 34 48.11 32.34 -33.26
C GLU E 34 48.71 30.96 -33.53
N ILE E 35 48.10 29.95 -32.96
CA ILE E 35 48.50 28.52 -33.12
C ILE E 35 47.60 28.00 -34.25
N TRP E 36 48.24 27.66 -35.36
CA TRP E 36 47.48 27.24 -36.55
C TRP E 36 47.96 25.98 -37.22
N ASN E 37 47.56 25.77 -38.48
CA ASN E 37 47.84 24.57 -39.25
C ASN E 37 49.12 24.38 -40.02
N ARG E 38 50.08 25.25 -39.84
CA ARG E 38 51.39 25.20 -40.51
C ARG E 38 52.44 24.77 -39.49
N LEU E 39 52.69 23.50 -39.37
CA LEU E 39 53.68 22.99 -38.42
C LEU E 39 55.12 23.22 -38.88
N ALA E 40 55.31 23.17 -40.19
CA ALA E 40 56.67 23.33 -40.74
C ALA E 40 56.84 24.51 -41.69
N LYS E 41 57.94 25.18 -41.48
CA LYS E 41 58.28 26.32 -42.42
C LYS E 41 58.85 25.57 -43.64
N PRO E 42 58.65 26.14 -44.81
CA PRO E 42 59.11 25.52 -46.07
C PRO E 42 60.54 25.02 -46.02
N ASP E 43 61.36 25.57 -45.14
CA ASP E 43 62.76 25.15 -45.01
C ASP E 43 63.06 24.16 -43.90
N ALA E 44 62.01 23.55 -43.36
CA ALA E 44 62.20 22.53 -42.31
C ALA E 44 62.70 21.25 -43.02
N PRO E 45 63.58 20.55 -42.35
CA PRO E 45 64.12 19.29 -42.83
C PRO E 45 63.02 18.20 -42.78
N GLY E 46 63.21 17.22 -43.60
CA GLY E 46 62.30 16.07 -43.72
C GLY E 46 61.45 16.23 -44.97
N GLU E 47 60.53 15.30 -45.11
CA GLU E 47 59.62 15.25 -46.25
C GLU E 47 58.37 16.07 -46.03
N HIS E 48 58.21 17.18 -46.71
CA HIS E 48 57.05 18.06 -46.60
C HIS E 48 55.80 17.41 -47.18
N ILE E 49 54.73 17.41 -46.39
CA ILE E 49 53.47 16.82 -46.81
C ILE E 49 52.29 17.72 -46.47
N LEU E 50 51.23 17.54 -47.20
CA LEU E 50 49.95 18.18 -47.03
C LEU E 50 48.95 17.09 -46.55
N LEU E 51 48.27 17.37 -45.47
CA LEU E 51 47.27 16.41 -44.93
C LEU E 51 45.89 17.06 -45.10
N LEU E 52 44.92 16.25 -45.44
CA LEU E 52 43.52 16.77 -45.59
C LEU E 52 42.51 15.67 -45.35
N GLY E 53 41.32 16.07 -44.94
CA GLY E 53 40.27 15.07 -44.66
C GLY E 53 38.95 15.77 -44.31
N GLN E 54 37.97 14.90 -44.20
CA GLN E 54 36.59 15.24 -43.87
C GLN E 54 36.16 14.36 -42.67
N VAL E 55 35.20 14.86 -41.95
CA VAL E 55 34.68 14.19 -40.74
C VAL E 55 33.21 13.85 -41.00
N TYR E 56 32.77 12.65 -40.78
CA TYR E 56 31.37 12.26 -40.99
C TYR E 56 30.67 11.83 -39.70
N ASP E 57 29.36 12.13 -39.67
CA ASP E 57 28.53 11.74 -38.52
C ASP E 57 27.97 10.31 -38.81
N GLY E 58 27.21 9.84 -37.85
CA GLY E 58 26.62 8.51 -37.94
C GLY E 58 25.64 8.39 -39.09
N ASN E 59 25.19 9.48 -39.71
CA ASN E 59 24.22 9.36 -40.81
C ASN E 59 24.95 9.54 -42.15
N GLY E 60 26.23 9.69 -42.05
CA GLY E 60 27.15 9.90 -43.16
C GLY E 60 27.15 11.38 -43.64
N HIS E 61 26.74 12.28 -42.76
CA HIS E 61 26.70 13.71 -43.12
C HIS E 61 27.96 14.39 -42.59
N LEU E 62 28.49 15.33 -43.34
CA LEU E 62 29.70 16.08 -43.01
C LEU E 62 29.46 16.87 -41.69
N VAL E 63 30.49 16.86 -40.91
CA VAL E 63 30.47 17.63 -39.62
C VAL E 63 31.27 18.92 -40.02
N ARG E 64 30.58 20.03 -40.14
CA ARG E 64 31.32 21.24 -40.56
C ARG E 64 31.75 22.19 -39.48
N ASP E 65 31.66 21.81 -38.25
CA ASP E 65 32.06 22.69 -37.11
C ASP E 65 33.09 21.99 -36.26
N SER E 66 33.83 21.05 -36.88
CA SER E 66 34.82 20.33 -36.02
C SER E 66 36.12 21.08 -35.86
N PHE E 67 36.77 20.81 -34.75
CA PHE E 67 38.05 21.41 -34.33
C PHE E 67 39.02 20.25 -34.03
N LEU E 68 40.20 20.26 -34.61
CA LEU E 68 41.24 19.27 -34.44
C LEU E 68 42.53 19.88 -33.91
N GLU E 69 43.25 19.11 -33.17
CA GLU E 69 44.55 19.38 -32.58
C GLU E 69 45.44 18.20 -32.87
N VAL E 70 46.65 18.45 -33.33
CA VAL E 70 47.64 17.45 -33.68
C VAL E 70 48.95 17.61 -32.87
N TRP E 71 49.60 16.47 -32.71
CA TRP E 71 50.86 16.31 -32.01
C TRP E 71 51.64 15.17 -32.68
N GLN E 72 52.81 15.56 -33.21
CA GLN E 72 53.69 14.61 -33.91
C GLN E 72 55.17 14.92 -33.71
N ALA E 73 56.00 13.92 -33.90
CA ALA E 73 57.47 14.13 -33.81
C ALA E 73 57.92 14.77 -35.15
N ASP E 74 59.11 15.31 -35.12
CA ASP E 74 59.76 15.91 -36.32
C ASP E 74 60.29 14.75 -37.18
N ALA E 75 61.03 15.15 -38.23
CA ALA E 75 61.57 14.13 -39.14
C ALA E 75 62.59 13.24 -38.48
N ASN E 76 63.23 13.65 -37.41
CA ASN E 76 64.22 12.83 -36.69
C ASN E 76 63.61 11.94 -35.61
N GLY E 77 62.29 11.95 -35.49
CA GLY E 77 61.61 11.12 -34.47
C GLY E 77 61.64 11.87 -33.14
N GLU E 78 61.63 13.20 -33.19
CA GLU E 78 61.66 14.00 -31.97
C GLU E 78 60.51 14.90 -31.73
N TYR E 79 60.03 14.90 -30.48
CA TYR E 79 58.90 15.79 -30.08
C TYR E 79 59.50 17.14 -29.63
N GLN E 80 59.13 18.14 -30.38
CA GLN E 80 59.60 19.53 -30.12
C GLN E 80 58.49 20.27 -29.37
N ASP E 81 58.61 20.29 -28.07
CA ASP E 81 57.64 20.89 -27.18
C ASP E 81 57.73 22.35 -26.90
N ALA E 82 58.86 22.98 -27.19
CA ALA E 82 58.93 24.46 -26.96
C ALA E 82 58.33 25.13 -28.21
N TYR E 83 57.05 25.49 -28.07
CA TYR E 83 56.29 26.11 -29.11
C TYR E 83 56.74 27.57 -29.32
N ASN E 84 57.12 27.81 -30.57
CA ASN E 84 57.60 29.18 -30.96
C ASN E 84 57.35 29.39 -32.45
N LEU E 85 56.70 30.48 -32.81
CA LEU E 85 56.41 30.80 -34.20
C LEU E 85 57.66 31.00 -35.08
N GLU E 86 58.78 31.17 -34.42
CA GLU E 86 60.10 31.33 -35.01
C GLU E 86 60.73 30.01 -35.45
N ASN E 87 60.38 28.92 -34.79
CA ASN E 87 60.92 27.60 -35.10
C ASN E 87 60.58 27.20 -36.55
N ALA E 88 61.45 26.41 -37.16
CA ALA E 88 61.20 25.91 -38.52
C ALA E 88 60.14 24.78 -38.47
N PHE E 89 60.02 24.19 -37.30
CA PHE E 89 59.10 23.11 -37.01
C PHE E 89 58.56 23.13 -35.58
N ASN E 90 57.25 22.93 -35.51
CA ASN E 90 56.50 22.83 -34.25
C ASN E 90 55.72 21.46 -34.32
N SER E 91 55.83 20.75 -33.26
CA SER E 91 55.21 19.44 -33.05
C SER E 91 53.70 19.56 -32.87
N PHE E 92 53.24 20.70 -32.37
CA PHE E 92 51.81 20.94 -32.10
C PHE E 92 51.17 21.83 -33.15
N GLY E 93 49.93 21.48 -33.50
CA GLY E 93 49.17 22.29 -34.49
C GLY E 93 47.66 22.21 -34.23
N ARG E 94 46.92 23.07 -34.86
CA ARG E 94 45.47 23.21 -34.82
C ARG E 94 44.91 23.42 -36.22
N THR E 95 43.74 22.88 -36.44
CA THR E 95 43.01 22.95 -37.70
C THR E 95 41.50 22.84 -37.42
N ALA E 96 40.71 23.10 -38.45
CA ALA E 96 39.24 23.04 -38.32
C ALA E 96 38.61 22.74 -39.65
N THR E 97 37.34 22.35 -39.68
CA THR E 97 36.68 22.08 -40.96
C THR E 97 35.84 23.24 -41.47
N THR E 98 35.95 23.40 -42.81
CA THR E 98 35.19 24.47 -43.49
C THR E 98 33.67 24.33 -43.32
N PHE E 99 33.09 25.47 -42.91
CA PHE E 99 31.65 25.61 -42.71
C PHE E 99 30.92 25.26 -44.03
N ASP E 100 31.63 25.46 -45.13
CA ASP E 100 31.09 25.13 -46.46
C ASP E 100 31.55 23.72 -46.86
N ALA E 101 32.78 23.67 -47.36
CA ALA E 101 33.41 22.48 -47.84
C ALA E 101 33.42 21.34 -46.82
N GLY E 102 33.70 21.66 -45.56
CA GLY E 102 33.77 20.65 -44.49
C GLY E 102 35.09 19.88 -44.53
N GLU E 103 36.13 20.50 -45.03
CA GLU E 103 37.45 19.88 -45.14
C GLU E 103 38.52 20.63 -44.36
N TRP E 104 39.45 19.93 -43.72
CA TRP E 104 40.54 20.52 -42.96
C TRP E 104 41.84 20.19 -43.72
N THR E 105 42.84 21.00 -43.44
CA THR E 105 44.16 20.82 -44.03
C THR E 105 45.21 21.17 -42.98
N LEU E 106 46.35 20.57 -43.18
CA LEU E 106 47.53 20.76 -42.34
C LEU E 106 48.78 20.67 -43.25
N HIS E 107 49.75 21.48 -42.95
CA HIS E 107 51.03 21.58 -43.64
C HIS E 107 52.11 21.18 -42.64
N THR E 108 52.74 20.05 -42.85
CA THR E 108 53.78 19.57 -41.90
C THR E 108 54.81 18.74 -42.65
N VAL E 109 55.55 17.94 -41.90
CA VAL E 109 56.53 17.00 -42.40
C VAL E 109 56.13 15.60 -41.86
N LYS E 110 56.65 14.61 -42.56
CA LYS E 110 56.38 13.22 -42.17
C LYS E 110 57.23 12.92 -40.92
N PRO E 111 56.53 12.42 -39.88
CA PRO E 111 57.13 12.09 -38.61
C PRO E 111 58.10 10.89 -38.69
N GLY E 112 59.15 11.05 -37.92
CA GLY E 112 60.20 10.03 -37.74
C GLY E 112 59.59 9.01 -36.72
N VAL E 113 60.27 7.92 -36.56
CA VAL E 113 59.90 6.80 -35.72
C VAL E 113 60.26 7.04 -34.26
N VAL E 114 59.32 6.69 -33.38
CA VAL E 114 59.52 6.81 -31.93
C VAL E 114 59.29 5.40 -31.32
N ASN E 115 59.90 5.15 -30.20
CA ASN E 115 59.73 3.87 -29.49
C ASN E 115 58.68 4.02 -28.38
N ASN E 116 58.08 2.90 -28.08
CA ASN E 116 57.06 2.88 -26.99
C ASN E 116 57.84 2.69 -25.70
N ALA E 117 57.13 2.62 -24.60
CA ALA E 117 57.73 2.45 -23.27
C ALA E 117 58.56 1.19 -23.18
N ALA E 118 58.23 0.13 -23.91
CA ALA E 118 59.04 -1.10 -23.86
C ALA E 118 60.23 -1.08 -24.77
N GLY E 119 60.47 0.03 -25.46
CA GLY E 119 61.60 0.15 -26.39
C GLY E 119 61.33 -0.35 -27.79
N VAL E 120 60.09 -0.67 -28.12
CA VAL E 120 59.68 -1.14 -29.46
C VAL E 120 59.21 0.05 -30.30
N PRO E 121 59.77 0.16 -31.50
CA PRO E 121 59.44 1.27 -32.41
C PRO E 121 57.99 1.19 -32.92
N MET E 122 57.36 2.34 -32.95
CA MET E 122 55.98 2.47 -33.48
C MET E 122 56.11 2.98 -34.92
N ALA E 123 55.12 2.67 -35.74
CA ALA E 123 55.16 3.17 -37.16
C ALA E 123 54.90 4.68 -37.10
N PRO E 124 55.39 5.38 -38.09
CA PRO E 124 55.23 6.87 -38.16
C PRO E 124 53.76 7.21 -37.99
N HIS E 125 53.47 8.16 -37.13
CA HIS E 125 52.06 8.56 -36.89
C HIS E 125 51.89 9.94 -36.30
N ILE E 126 50.68 10.45 -36.50
CA ILE E 126 50.26 11.76 -35.96
C ILE E 126 49.08 11.50 -34.99
N ASN E 127 49.21 12.10 -33.82
CA ASN E 127 48.24 12.01 -32.73
C ASN E 127 47.18 13.09 -32.97
N ILE E 128 45.93 12.66 -33.01
CA ILE E 128 44.82 13.58 -33.23
C ILE E 128 43.78 13.59 -32.10
N SER E 129 43.27 14.77 -31.81
CA SER E 129 42.17 15.00 -30.84
C SER E 129 41.05 15.77 -31.57
N LEU E 130 39.88 15.23 -31.60
CA LEU E 130 38.71 15.84 -32.28
C LEU E 130 37.71 16.41 -31.33
N PHE E 131 37.29 17.67 -31.51
CA PHE E 131 36.32 18.35 -30.65
C PHE E 131 35.19 18.92 -31.52
N ALA E 132 34.00 19.06 -31.01
CA ALA E 132 32.86 19.61 -31.77
C ALA E 132 31.57 19.59 -30.97
N ARG E 133 30.60 20.38 -31.44
CA ARG E 133 29.27 20.33 -30.78
C ARG E 133 28.78 18.83 -30.96
N GLY E 134 28.14 18.36 -29.92
CA GLY E 134 27.63 17.01 -29.86
C GLY E 134 28.67 16.04 -29.33
N ILE E 135 29.90 16.45 -29.19
CA ILE E 135 30.97 15.57 -28.65
C ILE E 135 31.21 16.04 -27.23
N ASN E 136 30.76 15.26 -26.25
CA ASN E 136 30.84 15.57 -24.84
C ASN E 136 32.29 15.59 -24.30
N ILE E 137 33.02 14.61 -24.77
CA ILE E 137 34.46 14.45 -24.40
C ILE E 137 35.21 14.12 -25.71
N HIS E 138 36.32 14.86 -25.91
CA HIS E 138 37.09 14.68 -27.14
C HIS E 138 37.52 13.27 -27.47
N LEU E 139 37.61 13.00 -28.78
CA LEU E 139 38.00 11.71 -29.33
C LEU E 139 39.51 11.73 -29.74
N HIS E 140 40.21 10.70 -29.26
CA HIS E 140 41.62 10.50 -29.60
C HIS E 140 41.75 9.45 -30.71
N THR E 141 42.62 9.73 -31.67
CA THR E 141 42.93 8.84 -32.78
C THR E 141 44.40 9.04 -33.23
N ARG E 142 44.81 8.23 -34.15
CA ARG E 142 46.13 8.27 -34.76
C ARG E 142 45.97 8.20 -36.29
N LEU E 143 46.85 8.92 -36.96
CA LEU E 143 46.96 8.90 -38.43
C LEU E 143 48.25 8.15 -38.80
N TYR E 144 48.12 7.09 -39.59
CA TYR E 144 49.29 6.31 -40.05
C TYR E 144 49.34 6.50 -41.58
N PHE E 145 50.40 6.05 -42.22
CA PHE E 145 50.55 6.27 -43.69
C PHE E 145 50.61 4.98 -44.49
N ASP E 146 49.85 4.97 -45.57
CA ASP E 146 49.70 3.82 -46.47
C ASP E 146 51.02 3.38 -47.08
N ASP E 147 51.99 4.26 -47.23
CA ASP E 147 53.28 3.88 -47.80
C ASP E 147 54.25 3.35 -46.76
N GLU E 148 53.78 3.10 -45.57
CA GLU E 148 54.65 2.55 -44.48
C GLU E 148 54.14 1.20 -44.02
N ALA E 149 53.59 0.42 -44.94
CA ALA E 149 53.02 -0.91 -44.63
C ALA E 149 53.91 -1.81 -43.82
N GLN E 150 55.21 -1.77 -44.11
CA GLN E 150 56.18 -2.63 -43.42
C GLN E 150 56.15 -2.32 -41.92
N ALA E 151 56.28 -1.05 -41.63
CA ALA E 151 56.29 -0.51 -40.28
C ALA E 151 54.95 -0.72 -39.56
N ASN E 152 53.89 -0.43 -40.30
CA ASN E 152 52.52 -0.53 -39.78
C ASN E 152 52.22 -1.97 -39.32
N ALA E 153 52.78 -2.93 -40.02
CA ALA E 153 52.51 -4.35 -39.70
C ALA E 153 53.09 -4.74 -38.37
N LYS E 154 54.14 -4.06 -37.96
CA LYS E 154 54.82 -4.30 -36.71
C LYS E 154 54.56 -3.31 -35.59
N CYS E 155 53.70 -2.33 -35.80
CA CYS E 155 53.39 -1.33 -34.76
C CYS E 155 52.69 -2.00 -33.58
N PRO E 156 53.28 -1.82 -32.41
CA PRO E 156 52.71 -2.40 -31.18
C PRO E 156 51.39 -1.75 -30.81
N VAL E 157 51.12 -0.58 -31.35
CA VAL E 157 49.87 0.14 -31.05
C VAL E 157 48.75 -0.41 -31.96
N LEU E 158 49.08 -0.42 -33.23
CA LEU E 158 48.14 -0.93 -34.27
C LEU E 158 47.78 -2.38 -34.00
N ASN E 159 48.72 -3.17 -33.46
CA ASN E 159 48.51 -4.56 -33.14
C ASN E 159 47.63 -4.75 -31.91
N LEU E 160 47.27 -3.69 -31.23
CA LEU E 160 46.40 -3.81 -30.05
C LEU E 160 44.95 -3.89 -30.51
N ILE E 161 44.68 -3.45 -31.70
CA ILE E 161 43.30 -3.49 -32.27
C ILE E 161 43.06 -4.96 -32.70
N GLU E 162 42.12 -5.60 -32.01
CA GLU E 162 41.78 -7.02 -32.25
C GLU E 162 41.50 -7.33 -33.70
N GLN E 163 40.52 -6.74 -34.33
CA GLN E 163 40.13 -6.91 -35.72
C GLN E 163 40.97 -6.16 -36.73
N PRO E 164 41.64 -6.94 -37.57
CA PRO E 164 42.51 -6.43 -38.63
C PRO E 164 41.79 -5.40 -39.48
N GLN E 165 40.53 -5.67 -39.76
CA GLN E 165 39.71 -4.77 -40.58
C GLN E 165 39.61 -3.38 -39.98
N ARG E 166 39.68 -3.26 -38.66
CA ARG E 166 39.56 -1.99 -37.97
C ARG E 166 40.82 -1.13 -38.03
N ARG E 167 41.96 -1.79 -38.15
CA ARG E 167 43.26 -1.09 -38.22
C ARG E 167 43.35 -0.21 -39.47
N GLU E 168 42.70 -0.67 -40.51
CA GLU E 168 42.66 0.02 -41.78
C GLU E 168 42.08 1.42 -41.71
N THR E 169 41.16 1.62 -40.77
CA THR E 169 40.50 2.91 -40.63
C THR E 169 41.52 3.99 -40.23
N LEU E 170 42.67 3.63 -39.73
CA LEU E 170 43.70 4.55 -39.28
C LEU E 170 44.75 4.86 -40.33
N ILE E 171 44.60 4.34 -41.51
CA ILE E 171 45.59 4.53 -42.60
C ILE E 171 45.23 5.57 -43.60
N ALA E 172 46.03 6.63 -43.64
CA ALA E 172 45.83 7.74 -44.60
C ALA E 172 46.36 7.27 -45.97
N LYS E 173 45.63 7.62 -47.01
CA LYS E 173 45.88 7.30 -48.40
C LYS E 173 46.64 8.45 -49.10
N ARG E 174 47.79 8.08 -49.62
CA ARG E 174 48.69 8.99 -50.35
C ARG E 174 48.07 9.39 -51.69
N CYS E 175 48.27 10.64 -52.02
CA CYS E 175 47.78 11.28 -53.26
C CYS E 175 48.75 12.43 -53.58
N GLU E 176 48.31 13.29 -54.48
CA GLU E 176 49.17 14.46 -54.84
C GLU E 176 48.25 15.63 -55.09
N VAL E 177 48.66 16.79 -54.58
CA VAL E 177 47.85 18.02 -54.78
C VAL E 177 48.87 19.01 -55.36
N ASP E 178 48.53 19.56 -56.52
CA ASP E 178 49.47 20.49 -57.20
C ASP E 178 50.89 19.96 -57.16
N GLY E 179 51.03 18.69 -57.54
CA GLY E 179 52.36 18.07 -57.55
C GLY E 179 53.02 18.08 -56.18
N LYS E 180 52.20 18.16 -55.13
CA LYS E 180 52.66 18.13 -53.73
C LYS E 180 52.14 16.81 -53.12
N THR E 181 53.02 16.15 -52.38
CA THR E 181 52.66 14.88 -51.72
C THR E 181 51.62 15.19 -50.62
N ALA E 182 50.52 14.49 -50.70
CA ALA E 182 49.39 14.66 -49.77
C ALA E 182 48.81 13.31 -49.34
N TYR E 183 48.17 13.32 -48.18
CA TYR E 183 47.52 12.15 -47.62
C TYR E 183 46.10 12.58 -47.13
N ARG E 184 45.17 11.75 -47.52
CA ARG E 184 43.77 11.92 -47.15
C ARG E 184 43.46 10.96 -45.98
N PHE E 185 42.89 11.56 -44.98
CA PHE E 185 42.45 10.94 -43.73
C PHE E 185 41.07 11.39 -43.30
N ASP E 186 40.07 10.63 -43.69
CA ASP E 186 38.67 10.87 -43.37
C ASP E 186 38.39 10.17 -42.03
N ILE E 187 37.59 10.81 -41.20
CA ILE E 187 37.20 10.31 -39.90
C ILE E 187 35.70 9.97 -39.91
N ARG E 188 35.39 8.75 -39.54
CA ARG E 188 33.90 8.38 -39.48
C ARG E 188 33.65 8.10 -38.00
N ILE E 189 32.94 9.00 -37.36
CA ILE E 189 32.65 8.95 -35.94
C ILE E 189 31.76 7.75 -35.56
N GLN E 190 30.85 7.41 -36.44
CA GLN E 190 29.87 6.33 -36.13
C GLN E 190 29.43 5.58 -37.34
N GLY E 191 29.20 4.30 -37.15
CA GLY E 191 28.68 3.41 -38.17
C GLY E 191 29.66 2.69 -39.05
N GLU E 192 29.19 2.41 -40.26
CA GLU E 192 29.89 1.67 -41.31
C GLU E 192 31.26 2.30 -41.51
N GLY E 193 32.31 1.57 -41.23
CA GLY E 193 33.68 2.10 -41.38
C GLY E 193 34.07 3.04 -40.26
N GLU E 194 33.46 2.92 -39.08
CA GLU E 194 33.80 3.76 -37.91
C GLU E 194 35.30 3.70 -37.55
N THR E 195 35.89 4.88 -37.38
CA THR E 195 37.31 5.00 -37.03
C THR E 195 37.59 4.55 -35.60
N VAL E 196 38.73 3.89 -35.41
CA VAL E 196 39.17 3.48 -34.09
C VAL E 196 39.53 4.77 -33.27
N PHE E 197 38.99 4.79 -32.08
CA PHE E 197 39.30 5.93 -31.13
C PHE E 197 39.96 5.25 -29.93
N PHE E 198 40.91 5.90 -29.31
CA PHE E 198 41.64 5.35 -28.17
C PHE E 198 41.32 6.02 -26.83
N ASP E 199 41.77 5.31 -25.82
CA ASP E 199 41.72 5.69 -24.41
C ASP E 199 43.14 5.42 -23.84
N PHE E 200 43.64 6.45 -23.14
CA PHE E 200 44.95 6.37 -22.51
C PHE E 200 45.00 7.41 -21.36
N PRO F 1 64.45 18.18 -26.73
CA PRO F 1 63.12 17.61 -27.05
C PRO F 1 62.53 16.95 -25.82
N ALA F 2 61.23 16.73 -25.82
CA ALA F 2 60.50 16.15 -24.69
C ALA F 2 60.95 14.72 -24.41
N GLN F 3 60.70 14.29 -23.18
CA GLN F 3 61.07 12.91 -22.77
C GLN F 3 59.96 12.22 -21.99
N ASP F 4 59.89 10.90 -22.18
CA ASP F 4 58.91 10.03 -21.52
C ASP F 4 59.30 9.75 -20.08
N ASN F 5 58.97 10.67 -19.19
CA ASN F 5 59.33 10.48 -17.76
C ASN F 5 58.13 10.46 -16.83
N SER F 6 56.93 10.74 -17.31
CA SER F 6 55.74 10.75 -16.43
C SER F 6 54.62 9.79 -16.89
N ARG F 7 53.76 9.49 -15.94
CA ARG F 7 52.58 8.64 -16.21
C ARG F 7 51.38 9.46 -15.71
N PHE F 8 50.26 9.37 -16.37
CA PHE F 8 49.07 10.14 -15.89
C PHE F 8 48.01 9.11 -15.44
N VAL F 9 47.44 9.44 -14.29
CA VAL F 9 46.36 8.63 -13.70
C VAL F 9 45.26 8.47 -14.79
N ILE F 10 44.76 7.27 -14.89
CA ILE F 10 43.72 6.93 -15.87
C ILE F 10 42.46 7.76 -15.64
N ARG F 11 41.82 8.15 -16.73
CA ARG F 11 40.58 8.95 -16.63
C ARG F 11 39.41 8.05 -16.17
N ASP F 12 38.54 8.71 -15.40
CA ASP F 12 37.33 8.01 -14.89
C ASP F 12 36.21 8.43 -15.87
N ARG F 13 35.95 7.49 -16.77
CA ARG F 13 34.91 7.69 -17.80
C ARG F 13 33.48 7.59 -17.29
N ASN F 14 33.31 7.35 -16.01
CA ASN F 14 31.99 7.35 -15.38
C ASN F 14 31.82 8.71 -14.67
N TRP F 15 32.91 9.49 -14.62
CA TRP F 15 32.85 10.82 -13.96
C TRP F 15 32.52 11.88 -15.05
N HIS F 16 33.31 11.76 -16.11
CA HIS F 16 33.11 12.66 -17.28
C HIS F 16 31.76 12.23 -17.90
N PRO F 17 31.22 13.08 -18.73
CA PRO F 17 29.96 12.73 -19.44
C PRO F 17 30.29 11.58 -20.40
N LYS F 18 29.25 10.77 -20.67
CA LYS F 18 29.48 9.63 -21.64
C LYS F 18 29.28 10.26 -23.02
N ALA F 19 29.63 9.52 -24.07
CA ALA F 19 29.46 10.03 -25.45
C ALA F 19 28.00 10.12 -25.88
N LEU F 20 27.17 9.04 -25.60
CA LEU F 20 25.76 9.07 -26.03
C LEU F 20 24.87 9.56 -24.90
N THR F 21 24.33 10.74 -24.99
CA THR F 21 23.43 11.29 -23.91
C THR F 21 22.28 11.90 -24.69
N PRO F 22 21.33 11.02 -25.08
CA PRO F 22 20.22 11.35 -25.91
C PRO F 22 19.50 12.63 -25.75
N ASP F 23 19.29 13.15 -24.56
CA ASP F 23 18.61 14.45 -24.38
C ASP F 23 19.37 15.60 -25.11
N TYR F 24 20.66 15.42 -25.22
CA TYR F 24 21.54 16.38 -25.94
C TYR F 24 21.53 15.74 -27.39
N LYS F 25 20.59 16.24 -28.17
CA LYS F 25 20.32 15.67 -29.48
C LYS F 25 21.42 15.37 -30.42
N THR F 26 22.29 16.37 -30.61
CA THR F 26 23.41 16.20 -31.57
C THR F 26 24.34 15.09 -31.13
N SER F 27 24.37 14.70 -29.86
CA SER F 27 25.31 13.63 -29.45
C SER F 27 24.91 12.27 -30.04
N ILE F 28 23.64 12.17 -30.46
CA ILE F 28 23.14 10.93 -31.05
C ILE F 28 23.94 10.48 -32.27
N ALA F 29 24.07 11.33 -33.27
CA ALA F 29 24.82 10.95 -34.49
C ALA F 29 26.33 11.23 -34.39
N ARG F 30 26.74 11.91 -33.33
CA ARG F 30 28.16 12.23 -33.14
C ARG F 30 28.85 11.44 -32.05
N SER F 31 28.36 10.23 -31.74
CA SER F 31 29.05 9.42 -30.70
C SER F 31 29.39 8.10 -31.34
N PRO F 32 30.52 7.52 -31.04
CA PRO F 32 30.92 6.23 -31.59
C PRO F 32 30.00 5.09 -31.06
N ARG F 33 29.91 4.04 -31.84
CA ARG F 33 29.11 2.86 -31.43
C ARG F 33 30.04 1.76 -31.00
N GLN F 34 31.31 1.84 -31.45
CA GLN F 34 32.30 0.81 -31.03
C GLN F 34 32.93 1.26 -29.72
N ALA F 35 33.43 0.36 -28.91
CA ALA F 35 34.10 0.74 -27.65
C ALA F 35 35.48 1.42 -27.98
N LEU F 36 35.95 2.23 -27.06
CA LEU F 36 37.30 2.86 -27.26
C LEU F 36 38.33 1.74 -27.02
N VAL F 37 39.43 1.82 -27.74
CA VAL F 37 40.55 0.88 -27.58
C VAL F 37 41.57 1.45 -26.59
N SER F 38 41.77 0.72 -25.48
CA SER F 38 42.75 1.20 -24.45
C SER F 38 44.16 0.93 -24.91
N ILE F 39 45.07 1.90 -24.72
CA ILE F 39 46.48 1.66 -25.13
C ILE F 39 47.38 2.17 -23.98
N PRO F 40 48.54 1.55 -23.86
CA PRO F 40 49.51 1.95 -22.81
C PRO F 40 50.10 3.35 -23.17
N GLN F 41 50.42 4.10 -22.10
CA GLN F 41 50.99 5.47 -22.34
C GLN F 41 52.43 5.32 -22.86
N SER F 42 52.74 6.10 -23.86
CA SER F 42 54.10 6.14 -24.45
C SER F 42 54.48 7.63 -24.57
N ILE F 43 55.68 7.89 -25.14
CA ILE F 43 56.13 9.29 -25.26
C ILE F 43 55.13 10.09 -26.08
N SER F 44 54.43 9.42 -27.00
CA SER F 44 53.44 10.12 -27.86
C SER F 44 52.31 10.76 -27.05
N GLU F 45 51.88 10.08 -26.00
CA GLU F 45 50.83 10.51 -25.11
C GLU F 45 51.25 11.25 -23.88
N THR F 46 52.45 11.03 -23.35
CA THR F 46 52.85 11.71 -22.11
C THR F 46 53.60 13.02 -22.27
N THR F 47 53.61 13.55 -23.46
CA THR F 47 54.34 14.86 -23.70
C THR F 47 53.31 15.78 -24.34
N GLY F 48 53.61 17.04 -24.47
CA GLY F 48 52.73 18.03 -25.11
C GLY F 48 53.51 19.38 -25.24
N PRO F 49 52.86 20.29 -25.91
CA PRO F 49 53.44 21.64 -26.11
C PRO F 49 53.51 22.45 -24.82
N ASN F 50 54.55 23.25 -24.77
CA ASN F 50 54.83 24.19 -23.69
C ASN F 50 54.63 25.59 -24.38
N PHE F 51 53.81 26.42 -23.81
CA PHE F 51 53.56 27.73 -24.43
C PHE F 51 54.29 28.89 -23.77
N SER F 52 55.31 28.60 -22.98
CA SER F 52 56.10 29.61 -22.30
C SER F 52 56.68 30.67 -23.25
N HIS F 53 56.88 30.34 -24.51
CA HIS F 53 57.42 31.37 -25.44
C HIS F 53 56.42 31.92 -26.41
N LEU F 54 55.14 31.71 -26.21
CA LEU F 54 54.14 32.31 -27.14
C LEU F 54 54.16 33.81 -26.82
N GLY F 55 53.98 34.60 -27.84
CA GLY F 55 54.00 36.08 -27.65
C GLY F 55 52.61 36.62 -27.36
N PHE F 56 52.26 36.68 -26.07
CA PHE F 56 50.95 37.19 -25.68
C PHE F 56 50.93 38.72 -25.65
N GLY F 57 49.82 39.28 -26.10
CA GLY F 57 49.62 40.74 -26.02
C GLY F 57 49.37 41.10 -24.54
N ALA F 58 49.52 42.38 -24.25
CA ALA F 58 49.32 42.95 -22.92
C ALA F 58 47.89 42.82 -22.40
N HIS F 59 46.94 42.81 -23.30
CA HIS F 59 45.52 42.70 -22.94
C HIS F 59 44.88 41.36 -23.33
N ASP F 60 45.67 40.35 -23.54
CA ASP F 60 45.17 39.03 -23.96
C ASP F 60 44.13 38.44 -23.02
N HIS F 61 44.27 38.70 -21.76
CA HIS F 61 43.41 38.21 -20.68
C HIS F 61 42.36 39.19 -20.22
N ASP F 62 42.29 40.35 -20.90
CA ASP F 62 41.34 41.41 -20.47
C ASP F 62 40.30 41.70 -21.53
N LEU F 63 39.13 41.06 -21.43
CA LEU F 63 38.04 41.20 -22.34
C LEU F 63 37.38 42.57 -22.36
N LEU F 64 37.70 43.39 -21.37
CA LEU F 64 37.22 44.77 -21.28
C LEU F 64 38.03 45.68 -22.23
N LEU F 65 39.30 45.37 -22.44
CA LEU F 65 40.15 46.17 -23.33
C LEU F 65 40.62 45.54 -24.62
N ASN F 66 40.54 44.25 -24.80
CA ASN F 66 41.02 43.55 -25.98
C ASN F 66 40.24 43.58 -27.25
N PHE F 67 39.08 44.13 -27.41
CA PHE F 67 38.37 44.09 -28.70
C PHE F 67 38.62 45.44 -29.44
N GLY F 71 35.37 52.25 -26.54
CA GLY F 71 34.48 52.26 -25.35
C GLY F 71 34.51 50.91 -24.62
N LEU F 72 33.81 50.91 -23.50
CA LEU F 72 33.70 49.75 -22.62
C LEU F 72 32.45 48.94 -22.98
N PRO F 73 32.59 47.62 -22.77
CA PRO F 73 31.44 46.70 -23.01
C PRO F 73 30.31 46.98 -22.02
N ILE F 74 29.11 46.63 -22.46
CA ILE F 74 27.94 46.79 -21.54
C ILE F 74 27.76 45.49 -20.79
N GLY F 75 27.60 45.53 -19.47
CA GLY F 75 27.36 44.24 -18.73
C GLY F 75 28.00 44.29 -17.37
N GLU F 76 27.87 43.17 -16.65
CA GLU F 76 28.39 43.03 -15.27
C GLU F 76 29.88 42.84 -15.28
N ARG F 77 30.61 43.86 -14.78
CA ARG F 77 32.10 43.68 -14.75
C ARG F 77 32.49 42.61 -13.76
N ILE F 78 33.32 41.68 -14.18
CA ILE F 78 33.81 40.64 -13.30
C ILE F 78 35.22 40.19 -13.66
N ILE F 79 35.85 39.69 -12.63
CA ILE F 79 37.15 39.04 -12.68
C ILE F 79 36.87 37.51 -12.50
N VAL F 80 37.44 36.70 -13.33
CA VAL F 80 37.30 35.23 -13.18
C VAL F 80 38.77 34.74 -12.96
N ALA F 81 38.99 34.21 -11.79
CA ALA F 81 40.33 33.72 -11.43
C ALA F 81 40.24 32.36 -10.75
N GLY F 82 41.38 31.71 -10.67
CA GLY F 82 41.51 30.41 -10.00
C GLY F 82 42.91 29.85 -10.23
N ARG F 83 43.04 28.62 -9.77
CA ARG F 83 44.30 27.88 -9.84
C ARG F 83 44.13 26.56 -10.58
N VAL F 84 45.16 26.17 -11.28
CA VAL F 84 45.20 24.89 -12.01
C VAL F 84 46.11 23.94 -11.22
N VAL F 85 45.53 22.88 -10.74
CA VAL F 85 46.25 21.81 -10.01
C VAL F 85 46.01 20.46 -10.75
N ASP F 86 46.75 19.47 -10.28
CA ASP F 86 46.62 18.10 -10.78
C ASP F 86 45.87 17.35 -9.67
N GLN F 87 45.55 16.06 -9.97
CA GLN F 87 44.77 15.28 -8.97
C GLN F 87 45.52 15.12 -7.66
N TYR F 88 46.85 15.25 -7.69
CA TYR F 88 47.65 15.12 -6.47
C TYR F 88 47.70 16.46 -5.70
N GLY F 89 47.03 17.48 -6.19
CA GLY F 89 47.04 18.79 -5.57
C GLY F 89 48.29 19.62 -5.91
N LYS F 90 49.02 19.28 -6.93
CA LYS F 90 50.24 20.01 -7.37
C LYS F 90 49.84 21.07 -8.38
N PRO F 91 50.41 22.26 -8.27
CA PRO F 91 50.09 23.36 -9.19
C PRO F 91 50.64 23.00 -10.57
N VAL F 92 50.03 23.53 -11.59
CA VAL F 92 50.45 23.31 -13.00
C VAL F 92 50.83 24.75 -13.52
N PRO F 93 52.09 25.05 -13.35
CA PRO F 93 52.62 26.39 -13.74
C PRO F 93 52.92 26.50 -15.23
N ASN F 94 52.84 27.69 -15.77
CA ASN F 94 53.12 27.98 -17.17
C ASN F 94 52.27 27.21 -18.15
N THR F 95 50.97 27.05 -17.86
CA THR F 95 50.08 26.28 -18.72
C THR F 95 49.16 27.19 -19.46
N LEU F 96 48.69 26.86 -20.63
CA LEU F 96 47.79 27.74 -21.39
C LEU F 96 46.30 27.51 -21.08
N VAL F 97 45.65 28.61 -20.75
CA VAL F 97 44.26 28.72 -20.45
C VAL F 97 43.60 29.67 -21.47
N GLU F 98 42.65 29.13 -22.18
CA GLU F 98 41.90 29.87 -23.21
C GLU F 98 40.42 29.90 -22.84
N MET F 99 39.72 30.96 -23.18
CA MET F 99 38.28 31.03 -22.84
C MET F 99 37.55 31.78 -23.93
N TRP F 100 36.27 31.58 -24.09
CA TRP F 100 35.44 32.28 -25.10
C TRP F 100 34.05 32.31 -24.50
N GLN F 101 33.25 33.29 -24.85
CA GLN F 101 31.89 33.42 -24.33
C GLN F 101 31.07 34.43 -25.18
N ALA F 102 29.81 34.48 -24.85
CA ALA F 102 28.86 35.43 -25.51
C ALA F 102 28.95 36.74 -24.69
N ASN F 103 28.19 37.72 -25.13
CA ASN F 103 28.09 39.04 -24.50
C ASN F 103 27.01 38.97 -23.41
N ALA F 104 26.70 40.11 -22.83
CA ALA F 104 25.74 40.27 -21.77
C ALA F 104 24.33 39.76 -22.10
N GLY F 105 24.00 39.77 -23.39
CA GLY F 105 22.73 39.36 -23.92
C GLY F 105 22.67 37.93 -24.43
N GLY F 106 23.80 37.16 -24.36
CA GLY F 106 23.77 35.80 -24.82
C GLY F 106 24.10 35.65 -26.31
N ARG F 107 24.60 36.72 -26.90
CA ARG F 107 24.97 36.72 -28.33
C ARG F 107 26.46 36.56 -28.54
N TYR F 108 26.87 35.63 -29.42
CA TYR F 108 28.25 35.36 -29.75
C TYR F 108 28.65 36.15 -31.02
N ARG F 109 29.90 36.59 -30.99
CA ARG F 109 30.45 37.29 -32.19
C ARG F 109 30.99 36.18 -33.12
N HIS F 110 30.06 35.56 -33.83
CA HIS F 110 30.29 34.45 -34.75
C HIS F 110 29.21 34.46 -35.83
N LYS F 111 29.63 34.27 -37.06
CA LYS F 111 28.76 34.27 -38.23
C LYS F 111 27.45 33.49 -38.10
N ASN F 112 27.61 32.27 -37.65
CA ASN F 112 26.50 31.34 -37.50
C ASN F 112 25.56 31.69 -36.35
N ASP F 113 25.84 32.70 -35.55
CA ASP F 113 24.95 33.04 -34.41
C ASP F 113 23.93 34.11 -34.83
N ARG F 114 22.70 33.61 -35.01
CA ARG F 114 21.63 34.56 -35.42
C ARG F 114 20.60 34.82 -34.35
N TYR F 115 21.03 34.73 -33.11
CA TYR F 115 20.10 35.01 -31.99
C TYR F 115 19.84 36.52 -32.09
N LEU F 116 18.59 36.86 -31.86
CA LEU F 116 18.09 38.22 -31.96
C LEU F 116 18.68 39.21 -31.01
N ALA F 117 19.45 38.77 -30.02
CA ALA F 117 20.09 39.76 -29.07
C ALA F 117 21.28 40.33 -29.88
N PRO F 118 21.42 41.64 -29.76
CA PRO F 118 22.45 42.35 -30.50
C PRO F 118 23.87 42.13 -30.01
N LEU F 119 24.78 42.43 -30.94
CA LEU F 119 26.21 42.46 -30.68
C LEU F 119 26.54 43.73 -29.87
N ASP F 120 27.58 43.59 -29.09
CA ASP F 120 28.14 44.68 -28.26
C ASP F 120 29.38 45.14 -29.07
N PRO F 121 29.24 46.36 -29.55
CA PRO F 121 30.31 47.00 -30.34
C PRO F 121 31.66 47.01 -29.69
N ASN F 122 31.78 47.00 -28.38
CA ASN F 122 33.10 47.00 -27.70
C ASN F 122 33.47 45.64 -27.15
N PHE F 123 32.78 44.57 -27.56
CA PHE F 123 33.10 43.25 -26.95
C PHE F 123 33.40 42.15 -27.97
N GLY F 124 34.53 41.48 -27.80
CA GLY F 124 34.95 40.39 -28.67
C GLY F 124 34.54 39.01 -28.07
N GLY F 125 34.94 38.77 -26.84
CA GLY F 125 34.70 37.61 -26.04
C GLY F 125 35.74 36.52 -26.10
N VAL F 126 36.99 36.88 -26.37
CA VAL F 126 38.06 35.89 -26.42
C VAL F 126 39.19 36.27 -25.48
N GLY F 127 39.72 35.27 -24.77
CA GLY F 127 40.85 35.54 -23.85
C GLY F 127 41.78 34.34 -23.78
N ARG F 128 42.97 34.60 -23.30
CA ARG F 128 44.03 33.61 -23.08
C ARG F 128 44.95 34.13 -21.95
N CYS F 129 45.46 33.22 -21.18
CA CYS F 129 46.34 33.56 -20.04
C CYS F 129 47.25 32.37 -19.75
N LEU F 130 48.51 32.58 -19.47
CA LEU F 130 49.45 31.49 -19.16
C LEU F 130 49.48 31.50 -17.62
N THR F 131 49.34 30.35 -16.99
CA THR F 131 49.37 30.32 -15.52
C THR F 131 50.76 30.71 -15.02
N ASP F 132 50.75 31.23 -13.82
CA ASP F 132 51.95 31.68 -13.13
C ASP F 132 52.65 30.47 -12.50
N SER F 133 53.68 30.82 -11.76
CA SER F 133 54.51 29.84 -11.04
C SER F 133 53.68 29.04 -10.05
N ASP F 134 52.61 29.62 -9.55
CA ASP F 134 51.75 28.93 -8.60
C ASP F 134 50.52 28.28 -9.19
N GLY F 135 50.41 28.28 -10.49
CA GLY F 135 49.29 27.73 -11.23
C GLY F 135 48.07 28.66 -11.27
N TYR F 136 48.29 29.96 -10.99
CA TYR F 136 47.21 30.94 -11.00
C TYR F 136 46.99 31.59 -12.35
N TYR F 137 45.76 31.89 -12.65
CA TYR F 137 45.32 32.53 -13.89
C TYR F 137 44.20 33.53 -13.47
N SER F 138 43.96 34.44 -14.39
CA SER F 138 42.88 35.41 -14.15
C SER F 138 42.53 36.14 -15.45
N PHE F 139 41.25 36.44 -15.54
CA PHE F 139 40.67 37.15 -16.67
C PHE F 139 39.77 38.29 -16.10
N ARG F 140 39.53 39.23 -16.99
CA ARG F 140 38.59 40.33 -16.61
C ARG F 140 37.57 40.33 -17.77
N THR F 141 36.30 40.34 -17.39
CA THR F 141 35.30 40.26 -18.50
C THR F 141 33.97 40.72 -17.99
N ILE F 142 32.89 40.49 -18.73
CA ILE F 142 31.52 40.81 -18.31
C ILE F 142 30.79 39.42 -18.28
N LYS F 143 29.83 39.36 -17.34
CA LYS F 143 29.05 38.08 -17.16
C LYS F 143 28.18 37.84 -18.39
N PRO F 144 28.40 36.75 -19.08
CA PRO F 144 27.66 36.36 -20.28
C PRO F 144 26.18 36.11 -19.89
N GLY F 145 25.29 36.27 -20.85
CA GLY F 145 23.85 35.99 -20.60
C GLY F 145 23.57 34.55 -21.08
N PRO F 146 22.45 34.02 -20.61
CA PRO F 146 22.01 32.69 -21.07
C PRO F 146 21.52 32.92 -22.52
N TYR F 147 21.31 31.86 -23.23
CA TYR F 147 20.82 31.94 -24.63
C TYR F 147 20.11 30.63 -25.01
N PRO F 148 19.17 30.83 -25.91
CA PRO F 148 18.32 29.75 -26.42
C PRO F 148 19.03 28.99 -27.49
N TRP F 149 18.68 27.71 -27.66
CA TRP F 149 19.36 26.89 -28.72
C TRP F 149 18.36 25.84 -29.17
N ARG F 150 18.52 25.34 -30.39
CA ARG F 150 17.54 24.38 -30.95
C ARG F 150 17.78 22.94 -30.55
N ASN F 151 17.31 22.54 -29.39
CA ASN F 151 17.49 21.13 -28.87
C ASN F 151 15.99 20.73 -28.69
N GLY F 152 15.50 20.83 -27.48
CA GLY F 152 14.03 20.67 -27.28
C GLY F 152 13.48 22.06 -27.73
N PRO F 153 12.16 22.19 -27.75
CA PRO F 153 11.47 23.39 -28.16
C PRO F 153 11.69 24.62 -27.27
N ASN F 154 12.14 24.46 -26.04
CA ASN F 154 12.33 25.65 -25.13
C ASN F 154 13.58 25.43 -24.28
N ASP F 155 14.70 25.10 -24.88
CA ASP F 155 15.96 24.86 -24.13
C ASP F 155 16.78 26.15 -24.08
N TRP F 156 17.35 26.36 -22.91
CA TRP F 156 18.21 27.58 -22.69
C TRP F 156 19.51 27.20 -21.98
N ARG F 157 20.65 27.56 -22.59
CA ARG F 157 21.92 27.29 -21.88
C ARG F 157 21.97 28.27 -20.67
N PRO F 158 22.47 27.72 -19.56
CA PRO F 158 22.71 28.59 -18.37
C PRO F 158 23.90 29.54 -18.82
N ALA F 159 24.00 30.67 -18.16
CA ALA F 159 25.19 31.57 -18.51
C ALA F 159 26.45 30.73 -18.26
N HIS F 160 27.34 30.74 -19.27
CA HIS F 160 28.59 29.99 -19.13
C HIS F 160 29.76 30.60 -19.93
N ILE F 161 30.93 30.20 -19.50
CA ILE F 161 32.18 30.55 -20.15
C ILE F 161 32.88 29.25 -20.61
N HIS F 162 33.25 29.20 -21.87
CA HIS F 162 33.94 28.02 -22.40
C HIS F 162 35.41 28.07 -21.99
N PHE F 163 35.98 26.95 -21.56
CA PHE F 163 37.40 26.92 -21.13
C PHE F 163 38.14 25.77 -21.83
N GLY F 164 39.41 26.08 -22.16
CA GLY F 164 40.36 25.18 -22.82
C GLY F 164 41.68 25.25 -22.02
N ILE F 165 42.15 24.12 -21.56
CA ILE F 165 43.35 24.02 -20.76
C ILE F 165 44.32 22.96 -21.32
N SER F 166 45.57 23.32 -21.51
CA SER F 166 46.58 22.39 -22.04
C SER F 166 47.12 21.35 -21.08
N GLY F 167 47.72 21.82 -20.00
CA GLY F 167 48.37 20.97 -18.98
C GLY F 167 49.71 20.52 -19.59
N PRO F 168 50.41 19.63 -18.86
CA PRO F 168 51.68 19.10 -19.28
C PRO F 168 51.75 18.19 -20.49
N SER F 169 50.64 17.59 -20.92
CA SER F 169 50.67 16.70 -22.10
C SER F 169 49.33 16.65 -22.84
N ILE F 170 49.31 15.93 -23.96
CA ILE F 170 48.09 15.78 -24.73
C ILE F 170 47.09 14.92 -23.92
N ALA F 171 47.63 14.12 -23.03
CA ALA F 171 46.80 13.26 -22.13
C ALA F 171 45.97 14.08 -21.14
N THR F 172 46.47 15.27 -20.77
CA THR F 172 45.82 16.13 -19.81
C THR F 172 44.96 17.23 -20.42
N LYS F 173 45.06 17.49 -21.70
CA LYS F 173 44.30 18.59 -22.36
C LYS F 173 42.79 18.44 -22.19
N LEU F 174 42.13 19.53 -21.82
CA LEU F 174 40.67 19.45 -21.59
C LEU F 174 39.92 20.66 -22.07
N ILE F 175 38.69 20.44 -22.46
CA ILE F 175 37.75 21.46 -22.86
C ILE F 175 36.56 21.34 -21.92
N THR F 176 36.17 22.43 -21.32
CA THR F 176 35.04 22.41 -20.35
C THR F 176 34.25 23.71 -20.41
N GLN F 177 33.31 23.87 -19.46
CA GLN F 177 32.47 25.05 -19.38
C GLN F 177 32.38 25.44 -17.92
N LEU F 178 32.40 26.69 -17.61
CA LEU F 178 32.24 27.20 -16.20
C LEU F 178 30.80 27.67 -16.08
N TYR F 179 30.12 27.46 -14.95
CA TYR F 179 28.76 27.93 -14.79
C TYR F 179 28.78 28.85 -13.55
N PHE F 180 27.76 29.62 -13.33
CA PHE F 180 27.70 30.57 -12.22
C PHE F 180 26.84 30.16 -11.05
N GLU F 181 27.42 30.33 -9.90
CA GLU F 181 26.80 29.98 -8.59
C GLU F 181 25.38 30.52 -8.47
N GLY F 182 24.48 29.53 -8.20
CA GLY F 182 23.08 29.75 -8.04
C GLY F 182 22.17 29.90 -9.22
N ASP F 183 22.65 29.88 -10.45
CA ASP F 183 21.82 30.03 -11.67
C ASP F 183 20.75 28.91 -11.72
N PRO F 184 19.50 29.31 -11.85
CA PRO F 184 18.39 28.33 -11.87
C PRO F 184 18.35 27.44 -13.08
N LEU F 185 19.00 27.86 -14.17
CA LEU F 185 19.05 27.14 -15.41
C LEU F 185 19.96 25.92 -15.35
N ILE F 186 20.90 25.83 -14.44
CA ILE F 186 21.83 24.69 -14.41
C ILE F 186 21.18 23.28 -14.39
N PRO F 187 20.30 23.07 -13.45
CA PRO F 187 19.65 21.73 -13.30
C PRO F 187 18.75 21.33 -14.47
N MET F 188 18.35 22.25 -15.32
CA MET F 188 17.50 21.98 -16.46
C MET F 188 18.25 21.79 -17.79
N CYS F 189 19.55 22.03 -17.83
CA CYS F 189 20.29 21.91 -19.11
C CYS F 189 20.70 20.50 -19.43
N PRO F 190 20.36 20.06 -20.64
CA PRO F 190 20.69 18.74 -21.17
C PRO F 190 22.18 18.54 -21.35
N ILE F 191 22.95 19.61 -21.58
CA ILE F 191 24.39 19.52 -21.69
C ILE F 191 25.05 19.30 -20.33
N VAL F 192 24.54 20.00 -19.32
CA VAL F 192 25.03 19.86 -17.94
C VAL F 192 24.70 18.40 -17.51
N LYS F 193 23.47 18.02 -17.83
CA LYS F 193 22.99 16.68 -17.49
C LYS F 193 23.68 15.54 -18.22
N SER F 194 24.56 15.90 -19.20
CA SER F 194 25.31 14.83 -19.88
C SER F 194 26.18 14.19 -18.78
N ILE F 195 26.36 14.96 -17.70
CA ILE F 195 27.17 14.49 -16.57
C ILE F 195 26.19 13.79 -15.59
N ALA F 196 26.36 12.51 -15.36
CA ALA F 196 25.54 11.72 -14.47
C ALA F 196 25.73 11.92 -12.98
N ASN F 197 26.89 12.22 -12.49
CA ASN F 197 27.12 12.41 -11.03
C ASN F 197 26.99 13.88 -10.64
N PRO F 198 26.02 14.17 -9.79
CA PRO F 198 25.74 15.52 -9.35
C PRO F 198 26.93 16.22 -8.72
N GLU F 199 27.78 15.35 -8.14
CA GLU F 199 28.99 15.90 -7.46
C GLU F 199 29.96 16.39 -8.50
N ALA F 200 29.91 15.80 -9.68
CA ALA F 200 30.80 16.20 -10.80
C ALA F 200 30.30 17.56 -11.32
N VAL F 201 28.95 17.74 -11.30
CA VAL F 201 28.38 19.02 -11.75
C VAL F 201 28.91 20.17 -10.88
N GLN F 202 28.92 19.93 -9.57
CA GLN F 202 29.37 20.97 -8.62
C GLN F 202 30.73 21.50 -8.99
N GLN F 203 31.54 20.68 -9.64
CA GLN F 203 32.91 21.04 -10.03
C GLN F 203 32.98 22.12 -11.09
N LEU F 204 31.89 22.30 -11.81
CA LEU F 204 31.81 23.27 -12.90
C LEU F 204 31.19 24.61 -12.53
N ILE F 205 30.84 24.77 -11.26
CA ILE F 205 30.22 26.00 -10.79
C ILE F 205 31.21 26.95 -10.10
N ALA F 206 31.33 28.11 -10.73
CA ALA F 206 32.25 29.18 -10.16
C ALA F 206 31.56 29.81 -8.95
N LYS F 207 32.26 29.94 -7.85
CA LYS F 207 31.74 30.55 -6.62
C LYS F 207 32.02 32.06 -6.54
N LEU F 208 31.05 32.79 -6.01
CA LEU F 208 31.22 34.27 -5.85
C LEU F 208 32.42 34.46 -4.91
N ASP F 209 33.28 35.38 -5.24
CA ASP F 209 34.48 35.59 -4.35
C ASP F 209 34.62 37.09 -4.03
N MET F 210 33.97 37.52 -2.99
CA MET F 210 33.93 38.90 -2.52
C MET F 210 35.31 39.44 -2.15
N ASN F 211 36.13 38.50 -1.64
CA ASN F 211 37.50 38.72 -1.24
C ASN F 211 38.35 39.22 -2.43
N ASN F 212 38.05 38.80 -3.62
CA ASN F 212 38.79 39.16 -4.81
C ASN F 212 38.22 40.30 -5.63
N ALA F 213 37.09 40.86 -5.20
CA ALA F 213 36.47 41.94 -5.91
C ALA F 213 37.23 43.29 -5.66
N ASN F 214 36.97 44.18 -6.60
CA ASN F 214 37.50 45.58 -6.52
C ASN F 214 36.28 46.44 -6.13
N PRO F 215 36.24 46.84 -4.88
CA PRO F 215 35.14 47.71 -4.39
C PRO F 215 34.87 48.84 -5.35
N MET F 216 33.58 49.12 -5.56
CA MET F 216 33.09 50.15 -6.45
C MET F 216 33.53 49.94 -7.89
N ASP F 217 33.86 48.69 -8.24
CA ASP F 217 34.34 48.48 -9.63
C ASP F 217 33.87 47.16 -10.26
N CYS F 218 34.26 46.06 -9.63
CA CYS F 218 33.88 44.75 -10.19
C CYS F 218 33.85 43.63 -9.16
N LEU F 219 32.97 42.68 -9.49
CA LEU F 219 32.84 41.45 -8.63
C LEU F 219 33.89 40.46 -9.20
N ALA F 220 33.96 39.28 -8.61
CA ALA F 220 34.89 38.23 -8.94
C ALA F 220 34.29 36.85 -8.56
N TYR F 221 34.68 35.93 -9.44
CA TYR F 221 34.30 34.50 -9.30
C TYR F 221 35.61 33.71 -9.34
N ARG F 222 35.59 32.67 -8.57
CA ARG F 222 36.69 31.71 -8.38
C ARG F 222 36.33 30.39 -9.06
N PHE F 223 37.24 29.94 -9.90
CA PHE F 223 37.09 28.67 -10.66
C PHE F 223 38.38 27.88 -10.66
N ASP F 224 38.51 26.85 -9.87
CA ASP F 224 39.77 26.02 -9.86
C ASP F 224 39.59 24.88 -10.86
N ILE F 225 40.67 24.38 -11.38
CA ILE F 225 40.67 23.34 -12.38
C ILE F 225 41.64 22.26 -11.96
N VAL F 226 41.17 21.00 -12.05
CA VAL F 226 41.99 19.86 -11.71
C VAL F 226 42.24 19.02 -12.98
N LEU F 227 43.52 18.82 -13.27
CA LEU F 227 43.96 18.01 -14.42
C LEU F 227 44.36 16.62 -13.88
N ARG F 228 44.56 15.71 -14.81
CA ARG F 228 44.94 14.33 -14.45
C ARG F 228 46.24 14.38 -13.63
N GLY F 229 46.31 13.52 -12.63
CA GLY F 229 47.47 13.40 -11.75
C GLY F 229 48.69 12.88 -12.51
N GLN F 230 49.82 13.54 -12.18
CA GLN F 230 51.12 13.19 -12.82
C GLN F 230 52.03 12.55 -11.80
N ARG F 231 52.56 11.39 -12.15
CA ARG F 231 53.49 10.66 -11.27
C ARG F 231 54.67 10.20 -12.09
N LYS F 232 55.76 9.86 -11.39
CA LYS F 232 56.93 9.34 -12.17
C LYS F 232 56.68 7.84 -12.40
N THR F 233 57.40 7.34 -13.39
CA THR F 233 57.32 5.90 -13.72
C THR F 233 58.00 5.13 -12.59
N HIS F 234 57.67 3.87 -12.49
CA HIS F 234 58.26 3.02 -11.44
C HIS F 234 58.09 1.55 -11.86
N PHE F 235 59.14 0.82 -11.61
CA PHE F 235 59.28 -0.60 -11.87
C PHE F 235 58.73 -1.00 -13.23
N GLU F 236 58.99 -0.15 -14.20
CA GLU F 236 58.49 -0.44 -15.56
C GLU F 236 59.39 -1.39 -16.30
N PRO G 1 7.74 -14.31 26.75
CA PRO G 1 7.35 -15.75 26.84
C PRO G 1 7.54 -16.31 25.42
N ILE G 2 7.17 -17.54 25.25
CA ILE G 2 7.22 -18.24 23.95
C ILE G 2 5.91 -17.91 23.20
N GLU G 3 6.01 -17.52 21.95
CA GLU G 3 4.83 -17.22 21.11
C GLU G 3 4.90 -18.14 19.89
N LEU G 4 3.80 -18.79 19.55
CA LEU G 4 3.80 -19.72 18.36
C LEU G 4 3.22 -18.95 17.19
N LEU G 5 3.00 -19.55 16.04
CA LEU G 5 2.32 -18.75 14.95
C LEU G 5 0.86 -18.52 15.48
N PRO G 6 0.29 -17.39 15.15
CA PRO G 6 -1.09 -17.10 15.52
C PRO G 6 -2.05 -17.93 14.61
N GLU G 7 -3.15 -18.29 15.24
CA GLU G 7 -4.21 -19.04 14.50
C GLU G 7 -4.90 -18.05 13.53
N THR G 8 -5.29 -18.62 12.38
CA THR G 8 -6.05 -17.78 11.40
C THR G 8 -7.30 -17.31 12.15
N PRO G 9 -7.62 -16.02 12.05
CA PRO G 9 -8.78 -15.47 12.72
C PRO G 9 -10.09 -15.91 12.06
N SER G 10 -11.09 -16.11 12.86
CA SER G 10 -12.43 -16.49 12.35
C SER G 10 -13.16 -15.34 11.73
N GLN G 11 -14.12 -15.66 10.87
CA GLN G 11 -15.02 -14.62 10.26
C GLN G 11 -16.42 -15.30 10.18
N THR G 12 -17.44 -14.48 10.21
CA THR G 12 -18.82 -14.97 10.15
C THR G 12 -18.99 -15.85 8.91
N ALA G 13 -19.87 -16.86 9.05
CA ALA G 13 -20.17 -17.75 7.93
C ALA G 13 -20.95 -16.99 6.85
N GLY G 14 -21.69 -15.98 7.26
CA GLY G 14 -22.49 -15.13 6.37
C GLY G 14 -23.85 -15.81 6.07
N PRO G 15 -24.70 -15.07 5.36
CA PRO G 15 -26.04 -15.52 4.98
C PRO G 15 -26.10 -16.62 3.92
N TYR G 16 -25.16 -16.80 3.06
CA TYR G 16 -25.15 -17.80 2.00
C TYR G 16 -24.36 -19.05 2.28
N VAL G 17 -24.15 -19.37 3.53
CA VAL G 17 -23.42 -20.52 4.00
C VAL G 17 -23.96 -21.84 3.41
N HIS G 18 -25.24 -21.85 3.13
CA HIS G 18 -25.90 -23.06 2.59
C HIS G 18 -25.33 -23.54 1.27
N ILE G 19 -24.94 -22.57 0.44
CA ILE G 19 -24.43 -22.92 -0.90
C ILE G 19 -23.18 -23.78 -0.79
N GLY G 20 -22.39 -23.54 0.26
CA GLY G 20 -21.17 -24.27 0.45
C GLY G 20 -21.29 -25.51 1.34
N LEU G 21 -22.14 -25.39 2.37
CA LEU G 21 -22.25 -26.48 3.34
C LEU G 21 -23.61 -27.12 3.52
N ALA G 22 -24.63 -26.76 2.84
CA ALA G 22 -26.01 -27.25 2.91
C ALA G 22 -26.68 -27.02 1.54
N LEU G 23 -26.12 -27.69 0.55
CA LEU G 23 -26.53 -27.58 -0.85
C LEU G 23 -28.03 -27.63 -1.05
N GLU G 24 -28.61 -28.74 -0.65
CA GLU G 24 -30.08 -28.94 -0.74
C GLU G 24 -30.72 -27.65 -0.22
N ALA G 25 -30.43 -27.34 1.06
CA ALA G 25 -31.00 -26.12 1.67
C ALA G 25 -30.84 -24.93 0.82
N ALA G 26 -29.64 -24.63 0.28
CA ALA G 26 -29.56 -23.45 -0.61
C ALA G 26 -30.50 -23.71 -1.79
N GLY G 27 -30.99 -24.94 -1.89
CA GLY G 27 -31.86 -25.34 -3.02
C GLY G 27 -31.01 -25.33 -4.32
N ASN G 28 -29.86 -25.97 -4.24
CA ASN G 28 -28.97 -26.08 -5.42
C ASN G 28 -28.80 -27.62 -5.59
N PRO G 29 -28.41 -27.98 -6.79
CA PRO G 29 -28.17 -29.43 -7.06
C PRO G 29 -27.09 -29.93 -6.11
N THR G 30 -27.19 -31.15 -5.64
CA THR G 30 -26.17 -31.68 -4.69
C THR G 30 -25.18 -32.54 -5.45
N ARG G 31 -24.13 -32.93 -4.76
CA ARG G 31 -23.07 -33.79 -5.35
C ARG G 31 -23.36 -35.23 -4.91
N ASP G 32 -22.67 -36.18 -5.46
CA ASP G 32 -22.83 -37.59 -5.18
C ASP G 32 -22.91 -37.85 -3.66
N GLN G 33 -21.94 -37.34 -2.93
CA GLN G 33 -21.88 -37.53 -1.48
C GLN G 33 -21.89 -36.19 -0.72
N GLU G 34 -22.83 -36.04 0.17
CA GLU G 34 -23.00 -34.86 1.02
C GLU G 34 -23.03 -35.21 2.50
N ILE G 35 -22.52 -34.32 3.34
CA ILE G 35 -22.53 -34.52 4.81
C ILE G 35 -23.84 -33.88 5.30
N TRP G 36 -24.75 -34.70 5.81
CA TRP G 36 -26.06 -34.18 6.21
C TRP G 36 -26.53 -34.62 7.57
N ASN G 37 -27.83 -34.52 7.84
CA ASN G 37 -28.47 -34.76 9.11
C ASN G 37 -28.89 -36.15 9.55
N ARG G 38 -28.40 -37.17 8.93
CA ARG G 38 -28.78 -38.59 9.27
C ARG G 38 -27.56 -39.34 9.73
N LEU G 39 -27.26 -39.36 10.99
CA LEU G 39 -26.09 -40.01 11.54
C LEU G 39 -26.23 -41.54 11.59
N ALA G 40 -27.48 -41.99 11.73
CA ALA G 40 -27.67 -43.47 11.83
C ALA G 40 -28.62 -44.04 10.81
N LYS G 41 -28.20 -45.17 10.28
CA LYS G 41 -29.07 -45.91 9.30
C LYS G 41 -30.04 -46.71 10.17
N PRO G 42 -31.19 -47.00 9.59
CA PRO G 42 -32.24 -47.77 10.26
C PRO G 42 -31.71 -48.95 11.04
N ASP G 43 -30.70 -49.59 10.54
CA ASP G 43 -30.08 -50.76 11.18
C ASP G 43 -28.91 -50.51 12.10
N ALA G 44 -28.76 -49.32 12.63
CA ALA G 44 -27.67 -48.98 13.56
C ALA G 44 -28.14 -49.36 14.98
N PRO G 45 -27.22 -49.92 15.74
CA PRO G 45 -27.48 -50.34 17.12
C PRO G 45 -27.79 -49.10 17.98
N GLY G 46 -28.55 -49.31 19.02
CA GLY G 46 -28.91 -48.25 19.97
C GLY G 46 -30.34 -47.77 19.76
N GLU G 47 -30.73 -46.82 20.58
CA GLU G 47 -32.05 -46.22 20.56
C GLU G 47 -32.17 -45.08 19.57
N HIS G 48 -33.00 -45.26 18.56
CA HIS G 48 -33.24 -44.28 17.51
C HIS G 48 -34.09 -43.15 18.01
N ILE G 49 -33.58 -41.91 17.80
CA ILE G 49 -34.25 -40.70 18.22
C ILE G 49 -34.23 -39.59 17.16
N LEU G 50 -35.14 -38.67 17.40
CA LEU G 50 -35.27 -37.50 16.54
C LEU G 50 -34.96 -36.27 17.44
N LEU G 51 -34.12 -35.44 16.83
CA LEU G 51 -33.69 -34.19 17.48
C LEU G 51 -34.25 -33.05 16.62
N LEU G 52 -34.75 -32.06 17.32
CA LEU G 52 -35.28 -30.86 16.65
C LEU G 52 -35.22 -29.66 17.60
N GLY G 53 -35.21 -28.48 16.94
CA GLY G 53 -35.16 -27.24 17.69
C GLY G 53 -35.19 -26.01 16.79
N GLN G 54 -35.28 -24.92 17.52
CA GLN G 54 -35.28 -23.57 16.94
C GLN G 54 -34.15 -22.76 17.57
N VAL G 55 -33.81 -21.66 16.93
CA VAL G 55 -32.69 -20.77 17.41
C VAL G 55 -33.30 -19.36 17.45
N TYR G 56 -33.11 -18.70 18.56
CA TYR G 56 -33.63 -17.34 18.80
C TYR G 56 -32.49 -16.33 19.06
N ASP G 57 -32.73 -15.14 18.60
CA ASP G 57 -31.80 -13.99 18.78
C ASP G 57 -32.22 -13.32 20.08
N GLY G 58 -31.55 -12.26 20.46
CA GLY G 58 -31.79 -11.50 21.65
C GLY G 58 -33.13 -10.78 21.67
N ASN G 59 -33.80 -10.69 20.53
CA ASN G 59 -35.10 -10.03 20.44
C ASN G 59 -36.23 -11.10 20.48
N GLY G 60 -35.84 -12.35 20.63
CA GLY G 60 -36.77 -13.47 20.68
C GLY G 60 -37.29 -13.81 19.29
N HIS G 61 -36.55 -13.45 18.27
CA HIS G 61 -36.93 -13.72 16.89
C HIS G 61 -36.10 -14.90 16.39
N LEU G 62 -36.74 -15.69 15.56
CA LEU G 62 -36.13 -16.88 14.97
C LEU G 62 -34.95 -16.50 14.08
N VAL G 63 -33.93 -17.29 14.17
CA VAL G 63 -32.73 -17.14 13.30
C VAL G 63 -32.94 -18.22 12.24
N ARG G 64 -33.32 -17.83 11.06
CA ARG G 64 -33.62 -18.72 9.95
C ARG G 64 -32.49 -19.01 9.01
N ASP G 65 -31.28 -18.59 9.33
CA ASP G 65 -30.12 -18.82 8.43
C ASP G 65 -28.99 -19.50 9.18
N SER G 66 -29.39 -20.14 10.30
CA SER G 66 -28.39 -20.85 11.13
C SER G 66 -27.90 -22.15 10.47
N PHE G 67 -26.68 -22.54 10.79
CA PHE G 67 -25.94 -23.70 10.36
C PHE G 67 -25.34 -24.40 11.60
N LEU G 68 -25.64 -25.68 11.78
CA LEU G 68 -25.19 -26.47 12.92
C LEU G 68 -24.39 -27.71 12.54
N GLU G 69 -23.39 -27.98 13.37
CA GLU G 69 -22.50 -29.12 13.24
C GLU G 69 -22.55 -29.92 14.55
N VAL G 70 -22.69 -31.26 14.41
CA VAL G 70 -22.80 -32.12 15.61
C VAL G 70 -21.76 -33.22 15.64
N TRP G 71 -21.33 -33.53 16.86
CA TRP G 71 -20.33 -34.57 17.14
C TRP G 71 -20.80 -35.38 18.37
N GLN G 72 -20.93 -36.68 18.21
CA GLN G 72 -21.40 -37.54 19.33
C GLN G 72 -20.87 -38.96 19.22
N ALA G 73 -20.87 -39.61 20.37
CA ALA G 73 -20.45 -41.03 20.43
C ALA G 73 -21.64 -41.91 19.96
N ASP G 74 -21.26 -43.13 19.60
CA ASP G 74 -22.30 -44.14 19.19
C ASP G 74 -22.97 -44.60 20.52
N ALA G 75 -23.87 -45.58 20.36
CA ALA G 75 -24.60 -46.11 21.52
C ALA G 75 -23.67 -46.83 22.48
N ASN G 76 -22.50 -47.24 22.04
CA ASN G 76 -21.53 -47.89 22.90
C ASN G 76 -20.59 -46.87 23.56
N GLY G 77 -20.87 -45.59 23.31
CA GLY G 77 -20.01 -44.56 23.96
C GLY G 77 -18.70 -44.41 23.20
N GLU G 78 -18.70 -44.79 21.94
CA GLU G 78 -17.52 -44.67 21.09
C GLU G 78 -17.67 -43.63 19.99
N TYR G 79 -16.59 -42.89 19.81
CA TYR G 79 -16.52 -41.84 18.75
C TYR G 79 -15.96 -42.50 17.46
N GLN G 80 -16.80 -42.47 16.46
CA GLN G 80 -16.52 -43.05 15.12
C GLN G 80 -16.06 -41.95 14.17
N ASP G 81 -14.75 -41.82 14.10
CA ASP G 81 -14.13 -40.74 13.30
C ASP G 81 -13.98 -40.99 11.83
N ALA G 82 -13.98 -42.23 11.39
CA ALA G 82 -13.82 -42.49 9.93
C ALA G 82 -15.15 -42.30 9.23
N TYR G 83 -15.39 -41.10 8.71
CA TYR G 83 -16.64 -40.76 8.04
C TYR G 83 -16.86 -41.51 6.75
N ASN G 84 -18.02 -42.15 6.68
CA ASN G 84 -18.33 -42.96 5.45
C ASN G 84 -19.85 -43.13 5.37
N LEU G 85 -20.38 -42.81 4.21
CA LEU G 85 -21.81 -42.87 3.91
C LEU G 85 -22.32 -44.33 3.93
N GLU G 86 -21.40 -45.26 3.88
CA GLU G 86 -21.71 -46.68 3.93
C GLU G 86 -21.88 -47.11 5.37
N ASN G 87 -21.35 -46.34 6.32
CA ASN G 87 -21.44 -46.70 7.74
C ASN G 87 -22.91 -46.74 8.17
N ALA G 88 -23.15 -47.52 9.21
CA ALA G 88 -24.55 -47.61 9.72
C ALA G 88 -24.74 -46.45 10.69
N PHE G 89 -23.58 -45.97 11.17
CA PHE G 89 -23.50 -44.85 12.09
C PHE G 89 -22.24 -43.97 11.84
N ASN G 90 -22.48 -42.70 11.86
CA ASN G 90 -21.40 -41.68 11.74
C ASN G 90 -21.60 -40.79 13.00
N SER G 91 -20.48 -40.43 13.61
CA SER G 91 -20.53 -39.56 14.81
C SER G 91 -20.72 -38.07 14.41
N PHE G 92 -20.50 -37.75 13.16
CA PHE G 92 -20.57 -36.36 12.66
C PHE G 92 -21.76 -36.14 11.72
N GLY G 93 -22.36 -34.96 11.92
CA GLY G 93 -23.48 -34.57 11.05
C GLY G 93 -23.59 -33.03 10.93
N ARG G 94 -24.45 -32.65 10.00
CA ARG G 94 -24.82 -31.29 9.72
C ARG G 94 -26.34 -31.13 9.52
N THR G 95 -26.76 -29.96 9.95
CA THR G 95 -28.14 -29.52 9.89
C THR G 95 -28.22 -28.00 9.78
N ALA G 96 -29.37 -27.48 9.42
CA ALA G 96 -29.67 -26.10 9.21
C ALA G 96 -31.14 -25.73 9.43
N THR G 97 -31.38 -24.44 9.69
CA THR G 97 -32.69 -23.93 9.94
C THR G 97 -33.42 -23.44 8.70
N THR G 98 -34.71 -23.89 8.70
CA THR G 98 -35.65 -23.54 7.60
C THR G 98 -35.75 -22.03 7.41
N PHE G 99 -35.63 -21.61 6.15
CA PHE G 99 -35.76 -20.18 5.79
C PHE G 99 -37.24 -19.83 6.13
N ASP G 100 -38.08 -20.82 6.19
CA ASP G 100 -39.51 -20.69 6.52
C ASP G 100 -39.81 -20.86 8.01
N ALA G 101 -39.96 -22.13 8.43
CA ALA G 101 -40.27 -22.43 9.84
C ALA G 101 -39.09 -22.12 10.77
N GLY G 102 -37.88 -22.32 10.27
CA GLY G 102 -36.70 -22.06 11.09
C GLY G 102 -36.48 -23.17 12.12
N GLU G 103 -36.68 -24.41 11.71
CA GLU G 103 -36.46 -25.53 12.67
C GLU G 103 -35.51 -26.53 12.04
N TRP G 104 -34.59 -27.06 12.84
CA TRP G 104 -33.62 -28.03 12.31
C TRP G 104 -34.05 -29.39 12.87
N THR G 105 -33.58 -30.41 12.23
CA THR G 105 -33.87 -31.79 12.71
C THR G 105 -32.63 -32.62 12.38
N LEU G 106 -32.48 -33.60 13.24
CA LEU G 106 -31.40 -34.56 13.13
C LEU G 106 -31.92 -35.97 13.50
N HIS G 107 -31.48 -36.94 12.74
CA HIS G 107 -31.87 -38.39 12.99
C HIS G 107 -30.64 -39.13 13.46
N THR G 108 -30.59 -39.60 14.68
CA THR G 108 -29.41 -40.30 15.25
C THR G 108 -29.85 -41.29 16.32
N VAL G 109 -28.93 -41.73 17.14
CA VAL G 109 -29.17 -42.63 18.26
C VAL G 109 -28.71 -41.89 19.54
N LYS G 110 -29.26 -42.32 20.66
CA LYS G 110 -28.85 -41.71 21.97
C LYS G 110 -27.42 -42.21 22.22
N PRO G 111 -26.48 -41.25 22.42
CA PRO G 111 -25.08 -41.61 22.63
C PRO G 111 -24.84 -42.34 23.96
N GLY G 112 -23.87 -43.19 23.96
CA GLY G 112 -23.45 -43.88 25.19
C GLY G 112 -22.57 -42.88 25.98
N VAL G 113 -22.13 -43.27 27.15
CA VAL G 113 -21.33 -42.53 28.11
C VAL G 113 -19.85 -42.55 27.79
N VAL G 114 -19.24 -41.40 27.94
CA VAL G 114 -17.78 -41.26 27.71
C VAL G 114 -17.18 -40.65 28.98
N ASN G 115 -15.96 -41.04 29.28
CA ASN G 115 -15.28 -40.49 30.48
C ASN G 115 -14.49 -39.23 30.04
N ASN G 116 -14.31 -38.35 30.99
CA ASN G 116 -13.52 -37.11 30.81
C ASN G 116 -12.05 -37.54 31.02
N ALA G 117 -11.16 -36.56 30.84
CA ALA G 117 -9.72 -36.83 30.99
C ALA G 117 -9.37 -37.40 32.34
N ALA G 118 -10.00 -37.07 33.41
CA ALA G 118 -9.66 -37.62 34.73
C ALA G 118 -10.27 -39.01 34.93
N GLY G 119 -10.92 -39.58 33.94
CA GLY G 119 -11.55 -40.89 34.09
C GLY G 119 -12.94 -40.87 34.66
N VAL G 120 -13.58 -39.74 34.82
CA VAL G 120 -14.93 -39.56 35.33
C VAL G 120 -15.95 -39.52 34.21
N PRO G 121 -17.04 -40.27 34.39
CA PRO G 121 -18.10 -40.37 33.39
C PRO G 121 -18.86 -39.07 33.18
N MET G 122 -19.13 -38.80 31.92
CA MET G 122 -19.90 -37.59 31.54
C MET G 122 -21.31 -38.08 31.21
N ALA G 123 -22.33 -37.28 31.47
CA ALA G 123 -23.71 -37.73 31.11
C ALA G 123 -23.78 -37.79 29.59
N PRO G 124 -24.72 -38.53 29.04
CA PRO G 124 -24.89 -38.64 27.57
C PRO G 124 -25.08 -37.20 27.05
N HIS G 125 -24.38 -36.90 25.98
CA HIS G 125 -24.41 -35.53 25.38
C HIS G 125 -23.99 -35.54 23.92
N ILE G 126 -24.45 -34.50 23.25
CA ILE G 126 -24.13 -34.22 21.84
C ILE G 126 -23.43 -32.80 21.81
N ASN G 127 -22.28 -32.76 21.23
CA ASN G 127 -21.46 -31.52 21.07
C ASN G 127 -22.00 -30.73 19.87
N ILE G 128 -22.41 -29.51 20.04
CA ILE G 128 -22.93 -28.69 18.93
C ILE G 128 -22.11 -27.41 18.70
N SER G 129 -21.95 -27.06 17.42
CA SER G 129 -21.29 -25.83 17.00
C SER G 129 -22.32 -25.04 16.16
N LEU G 130 -22.60 -23.81 16.53
CA LEU G 130 -23.56 -22.98 15.77
C LEU G 130 -22.88 -21.86 14.96
N PHE G 131 -23.24 -21.73 13.71
CA PHE G 131 -22.71 -20.72 12.79
C PHE G 131 -23.90 -19.99 12.13
N ALA G 132 -23.65 -18.73 11.75
CA ALA G 132 -24.59 -17.88 11.08
C ALA G 132 -24.03 -16.45 10.91
N ARG G 133 -24.80 -15.74 10.10
CA ARG G 133 -24.53 -14.29 9.86
C ARG G 133 -24.82 -13.61 11.20
N GLY G 134 -23.90 -12.66 11.52
CA GLY G 134 -24.00 -11.96 12.80
C GLY G 134 -23.15 -12.67 13.84
N ILE G 135 -22.71 -13.90 13.61
CA ILE G 135 -21.88 -14.64 14.59
C ILE G 135 -20.45 -14.67 14.05
N ASN G 136 -19.58 -13.86 14.65
CA ASN G 136 -18.17 -13.68 14.26
C ASN G 136 -17.33 -14.90 14.44
N ILE G 137 -17.52 -15.61 15.58
CA ILE G 137 -16.80 -16.84 15.88
C ILE G 137 -17.93 -17.82 16.38
N HIS G 138 -17.88 -19.01 15.88
CA HIS G 138 -18.97 -20.02 16.20
C HIS G 138 -19.14 -20.24 17.66
N LEU G 139 -20.35 -20.62 18.06
CA LEU G 139 -20.71 -20.91 19.47
C LEU G 139 -20.73 -22.42 19.71
N HIS G 140 -20.12 -22.86 20.79
CA HIS G 140 -20.03 -24.22 21.25
C HIS G 140 -21.00 -24.45 22.42
N THR G 141 -21.75 -25.55 22.33
CA THR G 141 -22.71 -25.91 23.38
C THR G 141 -22.85 -27.45 23.41
N ARG G 142 -23.56 -27.93 24.42
CA ARG G 142 -23.84 -29.37 24.57
C ARG G 142 -25.37 -29.58 24.79
N LEU G 143 -25.80 -30.71 24.22
CA LEU G 143 -27.24 -31.12 24.38
C LEU G 143 -27.24 -32.31 25.35
N TYR G 144 -27.96 -32.16 26.44
CA TYR G 144 -28.11 -33.26 27.43
C TYR G 144 -29.62 -33.66 27.36
N PHE G 145 -29.94 -34.76 27.98
CA PHE G 145 -31.35 -35.31 27.91
C PHE G 145 -32.01 -35.29 29.27
N ASP G 146 -33.24 -34.83 29.28
CA ASP G 146 -34.03 -34.71 30.49
C ASP G 146 -34.29 -36.08 31.14
N ASP G 147 -34.31 -37.14 30.37
CA ASP G 147 -34.53 -38.48 30.91
C ASP G 147 -33.28 -39.09 31.50
N GLU G 148 -32.23 -38.29 31.65
CA GLU G 148 -30.97 -38.76 32.23
C GLU G 148 -30.57 -37.97 33.47
N ALA G 149 -31.57 -37.51 34.19
CA ALA G 149 -31.39 -36.73 35.40
C ALA G 149 -30.35 -37.24 36.37
N GLN G 150 -30.23 -38.53 36.53
CA GLN G 150 -29.28 -39.15 37.43
C GLN G 150 -27.85 -38.90 36.97
N ALA G 151 -27.63 -39.19 35.72
CA ALA G 151 -26.29 -39.00 35.11
C ALA G 151 -25.91 -37.50 35.08
N ASN G 152 -26.88 -36.70 34.71
CA ASN G 152 -26.76 -35.26 34.62
C ASN G 152 -26.26 -34.61 35.90
N ALA G 153 -26.84 -35.07 37.03
CA ALA G 153 -26.48 -34.54 38.34
C ALA G 153 -25.02 -34.77 38.69
N LYS G 154 -24.44 -35.81 38.13
CA LYS G 154 -23.06 -36.18 38.37
C LYS G 154 -22.07 -35.74 37.28
N CYS G 155 -22.52 -35.10 36.24
CA CYS G 155 -21.59 -34.70 35.14
C CYS G 155 -20.57 -33.66 35.60
N PRO G 156 -19.30 -33.98 35.41
CA PRO G 156 -18.20 -33.06 35.75
C PRO G 156 -18.22 -31.83 34.86
N VAL G 157 -18.87 -31.90 33.71
CA VAL G 157 -18.92 -30.75 32.80
C VAL G 157 -20.06 -29.85 33.23
N LEU G 158 -21.21 -30.46 33.38
CA LEU G 158 -22.44 -29.75 33.81
C LEU G 158 -22.21 -29.05 35.15
N ASN G 159 -21.45 -29.69 36.02
CA ASN G 159 -21.10 -29.24 37.35
C ASN G 159 -20.14 -28.04 37.36
N LEU G 160 -19.52 -27.72 36.23
CA LEU G 160 -18.61 -26.58 36.13
C LEU G 160 -19.43 -25.29 36.05
N ILE G 161 -20.65 -25.39 35.59
CA ILE G 161 -21.58 -24.24 35.45
C ILE G 161 -22.03 -23.86 36.86
N GLU G 162 -21.51 -22.73 37.33
CA GLU G 162 -21.77 -22.20 38.64
C GLU G 162 -23.21 -22.15 39.11
N GLN G 163 -24.07 -21.60 38.27
CA GLN G 163 -25.51 -21.47 38.60
C GLN G 163 -26.36 -22.58 38.04
N PRO G 164 -26.99 -23.32 38.95
CA PRO G 164 -27.88 -24.43 38.65
C PRO G 164 -28.91 -24.09 37.58
N GLN G 165 -29.49 -22.91 37.71
CA GLN G 165 -30.50 -22.47 36.73
C GLN G 165 -29.99 -22.46 35.29
N ARG G 166 -28.70 -22.17 35.09
CA ARG G 166 -28.11 -22.08 33.75
C ARG G 166 -27.95 -23.45 33.09
N ARG G 167 -27.70 -24.42 33.94
CA ARG G 167 -27.54 -25.83 33.62
C ARG G 167 -28.79 -26.36 32.86
N GLU G 168 -29.92 -25.89 33.34
CA GLU G 168 -31.22 -26.29 32.75
C GLU G 168 -31.30 -25.97 31.29
N THR G 169 -30.67 -24.86 30.85
CA THR G 169 -30.65 -24.43 29.48
C THR G 169 -30.06 -25.49 28.57
N LEU G 170 -29.30 -26.44 29.10
CA LEU G 170 -28.69 -27.49 28.35
C LEU G 170 -29.49 -28.80 28.17
N ILE G 171 -30.62 -28.89 28.82
CA ILE G 171 -31.41 -30.15 28.77
C ILE G 171 -32.50 -30.21 27.75
N ALA G 172 -32.40 -31.16 26.82
CA ALA G 172 -33.42 -31.33 25.76
C ALA G 172 -34.66 -32.02 26.42
N LYS G 173 -35.81 -31.60 25.99
CA LYS G 173 -37.11 -32.08 26.49
C LYS G 173 -37.67 -33.18 25.60
N ARG G 174 -37.79 -34.36 26.21
CA ARG G 174 -38.34 -35.55 25.53
C ARG G 174 -39.81 -35.33 25.13
N CYS G 175 -40.11 -35.75 23.93
CA CYS G 175 -41.43 -35.69 23.31
C CYS G 175 -41.54 -36.90 22.39
N GLU G 176 -42.48 -36.85 21.48
CA GLU G 176 -42.71 -37.93 20.50
C GLU G 176 -43.17 -37.26 19.19
N VAL G 177 -42.70 -37.79 18.08
CA VAL G 177 -43.12 -37.17 16.76
C VAL G 177 -43.49 -38.34 15.86
N ASP G 178 -44.78 -38.42 15.57
CA ASP G 178 -45.32 -39.57 14.76
C ASP G 178 -44.87 -40.82 15.50
N GLY G 179 -45.22 -40.82 16.79
CA GLY G 179 -44.88 -41.91 17.69
C GLY G 179 -43.40 -42.25 17.68
N LYS G 180 -42.54 -41.29 17.39
CA LYS G 180 -41.06 -41.52 17.42
C LYS G 180 -40.57 -40.71 18.64
N THR G 181 -39.63 -41.33 19.35
CA THR G 181 -39.05 -40.66 20.54
C THR G 181 -38.25 -39.45 19.95
N ALA G 182 -38.54 -38.31 20.46
CA ALA G 182 -37.91 -37.06 20.00
C ALA G 182 -37.60 -36.21 21.24
N TYR G 183 -36.67 -35.30 21.06
CA TYR G 183 -36.27 -34.34 22.09
C TYR G 183 -36.18 -32.95 21.38
N ARG G 184 -36.67 -31.98 22.09
CA ARG G 184 -36.61 -30.61 21.53
C ARG G 184 -35.50 -29.90 22.33
N PHE G 185 -34.72 -29.17 21.56
CA PHE G 185 -33.56 -28.41 22.12
C PHE G 185 -33.48 -27.06 21.39
N ASP G 186 -34.03 -26.08 22.01
CA ASP G 186 -34.07 -24.70 21.52
C ASP G 186 -32.83 -23.96 22.06
N ILE G 187 -32.30 -23.13 21.19
CA ILE G 187 -31.08 -22.34 21.57
C ILE G 187 -31.46 -20.87 21.65
N ARG G 188 -31.07 -20.25 22.75
CA ARG G 188 -31.36 -18.76 22.91
C ARG G 188 -29.98 -18.11 23.02
N ILE G 189 -29.58 -17.51 21.92
CA ILE G 189 -28.27 -16.86 21.80
C ILE G 189 -28.06 -15.76 22.83
N GLN G 190 -29.12 -15.02 23.13
CA GLN G 190 -29.00 -13.89 24.06
C GLN G 190 -30.24 -13.61 24.85
N GLY G 191 -30.08 -13.11 26.08
CA GLY G 191 -31.17 -12.71 26.94
C GLY G 191 -31.70 -13.78 27.90
N GLU G 192 -32.96 -13.57 28.25
CA GLU G 192 -33.72 -14.43 29.15
C GLU G 192 -33.61 -15.89 28.68
N GLY G 193 -33.11 -16.75 29.54
CA GLY G 193 -32.92 -18.15 29.15
C GLY G 193 -31.74 -18.37 28.24
N GLU G 194 -30.85 -17.37 28.18
CA GLU G 194 -29.63 -17.49 27.34
C GLU G 194 -28.92 -18.81 27.57
N THR G 195 -28.71 -19.56 26.48
CA THR G 195 -28.08 -20.90 26.54
C THR G 195 -26.61 -20.76 26.92
N VAL G 196 -26.14 -21.74 27.73
CA VAL G 196 -24.72 -21.71 28.12
C VAL G 196 -23.88 -22.08 26.86
N PHE G 197 -22.77 -21.27 26.68
CA PHE G 197 -21.86 -21.56 25.55
C PHE G 197 -20.47 -21.78 26.17
N PHE G 198 -19.68 -22.69 25.66
CA PHE G 198 -18.39 -23.06 26.19
C PHE G 198 -17.21 -22.53 25.36
N ASP G 199 -16.09 -22.65 26.12
CA ASP G 199 -14.77 -22.32 25.54
C ASP G 199 -13.87 -23.51 25.99
N PHE G 200 -13.12 -23.97 25.03
CA PHE G 200 -12.17 -25.05 25.23
C PHE G 200 -11.04 -25.03 24.18
N PRO H 1 -12.26 -46.68 17.05
CA PRO H 1 -12.83 -45.37 17.38
C PRO H 1 -11.70 -44.37 17.66
N ALA H 2 -12.11 -43.13 17.82
CA ALA H 2 -11.14 -42.03 18.11
C ALA H 2 -10.63 -42.13 19.55
N GLN H 3 -9.44 -41.57 19.80
CA GLN H 3 -8.89 -41.59 21.17
C GLN H 3 -8.32 -40.24 21.61
N ASP H 4 -8.40 -39.99 22.90
CA ASP H 4 -7.93 -38.78 23.58
C ASP H 4 -6.41 -38.81 23.83
N ASN H 5 -5.65 -38.39 22.84
CA ASN H 5 -4.18 -38.39 22.98
C ASN H 5 -3.58 -37.01 22.77
N SER H 6 -4.38 -36.04 22.40
CA SER H 6 -3.90 -34.69 22.11
C SER H 6 -4.57 -33.60 22.93
N ARG H 7 -3.85 -32.48 23.00
CA ARG H 7 -4.33 -31.27 23.67
C ARG H 7 -4.17 -30.14 22.62
N PHE H 8 -5.05 -29.19 22.60
CA PHE H 8 -4.93 -28.09 21.58
C PHE H 8 -4.66 -26.80 22.33
N VAL H 9 -3.68 -26.07 21.76
CA VAL H 9 -3.36 -24.75 22.41
C VAL H 9 -4.66 -23.95 22.56
N ILE H 10 -4.85 -23.31 23.68
CA ILE H 10 -6.01 -22.48 23.95
C ILE H 10 -6.13 -21.32 22.96
N ARG H 11 -7.36 -21.02 22.54
CA ARG H 11 -7.60 -19.94 21.58
C ARG H 11 -7.35 -18.55 22.23
N ASP H 12 -6.91 -17.65 21.33
CA ASP H 12 -6.72 -16.24 21.72
C ASP H 12 -7.95 -15.47 21.23
N ARG H 13 -8.87 -15.26 22.13
CA ARG H 13 -10.11 -14.59 21.88
C ARG H 13 -9.97 -13.07 21.77
N ASN H 14 -8.70 -12.60 21.93
CA ASN H 14 -8.42 -11.18 21.70
C ASN H 14 -7.88 -11.10 20.26
N TRP H 15 -7.47 -12.19 19.66
CA TRP H 15 -6.93 -12.25 18.28
C TRP H 15 -8.10 -12.36 17.28
N HIS H 16 -8.96 -13.35 17.61
CA HIS H 16 -10.21 -13.57 16.84
C HIS H 16 -11.11 -12.36 17.15
N PRO H 17 -12.09 -12.15 16.29
CA PRO H 17 -13.06 -11.03 16.51
C PRO H 17 -13.91 -11.38 17.75
N LYS H 18 -14.34 -10.31 18.42
CA LYS H 18 -15.24 -10.52 19.59
C LYS H 18 -16.66 -10.79 19.03
N ALA H 19 -17.55 -11.23 19.92
CA ALA H 19 -18.94 -11.51 19.59
C ALA H 19 -19.72 -10.24 19.27
N LEU H 20 -19.64 -9.26 20.19
CA LEU H 20 -20.34 -8.00 19.98
C LEU H 20 -19.42 -6.93 19.34
N THR H 21 -19.69 -6.61 18.12
CA THR H 21 -19.00 -5.59 17.29
C THR H 21 -20.09 -4.82 16.57
N PRO H 22 -20.61 -3.82 17.28
CA PRO H 22 -21.72 -3.03 16.85
C PRO H 22 -21.75 -2.46 15.47
N ASP H 23 -20.62 -2.16 14.84
CA ASP H 23 -20.70 -1.64 13.44
C ASP H 23 -21.26 -2.70 12.49
N TYR H 24 -21.05 -3.92 12.86
CA TYR H 24 -21.60 -5.11 12.12
C TYR H 24 -22.96 -5.35 12.88
N LYS H 25 -23.93 -4.62 12.36
CA LYS H 25 -25.27 -4.56 12.90
C LYS H 25 -25.88 -5.85 13.38
N THR H 26 -25.77 -6.90 12.57
CA THR H 26 -26.40 -8.18 12.96
C THR H 26 -25.81 -8.80 14.20
N SER H 27 -24.58 -8.47 14.56
CA SER H 27 -23.94 -9.04 15.75
C SER H 27 -24.60 -8.55 17.03
N ILE H 28 -25.31 -7.41 16.98
CA ILE H 28 -25.90 -6.87 18.21
C ILE H 28 -26.83 -7.87 18.88
N ALA H 29 -27.74 -8.42 18.12
CA ALA H 29 -28.74 -9.39 18.62
C ALA H 29 -28.31 -10.84 18.62
N ARG H 30 -27.21 -11.16 17.93
CA ARG H 30 -26.72 -12.51 17.83
C ARG H 30 -25.40 -12.79 18.55
N SER H 31 -25.19 -12.01 19.60
CA SER H 31 -23.98 -12.20 20.45
C SER H 31 -24.49 -12.46 21.86
N PRO H 32 -23.89 -13.41 22.54
CA PRO H 32 -24.32 -13.74 23.93
C PRO H 32 -24.07 -12.55 24.87
N ARG H 33 -24.76 -12.48 26.00
CA ARG H 33 -24.49 -11.41 26.97
C ARG H 33 -23.73 -12.01 28.15
N GLN H 34 -23.86 -13.30 28.41
CA GLN H 34 -23.11 -13.95 29.51
C GLN H 34 -21.72 -14.37 29.03
N ALA H 35 -20.82 -14.56 29.99
CA ALA H 35 -19.45 -15.03 29.66
C ALA H 35 -19.50 -16.47 29.17
N LEU H 36 -18.52 -16.84 28.34
CA LEU H 36 -18.42 -18.27 27.89
C LEU H 36 -17.94 -19.05 29.14
N VAL H 37 -18.35 -20.29 29.27
CA VAL H 37 -17.87 -21.10 30.41
C VAL H 37 -16.69 -21.95 29.95
N SER H 38 -15.53 -21.84 30.55
CA SER H 38 -14.36 -22.62 30.15
C SER H 38 -14.48 -24.07 30.75
N ILE H 39 -14.14 -25.02 29.95
CA ILE H 39 -14.11 -26.43 30.36
C ILE H 39 -12.83 -27.10 29.83
N PRO H 40 -12.33 -28.04 30.61
CA PRO H 40 -11.10 -28.78 30.24
C PRO H 40 -11.39 -29.64 29.00
N GLN H 41 -10.33 -29.95 28.28
CA GLN H 41 -10.44 -30.76 27.05
C GLN H 41 -10.62 -32.24 27.45
N SER H 42 -11.61 -32.86 26.82
CA SER H 42 -11.89 -34.32 27.01
C SER H 42 -11.89 -34.93 25.60
N ILE H 43 -12.17 -36.24 25.51
CA ILE H 43 -12.25 -36.93 24.22
C ILE H 43 -13.30 -36.29 23.31
N SER H 44 -14.30 -35.70 23.92
CA SER H 44 -15.40 -35.05 23.21
C SER H 44 -14.90 -33.87 22.33
N GLU H 45 -13.99 -33.12 22.91
CA GLU H 45 -13.43 -31.91 22.26
C GLU H 45 -12.19 -32.15 21.44
N THR H 46 -11.39 -33.16 21.78
CA THR H 46 -10.13 -33.43 21.09
C THR H 46 -10.18 -34.37 19.90
N THR H 47 -11.40 -34.83 19.54
CA THR H 47 -11.53 -35.74 18.35
C THR H 47 -12.46 -35.06 17.36
N GLY H 48 -12.52 -35.67 16.18
CA GLY H 48 -13.40 -35.12 15.13
C GLY H 48 -13.33 -36.06 13.92
N PRO H 49 -14.19 -35.76 12.97
CA PRO H 49 -14.30 -36.59 11.76
C PRO H 49 -13.05 -36.51 10.90
N ASN H 50 -12.81 -37.60 10.21
CA ASN H 50 -11.74 -37.82 9.24
C ASN H 50 -12.52 -38.09 7.92
N PHE H 51 -12.26 -37.24 6.96
CA PHE H 51 -12.93 -37.30 5.67
C PHE H 51 -12.21 -38.03 4.55
N SER H 52 -11.15 -38.74 4.84
CA SER H 52 -10.36 -39.48 3.89
C SER H 52 -11.16 -40.42 2.97
N HIS H 53 -12.28 -40.91 3.43
CA HIS H 53 -13.11 -41.82 2.64
C HIS H 53 -14.35 -41.22 2.03
N LEU H 54 -14.48 -39.90 2.06
CA LEU H 54 -15.66 -39.27 1.40
C LEU H 54 -15.36 -39.47 -0.11
N GLY H 55 -16.41 -39.70 -0.86
CA GLY H 55 -16.21 -39.92 -2.34
C GLY H 55 -16.33 -38.55 -3.01
N PHE H 56 -15.16 -37.98 -3.29
CA PHE H 56 -15.07 -36.65 -3.93
C PHE H 56 -15.18 -36.79 -5.45
N GLY H 57 -15.95 -35.96 -6.09
CA GLY H 57 -16.05 -35.92 -7.56
C GLY H 57 -14.70 -35.40 -8.10
N ALA H 58 -14.48 -35.69 -9.37
CA ALA H 58 -13.26 -35.33 -10.10
C ALA H 58 -13.01 -33.85 -10.21
N HIS H 59 -14.11 -33.08 -10.24
CA HIS H 59 -13.97 -31.63 -10.35
C HIS H 59 -14.51 -30.92 -9.13
N ASP H 60 -14.47 -31.57 -8.00
CA ASP H 60 -15.04 -30.97 -6.76
C ASP H 60 -14.33 -29.63 -6.43
N HIS H 61 -13.06 -29.58 -6.76
CA HIS H 61 -12.21 -28.42 -6.51
C HIS H 61 -12.01 -27.50 -7.70
N ASP H 62 -12.70 -27.76 -8.81
CA ASP H 62 -12.50 -26.88 -10.01
C ASP H 62 -13.82 -26.22 -10.40
N LEU H 63 -13.99 -24.98 -9.96
CA LEU H 63 -15.17 -24.17 -10.14
C LEU H 63 -15.37 -23.68 -11.55
N LEU H 64 -14.44 -23.96 -12.44
CA LEU H 64 -14.53 -23.60 -13.85
C LEU H 64 -15.28 -24.73 -14.61
N LEU H 65 -15.24 -25.94 -14.02
CA LEU H 65 -15.84 -27.09 -14.64
C LEU H 65 -16.96 -27.79 -13.84
N ASN H 66 -17.10 -27.49 -12.57
CA ASN H 66 -18.03 -28.21 -11.71
C ASN H 66 -19.48 -27.81 -11.70
N PHE H 67 -19.91 -26.84 -12.48
CA PHE H 67 -21.30 -26.40 -12.49
C PHE H 67 -21.96 -27.00 -13.76
N GLY H 71 -20.42 -24.30 -21.03
CA GLY H 71 -19.56 -23.16 -21.33
C GLY H 71 -18.63 -22.89 -20.14
N LEU H 72 -17.84 -21.85 -20.34
CA LEU H 72 -16.87 -21.43 -19.28
C LEU H 72 -17.45 -20.19 -18.61
N PRO H 73 -17.17 -20.09 -17.33
CA PRO H 73 -17.63 -18.91 -16.55
C PRO H 73 -16.83 -17.65 -17.07
N ILE H 74 -17.51 -16.54 -16.95
CA ILE H 74 -16.91 -15.20 -17.32
C ILE H 74 -16.20 -14.64 -16.08
N GLY H 75 -14.98 -14.17 -16.20
CA GLY H 75 -14.25 -13.61 -15.06
C GLY H 75 -12.79 -13.97 -15.08
N GLU H 76 -12.07 -13.41 -14.11
CA GLU H 76 -10.61 -13.59 -14.00
C GLU H 76 -10.33 -14.99 -13.48
N ARG H 77 -9.68 -15.76 -14.32
CA ARG H 77 -9.35 -17.14 -13.99
C ARG H 77 -8.19 -17.14 -13.00
N ILE H 78 -8.38 -17.85 -11.91
CA ILE H 78 -7.30 -17.93 -10.92
C ILE H 78 -7.21 -19.26 -10.24
N ILE H 79 -6.05 -19.56 -9.77
CA ILE H 79 -5.80 -20.73 -8.89
C ILE H 79 -5.68 -20.12 -7.45
N VAL H 80 -6.31 -20.77 -6.52
CA VAL H 80 -6.22 -20.40 -5.09
C VAL H 80 -5.62 -21.64 -4.39
N ALA H 81 -4.39 -21.48 -3.91
CA ALA H 81 -3.68 -22.56 -3.26
C ALA H 81 -2.95 -22.17 -2.01
N GLY H 82 -2.58 -23.17 -1.20
CA GLY H 82 -1.87 -22.91 0.05
C GLY H 82 -1.69 -24.20 0.84
N ARG H 83 -1.30 -23.97 2.08
CA ARG H 83 -0.99 -25.05 3.02
C ARG H 83 -1.70 -24.76 4.35
N VAL H 84 -2.12 -25.90 4.93
CA VAL H 84 -2.77 -25.88 6.25
C VAL H 84 -1.71 -26.46 7.22
N VAL H 85 -1.39 -25.71 8.22
CA VAL H 85 -0.38 -26.15 9.24
C VAL H 85 -0.96 -25.76 10.62
N ASP H 86 -0.42 -26.28 11.69
CA ASP H 86 -0.86 -25.93 13.06
C ASP H 86 0.08 -24.81 13.54
N GLN H 87 -0.14 -24.33 14.73
CA GLN H 87 0.63 -23.25 15.33
C GLN H 87 2.12 -23.66 15.54
N TYR H 88 2.37 -24.95 15.57
CA TYR H 88 3.74 -25.46 15.73
C TYR H 88 4.40 -25.53 14.35
N GLY H 89 3.65 -25.20 13.30
CA GLY H 89 4.18 -25.22 11.93
C GLY H 89 4.10 -26.60 11.30
N LYS H 90 3.40 -27.50 11.96
CA LYS H 90 3.25 -28.91 11.45
C LYS H 90 2.14 -28.93 10.43
N PRO H 91 2.36 -29.57 9.28
CA PRO H 91 1.34 -29.67 8.23
C PRO H 91 0.15 -30.50 8.74
N VAL H 92 -1.00 -30.16 8.17
CA VAL H 92 -2.27 -30.87 8.54
C VAL H 92 -2.73 -31.66 7.27
N PRO H 93 -2.35 -32.92 7.24
CA PRO H 93 -2.65 -33.79 6.08
C PRO H 93 -4.05 -34.33 6.06
N ASN H 94 -4.58 -34.59 4.87
CA ASN H 94 -5.93 -35.12 4.65
C ASN H 94 -7.01 -34.49 5.50
N THR H 95 -7.08 -33.17 5.50
CA THR H 95 -8.10 -32.42 6.25
C THR H 95 -9.04 -31.82 5.20
N LEU H 96 -10.28 -31.58 5.56
CA LEU H 96 -11.29 -31.08 4.68
C LEU H 96 -11.35 -29.54 4.59
N VAL H 97 -11.26 -29.10 3.37
CA VAL H 97 -11.34 -27.70 3.01
C VAL H 97 -12.52 -27.45 2.06
N GLU H 98 -13.42 -26.61 2.52
CA GLU H 98 -14.58 -26.22 1.70
C GLU H 98 -14.61 -24.73 1.48
N MET H 99 -15.10 -24.31 0.33
CA MET H 99 -15.21 -22.89 -0.02
C MET H 99 -16.46 -22.59 -0.85
N TRP H 100 -16.94 -21.37 -0.79
CA TRP H 100 -18.09 -20.87 -1.53
C TRP H 100 -17.80 -19.37 -1.81
N GLN H 101 -18.37 -18.85 -2.88
CA GLN H 101 -18.15 -17.41 -3.20
C GLN H 101 -19.25 -16.99 -4.23
N ALA H 102 -19.28 -15.71 -4.51
CA ALA H 102 -20.17 -15.13 -5.52
C ALA H 102 -19.48 -15.27 -6.88
N ASN H 103 -20.12 -14.81 -7.92
CA ASN H 103 -19.58 -14.82 -9.30
C ASN H 103 -18.74 -13.49 -9.49
N ALA H 104 -18.30 -13.30 -10.72
CA ALA H 104 -17.48 -12.12 -11.06
C ALA H 104 -18.15 -10.81 -10.75
N GLY H 105 -19.46 -10.76 -10.70
CA GLY H 105 -20.24 -9.59 -10.42
C GLY H 105 -20.70 -9.37 -9.03
N GLY H 106 -20.33 -10.25 -8.09
CA GLY H 106 -20.82 -10.07 -6.69
C GLY H 106 -22.17 -10.82 -6.51
N ARG H 107 -22.58 -11.58 -7.49
CA ARG H 107 -23.87 -12.33 -7.33
C ARG H 107 -23.70 -13.76 -6.86
N TYR H 108 -24.47 -14.14 -5.84
CA TYR H 108 -24.44 -15.52 -5.28
C TYR H 108 -25.58 -16.35 -5.88
N ARG H 109 -25.28 -17.62 -6.06
CA ARG H 109 -26.31 -18.57 -6.58
C ARG H 109 -27.05 -19.14 -5.34
N HIS H 110 -27.98 -18.32 -4.87
CA HIS H 110 -28.81 -18.57 -3.70
C HIS H 110 -30.08 -17.72 -3.79
N LYS H 111 -31.16 -18.37 -3.45
CA LYS H 111 -32.54 -17.92 -3.40
C LYS H 111 -32.69 -16.51 -2.83
N ASN H 112 -32.07 -16.32 -1.67
CA ASN H 112 -32.10 -15.06 -0.95
C ASN H 112 -31.29 -13.92 -1.54
N ASP H 113 -30.49 -14.12 -2.55
CA ASP H 113 -29.68 -13.05 -3.17
C ASP H 113 -30.42 -12.37 -4.30
N ARG H 114 -30.87 -11.15 -4.02
CA ARG H 114 -31.61 -10.38 -5.07
C ARG H 114 -30.79 -9.28 -5.68
N TYR H 115 -29.47 -9.29 -5.50
CA TYR H 115 -28.62 -8.22 -6.08
C TYR H 115 -28.86 -8.22 -7.57
N LEU H 116 -28.91 -7.02 -8.14
CA LEU H 116 -29.17 -6.79 -9.55
C LEU H 116 -28.14 -7.31 -10.50
N ALA H 117 -26.96 -7.70 -10.05
CA ALA H 117 -25.96 -8.24 -11.01
C ALA H 117 -26.47 -9.64 -11.37
N PRO H 118 -26.38 -10.01 -12.63
CA PRO H 118 -26.84 -11.30 -13.11
C PRO H 118 -26.07 -12.50 -12.67
N LEU H 119 -26.80 -13.66 -12.62
CA LEU H 119 -26.14 -14.93 -12.34
C LEU H 119 -25.37 -15.30 -13.64
N ASP H 120 -24.38 -16.14 -13.43
CA ASP H 120 -23.58 -16.65 -14.56
C ASP H 120 -24.09 -18.10 -14.79
N PRO H 121 -24.56 -18.34 -16.00
CA PRO H 121 -25.12 -19.68 -16.36
C PRO H 121 -24.14 -20.81 -16.24
N ASN H 122 -22.83 -20.54 -16.25
CA ASN H 122 -21.81 -21.58 -16.15
C ASN H 122 -21.09 -21.63 -14.81
N PHE H 123 -21.67 -20.93 -13.84
CA PHE H 123 -20.95 -20.90 -12.52
C PHE H 123 -21.85 -21.14 -11.33
N GLY H 124 -21.37 -22.03 -10.46
CA GLY H 124 -22.04 -22.46 -9.26
C GLY H 124 -21.52 -21.75 -8.02
N GLY H 125 -20.21 -21.77 -7.78
CA GLY H 125 -19.57 -21.14 -6.66
C GLY H 125 -19.24 -21.99 -5.46
N VAL H 126 -19.16 -23.32 -5.58
CA VAL H 126 -18.80 -24.17 -4.44
C VAL H 126 -17.65 -25.10 -4.77
N GLY H 127 -16.77 -25.32 -3.82
CA GLY H 127 -15.65 -26.29 -4.08
C GLY H 127 -15.32 -27.01 -2.79
N ARG H 128 -14.58 -28.09 -2.87
CA ARG H 128 -14.14 -28.86 -1.70
C ARG H 128 -12.84 -29.56 -2.13
N CYS H 129 -11.92 -29.71 -1.20
CA CYS H 129 -10.61 -30.33 -1.46
C CYS H 129 -10.03 -30.87 -0.14
N LEU H 130 -9.45 -32.04 -0.31
CA LEU H 130 -8.79 -32.73 0.81
C LEU H 130 -7.29 -32.42 0.71
N THR H 131 -6.71 -31.94 1.77
CA THR H 131 -5.28 -31.61 1.79
C THR H 131 -4.47 -32.93 1.55
N ASP H 132 -3.33 -32.71 0.92
CA ASP H 132 -2.41 -33.84 0.63
C ASP H 132 -1.55 -34.14 1.85
N SER H 133 -0.58 -35.03 1.66
CA SER H 133 0.34 -35.45 2.70
C SER H 133 1.13 -34.28 3.33
N ASP H 134 1.31 -33.26 2.53
CA ASP H 134 2.07 -32.11 2.93
C ASP H 134 1.27 -30.96 3.46
N GLY H 135 -0.05 -31.11 3.46
CA GLY H 135 -0.96 -30.09 3.91
C GLY H 135 -1.47 -29.15 2.84
N TYR H 136 -1.16 -29.43 1.58
CA TYR H 136 -1.54 -28.62 0.45
C TYR H 136 -2.92 -28.87 -0.11
N TYR H 137 -3.51 -27.78 -0.54
CA TYR H 137 -4.84 -27.72 -1.18
C TYR H 137 -4.72 -26.76 -2.36
N SER H 138 -5.65 -26.89 -3.29
CA SER H 138 -5.70 -25.89 -4.40
C SER H 138 -7.10 -25.97 -4.98
N PHE H 139 -7.51 -24.87 -5.52
CA PHE H 139 -8.83 -24.68 -6.13
C PHE H 139 -8.60 -23.90 -7.43
N ARG H 140 -9.52 -24.05 -8.32
CA ARG H 140 -9.43 -23.28 -9.60
C ARG H 140 -10.80 -22.62 -9.68
N THR H 141 -10.74 -21.30 -9.84
CA THR H 141 -12.03 -20.54 -9.88
C THR H 141 -11.80 -19.21 -10.57
N ILE H 142 -12.81 -18.36 -10.40
CA ILE H 142 -12.78 -17.00 -10.90
C ILE H 142 -12.84 -16.05 -9.69
N LYS H 143 -12.18 -14.90 -9.89
CA LYS H 143 -12.14 -13.88 -8.80
C LYS H 143 -13.54 -13.30 -8.64
N PRO H 144 -14.07 -13.38 -7.40
CA PRO H 144 -15.37 -12.89 -7.05
C PRO H 144 -15.39 -11.34 -7.06
N GLY H 145 -16.54 -10.79 -7.24
CA GLY H 145 -16.74 -9.32 -7.24
C GLY H 145 -17.20 -8.92 -5.85
N PRO H 146 -16.95 -7.65 -5.50
CA PRO H 146 -17.41 -7.11 -4.22
C PRO H 146 -18.97 -7.01 -4.38
N TYR H 147 -19.65 -6.77 -3.30
CA TYR H 147 -21.13 -6.60 -3.36
C TYR H 147 -21.67 -5.83 -2.18
N PRO H 148 -22.75 -5.14 -2.46
CA PRO H 148 -23.43 -4.26 -1.47
C PRO H 148 -24.25 -5.10 -0.53
N TRP H 149 -24.42 -4.63 0.68
CA TRP H 149 -25.22 -5.41 1.69
C TRP H 149 -25.85 -4.35 2.59
N ARG H 150 -27.00 -4.76 3.08
CA ARG H 150 -27.77 -3.81 3.91
C ARG H 150 -27.21 -3.73 5.31
N ASN H 151 -26.16 -2.93 5.54
CA ASN H 151 -25.60 -2.73 6.92
C ASN H 151 -25.80 -1.22 7.13
N GLY H 152 -24.73 -0.50 6.82
CA GLY H 152 -24.79 1.00 6.80
C GLY H 152 -25.38 1.26 5.38
N PRO H 153 -25.70 2.52 5.09
CA PRO H 153 -26.31 2.92 3.83
C PRO H 153 -25.49 2.73 2.57
N ASN H 154 -24.18 2.55 2.69
CA ASN H 154 -23.33 2.35 1.51
C ASN H 154 -22.18 1.43 1.85
N ASP H 155 -22.51 0.29 2.43
CA ASP H 155 -21.51 -0.72 2.79
C ASP H 155 -21.32 -1.69 1.62
N TRP H 156 -20.07 -2.09 1.43
CA TRP H 156 -19.66 -2.99 0.33
C TRP H 156 -18.67 -4.02 0.84
N ARG H 157 -18.98 -5.32 0.68
CA ARG H 157 -17.93 -6.28 1.13
C ARG H 157 -16.82 -6.27 0.08
N PRO H 158 -15.57 -6.38 0.55
CA PRO H 158 -14.45 -6.55 -0.38
C PRO H 158 -14.67 -7.94 -1.06
N ALA H 159 -14.04 -8.09 -2.23
CA ALA H 159 -14.08 -9.41 -2.89
C ALA H 159 -13.56 -10.39 -1.83
N HIS H 160 -14.24 -11.54 -1.69
CA HIS H 160 -13.79 -12.55 -0.73
C HIS H 160 -14.30 -13.98 -1.07
N ILE H 161 -13.56 -14.93 -0.51
CA ILE H 161 -13.96 -16.35 -0.65
C ILE H 161 -14.23 -16.90 0.76
N HIS H 162 -15.37 -17.49 0.99
CA HIS H 162 -15.67 -18.10 2.34
C HIS H 162 -14.92 -19.42 2.43
N PHE H 163 -14.33 -19.73 3.57
CA PHE H 163 -13.61 -21.00 3.80
C PHE H 163 -14.05 -21.69 5.11
N GLY H 164 -14.02 -23.00 5.09
CA GLY H 164 -14.33 -23.88 6.22
C GLY H 164 -13.22 -24.94 6.28
N ILE H 165 -12.60 -25.09 7.43
CA ILE H 165 -11.49 -26.07 7.58
C ILE H 165 -11.76 -26.99 8.77
N SER H 166 -11.65 -28.30 8.48
CA SER H 166 -11.93 -29.28 9.58
C SER H 166 -10.84 -29.38 10.62
N GLY H 167 -9.66 -29.76 10.22
CA GLY H 167 -8.51 -29.94 11.10
C GLY H 167 -8.82 -31.30 11.83
N PRO H 168 -7.88 -31.69 12.67
CA PRO H 168 -7.96 -32.94 13.38
C PRO H 168 -9.07 -33.12 14.40
N SER H 169 -9.75 -32.09 14.86
CA SER H 169 -10.79 -32.22 15.87
C SER H 169 -11.79 -31.07 15.80
N ILE H 170 -12.89 -31.26 16.56
CA ILE H 170 -13.90 -30.20 16.60
C ILE H 170 -13.35 -28.90 17.21
N ALA H 171 -12.35 -28.99 18.02
CA ALA H 171 -11.66 -27.88 18.70
C ALA H 171 -10.88 -27.00 17.67
N THR H 172 -10.47 -27.62 16.55
CA THR H 172 -9.72 -26.90 15.52
C THR H 172 -10.57 -26.39 14.38
N LYS H 173 -11.80 -26.89 14.25
CA LYS H 173 -12.67 -26.51 13.12
C LYS H 173 -12.80 -24.99 13.04
N LEU H 174 -12.71 -24.47 11.83
CA LEU H 174 -12.77 -22.98 11.68
C LEU H 174 -13.46 -22.60 10.35
N ILE H 175 -14.16 -21.50 10.41
CA ILE H 175 -14.81 -20.83 9.30
C ILE H 175 -14.17 -19.40 9.24
N THR H 176 -13.81 -19.03 8.02
CA THR H 176 -13.15 -17.73 7.83
C THR H 176 -13.43 -17.21 6.43
N GLN H 177 -12.75 -16.09 6.11
CA GLN H 177 -12.89 -15.45 4.79
C GLN H 177 -11.51 -15.00 4.27
N LEU H 178 -11.25 -15.20 3.01
CA LEU H 178 -10.06 -14.79 2.26
C LEU H 178 -10.35 -13.49 1.48
N TYR H 179 -9.41 -12.54 1.62
CA TYR H 179 -9.47 -11.24 0.96
C TYR H 179 -8.29 -11.16 -0.02
N PHE H 180 -8.38 -10.29 -1.02
CA PHE H 180 -7.31 -10.21 -2.04
C PHE H 180 -6.37 -9.01 -1.87
N GLU H 181 -5.09 -9.30 -1.99
CA GLU H 181 -4.05 -8.26 -1.81
C GLU H 181 -4.36 -6.96 -2.55
N GLY H 182 -4.30 -5.89 -1.83
CA GLY H 182 -4.48 -4.50 -2.32
C GLY H 182 -5.88 -3.99 -2.47
N ASP H 183 -6.89 -4.83 -2.19
CA ASP H 183 -8.32 -4.35 -2.36
C ASP H 183 -8.53 -3.20 -1.38
N PRO H 184 -8.94 -2.07 -1.93
CA PRO H 184 -9.16 -0.84 -1.13
C PRO H 184 -10.39 -0.86 -0.26
N LEU H 185 -11.26 -1.88 -0.47
CA LEU H 185 -12.46 -2.01 0.35
C LEU H 185 -12.13 -2.60 1.70
N ILE H 186 -11.07 -3.35 1.80
CA ILE H 186 -10.66 -4.04 3.01
C ILE H 186 -10.77 -3.21 4.27
N PRO H 187 -10.08 -2.05 4.29
CA PRO H 187 -10.08 -1.18 5.46
C PRO H 187 -11.44 -0.61 5.77
N MET H 188 -12.38 -0.57 4.87
CA MET H 188 -13.68 0.03 5.15
C MET H 188 -14.72 -0.98 5.64
N CYS H 189 -14.36 -2.24 5.65
CA CYS H 189 -15.36 -3.28 6.01
C CYS H 189 -15.57 -3.54 7.48
N PRO H 190 -16.82 -3.33 7.90
CA PRO H 190 -17.24 -3.56 9.29
C PRO H 190 -17.07 -4.99 9.73
N ILE H 191 -17.11 -5.95 8.79
CA ILE H 191 -16.89 -7.35 9.11
C ILE H 191 -15.39 -7.59 9.37
N VAL H 192 -14.58 -7.12 8.40
CA VAL H 192 -13.11 -7.23 8.54
C VAL H 192 -12.71 -6.57 9.89
N LYS H 193 -13.30 -5.42 10.13
CA LYS H 193 -13.05 -4.62 11.32
C LYS H 193 -13.55 -5.22 12.61
N SER H 194 -14.25 -6.39 12.51
CA SER H 194 -14.66 -7.08 13.75
C SER H 194 -13.37 -7.55 14.45
N ILE H 195 -12.31 -7.64 13.66
CA ILE H 195 -10.97 -8.06 14.12
C ILE H 195 -10.27 -6.77 14.62
N ALA H 196 -9.92 -6.70 15.86
CA ALA H 196 -9.29 -5.51 16.45
C ALA H 196 -7.83 -5.31 16.14
N ASN H 197 -7.04 -6.30 15.89
CA ASN H 197 -5.62 -6.28 15.60
C ASN H 197 -5.32 -6.34 14.12
N PRO H 198 -4.72 -5.26 13.60
CA PRO H 198 -4.34 -5.11 12.24
C PRO H 198 -3.46 -6.23 11.71
N GLU H 199 -2.66 -6.74 12.61
CA GLU H 199 -1.75 -7.85 12.27
C GLU H 199 -2.66 -9.08 11.94
N ALA H 200 -3.72 -9.16 12.71
CA ALA H 200 -4.68 -10.30 12.56
C ALA H 200 -5.30 -10.23 11.20
N VAL H 201 -5.64 -9.01 10.79
CA VAL H 201 -6.26 -8.79 9.47
C VAL H 201 -5.39 -9.23 8.30
N GLN H 202 -4.07 -8.98 8.43
CA GLN H 202 -3.10 -9.36 7.42
C GLN H 202 -3.13 -10.84 7.12
N GLN H 203 -3.41 -11.65 8.13
CA GLN H 203 -3.45 -13.10 8.00
C GLN H 203 -4.55 -13.58 7.03
N LEU H 204 -5.57 -12.80 6.81
CA LEU H 204 -6.69 -13.09 5.93
C LEU H 204 -6.50 -12.63 4.48
N ILE H 205 -5.37 -11.99 4.22
CA ILE H 205 -5.10 -11.50 2.86
C ILE H 205 -4.21 -12.42 2.05
N ALA H 206 -4.76 -12.85 0.92
CA ALA H 206 -4.08 -13.77 0.00
C ALA H 206 -3.17 -12.93 -0.90
N LYS H 207 -1.96 -13.47 -1.09
CA LYS H 207 -0.98 -12.72 -1.92
C LYS H 207 -0.87 -13.26 -3.33
N LEU H 208 -0.78 -12.32 -4.24
CA LEU H 208 -0.58 -12.62 -5.68
C LEU H 208 0.64 -13.54 -5.74
N ASP H 209 0.46 -14.68 -6.41
CA ASP H 209 1.57 -15.65 -6.50
C ASP H 209 1.91 -15.96 -7.97
N MET H 210 2.76 -15.09 -8.53
CA MET H 210 3.16 -15.23 -9.94
C MET H 210 3.88 -16.53 -10.23
N ASN H 211 4.51 -17.09 -9.22
CA ASN H 211 5.28 -18.35 -9.44
C ASN H 211 4.38 -19.57 -9.74
N ASN H 212 3.17 -19.52 -9.29
CA ASN H 212 2.20 -20.61 -9.42
C ASN H 212 1.21 -20.39 -10.55
N ALA H 213 1.33 -19.26 -11.24
CA ALA H 213 0.41 -18.95 -12.34
C ALA H 213 0.74 -19.82 -13.58
N ASN H 214 -0.20 -19.96 -14.45
CA ASN H 214 -0.07 -20.68 -15.72
C ASN H 214 -0.05 -19.59 -16.83
N PRO H 215 1.13 -19.33 -17.36
CA PRO H 215 1.31 -18.30 -18.40
C PRO H 215 0.23 -18.34 -19.45
N MET H 216 -0.27 -17.24 -19.90
CA MET H 216 -1.31 -17.10 -20.89
C MET H 216 -2.58 -17.89 -20.46
N ASP H 217 -2.75 -18.18 -19.20
CA ASP H 217 -3.93 -18.99 -18.77
C ASP H 217 -4.61 -18.38 -17.58
N CYS H 218 -3.95 -18.51 -16.43
CA CYS H 218 -4.57 -17.93 -15.20
C CYS H 218 -3.51 -17.50 -14.19
N LEU H 219 -3.94 -16.57 -13.38
CA LEU H 219 -3.10 -16.04 -12.26
C LEU H 219 -3.34 -16.97 -11.07
N ALA H 220 -2.66 -16.70 -9.97
CA ALA H 220 -2.69 -17.50 -8.73
C ALA H 220 -2.45 -16.64 -7.49
N TYR H 221 -3.15 -17.06 -6.43
CA TYR H 221 -3.12 -16.45 -5.10
C TYR H 221 -2.71 -17.53 -4.10
N ARG H 222 -1.99 -17.18 -3.10
CA ARG H 222 -1.47 -18.06 -2.06
C ARG H 222 -2.16 -17.72 -0.73
N PHE H 223 -2.73 -18.72 -0.11
CA PHE H 223 -3.45 -18.45 1.19
C PHE H 223 -3.17 -19.61 2.15
N ASP H 224 -2.33 -19.41 3.12
CA ASP H 224 -1.95 -20.41 4.11
C ASP H 224 -2.86 -20.24 5.32
N ILE H 225 -3.24 -21.36 5.87
CA ILE H 225 -4.16 -21.39 7.02
C ILE H 225 -3.45 -22.02 8.21
N VAL H 226 -3.62 -21.39 9.35
CA VAL H 226 -3.05 -21.84 10.61
C VAL H 226 -4.16 -22.27 11.60
N LEU H 227 -4.06 -23.57 11.99
CA LEU H 227 -5.04 -24.07 12.98
C LEU H 227 -4.31 -24.20 14.33
N ARG H 228 -5.06 -24.34 15.39
CA ARG H 228 -4.59 -24.49 16.74
C ARG H 228 -3.47 -25.54 16.83
N GLY H 229 -2.46 -25.18 17.59
CA GLY H 229 -1.28 -26.09 17.77
C GLY H 229 -1.78 -27.35 18.53
N GLN H 230 -1.30 -28.49 18.08
CA GLN H 230 -1.64 -29.80 18.65
C GLN H 230 -0.41 -30.37 19.37
N ARG H 231 -0.59 -30.78 20.61
CA ARG H 231 0.51 -31.37 21.38
C ARG H 231 0.06 -32.65 22.09
N LYS H 232 1.05 -33.37 22.59
CA LYS H 232 0.80 -34.62 23.34
C LYS H 232 0.49 -34.18 24.78
N THR H 233 -0.30 -35.03 25.46
CA THR H 233 -0.62 -34.74 26.87
C THR H 233 0.70 -35.08 27.60
N HIS H 234 0.86 -34.46 28.74
CA HIS H 234 2.07 -34.70 29.56
C HIS H 234 1.70 -34.43 31.02
N PHE H 235 2.22 -35.31 31.88
CA PHE H 235 2.02 -35.22 33.33
C PHE H 235 0.57 -34.94 33.71
N GLU H 236 -0.40 -35.51 33.03
CA GLU H 236 -1.80 -35.25 33.34
C GLU H 236 -2.44 -35.90 34.49
N PRO I 1 -8.36 5.96 -1.74
CA PRO I 1 -9.68 6.43 -2.11
C PRO I 1 -9.76 7.97 -1.95
N ILE I 2 -10.78 8.52 -2.58
CA ILE I 2 -11.04 9.97 -2.48
C ILE I 2 -11.70 10.29 -1.14
N GLU I 3 -11.19 11.26 -0.44
CA GLU I 3 -11.77 11.70 0.87
C GLU I 3 -12.20 13.17 0.71
N LEU I 4 -13.41 13.51 1.11
CA LEU I 4 -13.92 14.92 0.96
C LEU I 4 -13.58 15.67 2.25
N LEU I 5 -14.02 16.91 2.42
CA LEU I 5 -13.82 17.54 3.75
C LEU I 5 -14.84 16.73 4.67
N PRO I 6 -14.49 16.61 5.90
CA PRO I 6 -15.28 15.92 6.92
C PRO I 6 -16.40 16.84 7.40
N GLU I 7 -17.56 16.18 7.62
CA GLU I 7 -18.73 16.96 8.11
C GLU I 7 -18.43 17.41 9.54
N THR I 8 -18.91 18.57 9.95
CA THR I 8 -18.75 19.01 11.36
C THR I 8 -19.50 17.98 12.23
N PRO I 9 -18.86 17.55 13.31
CA PRO I 9 -19.45 16.61 14.25
C PRO I 9 -20.57 17.21 15.05
N SER I 10 -21.56 16.31 15.26
CA SER I 10 -22.75 16.64 16.08
C SER I 10 -22.35 16.67 17.55
N GLN I 11 -23.18 17.34 18.33
CA GLN I 11 -23.08 17.42 19.79
C GLN I 11 -24.57 17.49 20.30
N THR I 12 -24.78 17.02 21.48
CA THR I 12 -26.11 17.06 22.14
C THR I 12 -26.60 18.49 22.14
N ALA I 13 -27.92 18.64 22.07
CA ALA I 13 -28.56 19.97 22.09
C ALA I 13 -28.52 20.51 23.51
N GLY I 14 -28.41 19.68 24.50
CA GLY I 14 -28.35 20.02 25.90
C GLY I 14 -29.78 20.31 26.42
N PRO I 15 -29.87 20.51 27.73
CA PRO I 15 -31.12 20.77 28.41
C PRO I 15 -31.79 22.09 28.18
N TYR I 16 -31.07 23.10 27.67
CA TYR I 16 -31.58 24.41 27.46
C TYR I 16 -31.85 24.77 26.02
N VAL I 17 -32.00 23.73 25.20
CA VAL I 17 -32.30 23.90 23.77
C VAL I 17 -33.49 24.83 23.48
N HIS I 18 -34.44 24.81 24.37
CA HIS I 18 -35.68 25.60 24.25
C HIS I 18 -35.40 27.08 24.13
N ILE I 19 -34.34 27.53 24.84
CA ILE I 19 -33.96 28.93 24.81
C ILE I 19 -33.68 29.40 23.39
N GLY I 20 -33.10 28.54 22.55
CA GLY I 20 -32.80 28.94 21.17
C GLY I 20 -33.80 28.54 20.09
N LEU I 21 -34.57 27.48 20.33
CA LEU I 21 -35.50 26.91 19.39
C LEU I 21 -36.93 26.69 19.89
N ALA I 22 -37.21 27.00 21.12
CA ALA I 22 -38.58 26.81 21.67
C ALA I 22 -38.79 27.83 22.79
N LEU I 23 -38.68 29.11 22.37
CA LEU I 23 -38.74 30.28 23.20
C LEU I 23 -39.85 30.29 24.25
N GLU I 24 -41.06 30.12 23.75
CA GLU I 24 -42.26 30.06 24.60
C GLU I 24 -41.94 29.06 25.71
N ALA I 25 -41.63 27.84 25.29
CA ALA I 25 -41.31 26.71 26.16
C ALA I 25 -40.30 27.08 27.24
N ALA I 26 -39.25 27.76 26.79
CA ALA I 26 -38.21 28.22 27.75
C ALA I 26 -38.88 29.28 28.64
N GLY I 27 -40.09 29.66 28.27
CA GLY I 27 -40.84 30.69 29.05
C GLY I 27 -40.10 32.03 28.95
N ASN I 28 -39.68 32.35 27.74
CA ASN I 28 -38.96 33.60 27.44
C ASN I 28 -39.81 34.30 26.36
N PRO I 29 -39.61 35.60 26.23
CA PRO I 29 -40.34 36.38 25.24
C PRO I 29 -39.95 35.87 23.87
N THR I 30 -40.90 35.87 22.96
CA THR I 30 -40.66 35.39 21.58
C THR I 30 -40.46 36.58 20.68
N ARG I 31 -40.06 36.25 19.46
CA ARG I 31 -39.82 37.27 18.41
C ARG I 31 -41.08 37.36 17.57
N ASP I 32 -41.10 38.29 16.65
CA ASP I 32 -42.25 38.49 15.74
C ASP I 32 -42.64 37.19 15.06
N GLN I 33 -41.68 36.55 14.45
CA GLN I 33 -41.91 35.30 13.70
C GLN I 33 -41.17 34.11 14.27
N GLU I 34 -41.94 33.09 14.68
CA GLU I 34 -41.38 31.86 15.25
C GLU I 34 -41.84 30.62 14.49
N ILE I 35 -41.00 29.61 14.46
CA ILE I 35 -41.31 28.32 13.75
C ILE I 35 -41.84 27.40 14.83
N TRP I 36 -43.17 27.15 14.78
CA TRP I 36 -43.73 26.31 15.87
C TRP I 36 -44.55 25.13 15.44
N ASN I 37 -45.48 24.71 16.29
CA ASN I 37 -46.27 23.47 16.07
C ASN I 37 -47.59 23.53 15.35
N ARG I 38 -47.85 24.53 14.57
CA ARG I 38 -49.10 24.68 13.80
C ARG I 38 -48.76 24.64 12.30
N LEU I 39 -48.72 23.50 11.68
CA LEU I 39 -48.38 23.44 10.25
C LEU I 39 -49.47 23.90 9.31
N ALA I 40 -50.72 23.75 9.78
CA ALA I 40 -51.86 24.13 8.93
C ALA I 40 -52.74 25.22 9.52
N LYS I 41 -53.16 26.06 8.59
CA LYS I 41 -54.15 27.12 8.98
C LYS I 41 -55.51 26.45 8.79
N PRO I 42 -56.45 26.81 9.65
CA PRO I 42 -57.80 26.26 9.66
C PRO I 42 -58.33 25.98 8.26
N ASP I 43 -58.01 26.88 7.37
CA ASP I 43 -58.46 26.76 5.97
C ASP I 43 -57.54 25.99 5.06
N ALA I 44 -56.56 25.28 5.59
CA ALA I 44 -55.68 24.47 4.71
C ALA I 44 -56.52 23.23 4.30
N PRO I 45 -56.37 22.89 3.03
CA PRO I 45 -57.07 21.75 2.44
C PRO I 45 -56.52 20.43 2.95
N GLY I 46 -57.41 19.46 3.06
CA GLY I 46 -57.05 18.11 3.53
C GLY I 46 -57.70 17.87 4.88
N GLU I 47 -57.48 16.67 5.40
CA GLU I 47 -58.04 16.29 6.70
C GLU I 47 -57.23 16.81 7.86
N HIS I 48 -57.78 17.75 8.63
CA HIS I 48 -57.14 18.30 9.79
C HIS I 48 -57.06 17.30 10.94
N ILE I 49 -55.86 17.15 11.48
CA ILE I 49 -55.59 16.23 12.59
C ILE I 49 -54.69 16.86 13.65
N LEU I 50 -54.70 16.21 14.80
CA LEU I 50 -53.90 16.57 15.96
C LEU I 50 -52.96 15.40 16.30
N LEU I 51 -51.69 15.74 16.43
CA LEU I 51 -50.71 14.64 16.78
C LEU I 51 -50.25 14.86 18.22
N LEU I 52 -50.09 13.82 18.97
CA LEU I 52 -49.58 13.98 20.37
C LEU I 52 -48.83 12.72 20.71
N GLY I 53 -47.95 12.81 21.70
CA GLY I 53 -47.16 11.68 22.17
C GLY I 53 -46.24 12.05 23.31
N GLN I 54 -45.65 11.02 23.87
CA GLN I 54 -44.68 11.09 24.96
C GLN I 54 -43.38 10.42 24.48
N VAL I 55 -42.30 10.70 25.20
CA VAL I 55 -40.98 10.08 24.88
C VAL I 55 -40.45 9.39 26.14
N TYR I 56 -40.04 8.13 26.02
CA TYR I 56 -39.53 7.38 27.14
C TYR I 56 -38.06 6.98 27.00
N ASP I 57 -37.39 7.00 28.14
CA ASP I 57 -35.97 6.60 28.23
C ASP I 57 -35.94 5.09 28.45
N GLY I 58 -34.75 4.55 28.57
CA GLY I 58 -34.46 3.17 28.75
C GLY I 58 -34.97 2.59 30.06
N ASN I 59 -35.26 3.46 31.00
CA ASN I 59 -35.77 2.94 32.31
C ASN I 59 -37.31 3.05 32.28
N GLY I 60 -37.85 3.52 31.20
CA GLY I 60 -39.28 3.72 31.03
C GLY I 60 -39.76 5.02 31.65
N HIS I 61 -38.89 5.98 31.82
CA HIS I 61 -39.20 7.30 32.38
C HIS I 61 -39.38 8.33 31.27
N LEU I 62 -40.27 9.28 31.50
CA LEU I 62 -40.57 10.31 30.52
C LEU I 62 -39.32 11.23 30.33
N VAL I 63 -39.15 11.60 29.08
CA VAL I 63 -38.07 12.52 28.68
C VAL I 63 -38.77 13.90 28.57
N ARG I 64 -38.62 14.67 29.62
CA ARG I 64 -39.27 15.98 29.66
C ARG I 64 -38.53 17.14 29.06
N ASP I 65 -37.51 16.90 28.28
CA ASP I 65 -36.73 18.04 27.69
C ASP I 65 -36.44 17.77 26.22
N SER I 66 -37.31 16.98 25.59
CA SER I 66 -37.07 16.66 24.17
C SER I 66 -37.54 17.79 23.27
N PHE I 67 -36.91 17.77 22.12
CA PHE I 67 -37.21 18.76 21.06
C PHE I 67 -37.34 17.94 19.79
N LEU I 68 -38.38 18.24 19.01
CA LEU I 68 -38.58 17.45 17.78
C LEU I 68 -38.89 18.42 16.63
N GLU I 69 -38.51 17.94 15.46
CA GLU I 69 -38.74 18.60 14.20
C GLU I 69 -39.48 17.63 13.28
N VAL I 70 -40.43 18.19 12.49
CA VAL I 70 -41.20 17.35 11.54
C VAL I 70 -41.17 17.84 10.14
N TRP I 71 -41.23 16.96 9.19
CA TRP I 71 -41.28 17.26 7.75
C TRP I 71 -42.34 16.29 7.13
N GLN I 72 -43.28 16.88 6.40
CA GLN I 72 -44.34 16.09 5.75
C GLN I 72 -44.88 16.79 4.50
N ALA I 73 -45.36 15.96 3.59
CA ALA I 73 -45.99 16.42 2.33
C ALA I 73 -47.38 17.02 2.75
N ASP I 74 -47.93 17.72 1.77
CA ASP I 74 -49.27 18.31 2.03
C ASP I 74 -50.30 17.21 1.68
N ALA I 75 -51.54 17.64 1.80
CA ALA I 75 -52.69 16.75 1.50
C ALA I 75 -52.57 16.24 0.07
N ASN I 76 -51.99 17.02 -0.86
CA ASN I 76 -51.84 16.52 -2.22
C ASN I 76 -50.54 15.70 -2.37
N GLY I 77 -49.92 15.40 -1.26
CA GLY I 77 -48.64 14.63 -1.30
C GLY I 77 -47.51 15.50 -1.85
N GLU I 78 -47.49 16.79 -1.54
CA GLU I 78 -46.44 17.68 -2.04
C GLU I 78 -45.70 18.34 -0.88
N TYR I 79 -44.39 18.44 -1.08
CA TYR I 79 -43.54 19.09 -0.04
C TYR I 79 -43.51 20.58 -0.34
N GLN I 80 -43.94 21.34 0.63
CA GLN I 80 -43.99 22.82 0.52
C GLN I 80 -42.74 23.39 1.19
N ASP I 81 -41.67 23.51 0.43
CA ASP I 81 -40.41 24.01 0.98
C ASP I 81 -40.29 25.47 1.34
N ALA I 82 -40.99 26.36 0.68
CA ALA I 82 -40.89 27.81 0.99
C ALA I 82 -41.66 28.14 2.25
N TYR I 83 -40.98 28.12 3.39
CA TYR I 83 -41.59 28.41 4.69
C TYR I 83 -42.04 29.88 4.71
N ASN I 84 -43.24 30.07 5.17
CA ASN I 84 -43.88 31.41 5.28
C ASN I 84 -45.04 31.29 6.27
N LEU I 85 -45.13 32.21 7.20
CA LEU I 85 -46.18 32.23 8.22
C LEU I 85 -47.55 32.57 7.63
N GLU I 86 -47.50 33.06 6.41
CA GLU I 86 -48.67 33.45 5.63
C GLU I 86 -49.30 32.21 4.98
N ASN I 87 -48.47 31.26 4.58
CA ASN I 87 -48.92 30.02 3.96
C ASN I 87 -50.08 29.41 4.80
N ALA I 88 -50.90 28.71 4.03
CA ALA I 88 -52.07 28.02 4.69
C ALA I 88 -51.52 26.77 5.37
N PHE I 89 -50.51 26.21 4.68
CA PHE I 89 -49.83 25.01 5.15
C PHE I 89 -48.31 25.13 4.92
N ASN I 90 -47.59 24.62 5.92
CA ASN I 90 -46.09 24.60 5.84
C ASN I 90 -45.74 23.11 6.11
N SER I 91 -44.80 22.57 5.34
CA SER I 91 -44.39 21.16 5.49
C SER I 91 -43.46 20.90 6.68
N PHE I 92 -43.00 21.98 7.32
CA PHE I 92 -42.06 21.86 8.47
C PHE I 92 -42.61 22.46 9.74
N GLY I 93 -42.27 21.86 10.85
CA GLY I 93 -42.71 22.36 12.19
C GLY I 93 -41.75 21.88 13.28
N ARG I 94 -42.03 22.41 14.47
CA ARG I 94 -41.27 22.07 15.67
C ARG I 94 -42.17 22.02 16.89
N THR I 95 -41.83 21.10 17.77
CA THR I 95 -42.60 20.95 19.03
C THR I 95 -41.62 20.51 20.10
N ALA I 96 -42.07 20.39 21.32
CA ALA I 96 -41.25 19.97 22.46
C ALA I 96 -42.13 19.33 23.55
N THR I 97 -41.54 18.63 24.48
CA THR I 97 -42.30 18.00 25.59
C THR I 97 -42.30 18.87 26.86
N THR I 98 -43.49 18.87 27.49
CA THR I 98 -43.74 19.64 28.70
C THR I 98 -42.82 19.19 29.84
N PHE I 99 -42.22 20.16 30.53
CA PHE I 99 -41.32 19.83 31.67
C PHE I 99 -42.22 19.18 32.73
N ASP I 100 -43.51 19.40 32.58
CA ASP I 100 -44.53 18.85 33.48
C ASP I 100 -45.04 17.45 33.09
N ALA I 101 -45.96 17.51 32.15
CA ALA I 101 -46.64 16.31 31.62
C ALA I 101 -45.70 15.45 30.78
N GLY I 102 -44.86 16.13 30.02
CA GLY I 102 -43.93 15.44 29.13
C GLY I 102 -44.61 15.12 27.79
N GLU I 103 -45.59 15.91 27.37
CA GLU I 103 -46.24 15.61 26.08
C GLU I 103 -46.07 16.67 25.04
N TRP I 104 -45.96 16.30 23.77
CA TRP I 104 -45.85 17.23 22.65
C TRP I 104 -47.15 17.12 21.82
N THR I 105 -47.40 18.16 21.07
CA THR I 105 -48.57 18.24 20.20
C THR I 105 -48.24 19.00 18.94
N LEU I 106 -48.92 18.58 17.87
CA LEU I 106 -48.72 19.26 16.56
C LEU I 106 -50.11 19.36 15.90
N HIS I 107 -50.33 20.46 15.22
CA HIS I 107 -51.61 20.65 14.49
C HIS I 107 -51.29 20.66 12.99
N THR I 108 -51.78 19.63 12.31
CA THR I 108 -51.50 19.49 10.85
C THR I 108 -52.65 18.86 10.11
N VAL I 109 -52.39 18.39 8.90
CA VAL I 109 -53.31 17.67 8.01
C VAL I 109 -52.66 16.33 7.63
N LYS I 110 -53.46 15.32 7.34
CA LYS I 110 -52.91 13.99 6.95
C LYS I 110 -52.23 14.18 5.60
N PRO I 111 -50.96 13.74 5.54
CA PRO I 111 -50.16 13.89 4.34
C PRO I 111 -50.65 12.92 3.24
N GLY I 112 -50.44 13.36 2.04
CA GLY I 112 -50.75 12.66 0.80
C GLY I 112 -49.60 11.68 0.54
N VAL I 113 -49.76 10.86 -0.47
CA VAL I 113 -48.71 9.86 -0.79
C VAL I 113 -47.68 10.38 -1.75
N VAL I 114 -46.44 9.96 -1.49
CA VAL I 114 -45.30 10.32 -2.37
C VAL I 114 -44.61 9.02 -2.77
N ASN I 115 -43.95 9.10 -3.91
CA ASN I 115 -43.23 7.93 -4.46
C ASN I 115 -41.77 7.95 -4.02
N ASN I 116 -41.21 6.82 -3.85
CA ASN I 116 -39.75 6.71 -3.48
C ASN I 116 -39.00 6.93 -4.79
N ALA I 117 -37.69 6.85 -4.76
CA ALA I 117 -36.88 7.09 -5.96
C ALA I 117 -37.18 6.11 -7.07
N ALA I 118 -37.54 4.90 -6.74
CA ALA I 118 -37.85 3.89 -7.79
C ALA I 118 -39.27 4.10 -8.36
N GLY I 119 -40.05 5.07 -7.92
CA GLY I 119 -41.38 5.27 -8.46
C GLY I 119 -42.50 4.50 -7.77
N VAL I 120 -42.18 3.91 -6.64
CA VAL I 120 -43.15 3.14 -5.82
C VAL I 120 -43.65 4.05 -4.72
N PRO I 121 -44.98 4.14 -4.60
CA PRO I 121 -45.60 4.96 -3.56
C PRO I 121 -45.32 4.41 -2.16
N MET I 122 -45.13 5.33 -1.24
CA MET I 122 -44.88 5.08 0.18
C MET I 122 -46.20 5.33 0.94
N ALA I 123 -46.33 4.73 2.11
CA ALA I 123 -47.65 5.01 2.85
C ALA I 123 -47.50 6.43 3.44
N PRO I 124 -48.60 7.14 3.54
CA PRO I 124 -48.58 8.50 4.11
C PRO I 124 -47.72 8.42 5.39
N HIS I 125 -46.80 9.36 5.55
CA HIS I 125 -45.95 9.38 6.76
C HIS I 125 -45.38 10.77 7.04
N ILE I 126 -45.03 10.97 8.32
CA ILE I 126 -44.40 12.20 8.80
C ILE I 126 -42.93 11.84 9.22
N ASN I 127 -41.98 12.59 8.65
CA ASN I 127 -40.53 12.34 9.00
C ASN I 127 -40.27 13.13 10.29
N ILE I 128 -39.65 12.54 11.28
CA ILE I 128 -39.38 13.20 12.57
C ILE I 128 -37.90 13.11 12.96
N SER I 129 -37.44 14.22 13.58
CA SER I 129 -36.02 14.17 14.09
C SER I 129 -36.10 14.46 15.59
N LEU I 130 -35.44 13.68 16.43
CA LEU I 130 -35.52 13.93 17.89
C LEU I 130 -34.17 14.41 18.47
N PHE I 131 -34.26 15.38 19.33
CA PHE I 131 -33.07 16.02 19.97
C PHE I 131 -33.36 16.14 21.48
N ALA I 132 -32.31 15.99 22.25
CA ALA I 132 -32.40 16.12 23.70
C ALA I 132 -31.03 15.94 24.35
N ARG I 133 -31.00 16.39 25.62
CA ARG I 133 -29.82 16.17 26.43
C ARG I 133 -29.71 14.62 26.48
N GLY I 134 -28.46 14.17 26.42
CA GLY I 134 -28.15 12.75 26.50
C GLY I 134 -28.11 12.10 25.12
N ILE I 135 -28.52 12.81 24.13
CA ILE I 135 -28.50 12.31 22.74
C ILE I 135 -27.43 13.09 21.97
N ASN I 136 -26.35 12.38 21.67
CA ASN I 136 -25.17 13.00 20.98
C ASN I 136 -25.47 13.41 19.55
N ILE I 137 -26.20 12.56 18.85
CA ILE I 137 -26.60 12.80 17.45
C ILE I 137 -28.08 12.48 17.37
N HIS I 138 -28.84 13.32 16.66
CA HIS I 138 -30.29 13.19 16.61
C HIS I 138 -30.76 11.86 16.00
N LEU I 139 -31.94 11.45 16.47
CA LEU I 139 -32.54 10.14 15.98
C LEU I 139 -33.64 10.48 14.95
N HIS I 140 -33.58 9.77 13.83
CA HIS I 140 -34.52 9.92 12.73
C HIS I 140 -35.57 8.75 12.84
N THR I 141 -36.82 9.11 12.62
CA THR I 141 -37.91 8.10 12.59
C THR I 141 -39.03 8.57 11.70
N ARG I 142 -40.03 7.70 11.54
CA ARG I 142 -41.23 8.10 10.74
C ARG I 142 -42.49 7.74 11.54
N LEU I 143 -43.51 8.53 11.36
CA LEU I 143 -44.84 8.25 12.00
C LEU I 143 -45.79 7.78 10.86
N TYR I 144 -46.40 6.62 11.05
CA TYR I 144 -47.36 6.06 10.07
C TYR I 144 -48.73 6.00 10.81
N PHE I 145 -49.79 5.84 10.01
CA PHE I 145 -51.20 5.86 10.57
C PHE I 145 -51.87 4.49 10.53
N ASP I 146 -52.43 4.12 11.67
CA ASP I 146 -53.10 2.84 11.88
C ASP I 146 -54.30 2.61 10.98
N ASP I 147 -54.90 3.65 10.45
CA ASP I 147 -56.05 3.59 9.56
C ASP I 147 -55.66 3.54 8.09
N GLU I 148 -54.46 3.08 7.81
CA GLU I 148 -53.96 3.01 6.42
C GLU I 148 -53.21 1.71 6.24
N ALA I 149 -53.74 0.68 6.90
CA ALA I 149 -53.17 -0.66 6.87
C ALA I 149 -52.80 -1.13 5.48
N GLN I 150 -53.68 -0.87 4.55
CA GLN I 150 -53.47 -1.34 3.15
C GLN I 150 -52.18 -0.75 2.61
N ALA I 151 -52.11 0.58 2.76
CA ALA I 151 -50.88 1.29 2.26
C ALA I 151 -49.64 0.81 3.02
N ASN I 152 -49.81 0.76 4.35
CA ASN I 152 -48.73 0.39 5.23
C ASN I 152 -48.12 -0.92 4.75
N ALA I 153 -48.99 -1.86 4.41
CA ALA I 153 -48.47 -3.20 4.03
C ALA I 153 -47.65 -3.18 2.79
N LYS I 154 -47.85 -2.21 1.93
CA LYS I 154 -47.10 -2.09 0.68
C LYS I 154 -45.88 -1.11 0.76
N CYS I 155 -45.74 -0.39 1.84
CA CYS I 155 -44.63 0.61 1.92
C CYS I 155 -43.25 0.00 1.77
N PRO I 156 -42.53 0.49 0.75
CA PRO I 156 -41.16 0.01 0.49
C PRO I 156 -40.23 0.35 1.64
N VAL I 157 -40.55 1.35 2.43
CA VAL I 157 -39.67 1.69 3.58
C VAL I 157 -39.95 0.76 4.75
N LEU I 158 -41.21 0.67 5.08
CA LEU I 158 -41.69 -0.21 6.19
C LEU I 158 -41.25 -1.66 5.92
N ASN I 159 -41.28 -2.04 4.66
CA ASN I 159 -40.87 -3.37 4.23
C ASN I 159 -39.39 -3.61 4.40
N LEU I 160 -38.57 -2.56 4.59
CA LEU I 160 -37.13 -2.76 4.80
C LEU I 160 -36.83 -3.23 6.23
N ILE I 161 -37.78 -3.03 7.13
CA ILE I 161 -37.52 -3.47 8.53
C ILE I 161 -37.65 -5.02 8.58
N GLU I 162 -36.57 -5.64 8.97
CA GLU I 162 -36.46 -7.07 9.07
C GLU I 162 -37.62 -7.78 9.72
N GLN I 163 -37.84 -7.56 10.99
CA GLN I 163 -38.90 -8.20 11.78
C GLN I 163 -40.18 -7.40 11.84
N PRO I 164 -41.26 -7.98 11.33
CA PRO I 164 -42.59 -7.36 11.31
C PRO I 164 -43.03 -6.77 12.64
N GLN I 165 -42.56 -7.32 13.76
CA GLN I 165 -43.00 -6.80 15.09
C GLN I 165 -42.50 -5.36 15.28
N ARG I 166 -41.31 -5.12 14.76
CA ARG I 166 -40.64 -3.82 14.86
C ARG I 166 -41.38 -2.75 14.05
N ARG I 167 -41.96 -3.19 12.93
CA ARG I 167 -42.68 -2.28 12.06
C ARG I 167 -43.78 -1.52 12.82
N GLU I 168 -44.42 -2.27 13.71
CA GLU I 168 -45.52 -1.76 14.50
C GLU I 168 -45.18 -0.53 15.34
N THR I 169 -43.90 -0.47 15.74
CA THR I 169 -43.49 0.68 16.59
C THR I 169 -43.69 1.96 15.80
N LEU I 170 -43.83 1.89 14.50
CA LEU I 170 -44.00 3.09 13.68
C LEU I 170 -45.39 3.59 13.39
N ILE I 171 -46.40 2.88 13.90
CA ILE I 171 -47.80 3.20 13.65
C ILE I 171 -48.49 3.97 14.74
N ALA I 172 -49.01 5.13 14.32
CA ALA I 172 -49.75 6.00 15.27
C ALA I 172 -51.19 5.44 15.44
N LYS I 173 -51.68 5.49 16.67
CA LYS I 173 -53.01 5.03 17.04
C LYS I 173 -54.04 6.17 17.00
N ARG I 174 -54.99 6.02 16.10
CA ARG I 174 -56.06 7.01 15.94
C ARG I 174 -56.91 7.05 17.22
N CYS I 175 -57.31 8.25 17.55
CA CYS I 175 -58.13 8.56 18.70
C CYS I 175 -58.84 9.89 18.38
N GLU I 176 -59.31 10.49 19.46
CA GLU I 176 -60.04 11.77 19.33
C GLU I 176 -59.87 12.56 20.61
N VAL I 177 -59.56 13.82 20.40
CA VAL I 177 -59.35 14.76 21.51
C VAL I 177 -60.34 15.91 21.30
N ASP I 178 -61.30 15.98 22.20
CA ASP I 178 -62.32 17.05 22.09
C ASP I 178 -63.10 16.87 20.78
N GLY I 179 -63.37 15.62 20.42
CA GLY I 179 -64.09 15.33 19.18
C GLY I 179 -63.28 15.56 17.94
N LYS I 180 -62.02 15.95 18.07
CA LYS I 180 -61.14 16.16 16.89
C LYS I 180 -60.35 14.85 16.66
N THR I 181 -60.09 14.60 15.39
CA THR I 181 -59.34 13.39 14.95
C THR I 181 -57.88 13.59 15.44
N ALA I 182 -57.43 12.63 16.21
CA ALA I 182 -56.06 12.68 16.75
C ALA I 182 -55.39 11.35 16.53
N TYR I 183 -54.09 11.34 16.64
CA TYR I 183 -53.24 10.14 16.50
C TYR I 183 -52.17 10.23 17.61
N ARG I 184 -51.97 9.14 18.26
CA ARG I 184 -50.96 9.13 19.36
C ARG I 184 -49.77 8.31 18.89
N PHE I 185 -48.62 8.95 19.02
CA PHE I 185 -47.31 8.33 18.68
C PHE I 185 -46.30 8.55 19.82
N ASP I 186 -46.07 7.49 20.51
CA ASP I 186 -45.14 7.43 21.64
C ASP I 186 -43.80 6.85 21.09
N ILE I 187 -42.72 7.44 21.57
CA ILE I 187 -41.36 7.02 21.19
C ILE I 187 -40.68 6.36 22.41
N ARG I 188 -40.13 5.21 22.18
CA ARG I 188 -39.39 4.49 23.26
C ARG I 188 -37.94 4.45 22.74
N ILE I 189 -37.09 5.25 23.37
CA ILE I 189 -35.71 5.31 22.92
C ILE I 189 -34.98 4.00 23.07
N GLN I 190 -35.22 3.34 24.19
CA GLN I 190 -34.47 2.11 24.46
C GLN I 190 -35.28 1.04 25.21
N GLY I 191 -34.99 -0.21 24.92
CA GLY I 191 -35.62 -1.32 25.61
C GLY I 191 -36.86 -1.87 24.96
N GLU I 192 -37.76 -2.34 25.82
CA GLU I 192 -39.01 -3.00 25.41
C GLU I 192 -39.81 -2.18 24.46
N GLY I 193 -39.98 -2.68 23.24
CA GLY I 193 -40.76 -1.91 22.21
C GLY I 193 -39.99 -0.69 21.73
N GLU I 194 -38.68 -0.81 21.73
CA GLU I 194 -37.81 0.32 21.26
C GLU I 194 -38.23 0.73 19.85
N THR I 195 -38.42 2.00 19.63
CA THR I 195 -38.81 2.56 18.32
C THR I 195 -37.66 2.39 17.28
N VAL I 196 -38.07 2.11 16.06
CA VAL I 196 -37.17 1.96 14.93
C VAL I 196 -36.63 3.42 14.62
N PHE I 197 -35.35 3.45 14.43
CA PHE I 197 -34.61 4.74 14.10
C PHE I 197 -33.83 4.44 12.82
N PHE I 198 -33.84 5.38 11.90
CA PHE I 198 -33.21 5.18 10.59
C PHE I 198 -31.86 5.91 10.40
N ASP I 199 -31.20 5.46 9.34
CA ASP I 199 -29.95 6.07 8.87
C ASP I 199 -30.20 6.27 7.36
N PHE I 200 -29.89 7.45 6.90
CA PHE I 200 -30.00 7.82 5.49
C PHE I 200 -28.98 8.97 5.16
N PRO J 1 -43.37 23.38 -5.17
CA PRO J 1 -42.94 22.35 -4.20
C PRO J 1 -41.56 21.81 -4.58
N ALA J 2 -40.96 21.17 -3.59
CA ALA J 2 -39.61 20.60 -3.72
C ALA J 2 -39.62 19.38 -4.64
N GLN J 3 -38.44 19.07 -5.13
CA GLN J 3 -38.20 17.91 -6.02
C GLN J 3 -36.96 17.12 -5.56
N ASP J 4 -36.97 15.85 -5.85
CA ASP J 4 -35.92 14.90 -5.54
C ASP J 4 -34.85 14.96 -6.64
N ASN J 5 -33.91 15.84 -6.52
CA ASN J 5 -32.87 15.95 -7.56
C ASN J 5 -31.46 15.69 -7.05
N SER J 6 -31.28 15.66 -5.78
CA SER J 6 -30.04 15.48 -5.05
C SER J 6 -29.91 14.21 -4.21
N ARG J 7 -28.63 13.89 -4.02
CA ARG J 7 -28.22 12.77 -3.19
C ARG J 7 -27.24 13.38 -2.16
N PHE J 8 -27.23 12.86 -0.97
CA PHE J 8 -26.26 13.39 0.02
C PHE J 8 -25.29 12.31 0.37
N VAL J 9 -24.04 12.71 0.56
CA VAL J 9 -22.97 11.77 0.94
C VAL J 9 -23.38 11.12 2.28
N ILE J 10 -23.22 9.79 2.33
CA ILE J 10 -23.59 9.08 3.55
C ILE J 10 -22.77 9.59 4.74
N ARG J 11 -23.45 9.77 5.86
CA ARG J 11 -22.74 10.22 7.07
C ARG J 11 -21.73 9.20 7.58
N ASP J 12 -20.65 9.72 8.15
CA ASP J 12 -19.64 8.82 8.76
C ASP J 12 -19.93 8.76 10.27
N ARG J 13 -20.60 7.67 10.69
CA ARG J 13 -20.96 7.52 12.10
C ARG J 13 -19.86 7.17 13.08
N ASN J 14 -18.62 7.04 12.57
CA ASN J 14 -17.47 6.83 13.48
C ASN J 14 -16.73 8.20 13.65
N TRP J 15 -17.15 9.18 12.92
CA TRP J 15 -16.56 10.57 12.99
C TRP J 15 -17.38 11.38 14.01
N HIS J 16 -18.70 11.27 13.85
CA HIS J 16 -19.66 11.88 14.79
C HIS J 16 -19.57 11.00 16.07
N PRO J 17 -20.01 11.56 17.18
CA PRO J 17 -19.99 10.80 18.46
C PRO J 17 -20.99 9.63 18.36
N LYS J 18 -20.72 8.56 19.08
CA LYS J 18 -21.71 7.45 19.07
C LYS J 18 -22.81 7.78 20.11
N ALA J 19 -23.84 6.91 20.07
CA ALA J 19 -24.99 7.06 20.99
C ALA J 19 -24.62 6.75 22.43
N LEU J 20 -23.98 5.61 22.67
CA LEU J 20 -23.61 5.23 24.04
C LEU J 20 -22.15 5.66 24.36
N THR J 21 -22.06 6.69 25.14
CA THR J 21 -20.69 7.19 25.58
C THR J 21 -20.89 7.35 27.08
N PRO J 22 -20.73 6.21 27.76
CA PRO J 22 -20.93 6.08 29.19
C PRO J 22 -20.45 7.20 30.06
N ASP J 23 -19.35 7.85 29.70
CA ASP J 23 -18.84 8.98 30.55
C ASP J 23 -19.86 10.10 30.62
N TYR J 24 -20.60 10.26 29.54
CA TYR J 24 -21.67 11.30 29.51
C TYR J 24 -22.86 10.45 30.09
N LYS J 25 -23.08 10.58 31.39
CA LYS J 25 -24.08 9.72 32.06
C LYS J 25 -25.44 9.61 31.47
N THR J 26 -26.09 10.71 31.17
CA THR J 26 -27.45 10.76 30.58
C THR J 26 -27.55 9.95 29.29
N SER J 27 -26.44 9.76 28.58
CA SER J 27 -26.50 8.98 27.34
C SER J 27 -26.79 7.48 27.57
N ILE J 28 -26.57 6.95 28.76
CA ILE J 28 -26.77 5.53 28.99
C ILE J 28 -28.24 5.12 28.72
N ALA J 29 -29.14 5.85 29.37
CA ALA J 29 -30.57 5.56 29.24
C ALA J 29 -31.22 6.18 28.02
N ARG J 30 -30.51 7.09 27.36
CA ARG J 30 -31.08 7.75 26.16
C ARG J 30 -30.44 7.34 24.86
N SER J 31 -29.87 6.13 24.82
CA SER J 31 -29.28 5.64 23.55
C SER J 31 -30.02 4.33 23.21
N PRO J 32 -30.29 4.14 21.93
CA PRO J 32 -30.92 2.93 21.43
C PRO J 32 -30.01 1.71 21.59
N ARG J 33 -30.61 0.55 21.76
CA ARG J 33 -29.84 -0.69 21.88
C ARG J 33 -29.89 -1.47 20.57
N GLN J 34 -30.92 -1.21 19.79
CA GLN J 34 -31.04 -1.87 18.45
C GLN J 34 -30.21 -0.99 17.49
N ALA J 35 -29.81 -1.61 16.41
CA ALA J 35 -29.06 -0.94 15.33
C ALA J 35 -30.03 -0.08 14.51
N LEU J 36 -29.47 0.98 13.91
CA LEU J 36 -30.30 1.88 13.06
C LEU J 36 -30.62 1.09 11.78
N VAL J 37 -31.76 1.40 11.21
CA VAL J 37 -32.14 0.79 9.93
C VAL J 37 -31.75 1.75 8.79
N SER J 38 -30.91 1.26 7.89
CA SER J 38 -30.49 2.10 6.76
C SER J 38 -31.60 2.04 5.70
N ILE J 39 -31.89 3.20 5.12
CA ILE J 39 -32.89 3.29 4.05
C ILE J 39 -32.36 4.20 2.94
N PRO J 40 -32.79 3.94 1.71
CA PRO J 40 -32.36 4.69 0.54
C PRO J 40 -33.00 6.07 0.62
N GLN J 41 -32.28 7.05 0.10
CA GLN J 41 -32.75 8.46 0.12
C GLN J 41 -33.91 8.60 -0.87
N SER J 42 -34.90 9.34 -0.42
CA SER J 42 -36.12 9.64 -1.23
C SER J 42 -36.40 11.14 -1.06
N ILE J 43 -37.39 11.62 -1.78
CA ILE J 43 -37.81 13.01 -1.77
C ILE J 43 -38.09 13.46 -0.34
N SER J 44 -38.47 12.52 0.50
CA SER J 44 -38.77 12.73 1.91
C SER J 44 -37.50 13.14 2.70
N GLU J 45 -36.37 12.51 2.36
CA GLU J 45 -35.10 12.80 3.03
C GLU J 45 -34.22 13.83 2.39
N THR J 46 -34.35 14.02 1.06
CA THR J 46 -33.51 14.90 0.30
C THR J 46 -34.01 16.34 0.12
N THR J 47 -35.09 16.72 0.73
CA THR J 47 -35.67 18.06 0.63
C THR J 47 -35.82 18.53 2.07
N GLY J 48 -36.12 19.79 2.25
CA GLY J 48 -36.28 20.36 3.61
C GLY J 48 -36.68 21.85 3.37
N PRO J 49 -37.00 22.50 4.47
CA PRO J 49 -37.44 23.87 4.46
C PRO J 49 -36.39 24.90 4.04
N ASN J 50 -36.84 25.90 3.34
CA ASN J 50 -36.10 27.08 2.89
C ASN J 50 -36.68 28.26 3.71
N PHE J 51 -35.83 28.98 4.44
CA PHE J 51 -36.28 30.08 5.29
C PHE J 51 -36.04 31.48 4.71
N SER J 52 -35.87 31.58 3.41
CA SER J 52 -35.63 32.84 2.72
C SER J 52 -36.72 33.88 3.01
N HIS J 53 -37.94 33.39 3.21
CA HIS J 53 -39.04 34.32 3.49
C HIS J 53 -39.40 34.51 4.93
N LEU J 54 -38.61 34.01 5.87
CA LEU J 54 -38.98 34.25 7.31
C LEU J 54 -38.68 35.74 7.59
N GLY J 55 -39.49 36.36 8.40
CA GLY J 55 -39.30 37.79 8.73
C GLY J 55 -38.41 37.94 9.94
N PHE J 56 -37.12 38.11 9.66
CA PHE J 56 -36.12 38.25 10.74
C PHE J 56 -36.12 39.70 11.26
N GLY J 57 -35.94 39.86 12.55
CA GLY J 57 -35.86 41.23 13.16
C GLY J 57 -34.45 41.75 12.83
N ALA J 58 -34.34 43.07 12.92
CA ALA J 58 -33.08 43.76 12.61
C ALA J 58 -31.92 43.41 13.51
N HIS J 59 -32.14 43.07 14.75
CA HIS J 59 -31.08 42.69 15.68
C HIS J 59 -31.15 41.20 16.04
N ASP J 60 -31.72 40.40 15.13
CA ASP J 60 -31.90 38.95 15.41
C ASP J 60 -30.55 38.27 15.70
N HIS J 61 -29.54 38.71 14.98
CA HIS J 61 -28.19 38.18 15.14
C HIS J 61 -27.33 39.00 16.07
N ASP J 62 -27.86 39.98 16.78
CA ASP J 62 -27.03 40.82 17.69
C ASP J 62 -27.48 40.70 19.13
N LEU J 63 -26.78 39.83 19.84
CA LEU J 63 -27.08 39.54 21.25
C LEU J 63 -26.78 40.70 22.18
N LEU J 64 -26.13 41.73 21.65
CA LEU J 64 -25.79 42.94 22.43
C LEU J 64 -26.98 43.87 22.51
N LEU J 65 -27.87 43.83 21.53
CA LEU J 65 -29.06 44.67 21.46
C LEU J 65 -30.43 43.99 21.47
N ASN J 66 -30.49 42.70 21.31
CA ASN J 66 -31.72 41.94 21.17
C ASN J 66 -32.52 41.55 22.35
N PHE J 67 -32.09 41.79 23.58
CA PHE J 67 -32.81 41.42 24.78
C PHE J 67 -33.47 42.71 25.31
N GLY J 71 -29.53 48.82 28.54
CA GLY J 71 -28.11 48.75 28.86
C GLY J 71 -27.36 47.72 28.01
N LEU J 72 -26.07 47.66 28.32
CA LEU J 72 -25.18 46.69 27.55
C LEU J 72 -24.90 45.55 28.53
N PRO J 73 -24.84 44.37 27.97
CA PRO J 73 -24.53 43.17 28.79
C PRO J 73 -23.08 43.32 29.30
N ILE J 74 -22.80 42.67 30.40
CA ILE J 74 -21.41 42.70 30.94
C ILE J 74 -20.67 41.48 30.37
N GLY J 75 -19.47 41.70 29.91
CA GLY J 75 -18.68 40.55 29.37
C GLY J 75 -17.86 40.92 28.18
N GLU J 76 -17.08 39.95 27.73
CA GLU J 76 -16.17 40.16 26.55
C GLU J 76 -16.92 40.23 25.25
N ARG J 77 -16.89 41.43 24.64
CA ARG J 77 -17.57 41.66 23.36
C ARG J 77 -16.83 40.94 22.25
N ILE J 78 -17.55 40.11 21.51
CA ILE J 78 -16.96 39.35 20.40
C ILE J 78 -17.91 39.21 19.22
N ILE J 79 -17.28 39.05 18.08
CA ILE J 79 -18.04 38.77 16.83
C ILE J 79 -17.79 37.26 16.57
N VAL J 80 -18.86 36.54 16.30
CA VAL J 80 -18.72 35.09 15.93
C VAL J 80 -19.16 35.01 14.44
N ALA J 81 -18.21 34.70 13.57
CA ALA J 81 -18.51 34.60 12.12
C ALA J 81 -17.88 33.44 11.44
N GLY J 82 -18.34 33.14 10.21
CA GLY J 82 -17.76 32.02 9.45
C GLY J 82 -18.59 31.74 8.22
N ARG J 83 -18.22 30.68 7.53
CA ARG J 83 -18.90 30.26 6.30
C ARG J 83 -19.44 28.83 6.46
N VAL J 84 -20.59 28.61 5.76
CA VAL J 84 -21.21 27.25 5.73
C VAL J 84 -21.01 26.70 4.30
N VAL J 85 -20.28 25.60 4.24
CA VAL J 85 -19.98 24.90 2.98
C VAL J 85 -20.35 23.40 3.16
N ASP J 86 -20.33 22.71 2.07
CA ASP J 86 -20.60 21.25 2.04
C ASP J 86 -19.27 20.57 1.90
N GLN J 87 -19.26 19.26 2.00
CA GLN J 87 -18.03 18.43 1.90
C GLN J 87 -17.35 18.61 0.56
N TYR J 88 -18.11 19.12 -0.44
CA TYR J 88 -17.49 19.37 -1.75
C TYR J 88 -16.82 20.75 -1.74
N GLY J 89 -16.99 21.48 -0.65
CA GLY J 89 -16.39 22.83 -0.50
C GLY J 89 -17.28 23.91 -1.09
N LYS J 90 -18.50 23.55 -1.43
CA LYS J 90 -19.46 24.50 -2.04
C LYS J 90 -20.22 25.23 -0.96
N PRO J 91 -20.42 26.55 -1.15
CA PRO J 91 -21.14 27.38 -0.22
C PRO J 91 -22.63 27.01 -0.19
N VAL J 92 -23.20 27.21 0.97
CA VAL J 92 -24.64 26.92 1.20
C VAL J 92 -25.30 28.28 1.55
N PRO J 93 -25.83 28.89 0.53
CA PRO J 93 -26.46 30.22 0.68
C PRO J 93 -27.87 30.12 1.23
N ASN J 94 -28.33 31.18 1.80
CA ASN J 94 -29.65 31.37 2.38
C ASN J 94 -30.09 30.22 3.27
N THR J 95 -29.18 29.77 4.10
CA THR J 95 -29.45 28.71 5.06
C THR J 95 -29.61 29.28 6.45
N LEU J 96 -30.40 28.61 7.29
CA LEU J 96 -30.65 29.09 8.64
C LEU J 96 -29.67 28.66 9.73
N VAL J 97 -29.06 29.66 10.36
CA VAL J 97 -28.15 29.39 11.52
C VAL J 97 -28.76 29.94 12.81
N GLU J 98 -28.92 29.11 13.82
CA GLU J 98 -29.50 29.58 15.11
C GLU J 98 -28.49 29.21 16.22
N MET J 99 -28.37 30.06 17.22
CA MET J 99 -27.45 29.82 18.33
C MET J 99 -28.05 30.20 19.66
N TRP J 100 -27.51 29.70 20.73
CA TRP J 100 -27.98 29.98 22.10
C TRP J 100 -26.79 29.73 23.02
N GLN J 101 -26.74 30.49 24.13
CA GLN J 101 -25.58 30.31 25.05
C GLN J 101 -25.90 30.87 26.42
N ALA J 102 -24.94 30.68 27.34
CA ALA J 102 -25.11 31.26 28.72
C ALA J 102 -24.51 32.70 28.67
N ASN J 103 -24.56 33.36 29.82
CA ASN J 103 -24.02 34.73 29.98
C ASN J 103 -22.53 34.60 30.34
N ALA J 104 -21.91 35.74 30.63
CA ALA J 104 -20.46 35.78 30.95
C ALA J 104 -20.09 34.94 32.16
N GLY J 105 -21.07 34.72 33.03
CA GLY J 105 -20.92 33.94 34.25
C GLY J 105 -21.26 32.46 34.13
N GLY J 106 -21.77 32.06 33.00
CA GLY J 106 -22.16 30.67 32.68
C GLY J 106 -23.61 30.37 33.09
N ARG J 107 -24.42 31.39 33.22
CA ARG J 107 -25.84 31.28 33.62
C ARG J 107 -26.74 31.41 32.40
N TYR J 108 -27.61 30.44 32.25
CA TYR J 108 -28.56 30.43 31.13
C TYR J 108 -29.86 31.12 31.60
N ARG J 109 -30.48 31.74 30.61
CA ARG J 109 -31.81 32.41 30.90
C ARG J 109 -32.91 31.35 30.66
N HIS J 110 -32.99 30.42 31.60
CA HIS J 110 -33.96 29.30 31.55
C HIS J 110 -34.32 28.88 32.97
N LYS J 111 -35.58 28.65 33.17
CA LYS J 111 -36.24 28.23 34.40
C LYS J 111 -35.37 27.28 35.22
N ASN J 112 -35.08 26.21 34.45
CA ASN J 112 -34.33 25.09 34.99
C ASN J 112 -32.91 25.39 35.38
N ASP J 113 -32.41 26.60 35.12
CA ASP J 113 -31.01 26.91 35.49
C ASP J 113 -30.92 27.52 36.88
N ARG J 114 -30.40 26.75 37.81
CA ARG J 114 -30.25 27.19 39.19
C ARG J 114 -28.83 27.47 39.61
N TYR J 115 -27.90 27.58 38.67
CA TYR J 115 -26.48 27.88 39.03
C TYR J 115 -26.51 29.26 39.71
N LEU J 116 -25.70 29.38 40.74
CA LEU J 116 -25.58 30.58 41.55
C LEU J 116 -25.02 31.79 40.88
N ALA J 117 -24.48 31.71 39.67
CA ALA J 117 -23.99 32.91 38.95
C ALA J 117 -25.29 33.64 38.52
N PRO J 118 -25.31 34.95 38.71
CA PRO J 118 -26.50 35.75 38.41
C PRO J 118 -26.79 35.88 36.92
N LEU J 119 -28.03 36.30 36.61
CA LEU J 119 -28.47 36.61 35.27
C LEU J 119 -28.02 38.08 35.01
N ASP J 120 -27.86 38.39 33.75
CA ASP J 120 -27.47 39.73 33.30
C ASP J 120 -28.76 40.36 32.76
N PRO J 121 -29.21 41.41 33.44
CA PRO J 121 -30.42 42.12 33.06
C PRO J 121 -30.45 42.57 31.62
N ASN J 122 -29.31 42.68 30.95
CA ASN J 122 -29.32 43.08 29.54
C ASN J 122 -28.93 41.94 28.60
N PHE J 123 -29.05 40.71 29.03
CA PHE J 123 -28.65 39.59 28.12
C PHE J 123 -29.68 38.48 28.10
N GLY J 124 -30.07 38.15 26.88
CA GLY J 124 -31.04 37.07 26.60
C GLY J 124 -30.29 35.75 26.25
N GLY J 125 -29.55 35.74 25.18
CA GLY J 125 -28.77 34.66 24.69
C GLY J 125 -29.22 33.85 23.49
N VAL J 126 -30.08 34.39 22.65
CA VAL J 126 -30.52 33.67 21.44
C VAL J 126 -30.21 34.50 20.19
N GLY J 127 -29.78 33.87 19.13
CA GLY J 127 -29.56 34.63 17.89
C GLY J 127 -29.91 33.76 16.68
N ARG J 128 -30.08 34.36 15.53
CA ARG J 128 -30.38 33.64 14.28
C ARG J 128 -29.94 34.55 13.16
N CYS J 129 -29.48 33.92 12.09
CA CYS J 129 -28.94 34.67 10.91
C CYS J 129 -29.11 33.76 9.71
N LEU J 130 -29.51 34.31 8.60
CA LEU J 130 -29.65 33.54 7.35
C LEU J 130 -28.32 33.74 6.60
N THR J 131 -27.69 32.72 6.06
CA THR J 131 -26.41 32.88 5.38
C THR J 131 -26.64 33.73 4.12
N ASP J 132 -25.56 34.38 3.68
CA ASP J 132 -25.65 35.19 2.47
C ASP J 132 -25.43 34.31 1.25
N SER J 133 -25.36 35.00 0.10
CA SER J 133 -25.18 34.25 -1.18
C SER J 133 -23.85 33.57 -1.22
N ASP J 134 -22.92 33.94 -0.33
CA ASP J 134 -21.61 33.29 -0.29
C ASP J 134 -21.43 32.32 0.85
N GLY J 135 -22.51 32.05 1.58
CA GLY J 135 -22.41 31.14 2.71
C GLY J 135 -21.96 31.74 4.03
N TYR J 136 -21.77 33.07 4.10
CA TYR J 136 -21.35 33.72 5.32
C TYR J 136 -22.47 34.09 6.28
N TYR J 137 -22.19 33.97 7.58
CA TYR J 137 -23.06 34.34 8.66
C TYR J 137 -22.20 35.12 9.72
N SER J 138 -22.91 35.80 10.60
CA SER J 138 -22.22 36.48 11.70
C SER J 138 -23.18 36.87 12.78
N PHE J 139 -22.63 36.86 13.98
CA PHE J 139 -23.33 37.24 15.20
C PHE J 139 -22.38 38.16 16.05
N ARG J 140 -23.03 38.90 16.89
CA ARG J 140 -22.24 39.76 17.84
C ARG J 140 -22.82 39.42 19.22
N THR J 141 -21.91 39.05 20.11
CA THR J 141 -22.35 38.61 21.47
C THR J 141 -21.23 38.85 22.46
N ILE J 142 -21.35 38.27 23.62
CA ILE J 142 -20.34 38.26 24.66
C ILE J 142 -19.94 36.78 24.84
N LYS J 143 -18.68 36.56 25.13
CA LYS J 143 -18.18 35.20 25.37
C LYS J 143 -18.79 34.61 26.63
N PRO J 144 -19.39 33.40 26.48
CA PRO J 144 -19.99 32.68 27.59
C PRO J 144 -18.96 32.13 28.58
N GLY J 145 -19.34 32.05 29.85
CA GLY J 145 -18.48 31.47 30.90
C GLY J 145 -18.75 29.94 30.98
N PRO J 146 -17.78 29.23 31.53
CA PRO J 146 -17.88 27.79 31.77
C PRO J 146 -18.97 27.60 32.83
N TYR J 147 -19.44 26.37 32.96
CA TYR J 147 -20.49 26.11 33.99
C TYR J 147 -20.42 24.67 34.43
N PRO J 148 -20.62 24.54 35.72
CA PRO J 148 -20.60 23.22 36.38
C PRO J 148 -21.93 22.50 36.04
N TRP J 149 -21.86 21.20 36.01
CA TRP J 149 -23.12 20.41 35.69
C TRP J 149 -23.03 19.11 36.43
N ARG J 150 -24.16 18.52 36.71
CA ARG J 150 -24.17 17.26 37.48
C ARG J 150 -23.90 16.02 36.67
N ASN J 151 -22.63 15.68 36.46
CA ASN J 151 -22.17 14.49 35.71
C ASN J 151 -21.32 13.74 36.78
N GLY J 152 -20.01 13.95 36.61
CA GLY J 152 -19.07 13.42 37.67
C GLY J 152 -19.25 14.48 38.80
N PRO J 153 -18.57 14.23 39.91
CA PRO J 153 -18.61 15.14 41.07
C PRO J 153 -17.96 16.49 40.79
N ASN J 154 -17.20 16.73 39.77
CA ASN J 154 -16.60 18.10 39.56
C ASN J 154 -16.45 18.31 38.06
N ASP J 155 -17.53 18.26 37.32
CA ASP J 155 -17.48 18.41 35.86
C ASP J 155 -17.83 19.85 35.52
N TRP J 156 -17.14 20.34 34.47
CA TRP J 156 -17.40 21.74 34.03
C TRP J 156 -17.40 21.82 32.51
N ARG J 157 -18.44 22.34 31.94
CA ARG J 157 -18.48 22.45 30.44
C ARG J 157 -17.50 23.61 30.10
N PRO J 158 -16.74 23.42 29.04
CA PRO J 158 -15.86 24.53 28.56
C PRO J 158 -16.86 25.58 28.06
N ALA J 159 -16.43 26.82 27.98
CA ALA J 159 -17.30 27.87 27.44
C ALA J 159 -17.65 27.36 26.00
N HIS J 160 -18.91 27.57 25.65
CA HIS J 160 -19.39 27.11 24.32
C HIS J 160 -20.68 27.82 23.91
N ILE J 161 -20.88 27.84 22.59
CA ILE J 161 -22.08 28.41 22.00
C ILE J 161 -22.81 27.21 21.26
N HIS J 162 -24.07 27.08 21.53
CA HIS J 162 -24.86 26.00 20.88
C HIS J 162 -25.28 26.47 19.46
N PHE J 163 -25.12 25.58 18.50
CA PHE J 163 -25.51 25.93 17.13
C PHE J 163 -26.47 24.87 16.52
N GLY J 164 -27.31 25.40 15.66
CA GLY J 164 -28.22 24.50 14.88
C GLY J 164 -28.11 25.08 13.44
N ILE J 165 -27.93 24.26 12.45
CA ILE J 165 -27.86 24.71 11.06
C ILE J 165 -28.80 23.82 10.20
N SER J 166 -29.57 24.48 9.35
CA SER J 166 -30.56 23.74 8.53
C SER J 166 -30.03 23.01 7.34
N GLY J 167 -29.36 23.76 6.45
CA GLY J 167 -28.81 23.18 5.23
C GLY J 167 -29.98 23.00 4.23
N PRO J 168 -29.66 22.39 3.10
CA PRO J 168 -30.62 22.17 2.03
C PRO J 168 -31.68 21.09 2.28
N SER J 169 -31.48 20.26 3.29
CA SER J 169 -32.50 19.20 3.50
C SER J 169 -32.52 18.70 4.91
N ILE J 170 -33.49 17.81 5.22
CA ILE J 170 -33.57 17.28 6.59
C ILE J 170 -32.38 16.37 6.84
N ALA J 171 -31.80 15.87 5.80
CA ALA J 171 -30.63 15.00 5.78
C ALA J 171 -29.34 15.78 6.20
N THR J 172 -29.30 17.06 5.96
CA THR J 172 -28.14 17.87 6.30
C THR J 172 -28.30 18.55 7.66
N LYS J 173 -29.51 18.63 8.17
CA LYS J 173 -29.74 19.35 9.47
C LYS J 173 -28.82 18.88 10.55
N LEU J 174 -28.26 19.83 11.33
CA LEU J 174 -27.30 19.45 12.40
C LEU J 174 -27.32 20.37 13.60
N ILE J 175 -27.06 19.83 14.76
CA ILE J 175 -26.93 20.60 16.02
C ILE J 175 -25.50 20.24 16.54
N THR J 176 -24.82 21.33 16.97
CA THR J 176 -23.43 21.14 17.48
C THR J 176 -23.12 22.24 18.50
N GLN J 177 -21.89 22.25 18.98
CA GLN J 177 -21.41 23.22 19.97
C GLN J 177 -20.03 23.76 19.52
N LEU J 178 -19.86 25.05 19.64
CA LEU J 178 -18.60 25.76 19.33
C LEU J 178 -17.79 25.90 20.65
N TYR J 179 -16.50 25.65 20.56
CA TYR J 179 -15.60 25.79 21.71
C TYR J 179 -14.57 26.91 21.33
N PHE J 180 -13.85 27.41 22.30
CA PHE J 180 -12.91 28.54 22.10
C PHE J 180 -11.44 28.12 22.17
N GLU J 181 -10.71 28.55 21.13
CA GLU J 181 -9.25 28.23 21.03
C GLU J 181 -8.57 28.35 22.38
N GLY J 182 -7.80 27.38 22.79
CA GLY J 182 -7.01 27.27 23.98
C GLY J 182 -7.64 26.95 25.30
N ASP J 183 -8.95 26.85 25.35
CA ASP J 183 -9.65 26.56 26.66
C ASP J 183 -9.18 25.24 27.21
N PRO J 184 -8.60 25.27 28.41
CA PRO J 184 -8.06 24.09 29.06
C PRO J 184 -9.14 23.12 29.51
N LEU J 185 -10.40 23.53 29.53
CA LEU J 185 -11.50 22.61 29.94
C LEU J 185 -11.87 21.65 28.80
N ILE J 186 -11.52 22.02 27.55
CA ILE J 186 -11.87 21.16 26.43
C ILE J 186 -11.51 19.70 26.56
N PRO J 187 -10.24 19.38 26.78
CA PRO J 187 -9.78 18.01 26.89
C PRO J 187 -10.36 17.24 28.03
N MET J 188 -10.98 17.87 28.98
CA MET J 188 -11.56 17.26 30.14
C MET J 188 -13.05 16.97 30.04
N CYS J 189 -13.75 17.51 29.06
CA CYS J 189 -15.22 17.32 28.97
C CYS J 189 -15.69 16.01 28.40
N PRO J 190 -16.47 15.29 29.19
CA PRO J 190 -17.04 13.98 28.75
C PRO J 190 -17.93 14.18 27.53
N ILE J 191 -18.57 15.35 27.40
CA ILE J 191 -19.36 15.67 26.22
C ILE J 191 -18.46 15.81 25.00
N VAL J 192 -17.39 16.60 25.09
CA VAL J 192 -16.44 16.72 23.97
C VAL J 192 -15.93 15.31 23.62
N LYS J 193 -15.54 14.59 24.66
CA LYS J 193 -15.02 13.24 24.50
C LYS J 193 -15.98 12.20 23.97
N SER J 194 -17.24 12.60 23.71
CA SER J 194 -18.19 11.64 23.08
C SER J 194 -17.64 11.41 21.67
N ILE J 195 -16.80 12.38 21.21
CA ILE J 195 -16.17 12.29 19.90
C ILE J 195 -14.85 11.52 20.07
N ALA J 196 -14.72 10.36 19.50
CA ALA J 196 -13.50 9.56 19.65
C ALA J 196 -12.26 10.04 18.92
N ASN J 197 -12.40 10.69 17.80
CA ASN J 197 -11.26 11.15 16.98
C ASN J 197 -10.90 12.59 17.33
N PRO J 198 -9.69 12.78 17.81
CA PRO J 198 -9.10 14.07 18.18
C PRO J 198 -9.21 15.11 17.07
N GLU J 199 -9.10 14.60 15.84
CA GLU J 199 -9.18 15.39 14.62
C GLU J 199 -10.57 15.99 14.47
N ALA J 200 -11.58 15.25 14.93
CA ALA J 200 -12.98 15.72 14.84
C ALA J 200 -13.23 16.84 15.86
N VAL J 201 -12.62 16.68 17.00
CA VAL J 201 -12.70 17.68 18.10
C VAL J 201 -12.17 19.02 17.58
N GLN J 202 -11.06 18.96 16.80
CA GLN J 202 -10.48 20.18 16.25
C GLN J 202 -11.45 20.99 15.42
N GLN J 203 -12.42 20.33 14.80
CA GLN J 203 -13.39 21.04 13.95
C GLN J 203 -14.37 21.88 14.72
N LEU J 204 -14.47 21.71 16.00
CA LEU J 204 -15.44 22.43 16.84
C LEU J 204 -14.81 23.63 17.55
N ILE J 205 -13.53 23.81 17.32
CA ILE J 205 -12.83 24.94 17.98
C ILE J 205 -12.79 26.19 17.11
N ALA J 206 -13.38 27.24 17.67
CA ALA J 206 -13.38 28.54 16.91
C ALA J 206 -12.02 29.18 17.16
N LYS J 207 -11.44 29.77 16.10
CA LYS J 207 -10.09 30.39 16.24
C LYS J 207 -10.16 31.92 16.33
N LEU J 208 -9.24 32.42 17.18
CA LEU J 208 -9.18 33.91 17.35
C LEU J 208 -8.89 34.50 15.94
N ASP J 209 -9.68 35.48 15.62
CA ASP J 209 -9.54 36.13 14.28
C ASP J 209 -9.31 37.65 14.45
N MET J 210 -8.05 38.06 14.60
CA MET J 210 -7.73 39.51 14.81
C MET J 210 -8.10 40.35 13.59
N ASN J 211 -8.03 39.75 12.42
CA ASN J 211 -8.33 40.42 11.16
C ASN J 211 -9.77 40.93 11.14
N ASN J 212 -10.66 40.27 11.79
CA ASN J 212 -12.07 40.67 11.78
C ASN J 212 -12.52 41.46 13.00
N ALA J 213 -11.61 41.65 13.95
CA ALA J 213 -11.94 42.41 15.15
C ALA J 213 -12.09 43.89 14.76
N ASN J 214 -12.81 44.57 15.64
CA ASN J 214 -13.04 46.04 15.50
C ASN J 214 -12.13 46.64 16.60
N PRO J 215 -11.09 47.31 16.16
CA PRO J 215 -10.10 47.90 17.11
C PRO J 215 -10.79 48.71 18.16
N MET J 216 -10.33 48.64 19.40
CA MET J 216 -10.85 49.35 20.57
C MET J 216 -12.32 49.04 20.81
N ASP J 217 -12.84 47.92 20.28
CA ASP J 217 -14.28 47.63 20.49
C ASP J 217 -14.57 46.18 20.85
N CYS J 218 -14.22 45.29 19.92
CA CYS J 218 -14.46 43.84 20.15
C CYS J 218 -13.59 42.97 19.31
N LEU J 219 -13.30 41.82 19.90
CA LEU J 219 -12.52 40.73 19.29
C LEU J 219 -13.49 39.92 18.39
N ALA J 220 -12.92 38.94 17.69
CA ALA J 220 -13.67 38.07 16.78
C ALA J 220 -13.06 36.68 16.71
N TYR J 221 -13.95 35.70 16.50
CA TYR J 221 -13.70 34.30 16.35
C TYR J 221 -14.26 33.86 15.01
N ARG J 222 -13.62 32.94 14.39
CA ARG J 222 -13.97 32.36 13.09
C ARG J 222 -14.42 30.90 13.32
N PHE J 223 -15.61 30.59 12.82
CA PHE J 223 -16.13 29.17 13.00
C PHE J 223 -16.78 28.75 11.69
N ASP J 224 -16.10 27.91 10.91
CA ASP J 224 -16.70 27.49 9.63
C ASP J 224 -17.45 26.14 9.91
N ILE J 225 -18.48 25.91 9.11
CA ILE J 225 -19.29 24.66 9.30
C ILE J 225 -19.31 23.90 7.99
N VAL J 226 -19.20 22.59 8.07
CA VAL J 226 -19.23 21.73 6.89
C VAL J 226 -20.46 20.77 6.99
N LEU J 227 -21.33 20.94 5.98
CA LEU J 227 -22.55 20.03 5.94
C LEU J 227 -22.28 18.94 4.92
N ARG J 228 -23.09 17.86 4.97
CA ARG J 228 -22.93 16.75 4.05
C ARG J 228 -22.91 17.24 2.59
N GLY J 229 -22.00 16.64 1.85
CA GLY J 229 -21.79 16.94 0.42
C GLY J 229 -23.08 16.59 -0.36
N GLN J 230 -23.44 17.51 -1.25
CA GLN J 230 -24.64 17.38 -2.10
C GLN J 230 -24.24 17.12 -3.55
N ARG J 231 -24.69 16.07 -4.17
CA ARG J 231 -24.38 15.74 -5.57
C ARG J 231 -25.72 15.48 -6.31
N LYS J 232 -25.58 15.45 -7.64
CA LYS J 232 -26.78 15.16 -8.49
C LYS J 232 -26.85 13.60 -8.59
N THR J 233 -28.08 13.15 -8.79
CA THR J 233 -28.28 11.69 -8.96
C THR J 233 -27.63 11.38 -10.36
N HIS J 234 -27.27 10.14 -10.49
CA HIS J 234 -26.69 9.65 -11.76
C HIS J 234 -26.99 8.13 -11.89
N PHE J 235 -27.24 7.69 -13.08
CA PHE J 235 -27.54 6.30 -13.46
C PHE J 235 -28.47 5.57 -12.48
N GLU J 236 -29.51 6.20 -12.01
CA GLU J 236 -30.39 5.57 -11.03
C GLU J 236 -31.62 4.87 -11.62
N PRO K 1 -2.86 22.30 32.96
CA PRO K 1 -3.49 22.34 34.29
C PRO K 1 -2.56 21.69 35.32
N ILE K 2 -2.86 21.86 36.61
CA ILE K 2 -2.09 21.26 37.70
C ILE K 2 -2.47 19.78 37.90
N GLU K 3 -1.49 18.92 38.03
CA GLU K 3 -1.81 17.48 38.25
C GLU K 3 -1.01 17.00 39.46
N LEU K 4 -1.72 16.27 40.32
CA LEU K 4 -1.11 15.72 41.55
C LEU K 4 -0.58 14.32 41.27
N LEU K 5 -0.08 13.67 42.32
CA LEU K 5 0.36 12.25 42.21
C LEU K 5 -0.99 11.50 42.00
N PRO K 6 -0.96 10.52 41.16
CA PRO K 6 -2.17 9.71 40.87
C PRO K 6 -2.45 8.75 42.04
N GLU K 7 -3.73 8.53 42.28
CA GLU K 7 -4.15 7.60 43.37
C GLU K 7 -3.78 6.16 42.95
N THR K 8 -3.43 5.37 43.94
CA THR K 8 -3.16 3.92 43.67
C THR K 8 -4.53 3.34 43.15
N PRO K 9 -4.44 2.65 42.02
CA PRO K 9 -5.57 2.05 41.34
C PRO K 9 -6.19 0.92 42.18
N SER K 10 -7.52 0.86 42.17
CA SER K 10 -8.21 -0.23 42.93
C SER K 10 -8.14 -1.52 42.14
N GLN K 11 -8.31 -2.64 42.82
CA GLN K 11 -8.33 -4.00 42.21
C GLN K 11 -9.41 -4.80 43.03
N THR K 12 -10.01 -5.76 42.39
CA THR K 12 -11.08 -6.55 43.08
C THR K 12 -10.53 -7.18 44.36
N ALA K 13 -11.42 -7.32 45.33
CA ALA K 13 -11.06 -7.99 46.59
C ALA K 13 -10.81 -9.47 46.36
N GLY K 14 -11.47 -10.05 45.38
CA GLY K 14 -11.24 -11.49 45.10
C GLY K 14 -12.10 -12.36 46.06
N PRO K 15 -12.15 -13.63 45.71
CA PRO K 15 -12.96 -14.63 46.43
C PRO K 15 -12.55 -14.95 47.85
N TYR K 16 -11.29 -14.78 48.15
CA TYR K 16 -10.67 -15.05 49.42
C TYR K 16 -10.55 -13.87 50.34
N VAL K 17 -11.23 -12.78 50.07
CA VAL K 17 -11.21 -11.58 50.92
C VAL K 17 -11.38 -11.93 52.40
N HIS K 18 -12.21 -12.92 52.71
CA HIS K 18 -12.49 -13.31 54.10
C HIS K 18 -11.27 -13.59 54.96
N ILE K 19 -10.29 -14.23 54.30
CA ILE K 19 -9.06 -14.59 55.00
C ILE K 19 -8.39 -13.37 55.61
N GLY K 20 -8.48 -12.22 54.97
CA GLY K 20 -7.86 -11.03 55.49
C GLY K 20 -8.75 -10.18 56.35
N LEU K 21 -10.02 -10.10 55.95
CA LEU K 21 -11.00 -9.24 56.62
C LEU K 21 -12.17 -9.85 57.32
N ALA K 22 -12.29 -11.15 57.34
CA ALA K 22 -13.46 -11.83 58.00
C ALA K 22 -13.00 -13.27 58.30
N LEU K 23 -12.02 -13.30 59.20
CA LEU K 23 -11.37 -14.57 59.57
C LEU K 23 -12.38 -15.67 59.89
N GLU K 24 -13.26 -15.39 60.82
CA GLU K 24 -14.30 -16.35 61.27
C GLU K 24 -14.95 -16.95 60.01
N ALA K 25 -15.50 -16.03 59.21
CA ALA K 25 -16.17 -16.39 57.95
C ALA K 25 -15.29 -17.30 57.15
N ALA K 26 -14.01 -16.96 56.95
CA ALA K 26 -13.15 -17.91 56.18
C ALA K 26 -12.99 -19.16 57.06
N GLY K 27 -13.59 -19.16 58.24
CA GLY K 27 -13.44 -20.33 59.14
C GLY K 27 -11.94 -20.59 59.44
N ASN K 28 -11.29 -19.53 59.84
CA ASN K 28 -9.90 -19.47 60.27
C ASN K 28 -9.88 -18.86 61.69
N PRO K 29 -8.89 -19.24 62.46
CA PRO K 29 -8.71 -18.74 63.85
C PRO K 29 -8.59 -17.24 63.81
N THR K 30 -9.26 -16.56 64.74
CA THR K 30 -9.24 -15.08 64.78
C THR K 30 -8.15 -14.61 65.73
N ARG K 31 -7.93 -13.30 65.71
CA ARG K 31 -6.87 -12.75 66.66
C ARG K 31 -7.63 -12.23 67.86
N ASP K 32 -6.97 -11.64 68.83
CA ASP K 32 -7.63 -11.12 70.03
C ASP K 32 -8.71 -10.12 69.64
N GLN K 33 -8.30 -9.13 68.87
CA GLN K 33 -9.25 -8.10 68.44
C GLN K 33 -9.49 -8.17 66.94
N GLU K 34 -10.77 -8.24 66.60
CA GLU K 34 -11.23 -8.27 65.21
C GLU K 34 -12.29 -7.18 65.06
N ILE K 35 -12.37 -6.58 63.90
CA ILE K 35 -13.40 -5.54 63.58
C ILE K 35 -14.55 -6.35 62.99
N TRP K 36 -15.69 -6.37 63.65
CA TRP K 36 -16.80 -7.20 63.13
C TRP K 36 -18.13 -6.56 63.02
N ASN K 37 -19.23 -7.33 63.06
CA ASN K 37 -20.58 -6.83 62.88
C ASN K 37 -21.40 -6.42 64.09
N ARG K 38 -20.78 -6.17 65.21
CA ARG K 38 -21.52 -5.74 66.45
C ARG K 38 -21.08 -4.36 66.81
N LEU K 39 -21.78 -3.36 66.30
CA LEU K 39 -21.45 -1.96 66.55
C LEU K 39 -21.79 -1.42 67.92
N ALA K 40 -22.88 -1.93 68.48
CA ALA K 40 -23.39 -1.52 69.79
C ALA K 40 -23.43 -2.63 70.84
N LYS K 41 -23.04 -2.17 72.02
CA LYS K 41 -23.10 -3.03 73.24
C LYS K 41 -24.51 -2.74 73.77
N PRO K 42 -25.15 -3.78 74.24
CA PRO K 42 -26.51 -3.71 74.75
C PRO K 42 -26.80 -2.45 75.53
N ASP K 43 -25.75 -1.94 76.18
CA ASP K 43 -25.94 -0.72 77.02
C ASP K 43 -25.70 0.57 76.30
N ALA K 44 -25.67 0.51 74.97
CA ALA K 44 -25.47 1.77 74.22
C ALA K 44 -26.87 2.41 74.10
N PRO K 45 -26.89 3.70 74.32
CA PRO K 45 -28.11 4.50 74.19
C PRO K 45 -28.59 4.40 72.72
N GLY K 46 -29.88 4.53 72.54
CA GLY K 46 -30.52 4.51 71.23
C GLY K 46 -31.38 3.26 71.06
N GLU K 47 -32.08 3.25 69.92
CA GLU K 47 -32.95 2.14 69.56
C GLU K 47 -32.10 1.04 68.89
N HIS K 48 -31.85 -0.03 69.66
CA HIS K 48 -31.06 -1.14 69.10
C HIS K 48 -31.90 -1.78 68.00
N ILE K 49 -31.26 -2.14 66.91
CA ILE K 49 -31.89 -2.74 65.74
C ILE K 49 -30.95 -3.79 65.13
N LEU K 50 -31.56 -4.58 64.30
CA LEU K 50 -30.96 -5.68 63.54
C LEU K 50 -31.12 -5.39 62.04
N LEU K 51 -29.99 -5.40 61.35
CA LEU K 51 -30.01 -5.15 59.88
C LEU K 51 -29.67 -6.49 59.20
N LEU K 52 -30.34 -6.72 58.08
CA LEU K 52 -30.06 -7.94 57.31
C LEU K 52 -30.41 -7.69 55.84
N GLY K 53 -29.79 -8.45 54.98
CA GLY K 53 -30.01 -8.40 53.55
C GLY K 53 -29.18 -9.44 52.81
N GLN K 54 -29.55 -9.51 51.53
CA GLN K 54 -28.89 -10.37 50.52
C GLN K 54 -28.42 -9.46 49.39
N VAL K 55 -27.50 -10.03 48.62
CA VAL K 55 -26.93 -9.31 47.46
C VAL K 55 -27.19 -10.09 46.19
N TYR K 56 -27.76 -9.49 45.18
CA TYR K 56 -28.06 -10.13 43.90
C TYR K 56 -27.20 -9.54 42.75
N ASP K 57 -26.85 -10.46 41.87
CA ASP K 57 -26.08 -10.12 40.65
C ASP K 57 -27.12 -9.81 39.55
N GLY K 58 -26.67 -9.47 38.39
CA GLY K 58 -27.50 -9.13 37.25
C GLY K 58 -28.42 -10.26 36.78
N ASN K 59 -28.11 -11.50 37.09
CA ASN K 59 -28.95 -12.63 36.68
C ASN K 59 -30.02 -12.93 37.75
N GLY K 60 -29.94 -12.20 38.82
CA GLY K 60 -30.84 -12.37 39.97
C GLY K 60 -30.32 -13.50 40.84
N HIS K 61 -29.06 -13.85 40.74
CA HIS K 61 -28.47 -14.91 41.61
C HIS K 61 -27.74 -14.23 42.78
N LEU K 62 -27.79 -14.90 43.91
CA LEU K 62 -27.18 -14.45 45.15
C LEU K 62 -25.64 -14.40 44.99
N VAL K 63 -25.10 -13.35 45.58
CA VAL K 63 -23.62 -13.16 45.63
C VAL K 63 -23.24 -13.65 47.04
N ARG K 64 -22.63 -14.78 47.14
CA ARG K 64 -22.23 -15.40 48.40
C ARG K 64 -20.85 -15.12 48.91
N ASP K 65 -20.09 -14.27 48.22
CA ASP K 65 -18.72 -13.96 48.63
C ASP K 65 -18.55 -12.46 48.89
N SER K 66 -19.65 -11.77 49.10
CA SER K 66 -19.59 -10.32 49.30
C SER K 66 -19.09 -9.93 50.67
N PHE K 67 -18.54 -8.73 50.72
CA PHE K 67 -17.97 -8.14 51.97
C PHE K 67 -18.42 -6.68 51.99
N LEU K 68 -18.90 -6.23 53.16
CA LEU K 68 -19.44 -4.90 53.34
C LEU K 68 -18.82 -4.23 54.57
N GLU K 69 -18.68 -2.92 54.42
CA GLU K 69 -18.16 -2.06 55.50
C GLU K 69 -19.20 -1.02 55.75
N VAL K 70 -19.39 -0.62 57.02
CA VAL K 70 -20.42 0.35 57.37
C VAL K 70 -19.89 1.48 58.26
N TRP K 71 -20.44 2.63 58.06
CA TRP K 71 -20.07 3.85 58.83
C TRP K 71 -21.40 4.57 59.11
N GLN K 72 -21.59 4.87 60.41
CA GLN K 72 -22.82 5.57 60.80
C GLN K 72 -22.67 6.36 62.09
N ALA K 73 -23.48 7.39 62.18
CA ALA K 73 -23.58 8.20 63.40
C ALA K 73 -24.26 7.30 64.48
N ASP K 74 -24.00 7.70 65.73
CA ASP K 74 -24.66 6.96 66.86
C ASP K 74 -26.07 7.61 66.92
N ALA K 75 -26.71 7.37 68.04
CA ALA K 75 -28.04 7.86 68.36
C ALA K 75 -28.14 9.35 68.47
N ASN K 76 -27.10 10.07 68.87
CA ASN K 76 -27.11 11.53 68.98
C ASN K 76 -26.75 12.23 67.70
N GLY K 77 -26.47 11.44 66.66
CA GLY K 77 -26.12 12.01 65.35
C GLY K 77 -24.64 12.36 65.36
N GLU K 78 -23.87 11.61 66.13
CA GLU K 78 -22.42 11.85 66.17
C GLU K 78 -21.59 10.67 65.68
N TYR K 79 -20.58 11.06 64.87
CA TYR K 79 -19.66 10.00 64.33
C TYR K 79 -18.54 9.76 65.36
N GLN K 80 -18.48 8.51 65.76
CA GLN K 80 -17.50 8.03 66.75
C GLN K 80 -16.35 7.39 66.00
N ASP K 81 -15.31 8.21 65.76
CA ASP K 81 -14.17 7.77 65.01
C ASP K 81 -13.12 7.02 65.80
N ALA K 82 -13.08 7.19 67.10
CA ALA K 82 -12.02 6.45 67.86
C ALA K 82 -12.51 5.02 68.12
N TYR K 83 -12.09 4.10 67.24
CA TYR K 83 -12.44 2.70 67.28
C TYR K 83 -11.79 1.97 68.45
N ASN K 84 -12.64 1.41 69.25
CA ASN K 84 -12.24 0.63 70.45
C ASN K 84 -13.29 -0.41 70.78
N LEU K 85 -12.82 -1.63 71.02
CA LEU K 85 -13.73 -2.73 71.37
C LEU K 85 -14.41 -2.48 72.72
N GLU K 86 -13.82 -1.57 73.48
CA GLU K 86 -14.37 -1.23 74.80
C GLU K 86 -15.55 -0.29 74.60
N ASN K 87 -15.61 0.44 73.50
CA ASN K 87 -16.75 1.37 73.29
C ASN K 87 -18.07 0.65 73.43
N ALA K 88 -19.08 1.39 73.88
CA ALA K 88 -20.43 0.73 73.98
C ALA K 88 -21.01 0.85 72.54
N PHE K 89 -20.42 1.81 71.84
CA PHE K 89 -20.81 2.05 70.43
C PHE K 89 -19.58 2.46 69.61
N ASN K 90 -19.49 1.84 68.42
CA ASN K 90 -18.45 2.10 67.42
C ASN K 90 -19.20 2.45 66.13
N SER K 91 -18.75 3.54 65.48
CA SER K 91 -19.39 4.03 64.24
C SER K 91 -19.12 3.16 63.01
N PHE K 92 -18.09 2.37 63.07
CA PHE K 92 -17.60 1.48 62.02
C PHE K 92 -17.85 -0.01 62.33
N GLY K 93 -18.11 -0.75 61.25
CA GLY K 93 -18.33 -2.19 61.30
C GLY K 93 -18.08 -2.90 59.96
N ARG K 94 -18.01 -4.24 60.07
CA ARG K 94 -17.82 -5.11 58.91
C ARG K 94 -18.72 -6.35 58.99
N THR K 95 -19.17 -6.79 57.83
CA THR K 95 -20.01 -7.99 57.71
C THR K 95 -19.76 -8.66 56.38
N ALA K 96 -20.29 -9.85 56.18
CA ALA K 96 -20.10 -10.61 54.92
C ALA K 96 -21.30 -11.56 54.71
N THR K 97 -21.54 -12.00 53.50
CA THR K 97 -22.63 -12.90 53.15
C THR K 97 -22.25 -14.37 53.30
N THR K 98 -23.22 -15.11 53.90
CA THR K 98 -23.05 -16.54 54.13
C THR K 98 -22.79 -17.27 52.79
N PHE K 99 -21.74 -18.09 52.80
CA PHE K 99 -21.42 -18.86 51.58
C PHE K 99 -22.65 -19.77 51.31
N ASP K 100 -23.36 -20.08 52.37
CA ASP K 100 -24.56 -20.91 52.28
C ASP K 100 -25.80 -20.09 51.96
N ALA K 101 -26.41 -19.53 52.99
CA ALA K 101 -27.64 -18.73 52.85
C ALA K 101 -27.44 -17.43 52.09
N GLY K 102 -26.24 -16.87 52.13
CA GLY K 102 -25.97 -15.61 51.42
C GLY K 102 -26.57 -14.40 52.09
N GLU K 103 -26.66 -14.40 53.40
CA GLU K 103 -27.24 -13.21 54.08
C GLU K 103 -26.26 -12.65 55.10
N TRP K 104 -26.25 -11.31 55.19
CA TRP K 104 -25.35 -10.64 56.16
C TRP K 104 -26.26 -10.05 57.25
N THR K 105 -25.68 -9.86 58.40
CA THR K 105 -26.36 -9.28 59.55
C THR K 105 -25.43 -8.29 60.25
N LEU K 106 -26.10 -7.30 60.83
CA LEU K 106 -25.40 -6.26 61.58
C LEU K 106 -26.24 -5.94 62.82
N HIS K 107 -25.52 -5.74 63.90
CA HIS K 107 -26.15 -5.38 65.22
C HIS K 107 -25.79 -3.95 65.56
N THR K 108 -26.74 -3.04 65.54
CA THR K 108 -26.39 -1.59 65.82
C THR K 108 -27.57 -0.87 66.45
N VAL K 109 -27.62 0.43 66.30
CA VAL K 109 -28.69 1.31 66.76
C VAL K 109 -29.04 2.24 65.57
N LYS K 110 -30.27 2.76 65.64
CA LYS K 110 -30.73 3.69 64.59
C LYS K 110 -29.97 5.02 64.75
N PRO K 111 -29.23 5.38 63.71
CA PRO K 111 -28.43 6.61 63.69
C PRO K 111 -29.31 7.85 63.81
N GLY K 112 -28.76 8.85 64.48
CA GLY K 112 -29.51 10.15 64.60
C GLY K 112 -29.21 10.93 63.32
N VAL K 113 -29.85 12.05 63.14
CA VAL K 113 -29.69 12.93 61.98
C VAL K 113 -28.39 13.76 62.05
N VAL K 114 -27.77 13.99 60.90
CA VAL K 114 -26.55 14.82 60.83
C VAL K 114 -26.81 15.82 59.70
N ASN K 115 -26.14 16.96 59.70
CA ASN K 115 -26.41 17.92 58.61
C ASN K 115 -25.36 17.78 57.51
N ASN K 116 -25.73 18.33 56.37
CA ASN K 116 -24.81 18.33 55.22
C ASN K 116 -23.90 19.59 55.41
N ALA K 117 -23.03 19.74 54.43
CA ALA K 117 -22.06 20.81 54.39
C ALA K 117 -22.80 22.15 54.47
N ALA K 118 -23.95 22.24 53.84
CA ALA K 118 -24.71 23.49 53.85
C ALA K 118 -25.64 23.65 55.04
N GLY K 119 -25.50 22.84 56.05
CA GLY K 119 -26.33 22.90 57.24
C GLY K 119 -27.71 22.28 57.16
N VAL K 120 -28.07 21.63 56.07
CA VAL K 120 -29.40 20.99 55.93
C VAL K 120 -29.39 19.55 56.39
N PRO K 121 -30.32 19.22 57.30
CA PRO K 121 -30.43 17.89 57.86
C PRO K 121 -30.66 16.79 56.79
N MET K 122 -29.96 15.68 57.02
CA MET K 122 -30.03 14.50 56.16
C MET K 122 -30.84 13.49 56.96
N ALA K 123 -31.62 12.68 56.31
CA ALA K 123 -32.42 11.66 57.05
C ALA K 123 -31.45 10.62 57.58
N PRO K 124 -31.90 9.96 58.64
CA PRO K 124 -31.10 8.90 59.26
C PRO K 124 -30.58 8.01 58.14
N HIS K 125 -29.30 7.66 58.21
CA HIS K 125 -28.70 6.80 57.16
C HIS K 125 -27.43 6.15 57.66
N ILE K 126 -27.11 5.05 56.98
CA ILE K 126 -25.92 4.22 57.20
C ILE K 126 -25.16 4.15 55.85
N ASN K 127 -23.90 4.49 55.87
CA ASN K 127 -23.09 4.49 54.64
C ASN K 127 -22.52 3.07 54.43
N ILE K 128 -22.67 2.57 53.21
CA ILE K 128 -22.18 1.22 52.93
C ILE K 128 -21.23 1.17 51.73
N SER K 129 -20.28 0.32 51.79
CA SER K 129 -19.26 0.07 50.70
C SER K 129 -19.28 -1.48 50.48
N LEU K 130 -19.49 -1.85 49.23
CA LEU K 130 -19.55 -3.31 48.92
C LEU K 130 -18.37 -3.76 48.10
N PHE K 131 -17.72 -4.81 48.55
CA PHE K 131 -16.57 -5.45 47.90
C PHE K 131 -16.92 -6.93 47.58
N ALA K 132 -16.27 -7.44 46.52
CA ALA K 132 -16.43 -8.84 46.08
C ALA K 132 -15.68 -9.12 44.78
N ARG K 133 -15.51 -10.42 44.61
CA ARG K 133 -14.89 -10.90 43.31
C ARG K 133 -15.89 -10.40 42.26
N GLY K 134 -15.30 -9.93 41.16
CA GLY K 134 -16.05 -9.37 40.04
C GLY K 134 -16.22 -7.85 40.27
N ILE K 135 -15.96 -7.39 41.50
CA ILE K 135 -16.18 -5.89 41.65
C ILE K 135 -14.80 -5.25 41.56
N ASN K 136 -14.53 -4.57 40.45
CA ASN K 136 -13.21 -3.95 40.26
C ASN K 136 -12.89 -2.82 41.24
N ILE K 137 -13.86 -2.01 41.53
CA ILE K 137 -13.77 -0.87 42.47
C ILE K 137 -15.07 -0.90 43.24
N HIS K 138 -14.96 -0.79 44.55
CA HIS K 138 -16.07 -0.87 45.49
C HIS K 138 -17.19 0.05 45.21
N LEU K 139 -18.43 -0.45 45.54
CA LEU K 139 -19.67 0.28 45.36
C LEU K 139 -20.10 0.94 46.69
N HIS K 140 -20.43 2.21 46.61
CA HIS K 140 -20.90 3.05 47.70
C HIS K 140 -22.45 3.22 47.59
N THR K 141 -23.08 3.09 48.76
CA THR K 141 -24.56 3.29 48.82
C THR K 141 -24.89 3.73 50.24
N ARG K 142 -26.14 4.01 50.49
CA ARG K 142 -26.63 4.42 51.80
C ARG K 142 -27.90 3.63 52.12
N LEU K 143 -28.09 3.35 53.39
CA LEU K 143 -29.34 2.64 53.81
C LEU K 143 -30.23 3.64 54.54
N TYR K 144 -31.45 3.84 54.08
CA TYR K 144 -32.45 4.68 54.73
C TYR K 144 -33.49 3.73 55.38
N PHE K 145 -34.38 4.30 56.17
CA PHE K 145 -35.41 3.55 56.91
C PHE K 145 -36.83 3.94 56.47
N ASP K 146 -37.66 2.90 56.32
CA ASP K 146 -39.01 3.08 55.85
C ASP K 146 -39.91 3.82 56.82
N ASP K 147 -39.55 3.78 58.09
CA ASP K 147 -40.36 4.47 59.10
C ASP K 147 -39.90 5.93 59.26
N GLU K 148 -39.14 6.44 58.34
CA GLU K 148 -38.67 7.84 58.47
C GLU K 148 -39.02 8.61 57.22
N ALA K 149 -40.19 8.34 56.67
CA ALA K 149 -40.67 9.00 55.46
C ALA K 149 -40.61 10.52 55.44
N GLN K 150 -41.00 11.15 56.54
CA GLN K 150 -41.02 12.61 56.61
C GLN K 150 -39.60 13.10 56.23
N ALA K 151 -38.69 12.64 57.04
CA ALA K 151 -37.26 12.96 56.88
C ALA K 151 -36.80 12.59 55.48
N ASN K 152 -37.11 11.36 55.05
CA ASN K 152 -36.71 10.87 53.73
C ASN K 152 -37.12 11.81 52.61
N ALA K 153 -38.32 12.37 52.72
CA ALA K 153 -38.83 13.29 51.67
C ALA K 153 -38.03 14.59 51.57
N LYS K 154 -37.37 14.92 52.68
CA LYS K 154 -36.59 16.15 52.82
C LYS K 154 -35.09 15.98 52.65
N CYS K 155 -34.61 14.77 52.49
CA CYS K 155 -33.17 14.52 52.36
C CYS K 155 -32.57 15.17 51.15
N PRO K 156 -31.57 16.02 51.42
CA PRO K 156 -30.87 16.72 50.35
C PRO K 156 -30.11 15.71 49.48
N VAL K 157 -29.82 14.55 50.02
CA VAL K 157 -29.06 13.52 49.26
C VAL K 157 -29.99 12.71 48.37
N LEU K 158 -31.01 12.18 49.00
CA LEU K 158 -32.05 11.34 48.29
C LEU K 158 -32.69 12.17 47.20
N ASN K 159 -32.80 13.47 47.43
CA ASN K 159 -33.35 14.43 46.50
C ASN K 159 -32.48 14.70 45.29
N LEU K 160 -31.23 14.20 45.32
CA LEU K 160 -30.33 14.42 44.17
C LEU K 160 -30.63 13.34 43.13
N ILE K 161 -31.32 12.29 43.56
CA ILE K 161 -31.65 11.20 42.59
C ILE K 161 -32.82 11.68 41.73
N GLU K 162 -32.56 11.85 40.43
CA GLU K 162 -33.49 12.32 39.45
C GLU K 162 -34.86 11.65 39.47
N GLN K 163 -34.88 10.35 39.29
CA GLN K 163 -36.06 9.52 39.26
C GLN K 163 -36.50 9.05 40.63
N PRO K 164 -37.63 9.55 41.05
CA PRO K 164 -38.21 9.20 42.36
C PRO K 164 -38.29 7.70 42.55
N GLN K 165 -38.56 6.98 41.47
CA GLN K 165 -38.68 5.52 41.51
C GLN K 165 -37.40 4.89 42.04
N ARG K 166 -36.25 5.44 41.62
CA ARG K 166 -34.92 4.91 42.03
C ARG K 166 -34.62 5.15 43.51
N ARG K 167 -35.26 6.18 44.07
CA ARG K 167 -35.03 6.51 45.48
C ARG K 167 -35.44 5.40 46.44
N GLU K 168 -36.47 4.67 46.03
CA GLU K 168 -37.00 3.57 46.83
C GLU K 168 -36.02 2.46 47.05
N THR K 169 -35.12 2.27 46.09
CA THR K 169 -34.12 1.21 46.18
C THR K 169 -33.25 1.38 47.40
N LEU K 170 -33.26 2.57 47.98
CA LEU K 170 -32.46 2.87 49.16
C LEU K 170 -33.12 2.72 50.49
N ILE K 171 -34.42 2.51 50.54
CA ILE K 171 -35.17 2.37 51.82
C ILE K 171 -35.33 0.99 52.36
N ALA K 172 -34.82 0.72 53.55
CA ALA K 172 -34.93 -0.60 54.17
C ALA K 172 -36.34 -0.75 54.82
N LYS K 173 -36.85 -1.95 54.66
CA LYS K 173 -38.15 -2.42 55.12
C LYS K 173 -38.10 -3.02 56.52
N ARG K 174 -38.80 -2.30 57.40
CA ARG K 174 -38.91 -2.71 58.79
C ARG K 174 -39.67 -4.05 58.86
N CYS K 175 -39.22 -4.86 59.76
CA CYS K 175 -39.70 -6.18 60.10
C CYS K 175 -39.28 -6.41 61.57
N GLU K 176 -39.48 -7.63 62.01
CA GLU K 176 -39.13 -8.03 63.39
C GLU K 176 -38.43 -9.39 63.28
N VAL K 177 -37.42 -9.55 64.12
CA VAL K 177 -36.70 -10.85 64.13
C VAL K 177 -36.69 -11.30 65.58
N ASP K 178 -37.52 -12.33 65.79
CA ASP K 178 -37.70 -12.90 67.14
C ASP K 178 -38.09 -11.70 68.03
N GLY K 179 -39.16 -11.04 67.62
CA GLY K 179 -39.70 -9.88 68.31
C GLY K 179 -38.70 -8.76 68.52
N LYS K 180 -37.73 -8.69 67.63
CA LYS K 180 -36.68 -7.62 67.72
C LYS K 180 -36.86 -6.78 66.46
N THR K 181 -36.75 -5.47 66.58
CA THR K 181 -36.90 -4.64 65.38
C THR K 181 -35.70 -4.95 64.44
N ALA K 182 -36.10 -5.26 63.23
CA ALA K 182 -35.21 -5.62 62.11
C ALA K 182 -35.60 -4.79 60.90
N TYR K 183 -34.61 -4.61 60.02
CA TYR K 183 -34.74 -3.85 58.77
C TYR K 183 -34.00 -4.67 57.70
N ARG K 184 -34.71 -4.95 56.63
CA ARG K 184 -34.20 -5.73 55.52
C ARG K 184 -33.76 -4.82 54.35
N PHE K 185 -32.48 -5.00 54.03
CA PHE K 185 -31.85 -4.21 52.94
C PHE K 185 -31.16 -5.11 51.92
N ASP K 186 -31.86 -5.28 50.82
CA ASP K 186 -31.39 -6.07 49.69
C ASP K 186 -30.71 -5.13 48.68
N ILE K 187 -29.61 -5.64 48.13
CA ILE K 187 -28.90 -4.86 47.12
C ILE K 187 -28.96 -5.60 45.79
N ARG K 188 -29.34 -4.88 44.75
CA ARG K 188 -29.35 -5.51 43.38
C ARG K 188 -28.26 -4.74 42.62
N ILE K 189 -27.18 -5.43 42.28
CA ILE K 189 -26.05 -4.78 41.61
C ILE K 189 -26.38 -4.32 40.20
N GLN K 190 -27.21 -5.15 39.55
CA GLN K 190 -27.58 -4.88 38.14
C GLN K 190 -28.97 -5.29 37.75
N GLY K 191 -29.52 -4.60 36.77
CA GLY K 191 -30.80 -4.86 36.18
C GLY K 191 -32.01 -4.27 36.89
N GLU K 192 -33.08 -5.08 36.93
CA GLU K 192 -34.36 -4.67 37.53
C GLU K 192 -34.20 -4.30 38.99
N GLY K 193 -34.69 -3.14 39.37
CA GLY K 193 -34.55 -2.60 40.73
C GLY K 193 -33.10 -2.35 41.15
N GLU K 194 -32.19 -2.18 40.19
CA GLU K 194 -30.76 -1.95 40.53
C GLU K 194 -30.69 -0.82 41.57
N THR K 195 -29.94 -1.09 42.60
CA THR K 195 -29.76 -0.10 43.70
C THR K 195 -28.91 1.08 43.23
N VAL K 196 -29.24 2.25 43.74
CA VAL K 196 -28.46 3.48 43.41
C VAL K 196 -27.06 3.33 44.10
N PHE K 197 -26.04 3.68 43.35
CA PHE K 197 -24.64 3.66 43.85
C PHE K 197 -24.14 5.13 43.66
N PHE K 198 -23.34 5.55 44.62
CA PHE K 198 -22.83 6.92 44.63
C PHE K 198 -21.34 7.08 44.32
N ASP K 199 -21.03 8.30 43.93
CA ASP K 199 -19.65 8.76 43.63
C ASP K 199 -19.52 10.06 44.46
N PHE K 200 -18.43 10.09 45.19
CA PHE K 200 -18.09 11.26 46.02
C PHE K 200 -16.56 11.31 46.20
N PRO L 1 -16.45 13.97 68.84
CA PRO L 1 -16.64 13.12 67.63
C PRO L 1 -15.88 13.72 66.46
N ALA L 2 -16.06 13.05 65.31
CA ALA L 2 -15.37 13.51 64.06
C ALA L 2 -16.05 14.80 63.62
N GLN L 3 -15.29 15.58 62.86
CA GLN L 3 -15.79 16.84 62.32
C GLN L 3 -15.50 16.93 60.81
N ASP L 4 -16.38 17.68 60.13
CA ASP L 4 -16.22 17.90 58.69
C ASP L 4 -15.25 19.05 58.43
N ASN L 5 -13.95 18.77 58.28
CA ASN L 5 -13.06 19.94 57.98
C ASN L 5 -12.27 19.76 56.71
N SER L 6 -12.33 18.55 56.17
CA SER L 6 -11.56 18.27 54.95
C SER L 6 -12.46 18.02 53.74
N ARG L 7 -11.77 18.11 52.61
CA ARG L 7 -12.37 17.85 51.29
C ARG L 7 -11.37 16.90 50.62
N PHE L 8 -11.83 16.00 49.80
CA PHE L 8 -10.91 15.03 49.14
C PHE L 8 -11.06 15.19 47.63
N VAL L 9 -9.91 15.16 47.00
CA VAL L 9 -9.84 15.29 45.53
C VAL L 9 -10.71 14.19 44.90
N ILE L 10 -11.53 14.60 43.97
CA ILE L 10 -12.39 13.71 43.21
C ILE L 10 -11.53 12.62 42.52
N ARG L 11 -12.08 11.39 42.63
CA ARG L 11 -11.44 10.20 42.07
C ARG L 11 -11.46 10.26 40.55
N ASP L 12 -10.43 9.78 39.93
CA ASP L 12 -10.38 9.73 38.45
C ASP L 12 -10.85 8.28 38.12
N ARG L 13 -12.10 8.19 37.68
CA ARG L 13 -12.64 6.87 37.35
C ARG L 13 -12.15 6.33 36.04
N ASN L 14 -11.27 7.09 35.36
CA ASN L 14 -10.68 6.57 34.10
C ASN L 14 -9.29 6.02 34.46
N TRP L 15 -8.84 6.30 35.65
CA TRP L 15 -7.50 5.85 36.08
C TRP L 15 -7.65 4.46 36.69
N HIS L 16 -8.70 4.39 37.49
CA HIS L 16 -9.11 3.14 38.17
C HIS L 16 -9.77 2.30 37.05
N PRO L 17 -9.84 1.01 37.29
CA PRO L 17 -10.51 0.08 36.33
C PRO L 17 -12.01 0.42 36.29
N LYS L 18 -12.61 0.23 35.15
CA LYS L 18 -14.10 0.48 34.99
C LYS L 18 -14.78 -0.75 35.68
N ALA L 19 -16.06 -0.63 35.83
CA ALA L 19 -16.90 -1.70 36.47
C ALA L 19 -17.02 -2.91 35.53
N LEU L 20 -17.32 -2.61 34.26
CA LEU L 20 -17.50 -3.68 33.27
C LEU L 20 -16.30 -3.92 32.41
N THR L 21 -15.62 -5.02 32.64
CA THR L 21 -14.38 -5.38 31.88
C THR L 21 -14.54 -6.87 31.52
N PRO L 22 -15.24 -7.11 30.42
CA PRO L 22 -15.59 -8.41 29.94
C PRO L 22 -14.61 -9.53 29.98
N ASP L 23 -13.32 -9.27 29.81
CA ASP L 23 -12.31 -10.33 29.89
C ASP L 23 -12.25 -10.94 31.29
N TYR L 24 -12.60 -10.11 32.27
CA TYR L 24 -12.68 -10.55 33.69
C TYR L 24 -14.19 -10.97 33.80
N LYS L 25 -14.40 -12.25 33.46
CA LYS L 25 -15.74 -12.83 33.39
C LYS L 25 -16.75 -12.47 34.42
N THR L 26 -16.45 -12.60 35.67
CA THR L 26 -17.35 -12.30 36.79
C THR L 26 -17.83 -10.86 36.81
N SER L 27 -17.06 -9.91 36.27
CA SER L 27 -17.47 -8.53 36.24
C SER L 27 -18.73 -8.28 35.40
N ILE L 28 -19.01 -9.19 34.44
CA ILE L 28 -20.18 -9.00 33.59
C ILE L 28 -21.52 -8.90 34.33
N ALA L 29 -21.80 -9.80 35.24
CA ALA L 29 -23.07 -9.83 36.00
C ALA L 29 -22.97 -9.05 37.29
N ARG L 30 -21.75 -8.60 37.62
CA ARG L 30 -21.50 -7.85 38.84
C ARG L 30 -21.12 -6.39 38.71
N SER L 31 -21.58 -5.73 37.68
CA SER L 31 -21.33 -4.30 37.41
C SER L 31 -22.67 -3.63 37.11
N PRO L 32 -22.87 -2.45 37.66
CA PRO L 32 -24.13 -1.74 37.46
C PRO L 32 -24.27 -1.37 35.99
N ARG L 33 -25.49 -1.12 35.58
CA ARG L 33 -25.82 -0.71 34.21
C ARG L 33 -26.24 0.75 34.22
N GLN L 34 -26.63 1.25 35.40
CA GLN L 34 -26.95 2.67 35.56
C GLN L 34 -25.67 3.46 35.95
N ALA L 35 -25.69 4.74 35.71
CA ALA L 35 -24.52 5.63 36.07
C ALA L 35 -24.56 5.86 37.59
N LEU L 36 -23.38 6.01 38.17
CA LEU L 36 -23.26 6.34 39.62
C LEU L 36 -23.86 7.77 39.76
N VAL L 37 -24.36 8.05 40.92
CA VAL L 37 -24.95 9.32 41.28
C VAL L 37 -23.88 10.10 42.09
N SER L 38 -23.51 11.23 41.50
CA SER L 38 -22.49 12.08 42.19
C SER L 38 -23.20 12.88 43.29
N ILE L 39 -22.61 12.87 44.47
CA ILE L 39 -23.17 13.69 45.61
C ILE L 39 -22.00 14.48 46.22
N PRO L 40 -22.37 15.64 46.75
CA PRO L 40 -21.36 16.54 47.39
C PRO L 40 -20.82 15.85 48.63
N GLN L 41 -19.64 16.21 49.06
CA GLN L 41 -19.08 15.58 50.30
C GLN L 41 -19.76 16.20 51.52
N SER L 42 -19.99 15.39 52.55
CA SER L 42 -20.60 15.86 53.81
C SER L 42 -19.82 15.13 54.91
N ILE L 43 -20.13 15.38 56.15
CA ILE L 43 -19.40 14.72 57.27
C ILE L 43 -19.47 13.20 57.15
N SER L 44 -20.53 12.73 56.53
CA SER L 44 -20.75 11.31 56.32
C SER L 44 -19.60 10.71 55.52
N GLU L 45 -19.20 11.41 54.46
CA GLU L 45 -18.12 10.92 53.61
C GLU L 45 -16.72 11.35 53.96
N THR L 46 -16.54 12.48 54.62
CA THR L 46 -15.18 12.99 54.94
C THR L 46 -14.61 12.53 56.26
N THR L 47 -15.30 11.68 56.98
CA THR L 47 -14.84 11.12 58.26
C THR L 47 -14.70 9.61 58.07
N GLY L 48 -14.05 8.96 59.00
CA GLY L 48 -13.82 7.52 59.01
C GLY L 48 -13.18 7.13 60.34
N PRO L 49 -13.12 5.83 60.58
CA PRO L 49 -12.55 5.30 61.81
C PRO L 49 -11.04 5.48 61.91
N ASN L 50 -10.59 5.61 63.16
CA ASN L 50 -9.12 5.73 63.40
C ASN L 50 -8.85 4.45 64.22
N PHE L 51 -7.87 3.68 63.84
CA PHE L 51 -7.63 2.40 64.56
C PHE L 51 -6.47 2.45 65.54
N SER L 52 -6.09 3.67 65.92
CA SER L 52 -4.98 3.87 66.85
C SER L 52 -5.16 3.08 68.12
N HIS L 53 -6.37 2.84 68.57
CA HIS L 53 -6.53 2.08 69.83
C HIS L 53 -6.82 0.63 69.63
N LEU L 54 -6.64 0.14 68.41
CA LEU L 54 -6.93 -1.32 68.22
C LEU L 54 -5.77 -2.05 68.91
N GLY L 55 -6.16 -3.16 69.55
CA GLY L 55 -5.12 -3.94 70.26
C GLY L 55 -4.48 -4.95 69.33
N PHE L 56 -3.34 -4.60 68.75
CA PHE L 56 -2.60 -5.48 67.83
C PHE L 56 -1.67 -6.44 68.57
N GLY L 57 -1.65 -7.67 68.12
CA GLY L 57 -0.72 -8.67 68.72
C GLY L 57 0.68 -8.28 68.22
N ALA L 58 1.67 -8.81 68.91
CA ALA L 58 3.09 -8.56 68.61
C ALA L 58 3.54 -9.09 67.26
N HIS L 59 2.90 -10.11 66.75
CA HIS L 59 3.36 -10.65 65.45
C HIS L 59 2.33 -10.41 64.36
N ASP L 60 1.42 -9.49 64.56
CA ASP L 60 0.35 -9.19 63.61
C ASP L 60 0.84 -8.95 62.20
N HIS L 61 2.01 -8.37 62.04
CA HIS L 61 2.58 -8.05 60.72
C HIS L 61 3.66 -9.01 60.28
N ASP L 62 3.88 -10.08 61.00
CA ASP L 62 4.93 -11.07 60.70
C ASP L 62 4.36 -12.45 60.37
N LEU L 63 4.09 -12.67 59.08
CA LEU L 63 3.54 -13.93 58.55
C LEU L 63 4.44 -15.13 58.72
N LEU L 64 5.66 -14.90 59.16
CA LEU L 64 6.64 -15.99 59.39
C LEU L 64 6.42 -16.61 60.77
N LEU L 65 5.90 -15.85 61.72
CA LEU L 65 5.63 -16.34 63.06
C LEU L 65 4.18 -16.28 63.51
N ASN L 66 3.28 -15.63 62.82
CA ASN L 66 1.92 -15.47 63.32
C ASN L 66 0.90 -16.54 63.10
N PHE L 67 1.23 -17.69 62.52
CA PHE L 67 0.24 -18.72 62.29
C PHE L 67 0.49 -19.85 63.37
N GLY L 71 7.14 -24.67 63.01
CA GLY L 71 8.33 -24.14 62.36
C GLY L 71 8.08 -22.94 61.45
N LEU L 72 8.98 -22.81 60.51
CA LEU L 72 8.96 -21.72 59.52
C LEU L 72 8.29 -22.19 58.24
N PRO L 73 7.58 -21.27 57.61
CA PRO L 73 6.95 -21.58 56.31
C PRO L 73 8.08 -21.87 55.29
N ILE L 74 7.72 -22.63 54.28
CA ILE L 74 8.61 -22.96 53.16
C ILE L 74 8.45 -21.82 52.13
N GLY L 75 9.49 -21.28 51.58
CA GLY L 75 9.34 -20.20 50.59
C GLY L 75 10.37 -19.09 50.81
N GLU L 76 10.34 -18.16 49.88
CA GLU L 76 11.25 -17.01 49.79
C GLU L 76 10.89 -15.93 50.81
N ARG L 77 11.76 -15.84 51.78
CA ARG L 77 11.59 -14.87 52.89
C ARG L 77 11.83 -13.45 52.33
N ILE L 78 10.85 -12.59 52.53
CA ILE L 78 10.93 -11.20 52.08
C ILE L 78 10.25 -10.26 53.06
N ILE L 79 10.74 -9.01 53.02
CA ILE L 79 10.09 -7.94 53.80
C ILE L 79 9.32 -7.14 52.73
N VAL L 80 8.10 -6.75 53.01
CA VAL L 80 7.31 -5.89 52.08
C VAL L 80 7.14 -4.58 52.87
N ALA L 81 7.73 -3.50 52.40
CA ALA L 81 7.62 -2.22 53.13
C ALA L 81 7.38 -1.07 52.18
N GLY L 82 6.99 0.09 52.77
CA GLY L 82 6.74 1.27 51.99
C GLY L 82 6.06 2.33 52.84
N ARG L 83 5.57 3.35 52.12
CA ARG L 83 4.92 4.48 52.77
C ARG L 83 3.56 4.76 52.18
N VAL L 84 2.66 5.24 53.01
CA VAL L 84 1.31 5.66 52.53
C VAL L 84 1.30 7.20 52.49
N VAL L 85 1.10 7.78 51.33
CA VAL L 85 1.02 9.27 51.24
C VAL L 85 -0.32 9.62 50.54
N ASP L 86 -0.65 10.88 50.50
CA ASP L 86 -1.82 11.41 49.82
C ASP L 86 -1.35 11.96 48.48
N GLN L 87 -2.25 12.42 47.66
CA GLN L 87 -1.86 12.93 46.32
C GLN L 87 -1.00 14.22 46.43
N TYR L 88 -1.05 14.89 47.57
CA TYR L 88 -0.24 16.10 47.77
C TYR L 88 1.17 15.73 48.28
N GLY L 89 1.37 14.43 48.52
CA GLY L 89 2.62 13.92 49.01
C GLY L 89 2.74 13.90 50.52
N LYS L 90 1.72 14.20 51.26
CA LYS L 90 1.72 14.21 52.74
C LYS L 90 1.60 12.82 53.27
N PRO L 91 2.36 12.48 54.28
CA PRO L 91 2.35 11.13 54.87
C PRO L 91 1.01 10.96 55.58
N VAL L 92 0.59 9.68 55.62
CA VAL L 92 -0.68 9.31 56.30
C VAL L 92 -0.32 8.40 57.50
N PRO L 93 -0.19 9.05 58.64
CA PRO L 93 0.21 8.36 59.88
C PRO L 93 -0.97 7.64 60.54
N ASN L 94 -0.61 6.66 61.34
CA ASN L 94 -1.57 5.85 62.11
C ASN L 94 -2.79 5.36 61.35
N THR L 95 -2.58 4.85 60.16
CA THR L 95 -3.61 4.31 59.27
C THR L 95 -3.48 2.78 59.20
N LEU L 96 -4.64 2.12 59.03
CA LEU L 96 -4.64 0.67 58.99
C LEU L 96 -4.34 0.10 57.61
N VAL L 97 -3.38 -0.80 57.59
CA VAL L 97 -2.99 -1.53 56.39
C VAL L 97 -3.16 -3.04 56.66
N GLU L 98 -4.02 -3.67 55.88
CA GLU L 98 -4.29 -5.11 56.00
C GLU L 98 -3.92 -5.81 54.70
N MET L 99 -3.39 -7.03 54.80
CA MET L 99 -2.97 -7.81 53.61
C MET L 99 -3.25 -9.29 53.88
N TRP L 100 -3.37 -10.08 52.82
CA TRP L 100 -3.61 -11.51 52.84
C TRP L 100 -3.06 -12.05 51.50
N GLN L 101 -2.71 -13.31 51.49
CA GLN L 101 -2.14 -13.90 50.27
C GLN L 101 -2.11 -15.41 50.39
N ALA L 102 -1.81 -16.04 49.26
CA ALA L 102 -1.66 -17.53 49.25
C ALA L 102 -0.21 -17.84 49.69
N ASN L 103 0.10 -19.09 49.80
CA ASN L 103 1.39 -19.61 50.16
C ASN L 103 2.33 -19.68 48.93
N ALA L 104 3.50 -20.23 49.22
CA ALA L 104 4.58 -20.34 48.22
C ALA L 104 4.19 -21.07 46.96
N GLY L 105 3.20 -21.96 47.08
CA GLY L 105 2.69 -22.75 45.99
C GLY L 105 1.44 -22.19 45.32
N GLY L 106 0.93 -21.05 45.77
CA GLY L 106 -0.28 -20.47 45.20
C GLY L 106 -1.57 -21.00 45.85
N ARG L 107 -1.45 -21.66 46.99
CA ARG L 107 -2.66 -22.16 47.70
C ARG L 107 -3.10 -21.24 48.82
N TYR L 108 -4.40 -20.89 48.83
CA TYR L 108 -4.98 -20.03 49.86
C TYR L 108 -5.50 -20.90 51.01
N ARG L 109 -5.40 -20.34 52.20
CA ARG L 109 -5.93 -21.07 53.40
C ARG L 109 -7.37 -20.60 53.60
N HIS L 110 -8.24 -21.18 52.80
CA HIS L 110 -9.68 -20.91 52.76
C HIS L 110 -10.39 -22.15 52.21
N LYS L 111 -11.55 -22.45 52.73
CA LYS L 111 -12.40 -23.57 52.37
C LYS L 111 -12.65 -23.82 50.89
N ASN L 112 -13.03 -22.74 50.21
CA ASN L 112 -13.37 -22.79 48.79
C ASN L 112 -12.15 -22.97 47.90
N ASP L 113 -10.93 -22.94 48.45
CA ASP L 113 -9.76 -23.12 47.58
C ASP L 113 -9.39 -24.59 47.49
N ARG L 114 -9.62 -25.09 46.27
CA ARG L 114 -9.36 -26.52 46.01
C ARG L 114 -8.22 -26.74 45.06
N TYR L 115 -7.32 -25.74 44.95
CA TYR L 115 -6.14 -25.92 44.07
C TYR L 115 -5.37 -27.11 44.66
N LEU L 116 -4.74 -27.87 43.78
CA LEU L 116 -4.00 -29.05 44.16
C LEU L 116 -2.71 -28.82 44.87
N ALA L 117 -2.16 -27.62 44.85
CA ALA L 117 -0.86 -27.40 45.60
C ALA L 117 -1.28 -27.46 47.08
N PRO L 118 -0.43 -28.04 47.89
CA PRO L 118 -0.71 -28.22 49.30
C PRO L 118 -0.62 -26.97 50.16
N LEU L 119 -1.30 -27.10 51.31
CA LEU L 119 -1.27 -26.06 52.34
C LEU L 119 0.10 -26.22 53.03
N ASP L 120 0.58 -25.15 53.60
CA ASP L 120 1.87 -25.14 54.35
C ASP L 120 1.41 -25.06 55.81
N PRO L 121 1.72 -26.08 56.57
CA PRO L 121 1.34 -26.17 57.99
C PRO L 121 1.81 -25.02 58.85
N ASN L 122 2.80 -24.25 58.41
CA ASN L 122 3.30 -23.12 59.23
C ASN L 122 2.92 -21.77 58.67
N PHE L 123 2.02 -21.76 57.69
CA PHE L 123 1.65 -20.48 57.06
C PHE L 123 0.13 -20.26 57.07
N GLY L 124 -0.24 -19.04 57.44
CA GLY L 124 -1.66 -18.62 57.51
C GLY L 124 -1.94 -17.68 56.33
N GLY L 125 -1.19 -16.60 56.24
CA GLY L 125 -1.28 -15.62 55.19
C GLY L 125 -2.06 -14.36 55.44
N VAL L 126 -2.13 -13.81 56.64
CA VAL L 126 -2.84 -12.59 56.96
C VAL L 126 -1.93 -11.72 57.85
N GLY L 127 -1.96 -10.44 57.60
CA GLY L 127 -1.17 -9.49 58.42
C GLY L 127 -1.90 -8.15 58.47
N ARG L 128 -1.52 -7.36 59.47
CA ARG L 128 -2.08 -6.00 59.63
C ARG L 128 -0.95 -5.18 60.30
N CYS L 129 -0.88 -3.91 60.02
CA CYS L 129 0.15 -2.98 60.53
C CYS L 129 -0.45 -1.57 60.55
N LEU L 130 -0.28 -0.84 61.62
CA LEU L 130 -0.77 0.60 61.62
C LEU L 130 0.49 1.42 61.21
N THR L 131 0.34 2.35 60.30
CA THR L 131 1.51 3.15 59.87
C THR L 131 2.02 4.01 61.03
N ASP L 132 3.29 4.31 60.92
CA ASP L 132 3.99 5.15 61.93
C ASP L 132 3.75 6.60 61.60
N SER L 133 4.45 7.43 62.39
CA SER L 133 4.32 8.88 62.27
C SER L 133 4.63 9.33 60.86
N ASP L 134 5.51 8.63 60.18
CA ASP L 134 5.92 8.99 58.83
C ASP L 134 5.20 8.36 57.66
N GLY L 135 4.15 7.58 58.00
CA GLY L 135 3.33 6.88 57.02
C GLY L 135 3.96 5.55 56.56
N TYR L 136 4.87 4.97 57.30
CA TYR L 136 5.60 3.79 57.04
C TYR L 136 4.99 2.53 57.61
N TYR L 137 5.00 1.48 56.80
CA TYR L 137 4.44 0.19 57.25
C TYR L 137 5.46 -0.88 56.79
N SER L 138 5.35 -2.04 57.47
CA SER L 138 6.24 -3.12 57.04
C SER L 138 5.65 -4.44 57.43
N PHE L 139 5.97 -5.45 56.65
CA PHE L 139 5.54 -6.83 56.85
C PHE L 139 6.70 -7.77 56.49
N ARG L 140 6.63 -8.91 57.10
CA ARG L 140 7.64 -9.98 56.82
C ARG L 140 6.79 -11.20 56.42
N THR L 141 7.07 -11.74 55.25
CA THR L 141 6.25 -12.90 54.75
C THR L 141 7.12 -13.68 53.80
N ILE L 142 6.44 -14.57 53.07
CA ILE L 142 7.12 -15.36 52.02
C ILE L 142 6.47 -14.91 50.70
N LYS L 143 7.23 -14.99 49.61
CA LYS L 143 6.60 -14.55 48.32
C LYS L 143 5.56 -15.62 47.88
N PRO L 144 4.37 -15.16 47.49
CA PRO L 144 3.30 -16.09 47.06
C PRO L 144 3.60 -16.57 45.61
N GLY L 145 3.01 -17.71 45.30
CA GLY L 145 3.13 -18.31 43.97
C GLY L 145 1.89 -17.88 43.17
N PRO L 146 2.05 -17.90 41.84
CA PRO L 146 0.92 -17.61 40.93
C PRO L 146 -0.08 -18.78 41.15
N TYR L 147 -1.24 -18.65 40.57
CA TYR L 147 -2.28 -19.67 40.68
C TYR L 147 -3.36 -19.57 39.61
N PRO L 148 -3.80 -20.77 39.23
CA PRO L 148 -4.78 -20.92 38.13
C PRO L 148 -6.17 -20.58 38.62
N TRP L 149 -7.02 -20.08 37.73
CA TRP L 149 -8.37 -19.70 38.12
C TRP L 149 -9.28 -19.93 36.91
N ARG L 150 -10.56 -20.19 37.20
CA ARG L 150 -11.50 -20.46 36.10
C ARG L 150 -12.07 -19.24 35.45
N ASN L 151 -11.30 -18.62 34.57
CA ASN L 151 -11.74 -17.43 33.80
C ASN L 151 -11.69 -18.00 32.36
N GLY L 152 -10.55 -17.73 31.75
CA GLY L 152 -10.34 -18.37 30.39
C GLY L 152 -9.88 -19.80 30.74
N PRO L 153 -9.68 -20.64 29.74
CA PRO L 153 -9.24 -22.03 29.94
C PRO L 153 -7.84 -22.18 30.48
N ASN L 154 -6.99 -21.13 30.34
CA ASN L 154 -5.61 -21.29 30.87
C ASN L 154 -5.15 -19.92 31.45
N ASP L 155 -5.93 -19.40 32.36
CA ASP L 155 -5.67 -18.13 33.05
C ASP L 155 -4.93 -18.41 34.35
N TRP L 156 -3.89 -17.58 34.58
CA TRP L 156 -3.05 -17.70 35.78
C TRP L 156 -2.84 -16.34 36.42
N ARG L 157 -3.08 -16.22 37.70
CA ARG L 157 -2.83 -14.89 38.34
C ARG L 157 -1.30 -14.77 38.60
N PRO L 158 -0.80 -13.54 38.33
CA PRO L 158 0.62 -13.27 38.67
C PRO L 158 0.69 -13.40 40.22
N ALA L 159 1.86 -13.71 40.74
CA ALA L 159 1.99 -13.73 42.24
C ALA L 159 1.57 -12.33 42.69
N HIS L 160 0.86 -12.20 43.78
CA HIS L 160 0.34 -10.92 44.30
C HIS L 160 -0.06 -11.06 45.78
N ILE L 161 -0.13 -9.89 46.40
CA ILE L 161 -0.58 -9.72 47.78
C ILE L 161 -1.78 -8.73 47.72
N HIS L 162 -2.81 -9.16 48.44
CA HIS L 162 -4.02 -8.30 48.50
C HIS L 162 -3.81 -7.28 49.63
N PHE L 163 -4.13 -6.06 49.42
CA PHE L 163 -3.97 -4.95 50.37
C PHE L 163 -5.27 -4.20 50.58
N GLY L 164 -5.45 -3.74 51.80
CA GLY L 164 -6.63 -2.94 52.19
C GLY L 164 -6.03 -1.78 53.00
N ILE L 165 -6.39 -0.58 52.67
CA ILE L 165 -5.91 0.62 53.37
C ILE L 165 -7.07 1.55 53.75
N SER L 166 -7.10 1.91 55.04
CA SER L 166 -8.18 2.81 55.52
C SER L 166 -8.08 4.24 55.14
N GLY L 167 -6.99 4.91 55.50
CA GLY L 167 -6.83 6.35 55.24
C GLY L 167 -7.66 7.09 56.30
N PRO L 168 -7.72 8.43 56.14
CA PRO L 168 -8.44 9.30 57.03
C PRO L 168 -9.96 9.30 56.95
N SER L 169 -10.56 8.79 55.89
CA SER L 169 -12.02 8.80 55.73
C SER L 169 -12.50 7.61 54.90
N ILE L 170 -13.83 7.40 54.93
CA ILE L 170 -14.38 6.28 54.12
C ILE L 170 -14.16 6.64 52.63
N ALA L 171 -13.96 7.91 52.39
CA ALA L 171 -13.70 8.45 51.05
C ALA L 171 -12.35 7.96 50.51
N THR L 172 -11.40 7.72 51.39
CA THR L 172 -10.07 7.25 51.02
C THR L 172 -9.84 5.77 51.01
N LYS L 173 -10.68 5.01 51.71
CA LYS L 173 -10.58 3.55 51.80
C LYS L 173 -10.37 2.89 50.45
N LEU L 174 -9.41 2.00 50.39
CA LEU L 174 -9.05 1.30 49.16
C LEU L 174 -8.63 -0.12 49.39
N ILE L 175 -8.95 -0.91 48.37
CA ILE L 175 -8.52 -2.31 48.24
C ILE L 175 -7.83 -2.43 46.88
N THR L 176 -6.66 -3.10 46.92
CA THR L 176 -5.88 -3.26 45.68
C THR L 176 -5.03 -4.50 45.80
N GLN L 177 -4.15 -4.73 44.83
CA GLN L 177 -3.21 -5.84 44.82
C GLN L 177 -1.80 -5.31 44.48
N LEU L 178 -0.81 -5.99 45.03
CA LEU L 178 0.63 -5.69 44.77
C LEU L 178 1.14 -6.83 43.86
N TYR L 179 1.89 -6.49 42.85
CA TYR L 179 2.52 -7.49 41.93
C TYR L 179 4.04 -7.33 42.11
N PHE L 180 4.86 -8.23 41.68
CA PHE L 180 6.27 -8.27 41.80
C PHE L 180 7.00 -7.96 40.50
N GLU L 181 7.91 -7.00 40.61
CA GLU L 181 8.74 -6.55 39.51
C GLU L 181 9.28 -7.67 38.64
N GLY L 182 9.02 -7.57 37.34
CA GLY L 182 9.44 -8.48 36.29
C GLY L 182 8.64 -9.75 36.08
N ASP L 183 7.61 -9.99 36.88
CA ASP L 183 6.81 -11.27 36.63
C ASP L 183 6.17 -11.22 35.25
N PRO L 184 6.51 -12.19 34.41
CA PRO L 184 5.98 -12.29 33.04
C PRO L 184 4.48 -12.53 32.93
N LEU L 185 3.83 -12.93 34.02
CA LEU L 185 2.39 -13.14 34.02
C LEU L 185 1.60 -11.84 34.06
N ILE L 186 2.24 -10.77 34.51
CA ILE L 186 1.58 -9.49 34.69
C ILE L 186 0.80 -8.96 33.52
N PRO L 187 1.45 -8.80 32.37
CA PRO L 187 0.74 -8.29 31.18
C PRO L 187 -0.31 -9.27 30.66
N MET L 188 -0.35 -10.49 31.12
CA MET L 188 -1.38 -11.43 30.58
C MET L 188 -2.65 -11.55 31.35
N CYS L 189 -2.75 -11.00 32.55
CA CYS L 189 -3.88 -11.07 33.42
C CYS L 189 -5.01 -10.11 33.18
N PRO L 190 -6.22 -10.69 32.98
CA PRO L 190 -7.45 -9.93 32.74
C PRO L 190 -7.81 -9.05 33.92
N ILE L 191 -7.40 -9.42 35.12
CA ILE L 191 -7.66 -8.54 36.29
C ILE L 191 -6.72 -7.31 36.19
N VAL L 192 -5.43 -7.56 35.92
CA VAL L 192 -4.47 -6.42 35.76
C VAL L 192 -5.03 -5.50 34.68
N LYS L 193 -5.30 -6.08 33.54
CA LYS L 193 -5.82 -5.41 32.38
C LYS L 193 -7.15 -4.70 32.57
N SER L 194 -7.77 -4.87 33.73
CA SER L 194 -9.04 -4.13 33.95
C SER L 194 -8.65 -2.63 33.98
N ILE L 195 -7.36 -2.41 34.22
CA ILE L 195 -6.79 -1.03 34.27
C ILE L 195 -6.42 -0.69 32.82
N ALA L 196 -7.06 0.28 32.23
CA ALA L 196 -6.77 0.67 30.83
C ALA L 196 -5.48 1.43 30.62
N ASN L 197 -4.93 2.12 31.59
CA ASN L 197 -3.69 2.89 31.41
C ASN L 197 -2.45 2.15 31.90
N PRO L 198 -1.53 1.86 30.98
CA PRO L 198 -0.30 1.15 31.32
C PRO L 198 0.45 1.81 32.46
N GLU L 199 0.32 3.13 32.52
CA GLU L 199 0.95 3.93 33.54
C GLU L 199 0.40 3.63 34.92
N ALA L 200 -0.88 3.41 34.98
CA ALA L 200 -1.58 3.05 36.25
C ALA L 200 -1.12 1.67 36.71
N VAL L 201 -0.91 0.78 35.74
CA VAL L 201 -0.50 -0.60 36.08
C VAL L 201 0.84 -0.62 36.81
N GLN L 202 1.78 0.24 36.32
CA GLN L 202 3.12 0.35 36.92
C GLN L 202 3.08 0.73 38.40
N GLN L 203 2.03 1.43 38.83
CA GLN L 203 1.87 1.83 40.24
C GLN L 203 1.60 0.63 41.14
N LEU L 204 1.16 -0.51 40.60
CA LEU L 204 0.84 -1.69 41.40
C LEU L 204 2.03 -2.65 41.61
N ILE L 205 3.14 -2.31 40.96
CA ILE L 205 4.31 -3.20 41.02
C ILE L 205 5.37 -2.81 42.04
N ALA L 206 5.59 -3.70 42.98
CA ALA L 206 6.57 -3.51 44.04
C ALA L 206 7.97 -3.71 43.45
N LYS L 207 8.89 -2.81 43.82
CA LYS L 207 10.26 -2.91 43.35
C LYS L 207 11.17 -3.62 44.36
N LEU L 208 12.04 -4.44 43.77
CA LEU L 208 13.07 -5.16 44.59
C LEU L 208 13.88 -4.03 45.30
N ASP L 209 14.06 -4.18 46.58
CA ASP L 209 14.78 -3.23 47.41
C ASP L 209 15.98 -3.85 48.13
N MET L 210 17.12 -3.92 47.44
CA MET L 210 18.36 -4.47 48.03
C MET L 210 18.82 -3.71 49.28
N ASN L 211 18.53 -2.42 49.36
CA ASN L 211 18.88 -1.53 50.46
C ASN L 211 18.26 -1.92 51.79
N ASN L 212 17.08 -2.45 51.77
CA ASN L 212 16.30 -2.90 52.89
C ASN L 212 16.41 -4.37 53.23
N ALA L 213 17.10 -5.17 52.41
CA ALA L 213 17.25 -6.59 52.65
C ALA L 213 18.13 -6.87 53.88
N ASN L 214 17.96 -8.03 54.48
CA ASN L 214 18.81 -8.47 55.59
C ASN L 214 19.78 -9.51 54.99
N PRO L 215 21.06 -9.20 54.93
CA PRO L 215 22.07 -10.08 54.35
C PRO L 215 21.97 -11.45 54.93
N MET L 216 22.18 -12.46 54.10
CA MET L 216 22.13 -13.87 54.46
C MET L 216 20.82 -14.28 55.12
N ASP L 217 19.74 -13.54 54.87
CA ASP L 217 18.46 -13.83 55.57
C ASP L 217 17.23 -13.65 54.72
N CYS L 218 16.93 -12.42 54.31
CA CYS L 218 15.71 -12.17 53.51
C CYS L 218 15.85 -10.98 52.61
N LEU L 219 15.20 -11.02 51.45
CA LEU L 219 15.18 -9.92 50.47
C LEU L 219 14.03 -8.96 50.85
N ALA L 220 13.91 -7.87 50.09
CA ALA L 220 12.87 -6.88 50.38
C ALA L 220 12.33 -6.23 49.14
N TYR L 221 11.06 -5.82 49.24
CA TYR L 221 10.29 -5.17 48.22
C TYR L 221 9.70 -3.91 48.81
N ARG L 222 9.68 -2.91 47.92
CA ARG L 222 9.17 -1.57 48.32
C ARG L 222 7.87 -1.33 47.55
N PHE L 223 6.87 -0.92 48.28
CA PHE L 223 5.51 -0.67 47.70
C PHE L 223 4.88 0.48 48.42
N ASP L 224 4.87 1.64 47.75
CA ASP L 224 4.30 2.88 48.31
C ASP L 224 2.87 2.99 47.80
N ILE L 225 2.01 3.59 48.60
CA ILE L 225 0.60 3.72 48.23
C ILE L 225 0.16 5.15 48.31
N VAL L 226 -0.63 5.57 47.36
CA VAL L 226 -1.15 6.94 47.27
C VAL L 226 -2.68 7.00 47.43
N LEU L 227 -3.10 7.73 48.46
CA LEU L 227 -4.50 7.95 48.75
C LEU L 227 -4.90 9.33 48.22
N ARG L 228 -6.22 9.48 48.11
CA ARG L 228 -6.78 10.72 47.62
C ARG L 228 -6.20 11.91 48.47
N GLY L 229 -5.88 12.95 47.70
CA GLY L 229 -5.35 14.18 48.35
C GLY L 229 -6.43 14.81 49.26
N GLN L 230 -5.97 15.20 50.43
CA GLN L 230 -6.75 15.84 51.49
C GLN L 230 -6.45 17.35 51.50
N ARG L 231 -7.47 18.15 51.57
CA ARG L 231 -7.36 19.62 51.59
C ARG L 231 -8.40 20.17 52.54
N LYS L 232 -8.16 21.42 52.92
CA LYS L 232 -9.16 22.06 53.85
C LYS L 232 -10.21 22.72 52.94
N THR L 233 -11.30 23.03 53.59
CA THR L 233 -12.44 23.70 52.89
C THR L 233 -12.05 25.17 52.72
N HIS L 234 -12.52 25.76 51.64
CA HIS L 234 -12.29 27.17 51.32
C HIS L 234 -13.53 27.74 50.63
N PHE L 235 -13.93 28.92 51.05
CA PHE L 235 -15.07 29.66 50.50
C PHE L 235 -16.35 28.85 50.29
N GLU L 236 -16.59 27.88 51.15
CA GLU L 236 -17.82 27.08 51.02
C GLU L 236 -18.97 27.68 51.82
FE FE M . -5.32 -3.32 -23.27
C1 BME N . -22.14 11.73 -19.29
C2 BME N . -21.64 11.10 -20.57
O1 BME N . -21.11 12.54 -18.72
S2 BME N . -20.84 12.43 -21.52
C1' PHB O . 1.01 -5.11 -26.64
O1' PHB O . 1.89 -4.37 -27.03
O2' PHB O . 1.08 -6.28 -27.04
C1 PHB O . -0.13 -4.70 -25.70
C2 PHB O . -0.21 -3.37 -25.27
C3 PHB O . -1.27 -2.96 -24.42
C4 PHB O . -2.20 -3.92 -24.00
C5 PHB O . -2.12 -5.23 -24.44
C6 PHB O . -1.07 -5.63 -25.25
O4 PHB O . -3.20 -3.51 -23.22
C1' PHB P . 17.61 6.25 -26.13
O1' PHB P . 18.19 5.56 -25.25
O2' PHB P . 16.58 6.87 -25.76
C1 PHB P . 18.17 6.34 -27.57
C2 PHB P . 19.29 5.64 -27.94
C3 PHB P . 19.79 5.70 -29.24
C4 PHB P . 19.13 6.48 -30.19
C5 PHB P . 18.00 7.21 -29.83
C6 PHB P . 17.50 7.12 -28.52
O4 PHB P . 19.60 6.53 -31.49
FE FE Q . 38.48 -15.38 -15.30
C1 BME R . 33.59 -33.73 -2.60
C2 BME R . 33.86 -33.84 -4.09
O1 BME R . 32.22 -33.44 -2.36
S2 BME R . 32.37 -34.15 -5.04
C1' PHB S . 37.05 -10.84 -20.72
O1' PHB S . 35.93 -10.65 -21.22
O2' PHB S . 38.08 -10.44 -21.30
C1 PHB S . 37.19 -11.56 -19.38
C2 PHB S . 36.06 -12.05 -18.73
C3 PHB S . 36.14 -12.74 -17.54
C4 PHB S . 37.40 -12.94 -16.97
C5 PHB S . 38.57 -12.50 -17.62
C6 PHB S . 38.46 -11.81 -18.83
O4 PHB S . 37.48 -13.62 -15.79
C1' PHB T . 19.17 -2.26 -24.18
O1' PHB T . 19.53 -1.12 -23.76
O2' PHB T . 19.06 -3.21 -23.38
C1 PHB T . 18.84 -2.41 -25.69
C2 PHB T . 18.96 -1.33 -26.56
C3 PHB T . 18.69 -1.47 -27.92
C4 PHB T . 18.23 -2.70 -28.40
C5 PHB T . 18.09 -3.79 -27.55
C6 PHB T . 18.38 -3.63 -26.20
O4 PHB T . 18.01 -2.82 -29.74
FE FE U . 28.28 28.38 -25.48
C1 BME V . 46.82 37.41 -15.52
C2 BME V . 46.63 37.03 -17.00
O1 BME V . 46.87 36.15 -14.79
S2 BME V . 47.65 35.64 -17.43
C1' PHB W . 25.04 22.98 -29.34
O1' PHB W . 25.45 21.81 -29.38
O2' PHB W . 24.22 23.34 -30.17
C1 PHB W . 25.54 23.97 -28.28
C2 PHB W . 26.54 23.57 -27.38
C3 PHB W . 27.06 24.45 -26.44
C4 PHB W . 26.56 25.76 -26.41
C5 PHB W . 25.57 26.20 -27.29
C6 PHB W . 25.05 25.29 -28.24
O4 PHB W . 27.07 26.58 -25.43
C1' PHB X . 26.10 3.56 -24.54
O1' PHB X . 24.95 3.57 -24.04
O2' PHB X . 27.04 4.19 -24.01
C1 PHB X . 26.41 2.75 -25.82
C2 PHB X . 25.37 1.99 -26.42
C3 PHB X . 25.64 1.23 -27.55
C4 PHB X . 26.90 1.25 -28.11
C5 PHB X . 27.95 1.99 -27.51
C6 PHB X . 27.68 2.73 -26.36
O4 PHB X . 27.16 0.55 -29.27
FE FE Y . -20.03 -13.45 1.14
C1 BME Z . -6.14 -30.76 -5.50
C2 BME Z . -7.62 -30.51 -5.09
O1 BME Z . -5.33 -29.95 -4.65
S2 BME Z . -7.86 -31.30 -3.52
C1' PHB AA . -24.32 -10.25 6.43
O1' PHB AA . -24.22 -10.38 7.66
O2' PHB AA . -25.35 -9.72 6.01
C1 PHB AA . -23.24 -10.71 5.47
C2 PHB AA . -22.07 -11.31 5.99
C3 PHB AA . -21.04 -11.77 5.14
C4 PHB AA . -21.18 -11.55 3.78
C5 PHB AA . -22.32 -10.95 3.24
C6 PHB AA . -23.34 -10.50 4.09
O4 PHB AA . -20.22 -12.02 2.94
C1' PHB BA . -18.75 -7.01 25.11
O1' PHB BA . -18.35 -5.85 25.07
O2' PHB BA . -18.25 -7.86 24.33
C1 PHB BA . -19.89 -7.42 26.07
C2 PHB BA . -20.44 -6.48 26.95
C3 PHB BA . -21.43 -6.89 27.85
C4 PHB BA . -21.89 -8.21 27.83
C5 PHB BA . -21.33 -9.15 26.98
C6 PHB BA . -20.34 -8.75 26.08
O4 PHB BA . -22.89 -8.56 28.67
FE FE CA . -24.75 24.45 27.15
C1 BME DA . -25.68 39.36 9.21
C2 BME DA . -26.43 38.45 10.22
O1 BME DA . -24.69 38.55 8.54
S2 BME DA . -27.36 37.26 9.20
C1' PHB EA . -26.39 17.95 30.19
O1' PHB EA . -26.52 16.90 29.56
O2' PHB EA . -26.81 18.01 31.37
C1 PHB EA . -25.76 19.20 29.56
C2 PHB EA . -25.35 19.16 28.21
C3 PHB EA . -24.78 20.29 27.60
C4 PHB EA . -24.64 21.43 28.33
C5 PHB EA . -25.11 21.52 29.65
C6 PHB EA . -25.65 20.40 30.28
O4 PHB EA . -24.15 22.55 27.75
C1' PHB FA . -22.39 0.30 21.42
O1' PHB FA . -21.38 0.00 22.10
O2' PHB FA . -22.37 1.31 20.69
C1 PHB FA . -23.64 -0.61 21.47
C2 PHB FA . -23.65 -1.76 22.25
C3 PHB FA . -24.80 -2.58 22.28
C4 PHB FA . -25.91 -2.25 21.53
C5 PHB FA . -25.91 -1.11 20.73
C6 PHB FA . -24.75 -0.31 20.67
O4 PHB FA . -27.07 -3.01 21.60
FE FE GA . -5.70 -13.67 45.06
C1 BME HA . 6.02 -2.68 61.46
C2 BME HA . 4.67 -3.38 61.59
O1 BME HA . 5.85 -1.43 60.78
S2 BME HA . 3.33 -2.20 61.76
C1' PHB IA . -11.66 -14.24 40.81
O1' PHB IA . -12.45 -13.35 40.51
O2' PHB IA . -11.99 -15.43 40.57
C1 PHB IA . -10.31 -13.96 41.46
C2 PHB IA . -9.93 -12.65 41.77
C3 PHB IA . -8.68 -12.39 42.34
C4 PHB IA . -7.82 -13.44 42.62
C5 PHB IA . -8.19 -14.77 42.37
C6 PHB IA . -9.42 -15.02 41.78
O4 PHB IA . -6.62 -13.20 43.22
C1' PHB JA . -19.68 0.67 29.96
O1' PHB JA . -19.15 0.27 28.90
O2' PHB JA . -18.94 1.10 30.88
C1 PHB JA . -21.21 0.67 30.17
C2 PHB JA . -22.09 0.27 29.17
C3 PHB JA . -23.47 0.28 29.36
C4 PHB JA . -23.99 0.70 30.58
C5 PHB JA . -23.13 1.14 31.60
C6 PHB JA . -21.75 1.10 31.39
O4 PHB JA . -25.33 0.68 30.86
#